data_8WH6
#
_entry.id   8WH6
#
_cell.length_a   1.00
_cell.length_b   1.00
_cell.length_c   1.00
_cell.angle_alpha   90.00
_cell.angle_beta   90.00
_cell.angle_gamma   90.00
#
_symmetry.space_group_name_H-M   'P 1'
#
loop_
_entity.id
_entity.type
_entity.pdbx_description
1 polymer 'Uncoating factor OPG117'
2 polymer "DNA (5'-D(P*CP*CP*C)-3')"
3 non-polymer "ADENOSINE-5'-DIPHOSPHATE"
4 non-polymer 'ZINC ION'
#
loop_
_entity_poly.entity_id
_entity_poly.type
_entity_poly.pdbx_seq_one_letter_code
_entity_poly.pdbx_strand_id
1 'polypeptide(L)'
;MDAAIRGNDVIFVLKTIGVPSACRQNEDPRFVEAFKCDELERYIDNNPECTLFESLRDEEAYSIVRIFMDVDLDACLDEI
DYLTAIQDFIIEVSNCVARFAFTECGAIHENVIKSMRSNFSLTKSTNRDKTSFHIIFLDTYTTMDTLIAMKRTLLELSRS
SENPLTRSIDTAVYRRKTTLRVVGTRKNPNCDTIHVMQPPHDNIEDYLFTYVDMNNNSYYFSLQRRLEDLVPDKLWEPGF
ISFEDAIKRVSKIFINSIINFNDLDENNFTTVPLVIDYVTPCALCKKRSHKHPHQLSLENGAIRIYKTGNPHSCKVKIVP
LDGNKLFNIAQRILDTNSVLLTERGDHIVWINNSWKFNSEEPLITKLILSIRHQLPKEYSSELLCPRKRKTVEANIRDML
VDSVETDTYPDKLPFKNGVLDLVDGMFYSGDDAKKYTCTVSTGFKFDDTKFVEDSPEMEELMNIINDIQPLTDENKKNRE
LYEKTLSSCLCGATKGCLTFFFGETATGKSTTKRLLKSAIGDLFVETGQTILTDVLDKGPNPFIANMHLKRSVFCSELPD
FACSGSKKIRSDNIKKLTEPCVIGRPCFSNKINNRNHATIIIDTNYKPVFDRIDNALMRRIAVVRFRTHFSQPSGREAAE
NNDAYDKVKLLDEGLDGKIQNNRYRFAFLYLLVKWYKKYHIPIMKLYPTPEEIPDFAFYLKIGTLLVSSSVKHIPLMTDL
SKKGYILYDNVVTLPLTTFQQKISKYFNSRLFGHDIESFINRHKKFANVSDEYLQYIFIEDISSP
;
A,B,C,D,E,F
2 'polydeoxyribonucleotide' (DC)(DC)(DC) T
#
loop_
_chem_comp.id
_chem_comp.type
_chem_comp.name
_chem_comp.formula
ADP non-polymer ADENOSINE-5'-DIPHOSPHATE 'C10 H15 N5 O10 P2'
DC DNA linking 2'-DEOXYCYTIDINE-5'-MONOPHOSPHATE 'C9 H14 N3 O7 P'
ZN non-polymer 'ZINC ION' 'Zn 2'
#
# COMPACT_ATOMS: atom_id res chain seq x y z
N GLY A 323 0.11 -7.65 -53.47
CA GLY A 323 -1.30 -7.80 -53.20
C GLY A 323 -1.69 -7.42 -51.79
N ASN A 324 -2.06 -8.42 -50.99
CA ASN A 324 -2.45 -8.24 -49.59
C ASN A 324 -3.61 -7.25 -49.46
N LYS A 325 -4.78 -7.75 -49.86
CA LYS A 325 -6.04 -7.01 -49.78
C LYS A 325 -6.15 -6.18 -48.50
N LEU A 326 -5.77 -6.75 -47.37
CA LEU A 326 -5.89 -6.02 -46.11
C LEU A 326 -5.01 -4.77 -46.09
N PHE A 327 -3.83 -4.85 -46.69
CA PHE A 327 -3.01 -3.64 -46.77
C PHE A 327 -3.62 -2.62 -47.72
N ASN A 328 -4.27 -3.07 -48.79
CA ASN A 328 -4.95 -2.13 -49.69
C ASN A 328 -6.10 -1.43 -48.97
N ILE A 329 -6.87 -2.18 -48.18
CA ILE A 329 -7.94 -1.57 -47.40
C ILE A 329 -7.40 -0.57 -46.40
N ALA A 330 -6.29 -0.92 -45.73
CA ALA A 330 -5.66 0.02 -44.80
C ALA A 330 -5.22 1.28 -45.52
N GLN A 331 -4.65 1.13 -46.72
CA GLN A 331 -4.21 2.29 -47.48
C GLN A 331 -5.38 3.18 -47.87
N ARG A 332 -6.50 2.58 -48.29
CA ARG A 332 -7.67 3.39 -48.62
C ARG A 332 -8.21 4.12 -47.41
N ILE A 333 -8.29 3.45 -46.26
CA ILE A 333 -8.81 4.09 -45.06
C ILE A 333 -7.90 5.23 -44.63
N LEU A 334 -6.58 5.08 -44.83
CA LEU A 334 -5.69 6.21 -44.59
C LEU A 334 -5.93 7.33 -45.60
N ASP A 335 -6.27 6.97 -46.83
CA ASP A 335 -6.51 7.99 -47.85
C ASP A 335 -7.71 8.86 -47.48
N THR A 336 -8.77 8.25 -46.92
CA THR A 336 -9.91 9.06 -46.51
C THR A 336 -9.56 10.03 -45.39
N ASN A 337 -8.44 9.82 -44.71
CA ASN A 337 -7.89 10.77 -43.75
C ASN A 337 -8.79 10.90 -42.51
N SER A 338 -9.17 9.75 -41.96
CA SER A 338 -10.10 9.69 -40.83
C SER A 338 -9.43 9.40 -39.50
N VAL A 339 -8.47 8.48 -39.46
CA VAL A 339 -7.74 8.20 -38.23
C VAL A 339 -6.51 9.09 -38.17
N LEU A 340 -6.29 9.73 -37.03
CA LEU A 340 -5.17 10.64 -36.87
C LEU A 340 -4.48 10.36 -35.54
N LEU A 341 -3.25 10.85 -35.42
CA LEU A 341 -2.45 10.70 -34.21
C LEU A 341 -2.19 12.08 -33.64
N THR A 342 -2.43 12.23 -32.34
CA THR A 342 -2.29 13.53 -31.68
C THR A 342 -0.97 13.63 -30.94
N GLU A 343 -0.68 14.83 -30.45
CA GLU A 343 0.58 15.07 -29.75
C GLU A 343 0.56 14.49 -28.33
N ARG A 344 -0.60 14.12 -27.82
CA ARG A 344 -0.68 13.45 -26.54
C ARG A 344 -0.52 11.94 -26.67
N GLY A 345 -0.16 11.46 -27.85
CA GLY A 345 0.00 10.04 -28.08
C GLY A 345 -1.29 9.25 -28.03
N ASP A 346 -2.35 9.75 -28.65
CA ASP A 346 -3.61 9.03 -28.69
C ASP A 346 -4.29 9.25 -30.03
N HIS A 347 -5.06 8.25 -30.46
CA HIS A 347 -5.67 8.23 -31.77
C HIS A 347 -7.10 8.74 -31.71
N ILE A 348 -7.42 9.70 -32.58
CA ILE A 348 -8.76 10.25 -32.69
C ILE A 348 -9.35 9.82 -34.01
N VAL A 349 -10.54 9.22 -33.97
CA VAL A 349 -11.19 8.73 -35.18
C VAL A 349 -12.35 9.64 -35.50
N TRP A 350 -12.88 9.50 -36.70
CA TRP A 350 -13.93 10.38 -37.20
C TRP A 350 -15.17 9.54 -37.49
N ILE A 351 -16.08 9.48 -36.52
CA ILE A 351 -17.27 8.64 -36.63
C ILE A 351 -18.50 9.50 -36.47
N ASN A 352 -19.52 9.24 -37.29
CA ASN A 352 -20.83 9.86 -37.17
C ASN A 352 -20.73 11.39 -37.19
N ASN A 353 -19.86 11.91 -38.04
CA ASN A 353 -19.62 13.35 -38.15
C ASN A 353 -19.17 13.95 -36.82
N SER A 354 -18.25 13.27 -36.13
CA SER A 354 -17.63 13.84 -34.94
C SER A 354 -16.31 13.14 -34.67
N TRP A 355 -15.34 13.90 -34.16
CA TRP A 355 -14.01 13.36 -33.84
C TRP A 355 -14.09 12.68 -32.48
N LYS A 356 -14.37 11.38 -32.50
CA LYS A 356 -14.41 10.61 -31.27
C LYS A 356 -13.00 10.25 -30.84
N PHE A 357 -12.87 9.98 -29.54
CA PHE A 357 -11.58 9.88 -28.88
C PHE A 357 -11.72 9.02 -27.64
N ASN A 358 -10.89 7.98 -27.55
CA ASN A 358 -10.92 7.11 -26.38
C ASN A 358 -9.60 6.37 -26.29
N SER A 359 -9.22 6.03 -25.06
CA SER A 359 -7.94 5.38 -24.79
C SER A 359 -8.07 4.00 -24.17
N GLU A 360 -9.17 3.70 -23.49
CA GLU A 360 -9.38 2.39 -22.91
C GLU A 360 -10.28 1.49 -23.75
N GLU A 361 -10.98 2.05 -24.74
CA GLU A 361 -11.81 1.29 -25.66
C GLU A 361 -11.48 1.75 -27.07
N PRO A 362 -10.39 1.25 -27.64
CA PRO A 362 -9.91 1.78 -28.94
C PRO A 362 -10.97 1.68 -30.02
N LEU A 363 -11.03 2.71 -30.86
CA LEU A 363 -12.13 2.92 -31.77
C LEU A 363 -11.78 2.65 -33.23
N ILE A 364 -10.57 2.18 -33.52
CA ILE A 364 -10.17 2.04 -34.92
C ILE A 364 -10.97 0.95 -35.60
N THR A 365 -11.28 -0.13 -34.89
CA THR A 365 -12.10 -1.19 -35.48
C THR A 365 -13.53 -0.68 -35.73
N LYS A 366 -14.03 0.18 -34.84
CA LYS A 366 -15.33 0.82 -35.10
C LYS A 366 -15.28 1.63 -36.39
N LEU A 367 -14.19 2.38 -36.59
CA LEU A 367 -14.06 3.15 -37.82
C LEU A 367 -13.99 2.25 -39.04
N ILE A 368 -13.27 1.12 -38.95
CA ILE A 368 -13.16 0.23 -40.10
C ILE A 368 -14.53 -0.34 -40.45
N LEU A 369 -15.26 -0.84 -39.46
CA LEU A 369 -16.57 -1.40 -39.73
C LEU A 369 -17.54 -0.35 -40.24
N SER A 370 -17.41 0.90 -39.76
CA SER A 370 -18.31 1.95 -40.20
C SER A 370 -18.01 2.41 -41.62
N ILE A 371 -16.72 2.48 -41.99
CA ILE A 371 -16.34 2.95 -43.30
C ILE A 371 -16.41 1.86 -44.37
N ARG A 372 -16.63 0.61 -43.98
CA ARG A 372 -16.70 -0.46 -44.96
C ARG A 372 -17.71 -0.19 -46.08
N HIS A 373 -18.61 0.77 -45.92
CA HIS A 373 -19.59 1.03 -46.98
C HIS A 373 -18.95 1.72 -48.17
N GLN A 374 -17.97 2.60 -47.93
CA GLN A 374 -17.38 3.40 -49.00
C GLN A 374 -16.39 2.64 -49.85
N LEU A 375 -15.93 1.47 -49.42
CA LEU A 375 -14.99 0.70 -50.20
C LEU A 375 -15.69 -0.07 -51.31
N PRO A 376 -14.96 -0.48 -52.35
CA PRO A 376 -15.56 -1.33 -53.39
C PRO A 376 -16.24 -2.58 -52.85
N LYS A 377 -17.03 -3.24 -53.68
CA LYS A 377 -17.79 -4.40 -53.24
C LYS A 377 -16.89 -5.58 -52.91
N GLU A 378 -15.72 -5.67 -53.57
CA GLU A 378 -14.81 -6.78 -53.32
C GLU A 378 -14.07 -6.64 -51.99
N TYR A 379 -14.08 -5.46 -51.39
CA TYR A 379 -13.40 -5.21 -50.13
C TYR A 379 -14.33 -5.16 -48.94
N SER A 380 -15.57 -4.72 -49.13
CA SER A 380 -16.50 -4.54 -48.03
C SER A 380 -17.00 -5.87 -47.46
N SER A 381 -16.89 -6.96 -48.21
CA SER A 381 -17.31 -8.25 -47.68
C SER A 381 -16.25 -8.91 -46.82
N GLU A 382 -15.07 -8.28 -46.71
CA GLU A 382 -13.96 -8.83 -45.97
C GLU A 382 -13.76 -8.19 -44.61
N LEU A 383 -14.35 -7.02 -44.39
CA LEU A 383 -14.25 -6.33 -43.11
C LEU A 383 -15.30 -6.78 -42.12
N LEU A 384 -15.83 -7.99 -42.29
CA LEU A 384 -16.86 -8.53 -41.43
C LEU A 384 -16.33 -9.52 -40.40
N CYS A 385 -15.10 -10.00 -40.55
CA CYS A 385 -14.51 -10.88 -39.55
C CYS A 385 -13.64 -10.08 -38.61
N PRO A 386 -13.83 -10.18 -37.29
CA PRO A 386 -13.01 -9.37 -36.37
C PRO A 386 -11.52 -9.59 -36.53
N ARG A 387 -11.09 -10.80 -36.86
CA ARG A 387 -9.67 -11.07 -37.03
C ARG A 387 -9.08 -10.37 -38.23
N LYS A 388 -9.91 -9.83 -39.13
CA LYS A 388 -9.42 -9.04 -40.25
C LYS A 388 -9.52 -7.55 -39.99
N ARG A 389 -10.55 -7.10 -39.27
CA ARG A 389 -10.56 -5.71 -38.82
C ARG A 389 -9.39 -5.43 -37.89
N LYS A 390 -8.96 -6.41 -37.11
CA LYS A 390 -7.80 -6.20 -36.26
C LYS A 390 -6.50 -6.14 -37.08
N THR A 391 -6.42 -6.91 -38.16
CA THR A 391 -5.25 -6.80 -39.03
C THR A 391 -5.20 -5.43 -39.71
N VAL A 392 -6.33 -4.96 -40.21
CA VAL A 392 -6.37 -3.62 -40.80
C VAL A 392 -6.00 -2.57 -39.76
N GLU A 393 -6.43 -2.77 -38.51
CA GLU A 393 -6.02 -1.87 -37.43
C GLU A 393 -4.51 -1.87 -37.25
N ALA A 394 -3.90 -3.06 -37.26
CA ALA A 394 -2.45 -3.12 -37.07
C ALA A 394 -1.74 -2.36 -38.19
N ASN A 395 -2.18 -2.54 -39.42
CA ASN A 395 -1.58 -1.81 -40.53
C ASN A 395 -1.73 -0.31 -40.35
N ILE A 396 -2.94 0.14 -39.97
CA ILE A 396 -3.18 1.57 -39.82
C ILE A 396 -2.28 2.15 -38.75
N ARG A 397 -2.20 1.49 -37.59
CA ARG A 397 -1.38 2.00 -36.50
C ARG A 397 0.08 2.04 -36.89
N ASP A 398 0.56 1.04 -37.63
CA ASP A 398 1.95 1.05 -38.05
C ASP A 398 2.21 2.00 -39.22
N MET A 399 1.17 2.58 -39.82
CA MET A 399 1.37 3.50 -40.94
C MET A 399 1.22 4.97 -40.56
N LEU A 400 1.02 5.29 -39.28
CA LEU A 400 0.91 6.66 -38.81
C LEU A 400 2.18 7.02 -38.06
N VAL A 401 2.98 7.92 -38.64
CA VAL A 401 4.26 8.31 -38.06
C VAL A 401 4.23 9.74 -37.54
N ASP A 402 3.50 10.63 -38.19
CA ASP A 402 3.54 12.06 -37.89
C ASP A 402 2.35 12.46 -37.04
N SER A 403 2.62 13.22 -35.98
CA SER A 403 1.57 13.73 -35.10
C SER A 403 0.95 15.00 -35.70
N VAL A 404 -0.23 15.34 -35.19
CA VAL A 404 -0.92 16.56 -35.60
C VAL A 404 -1.37 17.30 -34.34
N GLU A 405 -1.66 18.59 -34.52
CA GLU A 405 -2.11 19.46 -33.45
C GLU A 405 -3.62 19.65 -33.55
N THR A 406 -4.31 19.43 -32.44
CA THR A 406 -5.76 19.47 -32.39
C THR A 406 -6.22 20.66 -31.56
N ASP A 407 -7.45 21.11 -31.83
CA ASP A 407 -8.09 22.19 -31.10
C ASP A 407 -7.33 23.50 -31.26
N THR A 408 -7.16 23.92 -32.51
CA THR A 408 -6.46 25.16 -32.83
C THR A 408 -7.39 26.28 -33.29
N TYR A 409 -8.70 26.04 -33.35
CA TYR A 409 -9.64 27.06 -33.75
C TYR A 409 -10.45 27.53 -32.55
N PRO A 410 -10.38 28.80 -32.16
CA PRO A 410 -11.08 29.28 -30.97
C PRO A 410 -12.46 29.89 -31.22
N ASP A 411 -12.99 29.80 -32.44
CA ASP A 411 -14.27 30.42 -32.74
C ASP A 411 -15.23 29.44 -33.38
N LYS A 412 -15.09 28.14 -33.07
CA LYS A 412 -15.97 27.12 -33.60
C LYS A 412 -16.50 26.30 -32.45
N LEU A 413 -17.82 26.13 -32.38
CA LEU A 413 -18.46 25.41 -31.29
C LEU A 413 -18.83 24.02 -31.79
N PRO A 414 -18.21 22.97 -31.29
CA PRO A 414 -18.45 21.64 -31.85
C PRO A 414 -19.63 20.91 -31.22
N PHE A 415 -20.60 20.52 -32.03
CA PHE A 415 -21.75 19.74 -31.58
C PHE A 415 -21.60 18.28 -32.01
N LYS A 416 -22.36 17.41 -31.35
CA LYS A 416 -22.26 15.97 -31.56
C LYS A 416 -22.66 15.54 -32.97
N ASN A 417 -22.96 16.50 -33.85
CA ASN A 417 -23.19 16.19 -35.25
C ASN A 417 -22.63 17.25 -36.19
N GLY A 418 -21.65 18.03 -35.76
CA GLY A 418 -21.09 19.04 -36.65
C GLY A 418 -20.32 20.08 -35.87
N VAL A 419 -20.13 21.23 -36.51
CA VAL A 419 -19.40 22.35 -35.93
C VAL A 419 -20.13 23.63 -36.31
N LEU A 420 -20.69 24.33 -35.33
CA LEU A 420 -21.31 25.62 -35.59
C LEU A 420 -20.24 26.69 -35.64
N ASP A 421 -20.26 27.49 -36.71
CA ASP A 421 -19.29 28.56 -36.88
C ASP A 421 -19.84 29.82 -36.26
N LEU A 422 -19.14 30.36 -35.25
CA LEU A 422 -19.70 31.45 -34.47
C LEU A 422 -19.65 32.77 -35.23
N VAL A 423 -18.56 33.04 -35.95
CA VAL A 423 -18.42 34.35 -36.60
C VAL A 423 -19.39 34.47 -37.77
N ASP A 424 -19.47 33.45 -38.63
CA ASP A 424 -20.31 33.54 -39.82
C ASP A 424 -21.75 33.16 -39.51
N GLY A 425 -21.97 32.29 -38.53
CA GLY A 425 -23.30 31.84 -38.18
C GLY A 425 -23.76 30.59 -38.90
N MET A 426 -22.97 30.06 -39.84
CA MET A 426 -23.35 28.86 -40.56
C MET A 426 -23.03 27.61 -39.75
N PHE A 427 -23.63 26.50 -40.14
CA PHE A 427 -23.42 25.21 -39.49
C PHE A 427 -22.90 24.21 -40.50
N TYR A 428 -21.80 23.55 -40.16
CA TYR A 428 -21.16 22.58 -41.04
C TYR A 428 -21.34 21.17 -40.50
N SER A 429 -21.55 20.23 -41.41
CA SER A 429 -21.68 18.83 -41.04
C SER A 429 -20.95 17.98 -42.07
N GLY A 430 -20.53 16.79 -41.64
CA GLY A 430 -19.82 15.91 -42.54
C GLY A 430 -18.43 16.44 -42.84
N ASP A 431 -17.99 16.25 -44.08
CA ASP A 431 -16.63 16.60 -44.46
C ASP A 431 -16.32 18.07 -44.22
N ASP A 432 -17.31 18.95 -44.34
CA ASP A 432 -17.07 20.37 -44.10
C ASP A 432 -16.54 20.61 -42.70
N ALA A 433 -17.01 19.83 -41.73
CA ALA A 433 -16.56 19.96 -40.35
C ALA A 433 -15.30 19.16 -40.06
N LYS A 434 -14.76 18.44 -41.03
CA LYS A 434 -13.58 17.64 -40.77
C LYS A 434 -12.33 18.49 -40.65
N LYS A 435 -12.31 19.66 -41.30
CA LYS A 435 -11.11 20.49 -41.27
C LYS A 435 -10.76 20.90 -39.85
N TYR A 436 -11.76 21.22 -39.04
CA TYR A 436 -11.54 21.79 -37.71
C TYR A 436 -11.43 20.62 -36.74
N THR A 437 -10.21 20.31 -36.32
CA THR A 437 -10.00 19.17 -35.44
C THR A 437 -10.37 19.56 -34.02
N CYS A 438 -11.66 19.40 -33.69
CA CYS A 438 -12.21 19.75 -32.38
C CYS A 438 -12.60 18.46 -31.68
N THR A 439 -11.86 18.09 -30.64
CA THR A 439 -12.02 16.80 -29.98
C THR A 439 -12.82 16.86 -28.70
N VAL A 440 -13.44 18.00 -28.37
CA VAL A 440 -14.33 18.11 -27.22
C VAL A 440 -15.64 18.73 -27.70
N SER A 441 -16.68 17.91 -27.81
CA SER A 441 -17.96 18.36 -28.32
C SER A 441 -18.98 18.42 -27.19
N THR A 442 -20.04 19.20 -27.43
CA THR A 442 -21.05 19.41 -26.41
C THR A 442 -21.74 18.10 -26.04
N GLY A 443 -22.00 17.25 -27.02
CA GLY A 443 -22.56 15.94 -26.77
C GLY A 443 -24.02 15.78 -27.13
N PHE A 444 -24.68 16.82 -27.64
CA PHE A 444 -26.04 16.71 -28.11
C PHE A 444 -26.14 17.32 -29.49
N LYS A 445 -27.05 16.78 -30.31
CA LYS A 445 -27.13 17.18 -31.70
C LYS A 445 -27.70 18.58 -31.83
N PHE A 446 -27.34 19.24 -32.93
CA PHE A 446 -27.75 20.60 -33.20
C PHE A 446 -29.02 20.60 -34.04
N ASP A 447 -30.09 21.15 -33.50
CA ASP A 447 -31.37 21.19 -34.18
C ASP A 447 -31.60 22.59 -34.73
N ASP A 448 -31.71 22.71 -36.04
CA ASP A 448 -31.88 24.01 -36.68
C ASP A 448 -33.32 24.50 -36.66
N THR A 449 -34.26 23.70 -36.21
CA THR A 449 -35.65 24.15 -36.08
C THR A 449 -35.92 24.83 -34.75
N LYS A 450 -34.97 24.78 -33.81
CA LYS A 450 -35.10 25.47 -32.54
C LYS A 450 -34.19 26.67 -32.41
N PHE A 451 -33.21 26.83 -33.29
CA PHE A 451 -32.28 27.96 -33.25
C PHE A 451 -32.93 29.19 -33.91
N VAL A 452 -34.08 29.57 -33.35
CA VAL A 452 -34.88 30.65 -33.91
C VAL A 452 -35.11 31.72 -32.84
N GLU A 453 -35.26 32.96 -33.30
CA GLU A 453 -35.46 34.07 -32.37
C GLU A 453 -36.87 34.12 -31.82
N ASP A 454 -37.87 33.71 -32.60
CA ASP A 454 -39.27 33.81 -32.20
C ASP A 454 -39.77 32.45 -31.75
N SER A 455 -40.13 32.35 -30.46
CA SER A 455 -40.67 31.14 -29.87
C SER A 455 -41.18 31.43 -28.47
N PRO A 456 -42.19 30.72 -27.98
CA PRO A 456 -42.62 30.91 -26.59
C PRO A 456 -41.53 30.62 -25.59
N GLU A 457 -40.68 29.64 -25.87
CA GLU A 457 -39.54 29.35 -25.00
C GLU A 457 -38.60 30.54 -24.94
N MET A 458 -38.36 31.20 -26.07
CA MET A 458 -37.50 32.37 -26.08
C MET A 458 -38.09 33.50 -25.25
N GLU A 459 -39.41 33.71 -25.35
CA GLU A 459 -40.04 34.77 -24.56
C GLU A 459 -39.96 34.48 -23.07
N GLU A 460 -40.24 33.23 -22.68
CA GLU A 460 -40.12 32.87 -21.27
C GLU A 460 -38.69 33.04 -20.78
N LEU A 461 -37.70 32.61 -21.58
CA LEU A 461 -36.32 32.75 -21.18
C LEU A 461 -35.91 34.21 -21.05
N MET A 462 -36.34 35.05 -21.99
CA MET A 462 -36.01 36.47 -21.90
C MET A 462 -36.61 37.09 -20.66
N ASN A 463 -37.85 36.72 -20.33
CA ASN A 463 -38.45 37.24 -19.11
C ASN A 463 -37.67 36.78 -17.87
N ILE A 464 -37.24 35.52 -17.86
CA ILE A 464 -36.47 35.04 -16.71
C ILE A 464 -35.15 35.80 -16.58
N ILE A 465 -34.45 36.00 -17.69
CA ILE A 465 -33.17 36.68 -17.64
C ILE A 465 -33.35 38.13 -17.20
N ASN A 466 -34.42 38.78 -17.65
CA ASN A 466 -34.68 40.14 -17.21
C ASN A 466 -35.11 40.19 -15.75
N ASP A 467 -35.64 39.08 -15.22
CA ASP A 467 -35.96 39.04 -13.79
C ASP A 467 -34.71 38.85 -12.94
N ILE A 468 -33.78 38.01 -13.39
CA ILE A 468 -32.56 37.77 -12.61
C ILE A 468 -31.67 39.01 -12.60
N GLN A 469 -31.44 39.60 -13.77
CA GLN A 469 -30.68 40.84 -13.89
C GLN A 469 -31.57 41.89 -14.53
N PRO A 470 -32.19 42.79 -13.76
CA PRO A 470 -33.13 43.74 -14.34
C PRO A 470 -32.45 44.73 -15.27
N LEU A 471 -33.22 45.20 -16.24
CA LEU A 471 -32.76 46.16 -17.25
C LEU A 471 -33.03 47.60 -16.82
N THR A 472 -32.61 47.95 -15.61
CA THR A 472 -32.83 49.31 -15.11
C THR A 472 -31.70 50.22 -15.62
N ASP A 473 -31.60 51.41 -15.03
CA ASP A 473 -30.53 52.33 -15.39
C ASP A 473 -29.30 52.15 -14.52
N GLU A 474 -29.48 51.86 -13.24
CA GLU A 474 -28.36 51.68 -12.33
C GLU A 474 -27.73 50.30 -12.42
N ASN A 475 -28.32 49.39 -13.21
CA ASN A 475 -27.81 48.04 -13.36
C ASN A 475 -27.30 47.79 -14.78
N LYS A 476 -26.94 48.85 -15.51
CA LYS A 476 -26.49 48.68 -16.88
C LYS A 476 -25.11 48.02 -16.93
N LYS A 477 -24.16 48.54 -16.14
CA LYS A 477 -22.80 48.02 -16.19
C LYS A 477 -22.74 46.59 -15.67
N ASN A 478 -23.43 46.32 -14.56
CA ASN A 478 -23.42 44.97 -14.01
C ASN A 478 -24.05 43.97 -14.96
N ARG A 479 -25.16 44.36 -15.62
CA ARG A 479 -25.77 43.47 -16.58
C ARG A 479 -24.86 43.23 -17.78
N GLU A 480 -24.18 44.27 -18.25
CA GLU A 480 -23.25 44.10 -19.37
C GLU A 480 -22.12 43.16 -19.00
N LEU A 481 -21.57 43.31 -17.80
CA LEU A 481 -20.52 42.40 -17.36
C LEU A 481 -21.03 40.98 -17.23
N TYR A 482 -22.26 40.81 -16.75
CA TYR A 482 -22.87 39.49 -16.66
C TYR A 482 -22.99 38.86 -18.04
N GLU A 483 -23.44 39.64 -19.01
CA GLU A 483 -23.57 39.14 -20.38
C GLU A 483 -22.22 38.76 -20.96
N LYS A 484 -21.20 39.59 -20.77
CA LYS A 484 -19.88 39.28 -21.29
C LYS A 484 -19.33 38.01 -20.66
N THR A 485 -19.46 37.87 -19.35
CA THR A 485 -18.95 36.68 -18.68
C THR A 485 -19.66 35.43 -19.17
N LEU A 486 -20.99 35.49 -19.34
CA LEU A 486 -21.70 34.31 -19.82
C LEU A 486 -21.34 34.00 -21.26
N SER A 487 -21.12 35.04 -22.07
CA SER A 487 -20.82 34.87 -23.49
C SER A 487 -19.42 34.33 -23.72
N SER A 488 -18.47 34.59 -22.81
CA SER A 488 -17.13 34.08 -23.00
C SER A 488 -17.06 32.57 -22.94
N CYS A 489 -18.11 31.89 -22.47
CA CYS A 489 -18.10 30.44 -22.39
C CYS A 489 -18.14 29.77 -23.76
N LEU A 490 -18.40 30.52 -24.83
CA LEU A 490 -18.36 29.97 -26.18
C LEU A 490 -16.99 30.09 -26.82
N CYS A 491 -16.18 31.06 -26.39
CA CYS A 491 -14.91 31.34 -27.04
C CYS A 491 -13.84 30.40 -26.52
N GLY A 492 -13.15 29.72 -27.43
CA GLY A 492 -12.20 28.70 -27.06
C GLY A 492 -10.76 29.16 -26.94
N ALA A 493 -10.54 30.32 -26.35
CA ALA A 493 -9.22 30.85 -26.08
C ALA A 493 -8.97 30.78 -24.57
N THR A 494 -7.90 31.44 -24.12
CA THR A 494 -7.58 31.50 -22.71
C THR A 494 -7.95 32.87 -22.16
N LYS A 495 -8.73 32.88 -21.08
CA LYS A 495 -9.28 34.11 -20.53
C LYS A 495 -8.44 34.58 -19.35
N GLY A 496 -8.35 35.90 -19.18
CA GLY A 496 -7.46 36.47 -18.20
C GLY A 496 -8.11 37.07 -16.97
N CYS A 497 -9.17 36.45 -16.46
CA CYS A 497 -9.83 36.88 -15.23
C CYS A 497 -10.53 35.70 -14.59
N LEU A 498 -10.89 35.88 -13.32
CA LEU A 498 -11.80 34.99 -12.62
C LEU A 498 -13.01 35.78 -12.17
N THR A 499 -14.20 35.20 -12.30
CA THR A 499 -15.44 35.90 -12.08
C THR A 499 -16.17 35.34 -10.87
N PHE A 500 -16.59 36.23 -9.98
CA PHE A 500 -17.30 35.86 -8.76
C PHE A 500 -18.74 36.32 -8.87
N PHE A 501 -19.67 35.37 -8.77
CA PHE A 501 -21.10 35.67 -8.68
C PHE A 501 -21.44 35.87 -7.21
N PHE A 502 -21.84 37.08 -6.84
CA PHE A 502 -22.07 37.43 -5.44
C PHE A 502 -23.51 37.90 -5.25
N GLY A 503 -24.08 37.56 -4.11
CA GLY A 503 -25.42 37.97 -3.77
C GLY A 503 -25.99 37.13 -2.66
N GLU A 504 -27.08 37.61 -2.07
CA GLU A 504 -27.74 36.88 -1.00
C GLU A 504 -28.43 35.64 -1.57
N THR A 505 -29.02 34.85 -0.67
CA THR A 505 -29.64 33.59 -1.06
C THR A 505 -30.87 33.84 -1.94
N ALA A 506 -31.17 32.86 -2.79
CA ALA A 506 -32.30 32.91 -3.71
C ALA A 506 -32.24 34.16 -4.59
N THR A 507 -31.11 34.30 -5.29
CA THR A 507 -30.91 35.40 -6.20
C THR A 507 -30.84 34.98 -7.66
N GLY A 508 -30.83 33.68 -7.95
CA GLY A 508 -30.83 33.19 -9.31
C GLY A 508 -29.49 32.73 -9.83
N LYS A 509 -28.46 32.67 -9.00
CA LYS A 509 -27.13 32.29 -9.47
C LYS A 509 -27.09 30.84 -9.93
N SER A 510 -27.66 29.94 -9.13
CA SER A 510 -27.69 28.54 -9.55
C SER A 510 -28.57 28.34 -10.77
N THR A 511 -29.57 29.18 -10.97
CA THR A 511 -30.35 29.10 -12.22
C THR A 511 -29.48 29.44 -13.42
N THR A 512 -28.63 30.46 -13.30
CA THR A 512 -27.70 30.75 -14.40
C THR A 512 -26.76 29.59 -14.62
N LYS A 513 -26.28 28.97 -13.54
CA LYS A 513 -25.42 27.79 -13.67
C LYS A 513 -26.13 26.69 -14.44
N ARG A 514 -27.37 26.36 -14.06
CA ARG A 514 -28.07 25.24 -14.69
C ARG A 514 -28.43 25.56 -16.14
N LEU A 515 -28.84 26.80 -16.42
CA LEU A 515 -29.13 27.19 -17.79
C LEU A 515 -27.87 27.10 -18.65
N LEU A 516 -26.74 27.56 -18.12
CA LEU A 516 -25.49 27.50 -18.87
C LEU A 516 -25.06 26.07 -19.13
N LYS A 517 -25.21 25.19 -18.13
CA LYS A 517 -24.88 23.79 -18.34
C LYS A 517 -25.77 23.18 -19.41
N SER A 518 -27.07 23.44 -19.33
CA SER A 518 -27.99 22.93 -20.34
C SER A 518 -27.70 23.50 -21.72
N ALA A 519 -27.10 24.69 -21.77
CA ALA A 519 -26.79 25.29 -23.07
C ALA A 519 -25.54 24.69 -23.71
N ILE A 520 -24.45 24.59 -22.96
CA ILE A 520 -23.17 24.20 -23.56
C ILE A 520 -22.79 22.76 -23.26
N GLY A 521 -23.68 21.96 -22.68
CA GLY A 521 -23.45 20.52 -22.65
C GLY A 521 -22.18 20.14 -21.91
N ASP A 522 -21.34 19.37 -22.59
CA ASP A 522 -20.15 18.77 -21.97
C ASP A 522 -18.97 19.73 -21.87
N LEU A 523 -19.07 20.94 -22.41
CA LEU A 523 -18.03 21.94 -22.23
C LEU A 523 -18.17 22.69 -20.92
N PHE A 524 -18.88 22.12 -19.95
CA PHE A 524 -19.11 22.74 -18.65
C PHE A 524 -18.78 21.71 -17.59
N VAL A 525 -17.89 22.07 -16.67
CA VAL A 525 -17.42 21.16 -15.63
C VAL A 525 -17.54 21.86 -14.29
N GLU A 526 -18.06 21.15 -13.29
CA GLU A 526 -18.13 21.64 -11.93
C GLU A 526 -17.07 20.92 -11.10
N THR A 527 -16.19 21.69 -10.46
CA THR A 527 -15.12 21.14 -9.64
C THR A 527 -15.14 21.79 -8.26
N GLY A 528 -14.60 21.07 -7.30
CA GLY A 528 -14.68 21.51 -5.92
C GLY A 528 -13.82 22.74 -5.65
N GLN A 529 -13.97 23.25 -4.42
CA GLN A 529 -13.21 24.43 -4.01
C GLN A 529 -11.74 24.12 -3.76
N THR A 530 -11.35 22.84 -3.76
CA THR A 530 -9.98 22.48 -3.43
C THR A 530 -8.97 23.11 -4.38
N ILE A 531 -9.36 23.37 -5.63
CA ILE A 531 -8.43 23.96 -6.59
C ILE A 531 -8.07 25.38 -6.20
N LEU A 532 -8.90 26.04 -5.40
CA LEU A 532 -8.64 27.42 -5.00
C LEU A 532 -7.92 27.55 -3.67
N THR A 533 -7.73 26.45 -2.94
CA THR A 533 -7.06 26.49 -1.65
C THR A 533 -5.88 25.54 -1.55
N ASP A 534 -5.99 24.34 -2.12
CA ASP A 534 -4.90 23.38 -2.08
C ASP A 534 -3.86 23.68 -3.15
N VAL A 535 -2.66 23.16 -2.95
CA VAL A 535 -1.57 23.35 -3.90
C VAL A 535 -1.89 22.58 -5.18
N LEU A 536 -1.66 23.23 -6.32
CA LEU A 536 -1.99 22.62 -7.60
C LEU A 536 -1.18 21.36 -7.86
N ASP A 537 0.13 21.42 -7.62
CA ASP A 537 0.99 20.31 -8.02
C ASP A 537 0.84 19.11 -7.08
N LYS A 538 1.28 19.29 -5.82
CA LYS A 538 1.19 18.27 -4.76
C LYS A 538 1.38 16.85 -5.28
N GLY A 539 0.38 16.01 -5.11
CA GLY A 539 0.35 14.69 -5.70
C GLY A 539 -0.67 14.62 -6.80
N PRO A 540 -1.39 13.51 -6.90
CA PRO A 540 -2.50 13.44 -7.85
C PRO A 540 -3.57 14.45 -7.48
N ASN A 541 -4.16 15.07 -8.50
CA ASN A 541 -5.14 16.14 -8.29
C ASN A 541 -6.09 16.17 -9.49
N PRO A 542 -6.98 15.18 -9.61
CA PRO A 542 -7.88 15.15 -10.76
C PRO A 542 -8.87 16.30 -10.79
N PHE A 543 -9.05 17.01 -9.67
CA PHE A 543 -9.97 18.14 -9.67
C PHE A 543 -9.46 19.29 -10.53
N ILE A 544 -8.21 19.26 -10.96
CA ILE A 544 -7.71 20.19 -11.97
C ILE A 544 -7.29 19.46 -13.24
N ALA A 545 -7.07 18.15 -13.19
CA ALA A 545 -6.76 17.40 -14.40
C ALA A 545 -7.97 17.24 -15.30
N ASN A 546 -9.16 17.53 -14.80
CA ASN A 546 -10.38 17.50 -15.60
C ASN A 546 -10.71 18.85 -16.21
N MET A 547 -9.85 19.85 -16.02
CA MET A 547 -10.01 21.17 -16.63
C MET A 547 -9.39 21.23 -18.03
N HIS A 548 -9.17 20.08 -18.66
CA HIS A 548 -8.48 20.06 -19.94
C HIS A 548 -9.47 20.35 -21.04
N LEU A 549 -9.35 21.53 -21.65
CA LEU A 549 -10.06 22.00 -22.84
C LEU A 549 -11.52 22.35 -22.57
N LYS A 550 -12.05 22.09 -21.38
CA LYS A 550 -13.41 22.48 -21.09
C LYS A 550 -13.50 23.99 -21.08
N ARG A 551 -14.59 24.53 -21.64
CA ARG A 551 -14.71 25.96 -21.88
C ARG A 551 -15.42 26.70 -20.76
N SER A 552 -15.80 26.03 -19.68
CA SER A 552 -16.37 26.70 -18.53
C SER A 552 -16.20 25.81 -17.31
N VAL A 553 -15.55 26.33 -16.27
CA VAL A 553 -15.38 25.63 -15.01
C VAL A 553 -16.06 26.48 -13.94
N PHE A 554 -17.06 25.90 -13.28
CA PHE A 554 -17.93 26.64 -12.37
C PHE A 554 -17.84 25.97 -11.01
N CYS A 555 -17.39 26.71 -10.00
CA CYS A 555 -17.21 26.16 -8.66
C CYS A 555 -18.06 26.94 -7.67
N SER A 556 -18.77 26.23 -6.81
CA SER A 556 -19.78 26.83 -5.95
C SER A 556 -19.46 26.60 -4.48
N GLU A 557 -20.25 27.24 -3.62
CA GLU A 557 -20.21 27.03 -2.17
C GLU A 557 -18.84 27.36 -1.59
N LEU A 558 -18.48 28.63 -1.66
CA LEU A 558 -17.26 29.10 -1.00
C LEU A 558 -17.44 29.00 0.52
N PRO A 559 -16.51 28.39 1.23
CA PRO A 559 -16.62 28.30 2.70
C PRO A 559 -16.31 29.64 3.34
N ASP A 560 -17.33 30.49 3.47
CA ASP A 560 -17.21 31.83 4.03
C ASP A 560 -16.21 31.89 5.17
N PHE A 561 -15.26 32.81 5.05
CA PHE A 561 -14.12 32.90 5.95
C PHE A 561 -14.33 33.91 7.08
N ALA A 562 -15.55 34.39 7.26
CA ALA A 562 -15.82 35.30 8.38
C ALA A 562 -15.56 34.61 9.71
N CYS A 563 -16.01 33.36 9.84
CA CYS A 563 -15.69 32.56 11.02
C CYS A 563 -14.27 32.03 10.94
N SER A 564 -13.72 31.68 12.09
CA SER A 564 -12.37 31.13 12.14
C SER A 564 -12.36 29.70 11.59
N GLY A 565 -11.15 29.21 11.34
CA GLY A 565 -10.97 27.85 10.87
C GLY A 565 -11.15 27.66 9.38
N SER A 566 -11.45 28.72 8.63
CA SER A 566 -11.63 28.63 7.20
C SER A 566 -10.32 28.91 6.49
N LYS A 567 -9.90 27.99 5.64
CA LYS A 567 -8.66 28.15 4.89
C LYS A 567 -8.83 29.22 3.82
N LYS A 568 -8.05 30.28 3.91
CA LYS A 568 -8.21 31.40 2.99
C LYS A 568 -7.74 31.01 1.58
N ILE A 569 -8.06 31.88 0.62
CA ILE A 569 -7.69 31.68 -0.78
C ILE A 569 -6.29 32.21 -0.99
N ARG A 570 -5.51 31.52 -1.82
CA ARG A 570 -4.13 31.86 -2.07
C ARG A 570 -4.01 32.66 -3.36
N SER A 571 -3.23 33.75 -3.32
CA SER A 571 -3.08 34.60 -4.49
C SER A 571 -2.39 33.87 -5.63
N ASP A 572 -1.39 33.05 -5.31
CA ASP A 572 -0.66 32.35 -6.37
C ASP A 572 -1.55 31.36 -7.09
N ASN A 573 -2.58 30.83 -6.43
CA ASN A 573 -3.55 29.99 -7.12
C ASN A 573 -4.30 30.77 -8.19
N ILE A 574 -4.69 32.01 -7.88
CA ILE A 574 -5.31 32.87 -8.88
C ILE A 574 -4.33 33.14 -10.01
N LYS A 575 -3.08 33.44 -9.68
CA LYS A 575 -2.10 33.74 -10.72
C LYS A 575 -1.76 32.51 -11.55
N LYS A 576 -2.01 31.32 -11.04
CA LYS A 576 -1.72 30.09 -11.77
C LYS A 576 -2.91 29.59 -12.58
N LEU A 577 -4.13 29.98 -12.23
CA LEU A 577 -5.33 29.62 -12.98
C LEU A 577 -5.64 30.57 -14.11
N THR A 578 -4.67 31.38 -14.52
CA THR A 578 -4.84 32.31 -15.63
C THR A 578 -3.86 32.04 -16.77
N GLU A 579 -2.77 31.34 -16.52
CA GLU A 579 -1.81 31.05 -17.57
C GLU A 579 -2.43 30.12 -18.63
N PRO A 580 -1.95 30.18 -19.87
CA PRO A 580 -2.53 29.32 -20.92
C PRO A 580 -2.23 27.84 -20.74
N CYS A 581 -1.60 27.43 -19.64
CA CYS A 581 -1.39 26.01 -19.38
C CYS A 581 -1.17 25.83 -17.87
N VAL A 582 -2.01 25.03 -17.24
CA VAL A 582 -1.90 24.78 -15.81
C VAL A 582 -1.27 23.40 -15.61
N ILE A 583 -0.52 23.27 -14.53
CA ILE A 583 0.23 22.05 -14.25
C ILE A 583 -0.52 21.23 -13.20
N GLY A 584 -0.89 20.01 -13.58
CA GLY A 584 -1.61 19.11 -12.70
C GLY A 584 -1.91 17.82 -13.43
N ARG A 585 -1.87 16.70 -12.73
CA ARG A 585 -1.97 15.42 -13.40
C ARG A 585 -3.05 14.56 -12.77
N PRO A 586 -3.67 13.68 -13.55
CA PRO A 586 -4.68 12.77 -13.02
C PRO A 586 -4.02 11.67 -12.20
N CYS A 587 -4.82 10.68 -11.82
CA CYS A 587 -4.30 9.49 -11.19
C CYS A 587 -3.80 8.51 -12.24
N PHE A 588 -2.68 7.85 -11.95
CA PHE A 588 -2.05 6.89 -12.86
C PHE A 588 -1.73 7.53 -14.22
N SER A 589 -1.20 8.76 -14.18
CA SER A 589 -0.86 9.46 -15.41
C SER A 589 0.38 10.31 -15.21
N ASN A 590 1.07 10.58 -16.31
CA ASN A 590 2.25 11.43 -16.32
C ASN A 590 2.04 12.76 -17.03
N LYS A 591 0.92 12.92 -17.75
CA LYS A 591 0.63 14.17 -18.42
C LYS A 591 0.44 15.26 -17.37
N ILE A 592 1.36 16.24 -17.36
CA ILE A 592 1.29 17.31 -16.37
C ILE A 592 1.05 18.66 -17.03
N ASN A 593 0.50 18.67 -18.24
CA ASN A 593 0.22 19.91 -18.96
C ASN A 593 -1.19 19.85 -19.49
N ASN A 594 -2.05 20.77 -19.04
CA ASN A 594 -3.44 20.84 -19.45
C ASN A 594 -3.69 22.17 -20.15
N ARG A 595 -4.35 22.13 -21.30
CA ARG A 595 -4.73 23.34 -21.99
C ARG A 595 -5.88 24.02 -21.26
N ASN A 596 -5.74 25.31 -21.02
CA ASN A 596 -6.65 26.07 -20.16
C ASN A 596 -7.50 26.99 -21.03
N HIS A 597 -8.61 26.47 -21.53
CA HIS A 597 -9.60 27.25 -22.26
C HIS A 597 -10.72 27.75 -21.36
N ALA A 598 -10.69 27.40 -20.07
CA ALA A 598 -11.87 27.50 -19.23
C ALA A 598 -12.08 28.91 -18.71
N THR A 599 -13.34 29.34 -18.73
CA THR A 599 -13.78 30.51 -17.98
C THR A 599 -14.19 30.03 -16.59
N ILE A 600 -13.50 30.52 -15.57
CA ILE A 600 -13.71 30.04 -14.21
C ILE A 600 -14.65 31.01 -13.51
N ILE A 601 -15.80 30.50 -13.09
CA ILE A 601 -16.79 31.29 -12.36
C ILE A 601 -16.98 30.66 -10.98
N ILE A 602 -16.77 31.45 -9.94
CA ILE A 602 -16.92 30.99 -8.56
C ILE A 602 -18.17 31.65 -7.98
N ASP A 603 -19.04 30.84 -7.41
CA ASP A 603 -20.33 31.29 -6.89
C ASP A 603 -20.25 31.38 -5.38
N THR A 604 -20.58 32.55 -4.84
CA THR A 604 -20.48 32.77 -3.41
C THR A 604 -21.48 33.82 -2.98
N ASN A 605 -21.85 33.77 -1.70
CA ASN A 605 -22.72 34.76 -1.09
C ASN A 605 -22.00 35.67 -0.13
N TYR A 606 -20.75 35.36 0.20
CA TYR A 606 -19.94 36.17 1.11
C TYR A 606 -18.65 36.57 0.39
N LYS A 607 -18.12 37.72 0.77
CA LYS A 607 -16.94 38.24 0.09
C LYS A 607 -15.74 37.32 0.34
N PRO A 608 -14.84 37.17 -0.62
CA PRO A 608 -13.68 36.30 -0.43
C PRO A 608 -12.56 37.01 0.32
N VAL A 609 -11.66 36.21 0.88
CA VAL A 609 -10.53 36.70 1.67
C VAL A 609 -9.25 36.17 1.05
N PHE A 610 -8.29 37.07 0.80
CA PHE A 610 -7.01 36.72 0.21
C PHE A 610 -5.90 36.93 1.22
N ASP A 611 -5.00 35.95 1.30
CA ASP A 611 -3.90 36.04 2.26
C ASP A 611 -2.94 37.17 1.92
N ARG A 612 -2.64 37.36 0.63
CA ARG A 612 -1.76 38.42 0.17
C ARG A 612 -2.40 39.13 -1.01
N ILE A 613 -2.39 40.47 -0.98
CA ILE A 613 -3.02 41.30 -2.00
C ILE A 613 -1.95 42.19 -2.62
N ASP A 614 -1.93 42.24 -3.95
CA ASP A 614 -1.02 43.11 -4.68
C ASP A 614 -1.69 43.55 -5.97
N ASN A 615 -0.89 44.12 -6.89
CA ASN A 615 -1.44 44.55 -8.17
C ASN A 615 -1.79 43.35 -9.06
N ALA A 616 -0.98 42.29 -8.99
CA ALA A 616 -1.24 41.12 -9.82
C ALA A 616 -2.57 40.47 -9.47
N LEU A 617 -2.89 40.37 -8.17
CA LEU A 617 -4.17 39.82 -7.76
C LEU A 617 -5.31 40.74 -8.16
N MET A 618 -5.14 42.04 -8.01
CA MET A 618 -6.17 42.99 -8.43
C MET A 618 -6.37 42.98 -9.94
N ARG A 619 -5.39 42.51 -10.69
CA ARG A 619 -5.44 42.43 -12.15
C ARG A 619 -6.28 41.27 -12.66
N ARG A 620 -6.70 40.34 -11.79
CA ARG A 620 -7.38 39.12 -12.23
C ARG A 620 -8.60 38.82 -11.36
N ILE A 621 -9.42 39.80 -11.06
CA ILE A 621 -10.66 39.58 -10.32
C ILE A 621 -11.78 40.40 -10.93
N ALA A 622 -12.92 39.77 -11.17
CA ALA A 622 -14.14 40.44 -11.61
C ALA A 622 -15.31 39.93 -10.78
N VAL A 623 -16.30 40.78 -10.58
CA VAL A 623 -17.41 40.46 -9.68
C VAL A 623 -18.73 40.90 -10.31
N VAL A 624 -19.75 40.04 -10.20
CA VAL A 624 -21.09 40.32 -10.70
C VAL A 624 -22.06 40.11 -9.55
N ARG A 625 -22.86 41.14 -9.25
CA ARG A 625 -23.76 41.13 -8.11
C ARG A 625 -25.20 40.89 -8.54
N PHE A 626 -25.94 40.16 -7.70
CA PHE A 626 -27.31 39.79 -7.96
C PHE A 626 -28.23 40.52 -7.00
N ARG A 627 -29.27 41.17 -7.52
CA ARG A 627 -30.11 42.10 -6.78
C ARG A 627 -31.59 41.79 -6.99
N THR A 628 -31.99 40.54 -6.78
CA THR A 628 -33.39 40.16 -6.88
C THR A 628 -33.63 38.91 -6.06
N HIS A 629 -34.75 38.86 -5.34
CA HIS A 629 -35.09 37.73 -4.49
C HIS A 629 -36.40 37.13 -4.94
N PHE A 630 -36.38 35.84 -5.25
CA PHE A 630 -37.58 35.09 -5.63
C PHE A 630 -38.04 34.31 -4.41
N SER A 631 -38.98 34.88 -3.66
CA SER A 631 -39.36 34.35 -2.36
C SER A 631 -40.83 33.97 -2.32
N GLN A 632 -41.12 32.89 -1.60
CA GLN A 632 -42.50 32.47 -1.41
C GLN A 632 -43.25 33.51 -0.57
N PRO A 633 -44.58 33.59 -0.71
CA PRO A 633 -45.33 34.65 -0.02
C PRO A 633 -45.19 34.61 1.49
N SER A 634 -45.02 33.42 2.08
CA SER A 634 -44.91 33.32 3.53
C SER A 634 -43.75 34.14 4.07
N GLY A 635 -42.76 34.44 3.23
CA GLY A 635 -41.68 35.32 3.61
C GLY A 635 -41.60 36.61 2.82
N ARG A 636 -42.59 36.90 1.97
CA ARG A 636 -42.51 38.07 1.09
C ARG A 636 -42.31 39.34 1.90
N GLU A 637 -43.10 39.53 2.97
CA GLU A 637 -42.92 40.69 3.83
C GLU A 637 -41.53 40.72 4.41
N ALA A 638 -41.03 39.57 4.87
CA ALA A 638 -39.66 39.50 5.38
C ALA A 638 -38.65 39.91 4.31
N ALA A 639 -38.93 39.60 3.04
CA ALA A 639 -38.05 40.00 1.97
C ALA A 639 -38.18 41.48 1.63
N GLU A 640 -39.31 42.10 1.96
CA GLU A 640 -39.53 43.49 1.60
C GLU A 640 -38.82 44.46 2.55
N ASN A 641 -38.23 43.96 3.63
CA ASN A 641 -37.62 44.79 4.65
C ASN A 641 -36.15 44.45 4.82
N ASN A 642 -35.42 44.32 3.71
CA ASN A 642 -34.01 44.00 3.72
C ASN A 642 -33.25 44.92 2.79
N ASP A 643 -31.98 45.16 3.10
CA ASP A 643 -31.12 46.03 2.32
C ASP A 643 -30.26 45.26 1.30
N ALA A 644 -30.33 43.94 1.30
CA ALA A 644 -29.50 43.12 0.42
C ALA A 644 -30.16 42.82 -0.91
N TYR A 645 -31.34 43.36 -1.19
CA TYR A 645 -32.04 43.13 -2.44
C TYR A 645 -32.49 44.47 -3.01
N ASP A 646 -33.10 44.40 -4.20
CA ASP A 646 -33.71 45.57 -4.81
C ASP A 646 -35.04 45.27 -5.47
N LYS A 647 -35.54 44.04 -5.36
CA LYS A 647 -36.80 43.63 -5.98
C LYS A 647 -37.15 42.25 -5.46
N VAL A 648 -38.44 42.00 -5.27
CA VAL A 648 -38.91 40.71 -4.78
C VAL A 648 -39.97 40.17 -5.73
N LYS A 649 -39.82 38.91 -6.12
CA LYS A 649 -40.73 38.25 -7.03
C LYS A 649 -41.19 36.94 -6.42
N LEU A 650 -42.12 36.28 -7.11
CA LEU A 650 -42.71 35.04 -6.63
C LEU A 650 -41.87 33.85 -7.08
N LEU A 651 -41.43 33.05 -6.11
CA LEU A 651 -40.65 31.86 -6.41
C LEU A 651 -41.49 30.87 -7.20
N ASP A 652 -40.92 30.31 -8.26
CA ASP A 652 -41.61 29.35 -9.11
C ASP A 652 -41.15 27.94 -8.75
N GLU A 653 -42.11 27.11 -8.35
CA GLU A 653 -41.79 25.76 -7.89
C GLU A 653 -41.45 24.82 -9.06
N GLY A 654 -42.00 25.08 -10.24
CA GLY A 654 -41.82 24.20 -11.37
C GLY A 654 -40.75 24.60 -12.35
N LEU A 655 -39.93 25.61 -12.04
CA LEU A 655 -38.90 26.04 -12.98
C LEU A 655 -37.70 25.10 -12.99
N ASP A 656 -37.34 24.54 -11.84
CA ASP A 656 -36.20 23.63 -11.78
C ASP A 656 -36.43 22.40 -12.65
N GLY A 657 -37.64 21.84 -12.60
CA GLY A 657 -37.95 20.71 -13.45
C GLY A 657 -37.93 21.04 -14.92
N LYS A 658 -38.39 22.25 -15.27
CA LYS A 658 -38.41 22.64 -16.68
C LYS A 658 -37.01 22.87 -17.21
N ILE A 659 -36.14 23.51 -16.43
CA ILE A 659 -34.76 23.71 -16.86
C ILE A 659 -34.02 22.39 -16.91
N GLN A 660 -34.30 21.49 -15.96
CA GLN A 660 -33.68 20.17 -15.98
C GLN A 660 -34.01 19.41 -17.25
N ASN A 661 -35.20 19.60 -17.81
CA ASN A 661 -35.63 18.90 -19.01
C ASN A 661 -35.07 19.50 -20.28
N ASN A 662 -34.10 20.42 -20.17
CA ASN A 662 -33.46 21.03 -21.34
C ASN A 662 -34.49 21.70 -22.25
N ARG A 663 -35.44 22.39 -21.65
CA ARG A 663 -36.45 23.10 -22.42
C ARG A 663 -35.91 24.41 -22.99
N TYR A 664 -35.06 25.10 -22.23
CA TYR A 664 -34.47 26.38 -22.65
C TYR A 664 -33.05 26.18 -23.18
N ARG A 665 -32.79 25.07 -23.85
CA ARG A 665 -31.43 24.77 -24.30
C ARG A 665 -31.06 25.60 -25.52
N PHE A 666 -31.80 25.44 -26.61
CA PHE A 666 -31.44 26.14 -27.84
C PHE A 666 -31.80 27.61 -27.79
N ALA A 667 -32.83 27.99 -27.03
CA ALA A 667 -33.10 29.41 -26.84
C ALA A 667 -31.92 30.09 -26.17
N PHE A 668 -31.37 29.48 -25.11
CA PHE A 668 -30.23 30.09 -24.45
C PHE A 668 -28.97 30.00 -25.29
N LEU A 669 -28.82 28.96 -26.10
CA LEU A 669 -27.68 28.93 -27.02
C LEU A 669 -27.75 30.08 -28.02
N TYR A 670 -28.95 30.36 -28.55
CA TYR A 670 -29.10 31.50 -29.45
C TYR A 670 -28.82 32.82 -28.74
N LEU A 671 -29.30 32.96 -27.51
CA LEU A 671 -29.01 34.18 -26.76
C LEU A 671 -27.51 34.34 -26.55
N LEU A 672 -26.83 33.25 -26.21
CA LEU A 672 -25.40 33.29 -26.00
C LEU A 672 -24.66 33.68 -27.27
N VAL A 673 -25.09 33.15 -28.42
CA VAL A 673 -24.41 33.48 -29.68
C VAL A 673 -24.65 34.94 -30.03
N LYS A 674 -25.85 35.47 -29.78
CA LYS A 674 -26.08 36.89 -30.02
C LYS A 674 -25.19 37.77 -29.14
N TRP A 675 -25.07 37.41 -27.86
CA TRP A 675 -24.17 38.15 -26.98
C TRP A 675 -22.72 38.04 -27.46
N TYR A 676 -22.35 36.87 -27.96
CA TYR A 676 -20.99 36.68 -28.49
C TYR A 676 -20.74 37.60 -29.67
N LYS A 677 -21.70 37.70 -30.57
CA LYS A 677 -21.54 38.60 -31.71
C LYS A 677 -21.45 40.05 -31.24
N LYS A 678 -22.26 40.43 -30.25
CA LYS A 678 -22.26 41.81 -29.78
C LYS A 678 -20.94 42.19 -29.13
N TYR A 679 -20.49 41.39 -28.16
CA TYR A 679 -19.35 41.77 -27.34
C TYR A 679 -18.01 41.45 -27.96
N HIS A 680 -17.98 40.73 -29.07
CA HIS A 680 -16.71 40.32 -29.66
C HIS A 680 -16.27 41.41 -30.64
N ILE A 681 -15.89 42.55 -30.07
CA ILE A 681 -15.13 43.57 -30.81
C ILE A 681 -13.83 42.86 -31.16
N PRO A 682 -13.11 43.26 -32.24
CA PRO A 682 -12.11 42.37 -32.84
C PRO A 682 -11.31 41.52 -31.87
N ILE A 683 -11.06 42.04 -30.67
CA ILE A 683 -10.43 41.29 -29.59
C ILE A 683 -11.32 41.42 -28.36
N MET A 684 -11.87 40.30 -27.90
CA MET A 684 -12.66 40.26 -26.68
C MET A 684 -11.74 39.92 -25.51
N LYS A 685 -11.73 40.78 -24.51
CA LYS A 685 -10.88 40.58 -23.34
C LYS A 685 -11.71 40.78 -22.09
N LEU A 686 -11.63 39.83 -21.16
CA LEU A 686 -12.28 40.01 -19.87
C LEU A 686 -11.52 41.06 -19.07
N TYR A 687 -12.27 41.99 -18.46
CA TYR A 687 -11.66 43.09 -17.75
C TYR A 687 -11.89 42.97 -16.24
N PRO A 688 -10.97 43.48 -15.42
CA PRO A 688 -11.14 43.40 -13.98
C PRO A 688 -11.84 44.62 -13.40
N THR A 689 -12.50 44.38 -12.26
CA THR A 689 -13.24 45.42 -11.54
C THR A 689 -12.82 45.38 -10.08
N PRO A 690 -11.68 45.98 -9.74
CA PRO A 690 -11.20 45.91 -8.35
C PRO A 690 -11.92 46.83 -7.38
N GLU A 691 -12.74 47.76 -7.88
CA GLU A 691 -13.36 48.75 -7.01
C GLU A 691 -14.52 48.19 -6.20
N GLU A 692 -15.08 47.05 -6.60
CA GLU A 692 -16.24 46.49 -5.93
C GLU A 692 -15.89 45.48 -4.85
N ILE A 693 -14.62 45.16 -4.66
CA ILE A 693 -14.18 44.24 -3.60
C ILE A 693 -13.74 45.09 -2.41
N PRO A 694 -14.25 44.84 -1.21
CA PRO A 694 -13.85 45.67 -0.06
C PRO A 694 -12.36 45.59 0.26
N ASP A 695 -11.71 44.46 0.02
CA ASP A 695 -10.31 44.31 0.39
C ASP A 695 -9.41 45.23 -0.42
N PHE A 696 -9.67 45.35 -1.73
CA PHE A 696 -8.79 46.10 -2.60
C PHE A 696 -8.94 47.61 -2.42
N ALA A 697 -9.97 48.05 -1.70
CA ALA A 697 -10.15 49.48 -1.47
C ALA A 697 -8.97 50.05 -0.69
N PHE A 698 -8.47 49.31 0.30
CA PHE A 698 -7.34 49.77 1.08
C PHE A 698 -6.10 49.95 0.21
N TYR A 699 -5.82 48.98 -0.65
CA TYR A 699 -4.65 49.05 -1.52
C TYR A 699 -4.81 50.05 -2.66
N LEU A 700 -6.05 50.40 -3.02
CA LEU A 700 -6.27 51.41 -4.04
C LEU A 700 -6.19 52.83 -3.49
N LYS A 701 -6.78 53.07 -2.32
CA LYS A 701 -6.76 54.41 -1.75
C LYS A 701 -5.34 54.85 -1.40
N ILE A 702 -4.53 53.92 -0.89
CA ILE A 702 -3.14 54.24 -0.58
C ILE A 702 -2.41 54.67 -1.85
N GLY A 703 -2.60 53.93 -2.94
CA GLY A 703 -2.04 54.35 -4.21
C GLY A 703 -2.60 55.67 -4.71
N THR A 704 -3.81 56.01 -4.28
CA THR A 704 -4.43 57.28 -4.62
C THR A 704 -4.17 58.37 -3.57
N LEU A 705 -3.44 58.06 -2.51
CA LEU A 705 -3.17 59.02 -1.45
C LEU A 705 -1.68 59.31 -1.28
N LEU A 706 -0.83 58.29 -1.29
CA LEU A 706 0.59 58.45 -1.07
C LEU A 706 1.33 58.37 -2.40
N VAL A 707 2.24 59.32 -2.64
CA VAL A 707 3.06 59.38 -3.84
C VAL A 707 4.52 59.33 -3.42
N SER A 708 5.29 58.49 -4.10
CA SER A 708 6.70 58.31 -3.78
C SER A 708 7.53 59.44 -4.38
N SER A 709 8.38 60.04 -3.56
CA SER A 709 9.27 61.10 -4.02
C SER A 709 10.31 60.54 -4.98
N SER A 710 10.74 61.38 -5.93
CA SER A 710 11.67 60.96 -6.96
C SER A 710 12.65 62.10 -7.22
N VAL A 711 13.39 61.99 -8.31
CA VAL A 711 14.40 63.00 -8.64
C VAL A 711 13.75 64.31 -9.06
N LYS A 712 12.56 64.26 -9.67
CA LYS A 712 11.93 65.47 -10.19
C LYS A 712 11.54 66.44 -9.08
N HIS A 713 11.48 65.99 -7.83
CA HIS A 713 11.14 66.85 -6.70
C HIS A 713 12.36 67.46 -6.03
N ILE A 714 13.56 67.25 -6.58
CA ILE A 714 14.77 67.77 -5.94
C ILE A 714 14.75 69.28 -5.83
N PRO A 715 14.33 70.04 -6.84
CA PRO A 715 14.33 71.51 -6.71
C PRO A 715 13.45 72.02 -5.58
N LEU A 716 12.36 71.32 -5.26
CA LEU A 716 11.46 71.71 -4.19
C LEU A 716 11.82 71.05 -2.85
N MET A 717 13.09 70.71 -2.65
CA MET A 717 13.49 70.05 -1.41
C MET A 717 13.32 70.97 -0.21
N THR A 718 13.51 72.28 -0.40
CA THR A 718 13.34 73.23 0.70
C THR A 718 11.89 73.24 1.18
N ASP A 719 10.93 73.19 0.25
CA ASP A 719 9.52 73.16 0.64
C ASP A 719 9.20 71.90 1.41
N LEU A 720 9.73 70.75 0.97
CA LEU A 720 9.47 69.49 1.68
C LEU A 720 10.08 69.53 3.07
N SER A 721 11.29 70.09 3.20
CA SER A 721 11.90 70.22 4.52
C SER A 721 11.09 71.14 5.42
N LYS A 722 10.55 72.24 4.86
CA LYS A 722 9.70 73.13 5.64
C LYS A 722 8.40 72.45 6.04
N LYS A 723 7.89 71.54 5.22
CA LYS A 723 6.65 70.84 5.55
C LYS A 723 6.83 69.95 6.78
N GLY A 724 8.00 69.33 6.92
CA GLY A 724 8.24 68.44 8.04
C GLY A 724 9.06 67.22 7.68
N TYR A 725 9.41 67.10 6.40
CA TYR A 725 10.21 65.99 5.93
C TYR A 725 11.70 66.28 6.15
N ILE A 726 12.52 65.24 5.96
CA ILE A 726 13.97 65.34 6.09
C ILE A 726 14.61 64.77 4.83
N LEU A 727 15.84 65.19 4.60
CA LEU A 727 16.59 64.80 3.41
C LEU A 727 17.92 64.16 3.81
N TYR A 728 18.30 63.11 3.09
CA TYR A 728 19.56 62.43 3.32
C TYR A 728 19.94 61.64 2.08
N ASP A 729 21.16 61.86 1.60
CA ASP A 729 21.66 61.18 0.39
C ASP A 729 20.72 61.39 -0.80
N ASN A 730 20.23 62.63 -0.94
CA ASN A 730 19.28 63.00 -1.99
C ASN A 730 18.01 62.16 -1.94
N VAL A 731 17.62 61.75 -0.73
CA VAL A 731 16.44 60.92 -0.52
C VAL A 731 15.57 61.60 0.54
N VAL A 732 14.27 61.69 0.25
CA VAL A 732 13.31 62.28 1.17
C VAL A 732 12.77 61.20 2.09
N THR A 733 12.77 61.47 3.39
CA THR A 733 12.31 60.50 4.37
C THR A 733 11.67 61.22 5.54
N LEU A 734 10.84 60.50 6.28
CA LEU A 734 10.14 61.00 7.45
C LEU A 734 10.21 59.97 8.56
N PRO A 735 10.04 60.38 9.81
CA PRO A 735 10.10 59.42 10.92
C PRO A 735 8.99 58.39 10.83
N LEU A 736 9.30 57.19 11.34
CA LEU A 736 8.34 56.08 11.25
C LEU A 736 7.05 56.40 11.99
N THR A 737 7.14 56.94 13.20
CA THR A 737 5.95 57.33 13.93
C THR A 737 5.21 58.47 13.23
N THR A 738 5.97 59.45 12.71
CA THR A 738 5.35 60.54 11.97
C THR A 738 4.66 60.02 10.71
N PHE A 739 5.30 59.08 10.00
CA PHE A 739 4.69 58.51 8.81
C PHE A 739 3.41 57.74 9.16
N GLN A 740 3.45 56.98 10.26
CA GLN A 740 2.25 56.26 10.68
C GLN A 740 1.12 57.22 11.03
N GLN A 741 1.45 58.32 11.73
CA GLN A 741 0.42 59.31 12.05
C GLN A 741 -0.14 59.97 10.80
N LYS A 742 0.74 60.28 9.83
CA LYS A 742 0.27 60.90 8.59
C LYS A 742 -0.62 59.96 7.80
N ILE A 743 -0.27 58.67 7.75
CA ILE A 743 -1.08 57.70 7.02
C ILE A 743 -2.42 57.50 7.72
N SER A 744 -2.40 57.40 9.05
CA SER A 744 -3.64 57.20 9.81
C SER A 744 -4.52 58.44 9.82
N LYS A 745 -4.01 59.58 9.34
CA LYS A 745 -4.81 60.79 9.28
C LYS A 745 -6.01 60.64 8.35
N TYR A 746 -5.91 59.78 7.33
CA TYR A 746 -7.00 59.56 6.39
C TYR A 746 -7.51 58.14 6.37
N PHE A 747 -6.84 57.20 7.04
CA PHE A 747 -7.25 55.80 7.06
C PHE A 747 -7.36 55.32 8.50
N ASN A 748 -8.26 54.36 8.71
CA ASN A 748 -8.50 53.82 10.05
C ASN A 748 -7.36 52.90 10.44
N SER A 749 -6.70 53.20 11.55
CA SER A 749 -5.59 52.36 12.02
C SER A 749 -6.10 51.06 12.61
N ARG A 750 -7.17 51.11 13.40
CA ARG A 750 -7.67 49.92 14.07
C ARG A 750 -8.41 48.99 13.11
N LEU A 751 -9.13 49.56 12.14
CA LEU A 751 -9.95 48.74 11.24
C LEU A 751 -9.09 47.82 10.38
N PHE A 752 -7.94 48.30 9.93
CA PHE A 752 -7.05 47.55 9.05
C PHE A 752 -5.64 47.50 9.63
N GLY A 753 -5.55 47.17 10.92
CA GLY A 753 -4.26 47.22 11.60
C GLY A 753 -3.24 46.28 10.99
N HIS A 754 -3.65 45.03 10.76
CA HIS A 754 -2.72 44.05 10.19
C HIS A 754 -2.29 44.45 8.78
N ASP A 755 -3.25 44.89 7.96
CA ASP A 755 -2.92 45.32 6.60
C ASP A 755 -2.01 46.55 6.60
N ILE A 756 -2.29 47.51 7.49
CA ILE A 756 -1.46 48.71 7.56
C ILE A 756 -0.04 48.34 7.99
N GLU A 757 0.09 47.47 8.99
CA GLU A 757 1.40 47.04 9.44
C GLU A 757 2.15 46.32 8.33
N SER A 758 1.46 45.44 7.60
CA SER A 758 2.11 44.72 6.51
C SER A 758 2.57 45.68 5.42
N PHE A 759 1.74 46.67 5.07
CA PHE A 759 2.13 47.64 4.05
C PHE A 759 3.31 48.48 4.51
N ILE A 760 3.33 48.87 5.79
CA ILE A 760 4.43 49.68 6.29
C ILE A 760 5.73 48.87 6.30
N ASN A 761 5.67 47.61 6.73
CA ASN A 761 6.89 46.81 6.87
C ASN A 761 7.43 46.37 5.52
N ARG A 762 6.53 45.99 4.60
CA ARG A 762 6.99 45.46 3.31
C ARG A 762 7.71 46.52 2.49
N HIS A 763 7.23 47.76 2.51
CA HIS A 763 7.81 48.84 1.71
C HIS A 763 8.79 49.69 2.50
N LYS A 764 9.15 49.27 3.71
CA LYS A 764 10.09 50.04 4.51
C LYS A 764 11.50 49.91 3.94
N LYS A 765 12.13 51.05 3.63
CA LYS A 765 13.46 51.08 3.06
C LYS A 765 14.27 52.16 3.77
N PHE A 766 15.26 51.75 4.54
CA PHE A 766 16.07 52.68 5.30
C PHE A 766 16.89 53.56 4.36
N ALA A 767 16.99 54.84 4.71
CA ALA A 767 17.77 55.79 3.92
C ALA A 767 19.20 55.92 4.45
N ASN A 768 19.33 56.32 5.71
CA ASN A 768 20.63 56.48 6.35
C ASN A 768 20.94 55.24 7.18
N VAL A 769 22.02 55.32 7.98
CA VAL A 769 22.35 54.22 8.89
C VAL A 769 21.21 54.05 9.88
N SER A 770 20.56 52.90 9.85
CA SER A 770 19.32 52.63 10.60
C SER A 770 18.30 53.69 10.18
N ASP A 771 17.52 54.24 11.10
CA ASP A 771 16.55 55.28 10.81
C ASP A 771 15.60 54.86 9.68
N GLU A 772 14.86 53.79 9.94
CA GLU A 772 13.96 53.24 8.94
C GLU A 772 12.86 54.26 8.59
N TYR A 773 12.56 54.36 7.30
CA TYR A 773 11.60 55.33 6.81
C TYR A 773 11.08 54.86 5.46
N LEU A 774 10.18 55.65 4.87
CA LEU A 774 9.64 55.37 3.54
C LEU A 774 9.64 56.66 2.75
N GLN A 775 10.18 56.62 1.53
CA GLN A 775 10.33 57.81 0.70
C GLN A 775 9.03 58.10 -0.08
N TYR A 776 7.95 58.28 0.68
CA TYR A 776 6.65 58.61 0.13
C TYR A 776 5.99 59.65 1.00
N ILE A 777 5.24 60.55 0.36
CA ILE A 777 4.56 61.64 1.06
C ILE A 777 3.11 61.71 0.56
N PHE A 778 2.27 62.37 1.36
CA PHE A 778 0.87 62.54 0.98
C PHE A 778 0.77 63.34 -0.31
N ILE A 779 -0.14 62.92 -1.19
CA ILE A 779 -0.33 63.59 -2.47
C ILE A 779 -0.82 65.02 -2.26
N GLU A 780 -1.76 65.20 -1.33
CA GLU A 780 -2.26 66.54 -1.05
C GLU A 780 -1.17 67.43 -0.49
N ASP A 781 -0.34 66.89 0.41
CA ASP A 781 0.76 67.67 0.97
C ASP A 781 1.77 68.06 -0.11
N ILE A 782 2.06 67.14 -1.02
CA ILE A 782 3.00 67.44 -2.10
C ILE A 782 2.43 68.52 -3.02
N SER A 783 1.17 68.38 -3.41
CA SER A 783 0.56 69.34 -4.33
C SER A 783 0.43 70.72 -3.69
N SER A 784 0.04 70.77 -2.43
CA SER A 784 -0.12 72.05 -1.74
C SER A 784 1.25 72.59 -1.33
N PRO A 785 1.64 73.79 -1.78
CA PRO A 785 2.96 74.32 -1.44
C PRO A 785 3.02 74.84 0.00
N GLY B 323 16.96 -19.30 -47.06
CA GLY B 323 17.73 -19.15 -45.84
C GLY B 323 17.01 -18.32 -44.80
N ASN B 324 15.72 -18.60 -44.61
CA ASN B 324 14.87 -17.91 -43.64
C ASN B 324 14.86 -16.41 -43.94
N LYS B 325 14.20 -16.08 -45.06
CA LYS B 325 14.10 -14.75 -45.62
C LYS B 325 13.92 -13.64 -44.58
N LEU B 326 13.14 -13.91 -43.54
CA LEU B 326 12.90 -12.88 -42.52
C LEU B 326 14.18 -12.53 -41.78
N PHE B 327 15.06 -13.50 -41.58
CA PHE B 327 16.35 -13.18 -40.95
C PHE B 327 17.22 -12.34 -41.87
N ASN B 328 17.20 -12.62 -43.17
CA ASN B 328 17.95 -11.77 -44.09
C ASN B 328 17.42 -10.35 -44.09
N ILE B 329 16.10 -10.19 -44.03
CA ILE B 329 15.53 -8.85 -43.95
C ILE B 329 15.93 -8.16 -42.66
N ALA B 330 15.91 -8.89 -41.55
CA ALA B 330 16.33 -8.31 -40.27
C ALA B 330 17.78 -7.87 -40.32
N GLN B 331 18.65 -8.69 -40.88
CA GLN B 331 20.05 -8.32 -41.00
C GLN B 331 20.23 -7.10 -41.90
N ARG B 332 19.50 -7.04 -43.01
CA ARG B 332 19.62 -5.90 -43.91
C ARG B 332 19.18 -4.61 -43.25
N ILE B 333 18.07 -4.65 -42.50
CA ILE B 333 17.61 -3.44 -41.81
C ILE B 333 18.57 -3.05 -40.71
N LEU B 334 19.14 -4.04 -40.02
CA LEU B 334 20.08 -3.74 -38.95
C LEU B 334 21.39 -3.18 -39.49
N ASP B 335 21.76 -3.53 -40.71
CA ASP B 335 23.05 -3.09 -41.25
C ASP B 335 23.08 -1.59 -41.51
N THR B 336 21.92 -0.96 -41.71
CA THR B 336 21.88 0.46 -42.01
C THR B 336 22.02 1.35 -40.78
N ASN B 337 22.06 0.77 -39.59
CA ASN B 337 22.16 1.52 -38.33
C ASN B 337 20.97 2.46 -38.16
N SER B 338 19.76 1.91 -38.27
CA SER B 338 18.56 2.68 -38.06
C SER B 338 17.90 2.43 -36.72
N VAL B 339 18.18 1.31 -36.07
CA VAL B 339 17.70 1.02 -34.73
C VAL B 339 18.91 1.00 -33.79
N LEU B 340 18.75 1.58 -32.61
CA LEU B 340 19.83 1.60 -31.63
C LEU B 340 19.28 1.39 -30.23
N LEU B 341 20.12 0.83 -29.38
CA LEU B 341 19.79 0.56 -27.99
C LEU B 341 20.57 1.53 -27.11
N THR B 342 19.86 2.21 -26.21
CA THR B 342 20.47 3.18 -25.32
C THR B 342 20.59 2.62 -23.91
N GLU B 343 21.47 3.24 -23.12
CA GLU B 343 21.80 2.71 -21.80
C GLU B 343 20.58 2.64 -20.89
N ARG B 344 19.61 3.52 -21.10
CA ARG B 344 18.38 3.45 -20.32
C ARG B 344 17.49 2.28 -20.74
N GLY B 345 17.80 1.62 -21.85
CA GLY B 345 16.98 0.56 -22.36
C GLY B 345 16.05 0.94 -23.49
N ASP B 346 16.11 2.19 -23.94
CA ASP B 346 15.23 2.65 -25.01
C ASP B 346 15.74 2.16 -26.36
N HIS B 347 14.81 1.98 -27.29
CA HIS B 347 15.12 1.55 -28.65
C HIS B 347 14.82 2.71 -29.58
N ILE B 348 15.82 3.52 -29.85
CA ILE B 348 15.62 4.69 -30.71
C ILE B 348 15.67 4.25 -32.16
N VAL B 349 14.79 4.83 -32.99
CA VAL B 349 14.69 4.47 -34.39
C VAL B 349 14.75 5.73 -35.22
N TRP B 350 15.31 5.62 -36.42
CA TRP B 350 15.55 6.77 -37.29
C TRP B 350 14.45 6.82 -38.34
N ILE B 351 13.44 7.65 -38.12
CA ILE B 351 12.35 7.81 -39.06
C ILE B 351 12.23 9.29 -39.43
N ASN B 352 12.02 9.56 -40.71
CA ASN B 352 11.71 10.90 -41.19
C ASN B 352 12.74 11.92 -40.74
N ASN B 353 14.01 11.55 -40.84
CA ASN B 353 15.12 12.40 -40.45
C ASN B 353 15.02 12.84 -38.99
N SER B 354 14.67 11.90 -38.11
CA SER B 354 14.69 12.18 -36.68
C SER B 354 14.79 10.88 -35.90
N TRP B 355 15.50 10.93 -34.78
CA TRP B 355 15.67 9.77 -33.90
C TRP B 355 14.53 9.77 -32.90
N LYS B 356 13.47 9.04 -33.21
CA LYS B 356 12.35 8.96 -32.30
C LYS B 356 12.55 7.81 -31.32
N PHE B 357 11.91 7.92 -30.17
CA PHE B 357 11.84 6.81 -29.23
C PHE B 357 10.60 7.00 -28.38
N ASN B 358 9.89 5.90 -28.14
CA ASN B 358 8.61 5.94 -27.45
C ASN B 358 8.40 4.60 -26.77
N SER B 359 8.35 4.62 -25.45
CA SER B 359 8.16 3.38 -24.70
C SER B 359 6.72 2.88 -24.77
N GLU B 360 5.78 3.67 -25.30
CA GLU B 360 4.39 3.29 -25.35
C GLU B 360 4.07 2.43 -26.58
N GLU B 361 4.25 2.96 -27.78
CA GLU B 361 4.08 2.19 -29.01
C GLU B 361 5.44 2.03 -29.66
N PRO B 362 6.10 0.88 -29.51
CA PRO B 362 7.42 0.71 -30.11
C PRO B 362 7.39 0.93 -31.62
N LEU B 363 8.40 1.63 -32.10
CA LEU B 363 8.42 2.13 -33.46
C LEU B 363 9.19 1.22 -34.41
N ILE B 364 9.62 0.05 -33.96
CA ILE B 364 10.42 -0.80 -34.82
C ILE B 364 9.62 -1.26 -36.03
N THR B 365 8.35 -1.63 -35.81
CA THR B 365 7.51 -2.02 -36.93
C THR B 365 7.24 -0.84 -37.86
N LYS B 366 7.09 0.36 -37.29
CA LYS B 366 6.95 1.54 -38.13
C LYS B 366 8.17 1.71 -39.02
N LEU B 367 9.36 1.49 -38.47
CA LEU B 367 10.57 1.61 -39.26
C LEU B 367 10.65 0.52 -40.33
N ILE B 368 10.24 -0.70 -40.00
CA ILE B 368 10.26 -1.77 -40.99
C ILE B 368 9.37 -1.43 -42.17
N LEU B 369 8.14 -1.00 -41.89
CA LEU B 369 7.22 -0.64 -42.95
C LEU B 369 7.72 0.57 -43.74
N SER B 370 8.35 1.53 -43.07
CA SER B 370 8.89 2.68 -43.77
C SER B 370 10.02 2.29 -44.71
N ILE B 371 10.90 1.38 -44.25
CA ILE B 371 12.13 1.08 -44.98
C ILE B 371 11.96 -0.01 -46.02
N ARG B 372 10.82 -0.69 -46.07
CA ARG B 372 10.64 -1.71 -47.09
C ARG B 372 10.88 -1.21 -48.51
N HIS B 373 10.91 0.11 -48.73
CA HIS B 373 11.14 0.62 -50.08
C HIS B 373 12.54 0.30 -50.58
N GLN B 374 13.54 0.47 -49.71
CA GLN B 374 14.93 0.31 -50.14
C GLN B 374 15.31 -1.15 -50.37
N LEU B 375 14.62 -2.09 -49.74
CA LEU B 375 14.97 -3.49 -49.86
C LEU B 375 14.66 -4.00 -51.27
N PRO B 376 15.30 -5.11 -51.67
CA PRO B 376 15.04 -5.67 -53.01
C PRO B 376 13.57 -6.00 -53.20
N LYS B 377 13.22 -6.23 -54.46
CA LYS B 377 11.82 -6.43 -54.83
C LYS B 377 11.24 -7.67 -54.16
N GLU B 378 12.05 -8.72 -54.00
CA GLU B 378 11.56 -9.93 -53.39
C GLU B 378 11.22 -9.73 -51.91
N TYR B 379 12.04 -8.96 -51.19
CA TYR B 379 11.80 -8.76 -49.77
C TYR B 379 10.68 -7.79 -49.50
N SER B 380 10.48 -6.80 -50.38
CA SER B 380 9.56 -5.71 -50.09
C SER B 380 8.13 -6.19 -49.92
N SER B 381 7.69 -7.13 -50.76
CA SER B 381 6.33 -7.63 -50.66
C SER B 381 6.11 -8.53 -49.45
N GLU B 382 7.17 -8.90 -48.74
CA GLU B 382 7.03 -9.74 -47.57
C GLU B 382 6.67 -8.96 -46.31
N LEU B 383 6.91 -7.64 -46.31
CA LEU B 383 6.69 -6.80 -45.14
C LEU B 383 5.36 -6.06 -45.20
N LEU B 384 4.33 -6.68 -45.77
CA LEU B 384 2.99 -6.12 -45.77
C LEU B 384 2.06 -6.82 -44.79
N CYS B 385 2.54 -7.86 -44.11
CA CYS B 385 1.73 -8.62 -43.17
C CYS B 385 2.21 -8.36 -41.76
N PRO B 386 1.34 -7.96 -40.83
CA PRO B 386 1.82 -7.65 -39.47
C PRO B 386 2.50 -8.81 -38.79
N ARG B 387 2.05 -10.03 -39.05
CA ARG B 387 2.62 -11.20 -38.39
C ARG B 387 4.05 -11.47 -38.82
N LYS B 388 4.50 -10.88 -39.93
CA LYS B 388 5.88 -10.99 -40.36
C LYS B 388 6.73 -9.81 -39.91
N ARG B 389 6.14 -8.62 -39.84
CA ARG B 389 6.88 -7.51 -39.26
C ARG B 389 7.15 -7.71 -37.78
N LYS B 390 6.26 -8.41 -37.07
CA LYS B 390 6.57 -8.78 -35.70
C LYS B 390 7.74 -9.75 -35.62
N THR B 391 7.84 -10.68 -36.58
CA THR B 391 8.96 -11.60 -36.60
C THR B 391 10.27 -10.87 -36.85
N VAL B 392 10.28 -9.97 -37.83
CA VAL B 392 11.51 -9.21 -38.10
C VAL B 392 11.87 -8.34 -36.91
N GLU B 393 10.87 -7.78 -36.22
CA GLU B 393 11.16 -7.00 -35.03
C GLU B 393 11.77 -7.86 -33.95
N ALA B 394 11.29 -9.08 -33.77
CA ALA B 394 11.88 -9.98 -32.78
C ALA B 394 13.34 -10.27 -33.11
N ASN B 395 13.63 -10.52 -34.39
CA ASN B 395 15.02 -10.74 -34.78
C ASN B 395 15.88 -9.52 -34.48
N ILE B 396 15.39 -8.33 -34.81
CA ILE B 396 16.18 -7.13 -34.59
C ILE B 396 16.40 -6.90 -33.11
N ARG B 397 15.39 -7.16 -32.28
CA ARG B 397 15.56 -7.02 -30.85
C ARG B 397 16.61 -7.97 -30.32
N ASP B 398 16.63 -9.20 -30.81
CA ASP B 398 17.63 -10.16 -30.34
C ASP B 398 19.01 -9.90 -30.92
N MET B 399 19.13 -9.06 -31.95
CA MET B 399 20.44 -8.77 -32.53
C MET B 399 21.16 -7.61 -31.87
N LEU B 400 20.49 -6.79 -31.07
CA LEU B 400 21.11 -5.63 -30.46
C LEU B 400 21.59 -6.01 -29.05
N VAL B 401 22.90 -6.18 -28.90
CA VAL B 401 23.46 -6.59 -27.61
C VAL B 401 24.32 -5.51 -26.98
N ASP B 402 24.68 -4.45 -27.70
CA ASP B 402 25.59 -3.43 -27.21
C ASP B 402 24.91 -2.08 -27.21
N SER B 403 25.11 -1.32 -26.14
CA SER B 403 24.48 -0.01 -25.99
C SER B 403 25.27 1.05 -26.76
N VAL B 404 24.80 2.29 -26.68
CA VAL B 404 25.45 3.40 -27.35
C VAL B 404 25.13 4.69 -26.60
N GLU B 405 26.08 5.62 -26.61
CA GLU B 405 25.91 6.88 -25.90
C GLU B 405 25.17 7.88 -26.78
N THR B 406 24.09 8.44 -26.27
CA THR B 406 23.19 9.27 -27.04
C THR B 406 23.21 10.70 -26.54
N ASP B 407 23.04 11.64 -27.48
CA ASP B 407 22.96 13.08 -27.18
C ASP B 407 24.23 13.54 -26.46
N THR B 408 25.35 13.51 -27.18
CA THR B 408 26.63 13.89 -26.62
C THR B 408 27.13 15.24 -27.11
N TYR B 409 26.79 15.65 -28.32
CA TYR B 409 27.32 16.91 -28.85
C TYR B 409 26.45 18.07 -28.38
N PRO B 410 27.00 19.01 -27.60
CA PRO B 410 26.18 20.07 -27.02
C PRO B 410 26.09 21.36 -27.82
N ASP B 411 26.56 21.38 -29.07
CA ASP B 411 26.49 22.58 -29.90
C ASP B 411 25.67 22.34 -31.16
N LYS B 412 24.63 21.52 -31.04
CA LYS B 412 23.76 21.18 -32.15
C LYS B 412 22.31 21.36 -31.73
N LEU B 413 21.49 21.93 -32.62
CA LEU B 413 20.08 22.13 -32.33
C LEU B 413 19.25 21.21 -33.19
N PRO B 414 18.56 20.23 -32.63
CA PRO B 414 17.85 19.26 -33.46
C PRO B 414 16.43 19.68 -33.83
N PHE B 415 16.16 19.82 -35.13
CA PHE B 415 14.84 20.16 -35.63
C PHE B 415 14.18 18.93 -36.22
N LYS B 416 12.86 19.00 -36.37
CA LYS B 416 12.06 17.88 -36.82
C LYS B 416 12.41 17.41 -38.23
N ASN B 417 13.30 18.10 -38.93
CA ASN B 417 13.80 17.59 -40.20
C ASN B 417 15.31 17.79 -40.33
N GLY B 418 16.05 17.64 -39.24
CA GLY B 418 17.49 17.66 -39.35
C GLY B 418 18.12 18.20 -38.08
N VAL B 419 19.34 18.71 -38.24
CA VAL B 419 20.12 19.27 -37.15
C VAL B 419 20.81 20.52 -37.66
N LEU B 420 20.78 21.58 -36.86
CA LEU B 420 21.47 22.82 -37.19
C LEU B 420 22.74 22.91 -36.36
N ASP B 421 23.88 23.10 -37.03
CA ASP B 421 25.17 23.22 -36.35
C ASP B 421 25.32 24.65 -35.87
N LEU B 422 25.18 24.88 -34.57
CA LEU B 422 25.18 26.23 -34.04
C LEU B 422 26.55 26.90 -34.17
N VAL B 423 27.63 26.10 -34.18
CA VAL B 423 28.95 26.68 -34.26
C VAL B 423 29.21 27.29 -35.63
N ASP B 424 28.78 26.62 -36.70
CA ASP B 424 28.96 27.11 -38.05
C ASP B 424 27.74 27.86 -38.57
N GLY B 425 26.59 27.19 -38.60
CA GLY B 425 25.37 27.81 -39.11
C GLY B 425 24.69 26.98 -40.18
N MET B 426 25.39 25.97 -40.71
CA MET B 426 24.80 25.12 -41.74
C MET B 426 23.78 24.18 -41.13
N PHE B 427 22.82 23.76 -41.95
CA PHE B 427 21.74 22.89 -41.54
C PHE B 427 21.91 21.54 -42.21
N TYR B 428 22.05 20.49 -41.41
CA TYR B 428 22.28 19.14 -41.91
C TYR B 428 20.97 18.35 -41.87
N SER B 429 20.67 17.67 -42.97
CA SER B 429 19.47 16.84 -43.05
C SER B 429 19.80 15.49 -43.68
N GLY B 430 19.10 14.46 -43.25
CA GLY B 430 19.29 13.15 -43.84
C GLY B 430 20.44 12.41 -43.20
N ASP B 431 21.32 11.87 -44.04
CA ASP B 431 22.45 11.10 -43.54
C ASP B 431 23.40 11.97 -42.72
N ASP B 432 23.66 13.20 -43.17
CA ASP B 432 24.62 14.05 -42.48
C ASP B 432 24.14 14.43 -41.09
N ALA B 433 22.83 14.45 -40.87
CA ALA B 433 22.27 14.71 -39.55
C ALA B 433 22.06 13.43 -38.75
N LYS B 434 22.31 12.26 -39.35
CA LYS B 434 22.14 11.00 -38.65
C LYS B 434 23.26 10.75 -37.66
N LYS B 435 24.45 11.28 -37.93
CA LYS B 435 25.61 10.99 -37.09
C LYS B 435 25.35 11.38 -35.65
N TYR B 436 24.69 12.50 -35.42
CA TYR B 436 24.47 13.02 -34.09
C TYR B 436 23.24 12.33 -33.51
N THR B 437 23.45 11.51 -32.47
CA THR B 437 22.35 10.72 -31.92
C THR B 437 21.47 11.56 -31.00
N CYS B 438 20.99 12.68 -31.54
CA CYS B 438 20.16 13.61 -30.81
C CYS B 438 18.75 13.02 -30.69
N THR B 439 18.40 12.53 -29.51
CA THR B 439 17.15 11.81 -29.32
C THR B 439 15.97 12.70 -28.97
N VAL B 440 16.17 14.02 -28.88
CA VAL B 440 15.08 14.97 -28.68
C VAL B 440 15.09 15.95 -29.83
N SER B 441 13.97 16.64 -30.04
CA SER B 441 13.84 17.56 -31.16
C SER B 441 12.87 18.67 -30.79
N THR B 442 12.98 19.78 -31.52
CA THR B 442 12.07 20.89 -31.29
C THR B 442 10.64 20.50 -31.66
N GLY B 443 10.48 19.76 -32.75
CA GLY B 443 9.17 19.31 -33.17
C GLY B 443 8.56 20.04 -34.35
N PHE B 444 9.30 20.94 -35.00
CA PHE B 444 8.79 21.64 -36.16
C PHE B 444 9.86 21.71 -37.24
N LYS B 445 9.41 21.88 -38.47
CA LYS B 445 10.33 21.93 -39.60
C LYS B 445 11.13 23.23 -39.57
N PHE B 446 12.20 23.26 -40.35
CA PHE B 446 13.09 24.42 -40.45
C PHE B 446 12.98 24.99 -41.85
N ASP B 447 12.34 26.16 -41.96
CA ASP B 447 12.20 26.86 -43.24
C ASP B 447 13.32 27.88 -43.36
N ASP B 448 14.27 27.62 -44.26
CA ASP B 448 15.37 28.54 -44.45
C ASP B 448 14.92 29.91 -44.94
N THR B 449 13.74 30.00 -45.56
CA THR B 449 13.25 31.29 -46.04
C THR B 449 12.93 32.22 -44.88
N LYS B 450 12.32 31.70 -43.82
CA LYS B 450 11.99 32.53 -42.65
C LYS B 450 13.19 32.82 -41.79
N PHE B 451 14.14 31.89 -41.70
CA PHE B 451 15.36 32.07 -40.90
C PHE B 451 16.29 33.05 -41.63
N VAL B 452 15.89 34.33 -41.60
CA VAL B 452 16.61 35.38 -42.30
C VAL B 452 16.77 36.57 -41.38
N GLU B 453 17.77 37.40 -41.67
CA GLU B 453 18.13 38.50 -40.80
C GLU B 453 17.18 39.68 -40.90
N ASP B 454 16.63 39.95 -42.09
CA ASP B 454 15.78 41.11 -42.31
C ASP B 454 14.39 40.65 -42.75
N SER B 455 13.38 41.09 -42.03
CA SER B 455 11.99 40.76 -42.33
C SER B 455 11.10 41.59 -41.39
N PRO B 456 9.85 41.85 -41.79
CA PRO B 456 8.95 42.61 -40.90
C PRO B 456 8.81 42.00 -39.52
N GLU B 457 8.73 40.66 -39.45
CA GLU B 457 8.66 40.01 -38.16
C GLU B 457 9.89 40.30 -37.31
N MET B 458 11.07 40.31 -37.95
CA MET B 458 12.28 40.66 -37.21
C MET B 458 12.22 42.09 -36.68
N GLU B 459 11.70 43.02 -37.50
CA GLU B 459 11.61 44.41 -37.06
C GLU B 459 10.69 44.54 -35.85
N GLU B 460 9.50 43.93 -35.92
CA GLU B 460 8.57 44.01 -34.80
C GLU B 460 9.13 43.31 -33.56
N LEU B 461 9.80 42.17 -33.74
CA LEU B 461 10.37 41.48 -32.60
C LEU B 461 11.48 42.29 -31.94
N MET B 462 12.32 42.94 -32.75
CA MET B 462 13.37 43.79 -32.19
C MET B 462 12.74 44.95 -31.43
N ASN B 463 11.65 45.51 -31.96
CA ASN B 463 10.96 46.58 -31.25
C ASN B 463 10.44 46.08 -29.90
N ILE B 464 9.82 44.89 -29.88
CA ILE B 464 9.28 44.36 -28.63
C ILE B 464 10.39 44.12 -27.62
N ILE B 465 11.49 43.51 -28.06
CA ILE B 465 12.59 43.20 -27.13
C ILE B 465 13.19 44.48 -26.58
N ASN B 466 13.43 45.48 -27.44
CA ASN B 466 13.95 46.75 -26.96
C ASN B 466 12.94 47.45 -26.06
N ASP B 467 11.65 47.13 -26.20
CA ASP B 467 10.65 47.71 -25.32
C ASP B 467 10.66 47.04 -23.94
N ILE B 468 10.95 45.73 -23.88
CA ILE B 468 10.96 45.04 -22.59
C ILE B 468 12.20 45.43 -21.79
N GLN B 469 13.37 45.27 -22.39
CA GLN B 469 14.64 45.65 -21.75
C GLN B 469 15.28 46.75 -22.55
N PRO B 470 15.19 48.01 -22.12
CA PRO B 470 15.71 49.12 -22.93
C PRO B 470 17.20 49.02 -23.13
N LEU B 471 17.66 49.55 -24.26
CA LEU B 471 19.08 49.55 -24.59
C LEU B 471 19.85 50.67 -23.90
N THR B 472 19.26 51.31 -22.89
CA THR B 472 19.91 52.44 -22.24
C THR B 472 21.16 51.96 -21.48
N ASP B 473 22.04 52.92 -21.19
CA ASP B 473 23.33 52.58 -20.59
C ASP B 473 23.15 52.03 -19.18
N GLU B 474 22.17 52.53 -18.43
CA GLU B 474 21.94 52.02 -17.08
C GLU B 474 21.51 50.57 -17.10
N ASN B 475 20.77 50.16 -18.13
CA ASN B 475 20.31 48.79 -18.28
C ASN B 475 21.26 47.94 -19.12
N LYS B 476 22.56 48.22 -19.07
CA LYS B 476 23.51 47.49 -19.90
C LYS B 476 23.79 46.11 -19.33
N LYS B 477 24.20 46.05 -18.06
CA LYS B 477 24.49 44.76 -17.44
C LYS B 477 23.23 43.89 -17.38
N ASN B 478 22.10 44.49 -17.06
CA ASN B 478 20.85 43.73 -16.99
C ASN B 478 20.49 43.12 -18.33
N ARG B 479 20.59 43.90 -19.41
CA ARG B 479 20.26 43.35 -20.73
C ARG B 479 21.28 42.30 -21.16
N GLU B 480 22.55 42.50 -20.83
CA GLU B 480 23.56 41.50 -21.17
C GLU B 480 23.25 40.18 -20.49
N LEU B 481 22.94 40.22 -19.19
CA LEU B 481 22.60 39.01 -18.48
C LEU B 481 21.33 38.38 -19.02
N TYR B 482 20.35 39.21 -19.39
CA TYR B 482 19.10 38.71 -19.98
C TYR B 482 19.37 37.97 -21.28
N GLU B 483 20.17 38.56 -22.16
CA GLU B 483 20.51 37.92 -23.43
C GLU B 483 21.25 36.61 -23.21
N LYS B 484 22.21 36.60 -22.27
CA LYS B 484 22.94 35.37 -22.01
C LYS B 484 22.03 34.29 -21.44
N THR B 485 21.13 34.65 -20.53
CA THR B 485 20.25 33.67 -19.93
C THR B 485 19.30 33.08 -20.95
N LEU B 486 18.84 33.89 -21.91
CA LEU B 486 17.98 33.34 -22.95
C LEU B 486 18.76 32.49 -23.95
N SER B 487 19.94 32.95 -24.35
CA SER B 487 20.71 32.22 -25.34
C SER B 487 21.27 30.90 -24.80
N SER B 488 21.44 30.78 -23.50
CA SER B 488 21.85 29.49 -22.94
C SER B 488 20.77 28.43 -23.06
N CYS B 489 19.63 28.75 -23.68
CA CYS B 489 18.59 27.75 -23.92
C CYS B 489 18.85 26.92 -25.17
N LEU B 490 19.94 27.20 -25.89
CA LEU B 490 20.33 26.39 -27.03
C LEU B 490 21.47 25.44 -26.71
N CYS B 491 22.26 25.71 -25.67
CA CYS B 491 23.36 24.85 -25.30
C CYS B 491 22.86 23.54 -24.71
N GLY B 492 23.52 22.45 -25.06
CA GLY B 492 23.15 21.14 -24.57
C GLY B 492 24.02 20.65 -23.42
N ALA B 493 24.71 21.56 -22.76
CA ALA B 493 25.54 21.20 -21.61
C ALA B 493 24.69 21.25 -20.34
N THR B 494 25.35 21.14 -19.19
CA THR B 494 24.67 21.17 -17.89
C THR B 494 24.95 22.54 -17.27
N LYS B 495 23.99 23.44 -17.41
CA LYS B 495 24.19 24.81 -16.95
C LYS B 495 24.30 24.86 -15.43
N GLY B 496 25.15 25.74 -14.94
CA GLY B 496 25.51 25.74 -13.53
C GLY B 496 24.99 26.90 -12.70
N CYS B 497 23.76 27.35 -12.96
CA CYS B 497 23.16 28.39 -12.14
C CYS B 497 21.67 28.44 -12.42
N LEU B 498 20.96 29.18 -11.56
CA LEU B 498 19.52 29.38 -11.67
C LEU B 498 19.23 30.85 -11.96
N THR B 499 18.23 31.09 -12.78
CA THR B 499 17.86 32.44 -13.17
C THR B 499 16.47 32.79 -12.62
N PHE B 500 16.35 33.96 -12.03
CA PHE B 500 15.10 34.44 -11.45
C PHE B 500 14.63 35.64 -12.24
N PHE B 501 13.53 35.48 -12.98
CA PHE B 501 12.88 36.59 -13.68
C PHE B 501 12.02 37.32 -12.66
N PHE B 502 12.58 38.35 -12.04
CA PHE B 502 11.89 39.08 -10.97
C PHE B 502 11.47 40.45 -11.48
N GLY B 503 10.24 40.84 -11.17
CA GLY B 503 9.75 42.14 -11.57
C GLY B 503 8.32 42.31 -11.08
N GLU B 504 7.84 43.54 -11.21
CA GLU B 504 6.47 43.85 -10.82
C GLU B 504 5.50 43.35 -11.88
N THR B 505 4.20 43.52 -11.62
CA THR B 505 3.18 43.01 -12.52
C THR B 505 3.14 43.80 -13.81
N ALA B 506 2.85 43.10 -14.91
CA ALA B 506 2.77 43.68 -16.25
C ALA B 506 4.10 44.33 -16.65
N THR B 507 5.13 43.49 -16.74
CA THR B 507 6.46 43.95 -17.12
C THR B 507 7.08 43.21 -18.29
N GLY B 508 6.67 41.97 -18.57
CA GLY B 508 7.14 41.29 -19.77
C GLY B 508 7.70 39.91 -19.55
N LYS B 509 7.52 39.35 -18.35
CA LYS B 509 8.06 38.02 -18.07
C LYS B 509 7.34 36.94 -18.86
N SER B 510 6.01 36.98 -18.86
CA SER B 510 5.25 35.97 -19.58
C SER B 510 5.41 36.11 -21.09
N THR B 511 5.57 37.33 -21.59
CA THR B 511 5.83 37.50 -23.01
C THR B 511 7.14 36.85 -23.42
N THR B 512 8.18 37.03 -22.61
CA THR B 512 9.47 36.38 -22.89
C THR B 512 9.34 34.87 -22.79
N LYS B 513 8.59 34.38 -21.81
CA LYS B 513 8.37 32.94 -21.71
C LYS B 513 7.67 32.40 -22.95
N ARG B 514 6.67 33.10 -23.45
CA ARG B 514 5.94 32.62 -24.63
C ARG B 514 6.78 32.70 -25.90
N LEU B 515 7.58 33.77 -26.04
CA LEU B 515 8.50 33.85 -27.17
C LEU B 515 9.49 32.70 -27.14
N LEU B 516 10.05 32.39 -25.97
CA LEU B 516 10.97 31.28 -25.84
C LEU B 516 10.27 29.95 -26.11
N LYS B 517 9.03 29.80 -25.65
CA LYS B 517 8.31 28.56 -25.88
C LYS B 517 8.00 28.34 -27.34
N SER B 518 7.70 29.40 -28.09
CA SER B 518 7.43 29.28 -29.51
C SER B 518 8.70 29.24 -30.34
N ALA B 519 9.85 29.59 -29.77
CA ALA B 519 11.11 29.48 -30.49
C ALA B 519 11.85 28.17 -30.26
N ILE B 520 12.04 27.76 -29.01
CA ILE B 520 12.75 26.51 -28.73
C ILE B 520 11.89 25.28 -28.93
N GLY B 521 10.58 25.44 -29.01
CA GLY B 521 9.73 24.30 -29.34
C GLY B 521 9.58 23.35 -28.18
N ASP B 522 9.72 22.06 -28.46
CA ASP B 522 9.54 21.03 -27.43
C ASP B 522 10.71 20.92 -26.47
N LEU B 523 11.80 21.64 -26.73
CA LEU B 523 12.91 21.67 -25.79
C LEU B 523 12.62 22.69 -24.69
N PHE B 524 11.42 22.63 -24.12
CA PHE B 524 10.97 23.63 -23.17
C PHE B 524 9.78 23.05 -22.44
N VAL B 525 9.84 23.01 -21.11
CA VAL B 525 8.79 22.39 -20.33
C VAL B 525 8.50 23.26 -19.11
N GLU B 526 7.24 23.29 -18.71
CA GLU B 526 6.81 23.98 -17.50
C GLU B 526 6.56 22.95 -16.41
N THR B 527 6.95 23.28 -15.18
CA THR B 527 6.83 22.37 -14.06
C THR B 527 6.33 23.15 -12.85
N GLY B 528 5.74 22.43 -11.90
CA GLY B 528 5.22 23.04 -10.71
C GLY B 528 6.31 23.39 -9.71
N GLN B 529 5.89 23.95 -8.59
CA GLN B 529 6.81 24.38 -7.54
C GLN B 529 7.23 23.26 -6.60
N THR B 530 6.77 22.02 -6.83
CA THR B 530 7.21 20.91 -6.00
C THR B 530 8.71 20.67 -6.14
N ILE B 531 9.26 20.91 -7.33
CA ILE B 531 10.69 20.66 -7.54
C ILE B 531 11.53 21.61 -6.70
N LEU B 532 11.03 22.82 -6.43
CA LEU B 532 11.78 23.82 -5.69
C LEU B 532 11.34 23.96 -4.25
N THR B 533 10.33 23.20 -3.80
CA THR B 533 9.85 23.34 -2.43
C THR B 533 9.72 22.00 -1.71
N ASP B 534 9.51 20.93 -2.45
CA ASP B 534 9.26 19.62 -1.85
C ASP B 534 10.43 18.68 -2.11
N VAL B 535 10.28 17.45 -1.67
CA VAL B 535 11.37 16.48 -1.73
C VAL B 535 11.54 16.00 -3.17
N LEU B 536 12.78 16.10 -3.67
CA LEU B 536 13.07 15.66 -5.02
C LEU B 536 12.94 14.15 -5.15
N ASP B 537 13.43 13.40 -4.17
CA ASP B 537 13.35 11.94 -4.25
C ASP B 537 11.97 11.45 -3.84
N LYS B 538 11.62 11.63 -2.55
CA LYS B 538 10.32 11.26 -2.00
C LYS B 538 9.78 9.96 -2.58
N GLY B 539 8.74 10.07 -3.39
CA GLY B 539 8.20 8.95 -4.13
C GLY B 539 8.05 9.29 -5.59
N PRO B 540 7.07 8.67 -6.26
CA PRO B 540 6.85 8.93 -7.69
C PRO B 540 6.63 10.40 -7.99
N ASN B 541 7.55 11.01 -8.74
CA ASN B 541 7.53 12.45 -8.99
C ASN B 541 7.66 12.71 -10.49
N PRO B 542 6.54 12.71 -11.22
CA PRO B 542 6.61 12.97 -12.67
C PRO B 542 7.06 14.38 -13.01
N PHE B 543 7.07 15.29 -12.04
CA PHE B 543 7.55 16.65 -12.26
C PHE B 543 9.07 16.72 -12.36
N ILE B 544 9.77 15.58 -12.39
CA ILE B 544 11.21 15.55 -12.57
C ILE B 544 11.54 14.60 -13.71
N ALA B 545 10.68 13.62 -13.94
CA ALA B 545 10.87 12.71 -15.05
C ALA B 545 10.69 13.39 -16.40
N ASN B 546 9.96 14.50 -16.45
CA ASN B 546 9.71 15.19 -17.71
C ASN B 546 10.79 16.20 -18.04
N MET B 547 11.57 16.66 -17.07
CA MET B 547 12.69 17.54 -17.34
C MET B 547 13.97 16.75 -17.57
N HIS B 548 13.89 15.76 -18.44
CA HIS B 548 15.02 14.92 -18.82
C HIS B 548 15.41 15.29 -20.25
N LEU B 549 16.63 15.82 -20.41
CA LEU B 549 17.21 16.32 -21.65
C LEU B 549 16.56 17.60 -22.14
N LYS B 550 15.61 18.17 -21.40
CA LYS B 550 15.06 19.47 -21.76
C LYS B 550 16.12 20.53 -21.60
N ARG B 551 16.12 21.50 -22.51
CA ARG B 551 17.12 22.56 -22.50
C ARG B 551 16.59 23.85 -21.89
N SER B 552 15.36 23.86 -21.36
CA SER B 552 14.84 25.02 -20.65
C SER B 552 13.65 24.59 -19.81
N VAL B 553 13.72 24.80 -18.51
CA VAL B 553 12.64 24.46 -17.58
C VAL B 553 12.18 25.74 -16.91
N PHE B 554 10.88 25.98 -16.90
CA PHE B 554 10.35 27.30 -16.58
C PHE B 554 9.30 27.21 -15.48
N CYS B 555 9.63 26.56 -14.36
CA CYS B 555 8.79 26.65 -13.18
C CYS B 555 8.61 28.11 -12.78
N SER B 556 7.38 28.50 -12.44
CA SER B 556 7.06 29.91 -12.22
C SER B 556 6.05 30.04 -11.09
N GLU B 557 5.67 31.29 -10.82
CA GLU B 557 4.63 31.64 -9.83
C GLU B 557 5.01 31.16 -8.43
N LEU B 558 6.05 31.79 -7.89
CA LEU B 558 6.45 31.49 -6.51
C LEU B 558 5.34 31.92 -5.54
N PRO B 559 5.12 31.16 -4.45
CA PRO B 559 3.94 31.33 -3.59
C PRO B 559 3.99 32.52 -2.64
N ASP B 560 4.38 33.68 -3.16
CA ASP B 560 4.22 34.96 -2.47
C ASP B 560 4.82 34.92 -1.05
N PHE B 561 6.14 34.74 -1.01
CA PHE B 561 6.84 34.59 0.25
C PHE B 561 6.84 35.85 1.10
N ALA B 562 6.15 36.92 0.67
CA ALA B 562 6.11 38.15 1.45
C ALA B 562 5.45 37.93 2.81
N CYS B 563 4.35 37.17 2.84
CA CYS B 563 3.69 36.87 4.10
C CYS B 563 4.50 35.92 4.98
N SER B 564 5.43 35.18 4.40
CA SER B 564 6.27 34.22 5.12
C SER B 564 5.41 33.19 5.85
N GLY B 565 4.33 32.75 5.22
CA GLY B 565 3.45 31.77 5.80
C GLY B 565 3.31 30.54 4.93
N SER B 566 4.41 30.11 4.32
CA SER B 566 4.41 28.95 3.44
C SER B 566 5.80 28.34 3.42
N LYS B 567 5.89 27.12 2.91
CA LYS B 567 7.16 26.41 2.83
C LYS B 567 8.14 27.19 1.96
N LYS B 568 9.37 27.34 2.46
CA LYS B 568 10.42 28.02 1.73
C LYS B 568 11.19 27.04 0.84
N ILE B 569 11.87 27.60 -0.16
CA ILE B 569 12.64 26.78 -1.09
C ILE B 569 13.87 26.24 -0.36
N ARG B 570 13.94 24.92 -0.24
CA ARG B 570 15.05 24.31 0.48
C ARG B 570 16.35 24.46 -0.31
N SER B 571 17.40 24.90 0.38
CA SER B 571 18.68 25.08 -0.28
C SER B 571 19.21 23.77 -0.83
N ASP B 572 18.89 22.66 -0.16
CA ASP B 572 19.29 21.35 -0.67
C ASP B 572 18.72 21.10 -2.06
N ASN B 573 17.49 21.55 -2.31
CA ASN B 573 16.91 21.42 -3.65
C ASN B 573 17.73 22.22 -4.67
N ILE B 574 18.14 23.43 -4.30
CA ILE B 574 18.94 24.24 -5.21
C ILE B 574 20.26 23.55 -5.54
N LYS B 575 20.92 23.00 -4.52
CA LYS B 575 22.17 22.29 -4.78
C LYS B 575 21.95 21.07 -5.67
N LYS B 576 20.91 20.28 -5.38
CA LYS B 576 20.69 19.05 -6.13
C LYS B 576 20.25 19.34 -7.56
N LEU B 577 19.67 20.51 -7.82
CA LEU B 577 19.22 20.83 -9.17
C LEU B 577 20.38 21.21 -10.08
N THR B 578 21.42 21.82 -9.53
CA THR B 578 22.55 22.32 -10.33
C THR B 578 23.67 21.29 -10.38
N GLU B 579 23.33 20.10 -10.86
CA GLU B 579 24.26 18.98 -10.90
C GLU B 579 24.09 18.25 -12.23
N PRO B 580 25.10 17.52 -12.68
CA PRO B 580 24.99 16.83 -13.97
C PRO B 580 23.89 15.79 -14.02
N CYS B 581 23.43 15.29 -12.88
CA CYS B 581 22.30 14.38 -12.85
C CYS B 581 21.38 14.75 -11.70
N VAL B 582 20.08 14.60 -11.92
CA VAL B 582 19.07 14.90 -10.91
C VAL B 582 18.25 13.64 -10.67
N ILE B 583 18.01 13.32 -9.41
CA ILE B 583 17.37 12.06 -9.02
C ILE B 583 15.87 12.28 -8.93
N GLY B 584 15.11 11.49 -9.69
CA GLY B 584 13.67 11.59 -9.66
C GLY B 584 13.01 10.42 -10.34
N ARG B 585 11.70 10.28 -10.09
CA ARG B 585 10.82 9.26 -10.63
C ARG B 585 11.22 7.85 -10.20
N PRO B 586 11.08 7.50 -8.91
CA PRO B 586 11.28 6.12 -8.45
C PRO B 586 10.01 5.28 -8.45
N CYS B 587 9.31 5.24 -9.58
CA CYS B 587 8.02 4.57 -9.64
C CYS B 587 7.99 3.41 -10.63
N PHE B 588 8.33 3.65 -11.89
CA PHE B 588 8.19 2.63 -12.93
C PHE B 588 8.90 3.14 -14.18
N SER B 589 8.90 2.31 -15.23
CA SER B 589 9.52 2.64 -16.51
C SER B 589 10.98 3.04 -16.30
N ASN B 590 11.76 2.01 -15.97
CA ASN B 590 13.01 2.12 -15.19
C ASN B 590 13.80 3.38 -15.52
N LYS B 591 14.02 4.20 -14.48
CA LYS B 591 14.86 5.39 -14.50
C LYS B 591 14.94 5.93 -13.08
N ILE B 592 16.11 6.40 -12.69
CA ILE B 592 16.29 7.00 -11.36
C ILE B 592 17.00 8.34 -11.49
N ASN B 593 17.78 8.50 -12.56
CA ASN B 593 18.58 9.69 -12.77
C ASN B 593 18.24 10.32 -14.11
N ASN B 594 18.28 11.64 -14.16
CA ASN B 594 17.91 12.40 -15.35
C ASN B 594 18.99 13.43 -15.65
N ARG B 595 19.22 13.67 -16.94
CA ARG B 595 20.25 14.62 -17.39
C ARG B 595 19.75 16.04 -17.23
N ASN B 596 20.49 16.84 -16.47
CA ASN B 596 20.10 18.24 -16.23
C ASN B 596 20.77 19.14 -17.27
N HIS B 597 20.26 19.05 -18.49
CA HIS B 597 20.66 19.95 -19.57
C HIS B 597 20.01 21.32 -19.44
N ALA B 598 19.07 21.48 -18.51
CA ALA B 598 18.17 22.63 -18.51
C ALA B 598 18.78 23.82 -17.78
N THR B 599 18.34 25.00 -18.19
CA THR B 599 18.58 26.24 -17.45
C THR B 599 17.27 26.62 -16.79
N ILE B 600 17.23 26.49 -15.47
CA ILE B 600 15.99 26.70 -14.73
C ILE B 600 15.75 28.19 -14.56
N ILE B 601 14.58 28.66 -14.99
CA ILE B 601 14.17 30.04 -14.84
C ILE B 601 12.88 30.06 -14.03
N ILE B 602 12.88 30.80 -12.92
CA ILE B 602 11.73 30.88 -12.04
C ILE B 602 11.19 32.30 -12.12
N ASP B 603 10.06 32.47 -12.80
CA ASP B 603 9.44 33.79 -12.96
C ASP B 603 8.76 34.16 -11.66
N THR B 604 9.44 34.95 -10.84
CA THR B 604 8.97 35.30 -9.51
C THR B 604 8.12 36.58 -9.58
N ASN B 605 7.65 37.00 -8.41
CA ASN B 605 6.99 38.30 -8.28
C ASN B 605 7.55 39.02 -7.06
N TYR B 606 8.01 38.25 -6.07
CA TYR B 606 8.70 38.79 -4.91
C TYR B 606 10.03 38.08 -4.76
N LYS B 607 10.92 38.66 -3.97
CA LYS B 607 12.23 38.07 -3.76
C LYS B 607 12.09 36.72 -3.05
N PRO B 608 12.90 35.73 -3.41
CA PRO B 608 12.71 34.39 -2.87
C PRO B 608 13.10 34.32 -1.40
N VAL B 609 12.50 33.35 -0.70
CA VAL B 609 12.80 33.06 0.70
C VAL B 609 13.31 31.64 0.79
N PHE B 610 14.48 31.46 1.39
CA PHE B 610 15.15 30.18 1.46
C PHE B 610 15.03 29.58 2.85
N ASP B 611 15.48 28.33 2.98
CA ASP B 611 15.48 27.66 4.26
C ASP B 611 16.77 27.93 5.03
N ARG B 612 17.91 27.52 4.48
CA ARG B 612 19.21 27.71 5.11
C ARG B 612 20.14 28.39 4.11
N ILE B 613 20.60 29.58 4.44
CA ILE B 613 21.47 30.35 3.56
C ILE B 613 22.91 29.96 3.83
N ASP B 614 23.63 29.58 2.78
CA ASP B 614 25.03 29.16 2.88
C ASP B 614 25.83 29.83 1.78
N ASN B 615 27.15 29.68 1.85
CA ASN B 615 28.01 30.16 0.77
C ASN B 615 27.81 29.36 -0.50
N ALA B 616 27.45 28.08 -0.37
CA ALA B 616 27.17 27.27 -1.56
C ALA B 616 25.94 27.78 -2.29
N LEU B 617 24.90 28.15 -1.55
CA LEU B 617 23.70 28.71 -2.18
C LEU B 617 23.90 30.12 -2.67
N MET B 618 25.02 30.76 -2.34
CA MET B 618 25.34 32.08 -2.88
C MET B 618 25.95 32.01 -4.27
N ARG B 619 26.22 30.80 -4.77
CA ARG B 619 26.85 30.63 -6.07
C ARG B 619 25.89 30.17 -7.16
N ARG B 620 24.75 29.61 -6.79
CA ARG B 620 23.81 29.01 -7.73
C ARG B 620 22.49 29.77 -7.79
N ILE B 621 22.55 31.09 -7.89
CA ILE B 621 21.34 31.91 -7.99
C ILE B 621 21.67 33.21 -8.70
N ALA B 622 20.83 33.58 -9.66
CA ALA B 622 20.94 34.84 -10.39
C ALA B 622 19.59 35.53 -10.38
N VAL B 623 19.49 36.66 -11.07
CA VAL B 623 18.23 37.38 -11.15
C VAL B 623 18.30 38.35 -12.32
N VAL B 624 17.19 38.49 -13.03
CA VAL B 624 17.00 39.48 -14.07
C VAL B 624 15.79 40.32 -13.71
N ARG B 625 15.95 41.64 -13.67
CA ARG B 625 14.88 42.52 -13.23
C ARG B 625 14.27 43.25 -14.42
N PHE B 626 12.94 43.21 -14.50
CA PHE B 626 12.18 43.90 -15.54
C PHE B 626 11.59 45.17 -14.97
N ARG B 627 11.85 46.29 -15.64
CA ARG B 627 11.47 47.61 -15.14
C ARG B 627 10.84 48.44 -16.25
N THR B 628 9.83 47.90 -16.92
CA THR B 628 9.07 48.64 -17.91
C THR B 628 7.62 48.19 -17.84
N HIS B 629 6.71 49.13 -17.55
CA HIS B 629 5.30 48.81 -17.40
C HIS B 629 4.57 48.95 -18.72
N PHE B 630 3.46 48.22 -18.82
CA PHE B 630 2.67 48.13 -20.05
C PHE B 630 1.22 48.51 -19.76
N SER B 631 1.04 49.68 -19.16
CA SER B 631 -0.22 50.02 -18.51
C SER B 631 -1.33 50.29 -19.53
N GLN B 632 -2.56 50.12 -19.06
CA GLN B 632 -3.71 50.56 -19.83
C GLN B 632 -3.77 52.09 -19.82
N PRO B 633 -4.38 52.69 -20.85
CA PRO B 633 -4.42 54.16 -20.91
C PRO B 633 -5.08 54.81 -19.71
N SER B 634 -6.07 54.14 -19.10
CA SER B 634 -6.71 54.70 -17.92
C SER B 634 -5.73 54.79 -16.75
N GLY B 635 -4.88 53.78 -16.59
CA GLY B 635 -3.95 53.74 -15.48
C GLY B 635 -2.54 54.18 -15.84
N ARG B 636 -2.38 54.88 -16.95
CA ARG B 636 -1.06 55.36 -17.35
C ARG B 636 -0.51 56.35 -16.33
N GLU B 637 -1.35 57.25 -15.83
CA GLU B 637 -0.91 58.24 -14.86
C GLU B 637 -0.48 57.58 -13.56
N ALA B 638 -1.23 56.58 -13.10
CA ALA B 638 -0.89 55.91 -11.85
C ALA B 638 0.46 55.20 -11.94
N ALA B 639 0.72 54.55 -13.07
CA ALA B 639 2.01 53.88 -13.25
C ALA B 639 3.13 54.88 -13.46
N GLU B 640 2.81 56.06 -14.00
CA GLU B 640 3.83 57.07 -14.23
C GLU B 640 4.41 57.63 -12.93
N ASN B 641 3.76 57.36 -11.79
CA ASN B 641 4.21 57.84 -10.50
C ASN B 641 4.71 56.72 -9.59
N ASN B 642 4.95 55.53 -10.13
CA ASN B 642 5.42 54.40 -9.35
C ASN B 642 6.93 54.27 -9.49
N ASP B 643 7.62 54.03 -8.37
CA ASP B 643 9.06 53.88 -8.38
C ASP B 643 9.50 52.52 -8.92
N ALA B 644 8.60 51.54 -8.94
CA ALA B 644 8.94 50.21 -9.42
C ALA B 644 9.04 50.13 -10.93
N TYR B 645 8.66 51.19 -11.65
CA TYR B 645 8.74 51.23 -13.11
C TYR B 645 9.62 52.39 -13.54
N ASP B 646 10.64 52.09 -14.34
CA ASP B 646 11.51 53.10 -14.91
C ASP B 646 11.03 53.59 -16.26
N LYS B 647 9.91 53.05 -16.76
CA LYS B 647 9.34 53.45 -18.03
C LYS B 647 7.92 52.89 -18.11
N VAL B 648 7.03 53.63 -18.75
CA VAL B 648 5.64 53.23 -18.91
C VAL B 648 5.26 53.32 -20.38
N LYS B 649 4.71 52.24 -20.92
CA LYS B 649 4.23 52.21 -22.29
C LYS B 649 2.77 51.74 -22.30
N LEU B 650 2.19 51.71 -23.49
CA LEU B 650 0.80 51.35 -23.67
C LEU B 650 0.67 49.89 -24.09
N LEU B 651 -0.26 49.19 -23.46
CA LEU B 651 -0.44 47.77 -23.73
C LEU B 651 -0.93 47.54 -25.15
N ASP B 652 -0.54 46.40 -25.72
CA ASP B 652 -1.00 45.96 -27.03
C ASP B 652 -1.95 44.79 -26.82
N GLU B 653 -3.18 44.93 -27.32
CA GLU B 653 -4.21 43.93 -27.03
C GLU B 653 -3.96 42.62 -27.77
N GLY B 654 -3.59 42.69 -29.04
CA GLY B 654 -3.45 41.52 -29.87
C GLY B 654 -2.04 40.97 -29.99
N LEU B 655 -1.11 41.45 -29.18
CA LEU B 655 0.26 40.93 -29.26
C LEU B 655 0.33 39.47 -28.85
N ASP B 656 -0.38 39.10 -27.78
CA ASP B 656 -0.33 37.72 -27.30
C ASP B 656 -0.95 36.75 -28.28
N GLY B 657 -2.01 37.18 -28.96
CA GLY B 657 -2.60 36.34 -29.99
C GLY B 657 -1.63 36.04 -31.11
N LYS B 658 -0.82 37.03 -31.50
CA LYS B 658 0.16 36.81 -32.57
C LYS B 658 1.33 35.96 -32.08
N ILE B 659 1.80 36.22 -30.85
CA ILE B 659 2.92 35.45 -30.32
C ILE B 659 2.55 33.98 -30.19
N GLN B 660 1.36 33.71 -29.64
CA GLN B 660 0.92 32.33 -29.48
C GLN B 660 0.56 31.69 -30.81
N ASN B 661 0.35 32.49 -31.85
CA ASN B 661 0.05 31.98 -33.18
C ASN B 661 1.33 31.69 -33.97
N ASN B 662 2.44 31.48 -33.28
CA ASN B 662 3.69 31.03 -33.88
C ASN B 662 4.18 31.97 -34.99
N ARG B 663 4.03 33.28 -34.76
CA ARG B 663 4.49 34.24 -35.76
C ARG B 663 5.98 34.49 -35.63
N TYR B 664 6.41 35.04 -34.50
CA TYR B 664 7.83 35.32 -34.27
C TYR B 664 8.56 34.05 -33.81
N ARG B 665 8.42 33.00 -34.63
CA ARG B 665 9.00 31.72 -34.27
C ARG B 665 10.42 31.56 -34.80
N PHE B 666 10.65 31.92 -36.06
CA PHE B 666 11.98 31.80 -36.64
C PHE B 666 12.80 33.07 -36.48
N ALA B 667 12.16 34.22 -36.39
CA ALA B 667 12.90 35.44 -36.09
C ALA B 667 13.57 35.37 -34.73
N PHE B 668 12.84 34.88 -33.73
CA PHE B 668 13.46 34.76 -32.40
C PHE B 668 14.50 33.66 -32.35
N LEU B 669 14.32 32.58 -33.12
CA LEU B 669 15.38 31.58 -33.20
C LEU B 669 16.64 32.18 -33.80
N TYR B 670 16.49 33.01 -34.83
CA TYR B 670 17.66 33.68 -35.41
C TYR B 670 18.30 34.62 -34.40
N LEU B 671 17.50 35.39 -33.67
CA LEU B 671 18.05 36.29 -32.68
C LEU B 671 18.79 35.52 -31.59
N LEU B 672 18.23 34.39 -31.16
CA LEU B 672 18.87 33.58 -30.14
C LEU B 672 20.19 33.00 -30.64
N VAL B 673 20.23 32.57 -31.90
CA VAL B 673 21.48 32.04 -32.46
C VAL B 673 22.54 33.14 -32.53
N LYS B 674 22.13 34.35 -32.93
CA LYS B 674 23.06 35.48 -32.93
C LYS B 674 23.61 35.76 -31.55
N TRP B 675 22.73 35.78 -30.54
CA TRP B 675 23.19 35.99 -29.17
C TRP B 675 24.12 34.88 -28.72
N TYR B 676 23.80 33.64 -29.10
CA TYR B 676 24.64 32.50 -28.74
C TYR B 676 26.04 32.67 -29.32
N LYS B 677 26.13 33.07 -30.58
CA LYS B 677 27.45 33.31 -31.17
C LYS B 677 28.16 34.45 -30.48
N LYS B 678 27.42 35.50 -30.10
CA LYS B 678 28.05 36.66 -29.49
C LYS B 678 28.63 36.34 -28.11
N TYR B 679 27.85 35.64 -27.28
CA TYR B 679 28.22 35.43 -25.88
C TYR B 679 29.02 34.17 -25.65
N HIS B 680 29.35 33.41 -26.68
CA HIS B 680 30.02 32.13 -26.51
C HIS B 680 31.51 32.35 -26.73
N ILE B 681 32.22 32.64 -25.65
CA ILE B 681 33.69 32.72 -25.65
C ILE B 681 34.19 31.29 -25.84
N PRO B 682 35.52 31.04 -25.83
CA PRO B 682 35.98 29.64 -25.86
C PRO B 682 35.23 28.71 -24.91
N ILE B 683 34.59 29.28 -23.89
CA ILE B 683 33.69 28.54 -23.02
C ILE B 683 32.67 29.52 -22.45
N MET B 684 31.40 29.11 -22.42
CA MET B 684 30.33 29.92 -21.86
C MET B 684 29.96 29.40 -20.48
N LYS B 685 29.87 30.31 -19.51
CA LYS B 685 29.59 29.95 -18.14
C LYS B 685 28.67 30.98 -17.51
N LEU B 686 27.68 30.50 -16.76
CA LEU B 686 26.76 31.39 -16.08
C LEU B 686 27.33 31.81 -14.74
N TYR B 687 27.20 33.10 -14.41
CA TYR B 687 27.73 33.65 -13.18
C TYR B 687 26.60 34.18 -12.30
N PRO B 688 26.67 33.95 -10.99
CA PRO B 688 25.60 34.42 -10.10
C PRO B 688 25.72 35.90 -9.80
N THR B 689 24.61 36.47 -9.33
CA THR B 689 24.56 37.84 -8.84
C THR B 689 23.91 37.84 -7.46
N PRO B 690 24.63 37.34 -6.45
CA PRO B 690 24.03 37.28 -5.10
C PRO B 690 23.89 38.62 -4.42
N GLU B 691 24.58 39.65 -4.92
CA GLU B 691 24.46 40.98 -4.33
C GLU B 691 23.08 41.59 -4.57
N GLU B 692 22.31 41.05 -5.52
CA GLU B 692 20.97 41.58 -5.77
C GLU B 692 19.99 41.17 -4.67
N ILE B 693 20.06 39.92 -4.22
CA ILE B 693 19.07 39.40 -3.28
C ILE B 693 19.29 40.02 -1.90
N PRO B 694 18.31 40.72 -1.34
CA PRO B 694 18.44 41.19 0.05
C PRO B 694 18.59 40.07 1.04
N ASP B 695 17.95 38.92 0.79
CA ASP B 695 18.02 37.79 1.72
C ASP B 695 19.43 37.25 1.86
N PHE B 696 20.31 37.52 0.90
CA PHE B 696 21.71 37.10 0.97
C PHE B 696 22.63 38.19 1.48
N ALA B 697 22.08 39.33 1.88
CA ALA B 697 22.93 40.46 2.27
C ALA B 697 23.67 40.20 3.57
N PHE B 698 22.97 39.67 4.58
CA PHE B 698 23.55 39.58 5.92
C PHE B 698 24.81 38.74 5.93
N TYR B 699 24.74 37.52 5.41
CA TYR B 699 25.93 36.68 5.35
C TYR B 699 26.99 37.26 4.43
N LEU B 700 26.61 38.10 3.46
CA LEU B 700 27.59 38.89 2.74
C LEU B 700 28.13 40.01 3.61
N LYS B 701 27.23 40.71 4.31
CA LYS B 701 27.65 41.84 5.14
C LYS B 701 28.60 41.38 6.23
N ILE B 702 28.32 40.22 6.85
CA ILE B 702 29.24 39.66 7.84
C ILE B 702 30.61 39.46 7.23
N GLY B 703 30.66 38.98 5.99
CA GLY B 703 31.94 38.81 5.32
C GLY B 703 32.71 40.10 5.19
N THR B 704 32.01 41.23 5.06
CA THR B 704 32.64 42.54 5.01
C THR B 704 32.71 43.23 6.36
N LEU B 705 32.19 42.59 7.42
CA LEU B 705 32.19 43.20 8.74
C LEU B 705 32.93 42.41 9.80
N LEU B 706 33.25 41.14 9.54
CA LEU B 706 33.98 40.31 10.49
C LEU B 706 35.21 39.73 9.80
N VAL B 707 36.37 39.85 10.44
CA VAL B 707 37.61 39.31 9.94
C VAL B 707 38.16 38.32 10.97
N SER B 708 38.48 37.12 10.52
CA SER B 708 38.98 36.08 11.42
C SER B 708 40.38 36.43 11.91
N SER B 709 40.78 35.79 13.00
CA SER B 709 42.07 36.07 13.61
C SER B 709 43.20 35.72 12.65
N SER B 710 44.20 36.61 12.60
CA SER B 710 45.36 36.45 11.74
C SER B 710 46.62 36.43 12.59
N VAL B 711 47.55 35.53 12.23
CA VAL B 711 48.80 35.42 12.97
C VAL B 711 49.62 36.70 12.84
N LYS B 712 49.70 37.25 11.63
CA LYS B 712 50.50 38.45 11.40
C LYS B 712 49.93 39.67 12.11
N HIS B 713 48.65 39.64 12.49
CA HIS B 713 48.05 40.75 13.22
C HIS B 713 48.39 40.76 14.69
N ILE B 714 49.10 39.72 15.17
CA ILE B 714 49.50 39.69 16.59
C ILE B 714 50.35 40.89 16.96
N PRO B 715 51.28 41.35 16.12
CA PRO B 715 52.19 42.42 16.54
C PRO B 715 51.51 43.77 16.73
N LEU B 716 50.52 43.82 17.63
CA LEU B 716 49.85 45.07 17.98
C LEU B 716 49.59 45.15 19.48
N MET B 717 50.57 44.80 20.30
CA MET B 717 50.34 44.63 21.74
C MET B 717 49.84 45.91 22.39
N THR B 718 50.51 47.04 22.14
CA THR B 718 50.05 48.30 22.71
C THR B 718 48.68 48.68 22.14
N ASP B 719 48.51 48.51 20.83
CA ASP B 719 47.21 48.82 20.22
C ASP B 719 46.13 47.86 20.71
N LEU B 720 46.47 46.59 20.91
CA LEU B 720 45.49 45.64 21.44
C LEU B 720 45.09 46.02 22.86
N SER B 721 46.06 46.45 23.68
CA SER B 721 45.73 46.90 25.03
C SER B 721 44.85 48.13 25.00
N LYS B 722 45.13 49.07 24.09
CA LYS B 722 44.29 50.26 23.96
C LYS B 722 42.89 49.92 23.43
N LYS B 723 42.77 48.86 22.63
CA LYS B 723 41.46 48.50 22.09
C LYS B 723 40.55 47.90 23.15
N GLY B 724 41.12 47.10 24.05
CA GLY B 724 40.36 46.46 25.11
C GLY B 724 40.08 44.98 24.93
N TYR B 725 40.67 44.35 23.90
CA TYR B 725 40.48 42.92 23.70
C TYR B 725 41.20 42.13 24.77
N ILE B 726 40.71 40.90 24.99
CA ILE B 726 41.29 39.98 25.97
C ILE B 726 42.20 39.02 25.24
N LEU B 727 43.47 38.96 25.66
CA LEU B 727 44.46 38.11 25.02
C LEU B 727 44.43 36.73 25.67
N TYR B 728 43.85 35.76 24.98
CA TYR B 728 43.74 34.39 25.48
C TYR B 728 44.08 33.42 24.38
N ASP B 729 44.91 32.43 24.69
CA ASP B 729 45.30 31.37 23.75
C ASP B 729 45.84 31.95 22.46
N ASN B 730 46.68 32.98 22.58
CA ASN B 730 47.28 33.68 21.43
C ASN B 730 46.20 34.18 20.47
N VAL B 731 45.09 34.66 21.03
CA VAL B 731 43.96 35.17 20.26
C VAL B 731 43.35 36.34 21.00
N VAL B 732 42.56 37.13 20.27
CA VAL B 732 41.84 38.26 20.82
C VAL B 732 40.37 37.89 20.95
N THR B 733 39.86 37.91 22.17
CA THR B 733 38.48 37.53 22.45
C THR B 733 37.79 38.64 23.23
N LEU B 734 36.48 38.69 23.10
CA LEU B 734 35.63 39.67 23.76
C LEU B 734 34.45 38.95 24.41
N PRO B 735 33.82 39.59 25.40
CA PRO B 735 32.70 38.93 26.10
C PRO B 735 31.46 38.85 25.22
N LEU B 736 30.50 38.06 25.68
CA LEU B 736 29.24 37.92 24.96
C LEU B 736 28.49 39.25 24.91
N THR B 737 28.51 40.01 26.00
CA THR B 737 27.88 41.33 25.99
C THR B 737 28.58 42.25 25.01
N THR B 738 29.92 42.19 24.95
CA THR B 738 30.66 42.97 23.97
C THR B 738 30.30 42.56 22.55
N PHE B 739 30.11 41.25 22.32
CA PHE B 739 29.69 40.77 21.01
C PHE B 739 28.31 41.31 20.65
N GLN B 740 27.39 41.32 21.60
CA GLN B 740 26.06 41.86 21.35
C GLN B 740 26.12 43.35 21.05
N GLN B 741 26.95 44.09 21.78
CA GLN B 741 27.11 45.52 21.53
C GLN B 741 27.68 45.78 20.15
N LYS B 742 28.69 44.99 19.75
CA LYS B 742 29.27 45.15 18.42
C LYS B 742 28.24 44.82 17.34
N ILE B 743 27.44 43.78 17.54
CA ILE B 743 26.41 43.43 16.58
C ILE B 743 25.37 44.53 16.47
N SER B 744 24.96 45.11 17.60
CA SER B 744 24.02 46.22 17.57
C SER B 744 24.61 47.42 16.83
N LYS B 745 25.89 47.71 17.07
CA LYS B 745 26.56 48.80 16.37
C LYS B 745 26.81 48.51 14.90
N TYR B 746 26.71 47.24 14.49
CA TYR B 746 26.96 46.87 13.10
C TYR B 746 25.70 46.90 12.25
N PHE B 747 24.53 46.68 12.85
CA PHE B 747 23.27 46.66 12.10
C PHE B 747 22.12 46.81 13.09
N ASN B 748 20.92 47.00 12.53
CA ASN B 748 19.73 47.11 13.36
C ASN B 748 19.51 45.83 14.15
N SER B 749 19.23 45.97 15.45
CA SER B 749 19.06 44.80 16.31
C SER B 749 17.81 44.01 15.92
N ARG B 750 16.68 44.70 15.77
CA ARG B 750 15.43 44.00 15.48
C ARG B 750 15.48 43.33 14.11
N LEU B 751 16.05 44.01 13.11
CA LEU B 751 16.03 43.50 11.75
C LEU B 751 17.04 42.39 11.50
N PHE B 752 18.04 42.24 12.37
CA PHE B 752 19.11 41.27 12.13
C PHE B 752 19.42 40.41 13.35
N GLY B 753 18.51 40.36 14.33
CA GLY B 753 18.76 39.55 15.51
C GLY B 753 18.87 38.07 15.20
N HIS B 754 17.98 37.56 14.36
CA HIS B 754 18.04 36.14 14.00
C HIS B 754 19.32 35.82 13.27
N ASP B 755 19.74 36.69 12.33
CA ASP B 755 20.98 36.46 11.60
C ASP B 755 22.18 36.49 12.53
N ILE B 756 22.21 37.44 13.47
CA ILE B 756 23.32 37.52 14.42
C ILE B 756 23.37 36.29 15.29
N GLU B 757 22.21 35.83 15.79
CA GLU B 757 22.18 34.65 16.63
C GLU B 757 22.64 33.41 15.88
N SER B 758 22.17 33.25 14.63
CA SER B 758 22.59 32.10 13.84
C SER B 758 24.09 32.14 13.55
N PHE B 759 24.62 33.32 13.22
CA PHE B 759 26.05 33.44 12.97
C PHE B 759 26.87 33.13 14.21
N ILE B 760 26.42 33.61 15.37
CA ILE B 760 27.13 33.33 16.60
C ILE B 760 27.10 31.84 16.93
N ASN B 761 25.94 31.21 16.75
CA ASN B 761 25.82 29.78 17.03
C ASN B 761 26.71 28.97 16.10
N ARG B 762 26.74 29.30 14.81
CA ARG B 762 27.49 28.49 13.85
C ARG B 762 28.99 28.71 14.01
N HIS B 763 29.42 29.94 14.25
CA HIS B 763 30.84 30.29 14.27
C HIS B 763 31.41 30.40 15.68
N LYS B 764 30.71 29.89 16.68
CA LYS B 764 31.22 29.92 18.04
C LYS B 764 32.45 29.01 18.18
N LYS B 765 33.42 29.47 18.95
CA LYS B 765 34.66 28.75 19.20
C LYS B 765 34.87 28.63 20.72
N PHE B 766 36.02 28.09 21.10
CA PHE B 766 36.38 27.92 22.51
C PHE B 766 37.30 29.09 22.90
N ALA B 767 36.76 30.06 23.62
CA ALA B 767 37.49 31.23 24.05
C ALA B 767 36.66 31.95 25.10
N ASN B 768 37.20 33.05 25.61
CA ASN B 768 36.53 33.94 26.57
C ASN B 768 36.16 33.13 27.80
N VAL B 769 35.02 33.41 28.44
CA VAL B 769 34.61 32.69 29.65
C VAL B 769 33.88 31.43 29.25
N SER B 770 34.29 30.29 29.82
CA SER B 770 33.68 29.00 29.55
C SER B 770 33.72 28.67 28.07
N ASP B 771 32.64 28.96 27.37
CA ASP B 771 32.53 28.64 25.95
C ASP B 771 31.64 29.70 25.29
N GLU B 772 31.17 29.41 24.08
CA GLU B 772 30.31 30.30 23.31
C GLU B 772 30.99 31.65 23.07
N TYR B 773 32.15 31.60 22.44
CA TYR B 773 32.90 32.79 22.08
C TYR B 773 33.31 32.72 20.61
N LEU B 774 33.19 33.84 19.92
CA LEU B 774 33.53 33.94 18.51
C LEU B 774 34.93 34.50 18.37
N GLN B 775 35.82 33.75 17.74
CA GLN B 775 37.21 34.18 17.54
C GLN B 775 37.37 34.92 16.22
N TYR B 776 36.55 35.96 16.02
CA TYR B 776 36.63 36.80 14.84
C TYR B 776 36.46 38.25 15.27
N ILE B 777 37.43 39.09 14.91
CA ILE B 777 37.41 40.49 15.29
C ILE B 777 36.60 41.28 14.27
N PHE B 778 36.23 42.52 14.62
CA PHE B 778 35.57 43.38 13.66
C PHE B 778 36.50 43.69 12.50
N ILE B 779 35.92 43.85 11.31
CA ILE B 779 36.73 44.08 10.10
C ILE B 779 37.53 45.37 10.25
N GLU B 780 36.88 46.44 10.71
CA GLU B 780 37.60 47.68 10.97
C GLU B 780 38.62 47.50 12.10
N ASP B 781 38.24 46.78 13.15
CA ASP B 781 39.15 46.53 14.26
C ASP B 781 40.33 45.67 13.82
N ILE B 782 40.08 44.64 13.02
CA ILE B 782 41.16 43.77 12.56
C ILE B 782 42.09 44.51 11.62
N SER B 783 41.54 45.33 10.72
CA SER B 783 42.37 46.13 9.82
C SER B 783 43.18 47.16 10.61
N SER B 784 42.57 47.78 11.61
CA SER B 784 43.31 48.70 12.47
C SER B 784 44.34 47.94 13.30
N PRO B 785 45.44 48.61 13.68
CA PRO B 785 46.50 47.99 14.48
C PRO B 785 46.01 47.52 15.85
N GLY C 323 -23.65 -15.52 -45.63
CA GLY C 323 -22.61 -14.51 -45.68
C GLY C 323 -22.18 -14.05 -44.30
N ASN C 324 -21.18 -14.74 -43.74
CA ASN C 324 -20.67 -14.45 -42.41
C ASN C 324 -21.79 -14.54 -41.37
N LYS C 325 -22.26 -15.78 -41.18
CA LYS C 325 -23.31 -16.12 -40.22
C LYS C 325 -23.20 -15.35 -38.92
N LEU C 326 -21.99 -15.24 -38.38
CA LEU C 326 -21.81 -14.61 -37.07
C LEU C 326 -22.13 -13.13 -37.11
N PHE C 327 -21.80 -12.45 -38.22
CA PHE C 327 -22.18 -11.05 -38.34
C PHE C 327 -23.70 -10.89 -38.39
N ASN C 328 -24.37 -11.79 -39.10
CA ASN C 328 -25.83 -11.74 -39.16
C ASN C 328 -26.44 -11.97 -37.79
N ILE C 329 -25.90 -12.92 -37.02
CA ILE C 329 -26.38 -13.14 -35.66
C ILE C 329 -26.16 -11.91 -34.81
N ALA C 330 -25.00 -11.27 -34.94
CA ALA C 330 -24.71 -10.08 -34.16
C ALA C 330 -25.69 -8.96 -34.49
N GLN C 331 -25.99 -8.77 -35.77
CA GLN C 331 -26.97 -7.75 -36.15
C GLN C 331 -28.35 -8.07 -35.59
N ARG C 332 -28.76 -9.34 -35.62
CA ARG C 332 -30.07 -9.69 -35.10
C ARG C 332 -30.15 -9.45 -33.60
N ILE C 333 -29.10 -9.78 -32.86
CA ILE C 333 -29.09 -9.53 -31.42
C ILE C 333 -29.07 -8.03 -31.13
N LEU C 334 -28.37 -7.26 -31.96
CA LEU C 334 -28.32 -5.82 -31.75
C LEU C 334 -29.66 -5.16 -32.04
N ASP C 335 -30.43 -5.71 -32.99
CA ASP C 335 -31.69 -5.08 -33.38
C ASP C 335 -32.75 -5.11 -32.28
N THR C 336 -32.62 -5.99 -31.29
CA THR C 336 -33.57 -6.05 -30.19
C THR C 336 -33.26 -5.04 -29.08
N ASN C 337 -32.19 -4.27 -29.24
CA ASN C 337 -31.79 -3.24 -28.27
C ASN C 337 -31.64 -3.81 -26.87
N SER C 338 -30.99 -4.97 -26.77
CA SER C 338 -30.71 -5.58 -25.49
C SER C 338 -29.37 -5.16 -24.90
N VAL C 339 -28.48 -4.61 -25.71
CA VAL C 339 -27.17 -4.16 -25.25
C VAL C 339 -27.09 -2.66 -25.49
N LEU C 340 -26.68 -1.92 -24.47
CA LEU C 340 -26.57 -0.47 -24.60
C LEU C 340 -25.25 0.01 -24.00
N LEU C 341 -24.77 1.14 -24.51
CA LEU C 341 -23.52 1.74 -24.07
C LEU C 341 -23.85 3.01 -23.28
N THR C 342 -23.57 3.01 -21.98
CA THR C 342 -23.94 4.12 -21.12
C THR C 342 -23.08 5.33 -21.40
N GLU C 343 -23.29 6.39 -20.61
CA GLU C 343 -22.46 7.57 -20.72
C GLU C 343 -21.10 7.38 -20.07
N ARG C 344 -21.04 6.60 -18.99
CA ARG C 344 -19.79 6.32 -18.29
C ARG C 344 -18.94 5.28 -18.98
N GLY C 345 -19.22 4.99 -20.24
CA GLY C 345 -18.43 4.03 -21.01
C GLY C 345 -18.53 2.60 -20.51
N ASP C 346 -19.72 2.18 -20.12
CA ASP C 346 -19.93 0.80 -19.67
C ASP C 346 -21.22 0.27 -20.25
N HIS C 347 -21.21 -1.00 -20.62
CA HIS C 347 -22.34 -1.63 -21.29
C HIS C 347 -23.32 -2.17 -20.27
N ILE C 348 -24.61 -1.94 -20.53
CA ILE C 348 -25.70 -2.49 -19.74
C ILE C 348 -26.48 -3.45 -20.62
N VAL C 349 -26.81 -4.62 -20.07
CA VAL C 349 -27.46 -5.66 -20.85
C VAL C 349 -28.75 -6.08 -20.17
N TRP C 350 -29.77 -6.36 -20.97
CA TRP C 350 -31.11 -6.67 -20.47
C TRP C 350 -31.26 -8.17 -20.30
N ILE C 351 -31.00 -8.66 -19.09
CA ILE C 351 -31.13 -10.07 -18.77
C ILE C 351 -32.12 -10.21 -17.64
N ASN C 352 -33.00 -11.21 -17.75
CA ASN C 352 -33.94 -11.54 -16.67
C ASN C 352 -34.74 -10.32 -16.23
N ASN C 353 -35.22 -9.57 -17.22
CA ASN C 353 -36.07 -8.40 -17.00
C ASN C 353 -35.37 -7.30 -16.21
N SER C 354 -34.04 -7.33 -16.13
CA SER C 354 -33.29 -6.31 -15.43
C SER C 354 -32.10 -5.86 -16.26
N TRP C 355 -31.73 -4.59 -16.10
CA TRP C 355 -30.56 -4.04 -16.79
C TRP C 355 -29.33 -4.32 -15.94
N LYS C 356 -28.77 -5.51 -16.14
CA LYS C 356 -27.56 -5.88 -15.43
C LYS C 356 -26.37 -5.10 -15.96
N PHE C 357 -25.37 -4.93 -15.11
CA PHE C 357 -24.32 -3.94 -15.32
C PHE C 357 -23.09 -4.34 -14.52
N ASN C 358 -22.05 -4.82 -15.21
CA ASN C 358 -20.79 -5.16 -14.55
C ASN C 358 -19.64 -4.72 -15.43
N SER C 359 -18.53 -4.35 -14.79
CA SER C 359 -17.36 -3.81 -15.48
C SER C 359 -16.17 -4.74 -15.51
N GLU C 360 -16.04 -5.65 -14.54
CA GLU C 360 -14.97 -6.65 -14.56
C GLU C 360 -15.45 -8.04 -14.94
N GLU C 361 -16.76 -8.25 -15.00
CA GLU C 361 -17.35 -9.51 -15.44
C GLU C 361 -18.22 -9.19 -16.65
N PRO C 362 -17.70 -9.35 -17.87
CA PRO C 362 -18.51 -9.06 -19.05
C PRO C 362 -19.73 -9.97 -19.12
N LEU C 363 -20.85 -9.39 -19.58
CA LEU C 363 -22.11 -10.12 -19.67
C LEU C 363 -22.60 -10.33 -21.08
N ILE C 364 -21.95 -9.76 -22.09
CA ILE C 364 -22.52 -9.83 -23.44
C ILE C 364 -22.65 -11.28 -23.90
N THR C 365 -21.69 -12.13 -23.53
CA THR C 365 -21.79 -13.55 -23.86
C THR C 365 -22.96 -14.20 -23.13
N LYS C 366 -23.22 -13.77 -21.88
CA LYS C 366 -24.39 -14.27 -21.17
C LYS C 366 -25.67 -13.92 -21.92
N LEU C 367 -25.77 -12.69 -22.40
CA LEU C 367 -26.94 -12.29 -23.17
C LEU C 367 -27.06 -13.11 -24.44
N ILE C 368 -25.96 -13.34 -25.14
CA ILE C 368 -26.02 -14.10 -26.39
C ILE C 368 -26.52 -15.51 -26.13
N LEU C 369 -25.97 -16.18 -25.12
CA LEU C 369 -26.42 -17.53 -24.83
C LEU C 369 -27.88 -17.55 -24.41
N SER C 370 -28.31 -16.58 -23.60
CA SER C 370 -29.69 -16.59 -23.14
C SER C 370 -30.66 -16.28 -24.28
N ILE C 371 -30.25 -15.45 -25.24
CA ILE C 371 -31.13 -15.02 -26.31
C ILE C 371 -31.10 -15.97 -27.49
N ARG C 372 -30.22 -16.97 -27.50
CA ARG C 372 -30.20 -17.95 -28.57
C ARG C 372 -31.57 -18.56 -28.85
N HIS C 373 -32.52 -18.48 -27.92
CA HIS C 373 -33.81 -19.11 -28.12
C HIS C 373 -34.77 -18.29 -28.97
N GLN C 374 -34.42 -17.05 -29.31
CA GLN C 374 -35.27 -16.20 -30.13
C GLN C 374 -34.68 -15.99 -31.52
N LEU C 375 -33.93 -16.97 -32.02
CA LEU C 375 -33.28 -16.92 -33.32
C LEU C 375 -33.68 -18.17 -34.08
N PRO C 376 -33.61 -18.13 -35.42
CA PRO C 376 -33.95 -19.32 -36.21
C PRO C 376 -33.11 -20.52 -35.83
N LYS C 377 -33.53 -21.68 -36.33
CA LYS C 377 -32.86 -22.93 -35.97
C LYS C 377 -31.43 -22.97 -36.49
N GLU C 378 -31.19 -22.38 -37.67
CA GLU C 378 -29.84 -22.39 -38.24
C GLU C 378 -28.87 -21.63 -37.37
N TYR C 379 -29.27 -20.45 -36.88
CA TYR C 379 -28.36 -19.61 -36.10
C TYR C 379 -28.31 -20.00 -34.64
N SER C 380 -29.34 -20.67 -34.12
CA SER C 380 -29.39 -20.95 -32.69
C SER C 380 -28.28 -21.90 -32.26
N SER C 381 -27.98 -22.91 -33.08
CA SER C 381 -27.00 -23.92 -32.68
C SER C 381 -25.56 -23.47 -32.85
N GLU C 382 -25.33 -22.31 -33.46
CA GLU C 382 -23.96 -21.81 -33.58
C GLU C 382 -23.52 -21.02 -32.35
N LEU C 383 -24.42 -20.71 -31.44
CA LEU C 383 -24.09 -19.96 -30.23
C LEU C 383 -23.72 -20.86 -29.07
N LEU C 384 -23.41 -22.13 -29.34
CA LEU C 384 -23.09 -23.07 -28.28
C LEU C 384 -21.60 -23.28 -28.10
N CYS C 385 -20.76 -22.61 -28.89
CA CYS C 385 -19.32 -22.71 -28.75
C CYS C 385 -18.79 -21.40 -28.18
N PRO C 386 -18.03 -21.44 -27.08
CA PRO C 386 -17.62 -20.19 -26.43
C PRO C 386 -16.89 -19.23 -27.36
N ARG C 387 -16.07 -19.74 -28.27
CA ARG C 387 -15.35 -18.85 -29.17
C ARG C 387 -16.26 -18.20 -30.19
N LYS C 388 -17.32 -18.90 -30.62
CA LYS C 388 -18.28 -18.27 -31.52
C LYS C 388 -19.06 -17.16 -30.80
N ARG C 389 -19.41 -17.38 -29.54
CA ARG C 389 -20.06 -16.31 -28.77
C ARG C 389 -19.12 -15.15 -28.55
N LYS C 390 -17.82 -15.41 -28.39
CA LYS C 390 -16.88 -14.31 -28.26
C LYS C 390 -16.73 -13.54 -29.58
N THR C 391 -16.79 -14.24 -30.71
CA THR C 391 -16.79 -13.54 -32.00
C THR C 391 -18.03 -12.67 -32.15
N VAL C 392 -19.19 -13.20 -31.76
CA VAL C 392 -20.41 -12.41 -31.85
C VAL C 392 -20.35 -11.20 -30.90
N GLU C 393 -19.76 -11.38 -29.73
CA GLU C 393 -19.60 -10.24 -28.82
C GLU C 393 -18.68 -9.18 -29.41
N ALA C 394 -17.61 -9.60 -30.09
CA ALA C 394 -16.75 -8.61 -30.75
C ALA C 394 -17.50 -7.86 -31.84
N ASN C 395 -18.29 -8.58 -32.63
CA ASN C 395 -19.09 -7.91 -33.65
C ASN C 395 -20.06 -6.91 -33.04
N ILE C 396 -20.69 -7.29 -31.91
CA ILE C 396 -21.61 -6.38 -31.23
C ILE C 396 -20.89 -5.14 -30.73
N ARG C 397 -19.74 -5.33 -30.09
CA ARG C 397 -19.00 -4.20 -29.56
C ARG C 397 -18.57 -3.24 -30.67
N ASP C 398 -18.24 -3.78 -31.84
CA ASP C 398 -17.85 -2.90 -32.95
C ASP C 398 -19.02 -2.12 -33.52
N MET C 399 -20.26 -2.43 -33.13
CA MET C 399 -21.43 -1.79 -33.69
C MET C 399 -22.01 -0.70 -32.79
N LEU C 400 -21.59 -0.61 -31.55
CA LEU C 400 -22.16 0.34 -30.59
C LEU C 400 -21.23 1.54 -30.53
N VAL C 401 -21.63 2.61 -31.20
CA VAL C 401 -20.86 3.86 -31.25
C VAL C 401 -21.44 4.90 -30.31
N ASP C 402 -22.69 5.28 -30.53
CA ASP C 402 -23.30 6.36 -29.75
C ASP C 402 -23.77 5.84 -28.39
N SER C 403 -23.81 6.74 -27.43
CA SER C 403 -24.18 6.41 -26.06
C SER C 403 -25.63 6.82 -25.80
N VAL C 404 -26.15 6.36 -24.66
CA VAL C 404 -27.48 6.70 -24.20
C VAL C 404 -27.38 7.20 -22.76
N GLU C 405 -28.48 7.78 -22.28
CA GLU C 405 -28.57 8.28 -20.92
C GLU C 405 -29.53 7.40 -20.12
N THR C 406 -29.13 7.03 -18.91
CA THR C 406 -29.89 6.11 -18.08
C THR C 406 -30.51 6.83 -16.90
N ASP C 407 -31.58 6.23 -16.38
CA ASP C 407 -32.25 6.72 -15.18
C ASP C 407 -32.75 8.15 -15.37
N THR C 408 -33.66 8.32 -16.34
CA THR C 408 -34.22 9.62 -16.62
C THR C 408 -35.61 9.82 -16.04
N TYR C 409 -36.41 8.76 -15.94
CA TYR C 409 -37.76 8.89 -15.41
C TYR C 409 -37.71 8.95 -13.89
N PRO C 410 -38.22 10.00 -13.26
CA PRO C 410 -38.13 10.13 -11.81
C PRO C 410 -39.34 9.63 -11.03
N ASP C 411 -40.24 8.86 -11.63
CA ASP C 411 -41.45 8.41 -10.94
C ASP C 411 -41.68 6.93 -11.17
N LYS C 412 -40.60 6.15 -11.30
CA LYS C 412 -40.72 4.71 -11.49
C LYS C 412 -39.84 4.00 -10.48
N LEU C 413 -40.38 2.97 -9.83
CA LEU C 413 -39.62 2.21 -8.86
C LEU C 413 -39.18 0.90 -9.50
N PRO C 414 -37.88 0.71 -9.77
CA PRO C 414 -37.45 -0.49 -10.49
C PRO C 414 -37.25 -1.67 -9.56
N PHE C 415 -38.02 -2.73 -9.77
CA PHE C 415 -37.92 -3.96 -9.01
C PHE C 415 -37.14 -5.01 -9.80
N LYS C 416 -36.70 -6.05 -9.09
CA LYS C 416 -35.82 -7.06 -9.66
C LYS C 416 -36.39 -7.71 -10.92
N ASN C 417 -37.71 -7.72 -11.08
CA ASN C 417 -38.32 -8.31 -12.25
C ASN C 417 -39.28 -7.36 -12.94
N GLY C 418 -39.04 -6.05 -12.86
CA GLY C 418 -39.90 -5.13 -13.59
C GLY C 418 -39.73 -3.71 -13.10
N VAL C 419 -40.73 -2.88 -13.42
CA VAL C 419 -40.74 -1.47 -13.03
C VAL C 419 -42.16 -1.13 -12.61
N LEU C 420 -42.33 -0.65 -11.38
CA LEU C 420 -43.62 -0.23 -10.88
C LEU C 420 -43.82 1.25 -11.18
N ASP C 421 -44.91 1.56 -11.87
CA ASP C 421 -45.23 2.94 -12.24
C ASP C 421 -45.95 3.60 -11.08
N LEU C 422 -45.35 4.64 -10.52
CA LEU C 422 -45.89 5.24 -9.31
C LEU C 422 -47.10 6.12 -9.60
N VAL C 423 -47.14 6.79 -10.75
CA VAL C 423 -48.24 7.69 -11.06
C VAL C 423 -49.55 6.92 -11.15
N ASP C 424 -49.53 5.80 -11.89
CA ASP C 424 -50.74 5.00 -12.09
C ASP C 424 -50.87 3.93 -11.01
N GLY C 425 -49.90 3.02 -10.93
CA GLY C 425 -49.94 1.96 -9.94
C GLY C 425 -50.01 0.58 -10.54
N MET C 426 -49.42 0.39 -11.71
CA MET C 426 -49.37 -0.91 -12.37
C MET C 426 -47.93 -1.35 -12.54
N PHE C 427 -47.72 -2.65 -12.45
CA PHE C 427 -46.38 -3.23 -12.48
C PHE C 427 -46.11 -3.79 -13.88
N TYR C 428 -45.12 -3.22 -14.56
CA TYR C 428 -44.74 -3.66 -15.88
C TYR C 428 -43.68 -4.75 -15.80
N SER C 429 -43.45 -5.42 -16.92
CA SER C 429 -42.42 -6.45 -17.01
C SER C 429 -42.08 -6.68 -18.46
N GLY C 430 -40.89 -7.25 -18.68
CA GLY C 430 -40.48 -7.59 -20.03
C GLY C 430 -40.30 -6.36 -20.89
N ASP C 431 -40.89 -6.39 -22.09
CA ASP C 431 -40.70 -5.30 -23.04
C ASP C 431 -41.27 -3.99 -22.50
N ASP C 432 -42.41 -4.05 -21.82
CA ASP C 432 -43.02 -2.83 -21.30
C ASP C 432 -42.11 -2.14 -20.29
N ALA C 433 -41.46 -2.90 -19.42
CA ALA C 433 -40.56 -2.36 -18.42
C ALA C 433 -39.19 -2.06 -18.97
N LYS C 434 -38.96 -2.31 -20.26
CA LYS C 434 -37.64 -2.13 -20.84
C LYS C 434 -37.36 -0.67 -21.17
N LYS C 435 -38.34 0.04 -21.73
CA LYS C 435 -38.07 1.36 -22.27
C LYS C 435 -37.68 2.37 -21.20
N TYR C 436 -37.94 2.07 -19.92
CA TYR C 436 -37.41 2.87 -18.82
C TYR C 436 -36.06 2.30 -18.45
N THR C 437 -34.99 2.92 -18.91
CA THR C 437 -33.64 2.43 -18.66
C THR C 437 -33.27 2.74 -17.22
N CYS C 438 -33.54 1.79 -16.33
CA CYS C 438 -33.26 1.94 -14.91
C CYS C 438 -32.13 0.97 -14.54
N THR C 439 -30.97 1.53 -14.22
CA THR C 439 -29.80 0.72 -13.89
C THR C 439 -29.66 0.43 -12.41
N VAL C 440 -30.59 0.89 -11.58
CA VAL C 440 -30.64 0.51 -10.17
C VAL C 440 -31.87 -0.36 -9.96
N SER C 441 -31.87 -1.11 -8.87
CA SER C 441 -32.98 -2.00 -8.55
C SER C 441 -33.07 -2.17 -7.05
N THR C 442 -34.29 -2.43 -6.58
CA THR C 442 -34.49 -2.65 -5.15
C THR C 442 -33.71 -3.87 -4.68
N GLY C 443 -33.73 -4.95 -5.46
CA GLY C 443 -33.01 -6.17 -5.14
C GLY C 443 -33.88 -7.40 -5.02
N PHE C 444 -35.18 -7.25 -4.83
CA PHE C 444 -36.07 -8.39 -4.69
C PHE C 444 -37.20 -8.28 -5.69
N LYS C 445 -37.77 -9.42 -6.06
CA LYS C 445 -38.84 -9.44 -7.03
C LYS C 445 -40.13 -8.89 -6.43
N PHE C 446 -41.08 -8.59 -7.29
CA PHE C 446 -42.35 -8.00 -6.89
C PHE C 446 -43.45 -9.05 -6.96
N ASP C 447 -44.18 -9.19 -5.85
CA ASP C 447 -45.29 -10.14 -5.75
C ASP C 447 -46.58 -9.35 -5.59
N ASP C 448 -47.49 -9.50 -6.56
CA ASP C 448 -48.73 -8.72 -6.52
C ASP C 448 -49.61 -9.09 -5.34
N THR C 449 -49.62 -10.37 -4.95
CA THR C 449 -50.50 -10.80 -3.88
C THR C 449 -50.18 -10.14 -2.56
N LYS C 450 -48.91 -9.77 -2.34
CA LYS C 450 -48.51 -9.09 -1.11
C LYS C 450 -48.67 -7.59 -1.19
N PHE C 451 -48.98 -7.03 -2.36
CA PHE C 451 -49.20 -5.60 -2.53
C PHE C 451 -50.70 -5.29 -2.42
N VAL C 452 -51.27 -5.60 -1.26
CA VAL C 452 -52.71 -5.54 -1.07
C VAL C 452 -53.04 -4.65 0.13
N GLU C 453 -54.20 -4.01 0.07
CA GLU C 453 -54.61 -3.04 1.09
C GLU C 453 -55.35 -3.68 2.26
N ASP C 454 -55.62 -4.99 2.21
CA ASP C 454 -56.31 -5.69 3.29
C ASP C 454 -55.53 -6.96 3.61
N SER C 455 -54.90 -6.98 4.79
CA SER C 455 -54.09 -8.11 5.22
C SER C 455 -53.73 -7.95 6.69
N PRO C 456 -53.54 -9.04 7.43
CA PRO C 456 -53.12 -8.90 8.84
C PRO C 456 -51.82 -8.13 9.01
N GLU C 457 -50.84 -8.37 8.12
CA GLU C 457 -49.58 -7.66 8.21
C GLU C 457 -49.77 -6.16 8.01
N MET C 458 -50.65 -5.78 7.10
CA MET C 458 -50.95 -4.36 6.92
C MET C 458 -51.54 -3.77 8.20
N GLU C 459 -52.42 -4.51 8.87
CA GLU C 459 -52.99 -4.02 10.11
C GLU C 459 -51.92 -3.85 11.19
N GLU C 460 -51.01 -4.82 11.31
CA GLU C 460 -49.94 -4.69 12.29
C GLU C 460 -49.05 -3.50 12.00
N LEU C 461 -48.68 -3.31 10.73
CA LEU C 461 -47.82 -2.17 10.37
C LEU C 461 -48.53 -0.85 10.62
N MET C 462 -49.83 -0.79 10.31
CA MET C 462 -50.58 0.43 10.58
C MET C 462 -50.64 0.73 12.08
N ASN C 463 -50.83 -0.31 12.89
CA ASN C 463 -50.85 -0.10 14.33
C ASN C 463 -49.50 0.39 14.83
N ILE C 464 -48.41 -0.19 14.32
CA ILE C 464 -47.08 0.25 14.73
C ILE C 464 -46.85 1.71 14.36
N ILE C 465 -47.20 2.09 13.13
CA ILE C 465 -46.99 3.46 12.68
C ILE C 465 -47.83 4.43 13.49
N ASN C 466 -49.05 4.03 13.87
CA ASN C 466 -49.87 4.89 14.70
C ASN C 466 -49.34 4.97 16.12
N ASP C 467 -48.64 3.93 16.59
CA ASP C 467 -48.03 4.00 17.90
C ASP C 467 -46.84 4.95 17.91
N ILE C 468 -45.98 4.88 16.88
CA ILE C 468 -44.78 5.71 16.87
C ILE C 468 -45.13 7.18 16.72
N GLN C 469 -46.06 7.49 15.82
CA GLN C 469 -46.47 8.87 15.57
C GLN C 469 -47.99 8.94 15.66
N PRO C 470 -48.53 9.22 16.85
CA PRO C 470 -49.99 9.22 17.02
C PRO C 470 -50.69 10.25 16.15
N LEU C 471 -52.00 10.07 16.00
CA LEU C 471 -52.83 10.90 15.13
C LEU C 471 -53.57 12.00 15.89
N THR C 472 -53.05 12.41 17.04
CA THR C 472 -53.71 13.43 17.84
C THR C 472 -53.72 14.76 17.10
N ASP C 473 -54.53 15.69 17.62
CA ASP C 473 -54.67 16.99 16.96
C ASP C 473 -53.36 17.78 17.00
N GLU C 474 -52.66 17.76 18.13
CA GLU C 474 -51.39 18.47 18.21
C GLU C 474 -50.35 17.85 17.29
N ASN C 475 -50.33 16.52 17.21
CA ASN C 475 -49.36 15.79 16.41
C ASN C 475 -49.76 15.70 14.95
N LYS C 476 -50.80 16.42 14.53
CA LYS C 476 -51.29 16.30 13.15
C LYS C 476 -50.23 16.76 12.16
N LYS C 477 -49.69 17.96 12.34
CA LYS C 477 -48.75 18.51 11.38
C LYS C 477 -47.45 17.73 11.37
N ASN C 478 -46.97 17.31 12.54
CA ASN C 478 -45.74 16.54 12.60
C ASN C 478 -45.92 15.17 11.96
N ARG C 479 -47.07 14.54 12.17
CA ARG C 479 -47.35 13.26 11.50
C ARG C 479 -47.43 13.45 10.00
N GLU C 480 -48.02 14.55 9.54
CA GLU C 480 -48.08 14.84 8.11
C GLU C 480 -46.69 14.99 7.53
N LEU C 481 -45.81 15.71 8.23
CA LEU C 481 -44.44 15.87 7.75
C LEU C 481 -43.69 14.56 7.78
N TYR C 482 -43.97 13.72 8.78
CA TYR C 482 -43.40 12.37 8.82
C TYR C 482 -43.77 11.58 7.57
N GLU C 483 -45.06 11.60 7.22
CA GLU C 483 -45.51 10.91 6.02
C GLU C 483 -44.88 11.50 4.76
N LYS C 484 -44.79 12.82 4.70
CA LYS C 484 -44.17 13.50 3.56
C LYS C 484 -42.73 13.02 3.36
N THR C 485 -41.93 13.09 4.41
CA THR C 485 -40.53 12.73 4.30
C THR C 485 -40.35 11.25 4.00
N LEU C 486 -41.18 10.39 4.59
CA LEU C 486 -41.06 8.97 4.30
C LEU C 486 -41.47 8.65 2.87
N SER C 487 -42.47 9.34 2.33
CA SER C 487 -42.90 9.06 0.97
C SER C 487 -41.93 9.60 -0.06
N SER C 488 -41.21 10.68 0.28
CA SER C 488 -40.28 11.25 -0.68
C SER C 488 -39.13 10.32 -1.02
N CYS C 489 -38.92 9.24 -0.26
CA CYS C 489 -37.84 8.32 -0.55
C CYS C 489 -38.08 7.49 -1.80
N LEU C 490 -39.27 7.58 -2.41
CA LEU C 490 -39.56 6.86 -3.64
C LEU C 490 -39.30 7.67 -4.90
N CYS C 491 -39.54 8.97 -4.87
CA CYS C 491 -39.36 9.78 -6.07
C CYS C 491 -37.88 10.03 -6.32
N GLY C 492 -37.45 9.73 -7.55
CA GLY C 492 -36.04 9.81 -7.91
C GLY C 492 -35.63 11.14 -8.50
N ALA C 493 -35.78 12.21 -7.75
CA ALA C 493 -35.37 13.54 -8.16
C ALA C 493 -34.60 14.19 -7.03
N THR C 494 -33.83 15.22 -7.36
CA THR C 494 -33.03 15.89 -6.36
C THR C 494 -33.93 16.60 -5.35
N LYS C 495 -33.69 16.35 -4.07
CA LYS C 495 -34.47 16.95 -2.99
C LYS C 495 -33.72 18.15 -2.41
N GLY C 496 -34.48 19.17 -2.01
CA GLY C 496 -33.89 20.41 -1.59
C GLY C 496 -33.92 20.71 -0.11
N CYS C 497 -34.06 19.68 0.73
CA CYS C 497 -34.08 19.88 2.17
C CYS C 497 -33.52 18.64 2.84
N LEU C 498 -33.29 18.76 4.15
CA LEU C 498 -32.85 17.64 4.98
C LEU C 498 -33.82 17.44 6.12
N THR C 499 -33.92 16.18 6.57
CA THR C 499 -34.82 15.80 7.64
C THR C 499 -34.03 15.37 8.86
N PHE C 500 -34.35 15.95 10.00
CA PHE C 500 -33.75 15.60 11.28
C PHE C 500 -34.80 14.90 12.13
N PHE C 501 -34.57 13.62 12.42
CA PHE C 501 -35.45 12.84 13.27
C PHE C 501 -35.07 13.12 14.72
N PHE C 502 -35.60 14.22 15.26
CA PHE C 502 -35.26 14.67 16.60
C PHE C 502 -36.09 13.89 17.60
N GLY C 503 -35.43 13.10 18.44
CA GLY C 503 -36.12 12.36 19.48
C GLY C 503 -35.12 11.69 20.41
N GLU C 504 -35.51 11.60 21.68
CA GLU C 504 -34.66 10.99 22.69
C GLU C 504 -34.54 9.49 22.45
N THR C 505 -33.81 8.80 23.32
CA THR C 505 -33.54 7.39 23.12
C THR C 505 -34.81 6.56 23.22
N ALA C 506 -34.82 5.44 22.49
CA ALA C 506 -35.93 4.49 22.46
C ALA C 506 -37.25 5.17 22.10
N THR C 507 -37.30 5.68 20.87
CA THR C 507 -38.49 6.35 20.37
C THR C 507 -38.98 5.79 19.05
N GLY C 508 -38.42 4.66 18.61
CA GLY C 508 -38.86 4.04 17.37
C GLY C 508 -38.20 4.56 16.11
N LYS C 509 -37.19 5.43 16.23
CA LYS C 509 -36.50 5.92 15.04
C LYS C 509 -35.80 4.78 14.30
N SER C 510 -35.14 3.90 15.03
CA SER C 510 -34.44 2.78 14.38
C SER C 510 -35.44 1.82 13.73
N THR C 511 -36.62 1.67 14.32
CA THR C 511 -37.63 0.82 13.70
C THR C 511 -38.12 1.41 12.38
N THR C 512 -38.34 2.73 12.35
CA THR C 512 -38.72 3.36 11.08
C THR C 512 -37.61 3.21 10.05
N LYS C 513 -36.35 3.36 10.47
CA LYS C 513 -35.24 3.16 9.56
C LYS C 513 -35.23 1.73 9.01
N ARG C 514 -35.41 0.74 9.88
CA ARG C 514 -35.38 -0.64 9.43
C ARG C 514 -36.56 -0.96 8.51
N LEU C 515 -37.75 -0.44 8.83
CA LEU C 515 -38.90 -0.63 7.96
C LEU C 515 -38.67 -0.04 6.58
N LEU C 516 -38.15 1.19 6.53
CA LEU C 516 -37.87 1.82 5.25
C LEU C 516 -36.81 1.05 4.48
N LYS C 517 -35.79 0.55 5.18
CA LYS C 517 -34.76 -0.24 4.51
C LYS C 517 -35.35 -1.51 3.91
N SER C 518 -36.21 -2.20 4.66
CA SER C 518 -36.82 -3.41 4.15
C SER C 518 -37.72 -3.12 2.95
N ALA C 519 -38.41 -1.99 2.98
CA ALA C 519 -39.33 -1.66 1.89
C ALA C 519 -38.58 -1.25 0.62
N ILE C 520 -37.52 -0.46 0.76
CA ILE C 520 -36.86 0.12 -0.41
C ILE C 520 -35.63 -0.67 -0.86
N GLY C 521 -35.22 -1.70 -0.14
CA GLY C 521 -34.19 -2.59 -0.66
C GLY C 521 -32.86 -1.89 -0.84
N ASP C 522 -32.29 -2.03 -2.03
CA ASP C 522 -30.95 -1.53 -2.33
C ASP C 522 -30.90 -0.01 -2.48
N LEU C 523 -32.03 0.64 -2.72
CA LEU C 523 -32.05 2.08 -2.91
C LEU C 523 -31.82 2.86 -1.62
N PHE C 524 -31.84 2.19 -0.47
CA PHE C 524 -31.61 2.83 0.82
C PHE C 524 -30.21 2.49 1.30
N VAL C 525 -29.44 3.52 1.65
CA VAL C 525 -28.06 3.32 2.10
C VAL C 525 -27.80 4.19 3.32
N GLU C 526 -27.06 3.64 4.27
CA GLU C 526 -26.72 4.32 5.51
C GLU C 526 -25.23 4.61 5.53
N THR C 527 -24.87 5.84 5.87
CA THR C 527 -23.47 6.25 5.90
C THR C 527 -23.15 6.94 7.23
N GLY C 528 -21.86 7.08 7.49
CA GLY C 528 -21.40 7.62 8.75
C GLY C 528 -21.54 9.12 8.84
N GLN C 529 -21.16 9.65 10.01
CA GLN C 529 -21.28 11.07 10.29
C GLN C 529 -20.19 11.90 9.63
N THR C 530 -19.21 11.26 8.99
CA THR C 530 -18.12 12.00 8.35
C THR C 530 -18.60 12.89 7.22
N ILE C 531 -19.76 12.60 6.64
CA ILE C 531 -20.30 13.43 5.56
C ILE C 531 -20.56 14.84 6.04
N LEU C 532 -21.13 14.98 7.23
CA LEU C 532 -21.52 16.28 7.75
C LEU C 532 -20.43 16.96 8.57
N THR C 533 -19.25 16.36 8.67
CA THR C 533 -18.18 16.96 9.49
C THR C 533 -16.89 17.18 8.72
N ASP C 534 -16.49 16.23 7.87
CA ASP C 534 -15.23 16.33 7.14
C ASP C 534 -15.40 17.28 5.96
N VAL C 535 -14.44 17.26 5.03
CA VAL C 535 -14.49 18.04 3.81
C VAL C 535 -14.65 17.08 2.64
N LEU C 536 -15.68 17.30 1.82
CA LEU C 536 -16.03 16.34 0.79
C LEU C 536 -14.97 16.26 -0.30
N ASP C 537 -14.49 17.41 -0.79
CA ASP C 537 -13.57 17.44 -1.93
C ASP C 537 -12.26 16.74 -1.62
N LYS C 538 -11.48 17.31 -0.71
CA LYS C 538 -10.17 16.85 -0.24
C LYS C 538 -9.58 15.69 -1.04
N GLY C 539 -9.50 14.50 -0.44
CA GLY C 539 -9.02 13.32 -1.12
C GLY C 539 -10.16 12.42 -1.54
N PRO C 540 -9.92 11.12 -1.58
CA PRO C 540 -11.00 10.18 -1.89
C PRO C 540 -12.06 10.19 -0.80
N ASN C 541 -13.29 9.84 -1.19
CA ASN C 541 -14.41 9.76 -0.25
C ASN C 541 -15.43 8.78 -0.78
N PRO C 542 -15.26 7.49 -0.51
CA PRO C 542 -16.26 6.50 -0.94
C PRO C 542 -17.63 6.73 -0.35
N PHE C 543 -17.71 7.37 0.82
CA PHE C 543 -19.00 7.69 1.43
C PHE C 543 -19.84 8.61 0.56
N ILE C 544 -19.24 9.34 -0.37
CA ILE C 544 -19.98 10.08 -1.37
C ILE C 544 -20.04 9.34 -2.71
N ALA C 545 -19.00 8.62 -3.09
CA ALA C 545 -19.02 7.90 -4.35
C ALA C 545 -20.10 6.83 -4.38
N ASN C 546 -20.52 6.34 -3.20
CA ASN C 546 -21.61 5.37 -3.15
C ASN C 546 -22.99 6.01 -3.25
N MET C 547 -23.09 7.33 -3.13
CA MET C 547 -24.36 8.04 -3.19
C MET C 547 -24.87 8.19 -4.61
N HIS C 548 -24.32 7.45 -5.56
CA HIS C 548 -24.73 7.57 -6.96
C HIS C 548 -26.08 6.91 -7.17
N LEU C 549 -27.11 7.71 -7.39
CA LEU C 549 -28.45 7.22 -7.75
C LEU C 549 -29.06 6.37 -6.64
N LYS C 550 -28.83 6.76 -5.38
CA LYS C 550 -29.47 6.13 -4.24
C LYS C 550 -30.62 7.01 -3.79
N ARG C 551 -31.78 6.38 -3.54
CA ARG C 551 -32.98 7.17 -3.26
C ARG C 551 -32.99 7.74 -1.84
N SER C 552 -32.47 7.01 -0.86
CA SER C 552 -32.48 7.48 0.51
C SER C 552 -31.13 7.24 1.16
N VAL C 553 -30.62 8.27 1.85
CA VAL C 553 -29.37 8.20 2.58
C VAL C 553 -29.66 8.53 4.04
N PHE C 554 -29.21 7.64 4.93
CA PHE C 554 -29.55 7.72 6.34
C PHE C 554 -28.28 7.83 7.15
N CYS C 555 -28.26 8.79 8.09
CA CYS C 555 -27.12 9.05 8.95
C CYS C 555 -27.59 8.93 10.39
N SER C 556 -27.19 7.85 11.06
CA SER C 556 -27.59 7.56 12.43
C SER C 556 -26.40 7.70 13.37
N GLU C 557 -26.69 7.71 14.66
CA GLU C 557 -25.68 7.79 15.72
C GLU C 557 -24.80 9.02 15.52
N LEU C 558 -25.44 10.18 15.61
CA LEU C 558 -24.73 11.44 15.39
C LEU C 558 -23.73 11.69 16.52
N PRO C 559 -22.67 12.45 16.24
CA PRO C 559 -21.71 12.77 17.30
C PRO C 559 -22.26 13.81 18.25
N ASP C 560 -23.01 13.35 19.25
CA ASP C 560 -23.75 14.23 20.15
C ASP C 560 -22.83 15.27 20.77
N PHE C 561 -23.34 16.49 20.89
CA PHE C 561 -22.59 17.66 21.35
C PHE C 561 -22.26 17.63 22.83
N ALA C 562 -22.47 16.52 23.54
CA ALA C 562 -22.08 16.44 24.95
C ALA C 562 -20.58 16.61 25.10
N CYS C 563 -19.79 15.98 24.22
CA CYS C 563 -18.34 16.13 24.22
C CYS C 563 -18.03 17.49 23.62
N SER C 564 -18.02 18.51 24.46
CA SER C 564 -17.72 19.86 24.00
C SER C 564 -16.30 19.94 23.46
N GLY C 565 -16.13 20.67 22.36
CA GLY C 565 -14.84 20.81 21.72
C GLY C 565 -14.63 19.91 20.53
N SER C 566 -15.58 19.02 20.23
CA SER C 566 -15.45 18.14 19.08
C SER C 566 -15.89 18.85 17.81
N LYS C 567 -15.93 18.10 16.70
CA LYS C 567 -16.31 18.67 15.42
C LYS C 567 -17.78 19.09 15.43
N LYS C 568 -18.07 20.21 14.78
CA LYS C 568 -19.41 20.72 14.66
C LYS C 568 -20.00 20.33 13.30
N ILE C 569 -21.14 20.88 12.96
CA ILE C 569 -21.80 20.63 11.68
C ILE C 569 -21.41 21.73 10.71
N ARG C 570 -20.88 21.34 9.55
CA ARG C 570 -20.35 22.28 8.58
C ARG C 570 -21.47 22.81 7.69
N SER C 571 -21.61 24.14 7.63
CA SER C 571 -22.62 24.74 6.77
C SER C 571 -22.36 24.46 5.30
N ASP C 572 -21.09 24.50 4.89
CA ASP C 572 -20.76 24.27 3.49
C ASP C 572 -21.16 22.86 3.07
N ASN C 573 -21.01 21.88 3.96
CA ASN C 573 -21.41 20.52 3.63
C ASN C 573 -22.91 20.42 3.38
N ILE C 574 -23.72 21.07 4.22
CA ILE C 574 -25.17 21.05 4.02
C ILE C 574 -25.52 21.75 2.71
N LYS C 575 -24.86 22.87 2.41
CA LYS C 575 -25.12 23.56 1.15
C LYS C 575 -24.71 22.70 -0.04
N LYS C 576 -23.67 21.89 0.11
CA LYS C 576 -23.17 21.10 -1.01
C LYS C 576 -23.88 19.76 -1.15
N LEU C 577 -24.47 19.25 -0.07
CA LEU C 577 -25.24 18.01 -0.11
C LEU C 577 -26.67 18.22 -0.53
N THR C 578 -26.95 19.33 -1.23
CA THR C 578 -28.27 19.64 -1.74
C THR C 578 -28.28 19.92 -3.23
N GLU C 579 -27.14 20.26 -3.83
CA GLU C 579 -27.09 20.52 -5.26
C GLU C 579 -27.38 19.25 -6.05
N PRO C 580 -27.86 19.38 -7.29
CA PRO C 580 -28.22 18.18 -8.07
C PRO C 580 -27.04 17.26 -8.36
N CYS C 581 -25.81 17.75 -8.31
CA CYS C 581 -24.63 16.90 -8.46
C CYS C 581 -23.68 17.15 -7.30
N VAL C 582 -23.12 16.08 -6.76
CA VAL C 582 -22.19 16.14 -5.65
C VAL C 582 -20.78 15.85 -6.16
N ILE C 583 -19.81 16.59 -5.66
CA ILE C 583 -18.43 16.47 -6.07
C ILE C 583 -17.71 15.55 -5.10
N GLY C 584 -17.12 14.47 -5.63
CA GLY C 584 -16.40 13.52 -4.82
C GLY C 584 -16.00 12.31 -5.64
N ARG C 585 -14.77 11.83 -5.47
CA ARG C 585 -14.31 10.80 -6.36
C ARG C 585 -14.13 9.47 -5.64
N PRO C 586 -14.41 8.35 -6.30
CA PRO C 586 -14.13 7.06 -5.69
C PRO C 586 -12.64 6.83 -5.56
N CYS C 587 -12.27 6.01 -4.59
CA CYS C 587 -10.86 5.69 -4.37
C CYS C 587 -10.27 5.07 -5.62
N PHE C 588 -9.10 5.57 -6.02
CA PHE C 588 -8.39 5.11 -7.22
C PHE C 588 -9.25 5.29 -8.47
N SER C 589 -9.82 6.47 -8.62
CA SER C 589 -10.65 6.77 -9.78
C SER C 589 -10.62 8.27 -10.04
N ASN C 590 -11.07 8.64 -11.25
CA ASN C 590 -11.01 10.02 -11.70
C ASN C 590 -12.36 10.71 -11.78
N LYS C 591 -13.47 9.96 -11.91
CA LYS C 591 -14.78 10.58 -12.00
C LYS C 591 -15.08 11.38 -10.74
N ILE C 592 -15.51 12.62 -10.92
CA ILE C 592 -15.61 13.56 -9.81
C ILE C 592 -17.01 14.13 -9.67
N ASN C 593 -17.97 13.57 -10.41
CA ASN C 593 -19.35 14.04 -10.37
C ASN C 593 -20.27 12.87 -10.11
N ASN C 594 -21.16 13.00 -9.13
CA ASN C 594 -22.13 11.95 -8.83
C ASN C 594 -23.53 12.54 -8.71
N ARG C 595 -24.52 11.75 -9.14
CA ARG C 595 -25.91 12.20 -9.11
C ARG C 595 -26.43 12.23 -7.68
N ASN C 596 -27.47 13.04 -7.47
CA ASN C 596 -28.04 13.25 -6.14
C ASN C 596 -29.55 13.01 -6.23
N HIS C 597 -29.94 11.74 -6.09
CA HIS C 597 -31.34 11.36 -6.03
C HIS C 597 -31.80 11.10 -4.61
N ALA C 598 -30.99 11.48 -3.62
CA ALA C 598 -31.10 10.96 -2.26
C ALA C 598 -31.75 11.97 -1.34
N THR C 599 -32.71 11.51 -0.53
CA THR C 599 -33.19 12.27 0.61
C THR C 599 -32.33 11.92 1.81
N ILE C 600 -31.81 12.95 2.47
CA ILE C 600 -30.85 12.77 3.56
C ILE C 600 -31.59 12.91 4.87
N ILE C 601 -31.59 11.85 5.68
CA ILE C 601 -32.28 11.84 6.96
C ILE C 601 -31.26 11.51 8.04
N ILE C 602 -31.16 12.37 9.04
CA ILE C 602 -30.20 12.22 10.13
C ILE C 602 -30.96 12.04 11.43
N ASP C 603 -30.68 10.96 12.14
CA ASP C 603 -31.36 10.61 13.39
C ASP C 603 -30.52 11.09 14.56
N THR C 604 -30.91 12.21 15.17
CA THR C 604 -30.15 12.86 16.21
C THR C 604 -30.94 12.87 17.51
N ASN C 605 -30.31 12.41 18.60
CA ASN C 605 -30.95 12.49 19.91
C ASN C 605 -30.97 13.92 20.44
N TYR C 606 -29.85 14.63 20.32
CA TYR C 606 -29.71 15.97 20.87
C TYR C 606 -29.87 17.01 19.77
N LYS C 607 -30.02 18.26 20.20
CA LYS C 607 -30.22 19.34 19.25
C LYS C 607 -28.97 19.53 18.40
N PRO C 608 -29.11 19.86 17.12
CA PRO C 608 -27.93 20.09 16.28
C PRO C 608 -27.33 21.46 16.53
N VAL C 609 -26.01 21.53 16.38
CA VAL C 609 -25.26 22.77 16.58
C VAL C 609 -24.45 23.05 15.33
N PHE C 610 -24.51 24.30 14.86
CA PHE C 610 -23.84 24.72 13.63
C PHE C 610 -22.73 25.70 13.98
N ASP C 611 -21.60 25.57 13.27
CA ASP C 611 -20.51 26.52 13.46
C ASP C 611 -20.91 27.90 12.96
N ARG C 612 -21.64 27.97 11.86
CA ARG C 612 -22.14 29.22 11.31
C ARG C 612 -23.61 29.05 10.94
N ILE C 613 -24.38 30.12 11.12
CA ILE C 613 -25.79 30.15 10.76
C ILE C 613 -26.03 31.31 9.82
N ASP C 614 -26.62 31.03 8.67
CA ASP C 614 -26.93 32.07 7.69
C ASP C 614 -28.22 31.69 6.97
N ASN C 615 -28.66 32.57 6.07
CA ASN C 615 -29.92 32.34 5.37
C ASN C 615 -29.86 31.09 4.50
N ALA C 616 -28.67 30.73 4.01
CA ALA C 616 -28.55 29.52 3.21
C ALA C 616 -28.88 28.27 4.02
N LEU C 617 -28.43 28.22 5.28
CA LEU C 617 -28.67 27.05 6.11
C LEU C 617 -30.12 26.99 6.59
N MET C 618 -30.70 28.15 6.94
CA MET C 618 -32.06 28.17 7.45
C MET C 618 -33.08 27.80 6.38
N ARG C 619 -32.69 27.74 5.12
CA ARG C 619 -33.57 27.37 4.03
C ARG C 619 -33.50 25.86 3.72
N ARG C 620 -32.64 25.12 4.42
CA ARG C 620 -32.46 23.70 4.16
C ARG C 620 -32.46 22.90 5.46
N ILE C 621 -33.44 23.15 6.32
CA ILE C 621 -33.57 22.43 7.59
C ILE C 621 -35.03 22.06 7.79
N ALA C 622 -35.29 20.77 8.02
CA ALA C 622 -36.60 20.26 8.36
C ALA C 622 -36.47 19.34 9.55
N VAL C 623 -37.42 19.44 10.49
CA VAL C 623 -37.34 18.72 11.76
C VAL C 623 -38.61 17.93 11.97
N VAL C 624 -38.46 16.65 12.34
CA VAL C 624 -39.59 15.79 12.68
C VAL C 624 -39.37 15.29 14.10
N ARG C 625 -40.35 15.54 14.97
CA ARG C 625 -40.22 15.27 16.40
C ARG C 625 -40.81 13.91 16.75
N PHE C 626 -40.12 13.18 17.62
CA PHE C 626 -40.58 11.90 18.12
C PHE C 626 -40.87 12.04 19.61
N ARG C 627 -42.10 11.74 20.01
CA ARG C 627 -42.59 11.98 21.37
C ARG C 627 -43.31 10.76 21.92
N THR C 628 -42.69 9.59 21.83
CA THR C 628 -43.28 8.39 22.41
C THR C 628 -42.16 7.42 22.76
N HIS C 629 -42.30 6.76 23.91
CA HIS C 629 -41.30 5.81 24.42
C HIS C 629 -41.89 4.41 24.46
N PHE C 630 -41.10 3.43 24.05
CA PHE C 630 -41.50 2.03 24.04
C PHE C 630 -40.58 1.31 25.03
N SER C 631 -41.02 1.23 26.29
CA SER C 631 -40.17 0.76 27.36
C SER C 631 -40.61 -0.62 27.86
N GLN C 632 -39.71 -1.28 28.57
CA GLN C 632 -40.00 -2.57 29.18
C GLN C 632 -40.94 -2.40 30.36
N PRO C 633 -41.63 -3.47 30.75
CA PRO C 633 -42.58 -3.36 31.88
C PRO C 633 -41.92 -2.96 33.19
N SER C 634 -40.67 -3.37 33.42
CA SER C 634 -40.01 -3.06 34.69
C SER C 634 -39.74 -1.56 34.83
N GLY C 635 -39.29 -0.93 33.76
CA GLY C 635 -38.92 0.48 33.82
C GLY C 635 -40.04 1.41 33.39
N ARG C 636 -41.28 0.92 33.40
CA ARG C 636 -42.40 1.72 32.93
C ARG C 636 -42.58 2.99 33.76
N GLU C 637 -42.46 2.87 35.08
CA GLU C 637 -42.67 4.04 35.93
C GLU C 637 -41.60 5.10 35.70
N ALA C 638 -40.36 4.67 35.45
CA ALA C 638 -39.28 5.62 35.20
C ALA C 638 -39.55 6.43 33.94
N ALA C 639 -40.06 5.77 32.89
CA ALA C 639 -40.33 6.46 31.63
C ALA C 639 -41.59 7.31 31.70
N GLU C 640 -42.59 6.89 32.48
CA GLU C 640 -43.88 7.60 32.48
C GLU C 640 -43.74 9.01 33.05
N ASN C 641 -42.95 9.19 34.11
CA ASN C 641 -42.88 10.46 34.80
C ASN C 641 -41.96 11.47 34.12
N ASN C 642 -41.61 11.26 32.86
CA ASN C 642 -40.70 12.15 32.14
C ASN C 642 -41.48 13.09 31.23
N ASP C 643 -41.03 14.34 31.18
CA ASP C 643 -41.65 15.33 30.29
C ASP C 643 -41.11 15.26 28.87
N ALA C 644 -40.04 14.50 28.63
CA ALA C 644 -39.54 14.32 27.28
C ALA C 644 -40.43 13.39 26.46
N TYR C 645 -41.40 12.73 27.09
CA TYR C 645 -42.29 11.80 26.41
C TYR C 645 -43.73 12.11 26.75
N ASP C 646 -44.63 11.89 25.80
CA ASP C 646 -46.05 12.15 25.98
C ASP C 646 -46.88 10.88 26.01
N LYS C 647 -46.27 9.72 25.77
CA LYS C 647 -46.97 8.44 25.87
C LYS C 647 -45.93 7.34 26.00
N VAL C 648 -46.29 6.29 26.72
CA VAL C 648 -45.42 5.15 26.95
C VAL C 648 -46.16 3.89 26.56
N LYS C 649 -45.46 2.99 25.86
CA LYS C 649 -46.02 1.71 25.45
C LYS C 649 -45.04 0.61 25.82
N LEU C 650 -45.49 -0.63 25.62
CA LEU C 650 -44.72 -1.80 26.01
C LEU C 650 -43.89 -2.31 24.84
N LEU C 651 -42.63 -2.63 25.11
CA LEU C 651 -41.74 -3.13 24.09
C LEU C 651 -42.16 -4.53 23.65
N ASP C 652 -41.96 -4.82 22.36
CA ASP C 652 -42.19 -6.16 21.81
C ASP C 652 -40.85 -6.78 21.51
N GLU C 653 -40.54 -7.88 22.20
CA GLU C 653 -39.24 -8.52 22.05
C GLU C 653 -39.03 -9.07 20.66
N GLY C 654 -40.06 -9.69 20.08
CA GLY C 654 -39.95 -10.33 18.80
C GLY C 654 -40.19 -9.45 17.59
N LEU C 655 -40.55 -8.18 17.79
CA LEU C 655 -40.84 -7.31 16.66
C LEU C 655 -39.61 -7.08 15.79
N ASP C 656 -38.45 -6.91 16.40
CA ASP C 656 -37.24 -6.63 15.64
C ASP C 656 -36.90 -7.78 14.69
N GLY C 657 -37.00 -9.02 15.17
CA GLY C 657 -36.73 -10.16 14.30
C GLY C 657 -37.73 -10.28 13.17
N LYS C 658 -39.00 -9.95 13.44
CA LYS C 658 -40.01 -9.97 12.40
C LYS C 658 -39.74 -8.91 11.34
N ILE C 659 -39.35 -7.71 11.77
CA ILE C 659 -39.05 -6.64 10.83
C ILE C 659 -37.84 -7.00 9.98
N GLN C 660 -36.78 -7.51 10.62
CA GLN C 660 -35.59 -7.89 9.88
C GLN C 660 -35.83 -9.09 8.97
N ASN C 661 -36.91 -9.84 9.17
CA ASN C 661 -37.21 -10.99 8.34
C ASN C 661 -38.07 -10.63 7.14
N ASN C 662 -38.29 -9.33 6.89
CA ASN C 662 -39.00 -8.86 5.70
C ASN C 662 -40.42 -9.40 5.65
N ARG C 663 -41.18 -9.15 6.72
CA ARG C 663 -42.59 -9.49 6.77
C ARG C 663 -43.48 -8.30 6.43
N TYR C 664 -43.18 -7.12 6.97
CA TYR C 664 -43.89 -5.90 6.65
C TYR C 664 -43.30 -5.17 5.47
N ARG C 665 -42.55 -5.88 4.61
CA ARG C 665 -41.92 -5.25 3.47
C ARG C 665 -42.95 -4.70 2.49
N PHE C 666 -43.81 -5.59 1.97
CA PHE C 666 -44.76 -5.17 0.95
C PHE C 666 -45.87 -4.32 1.53
N ALA C 667 -46.25 -4.56 2.79
CA ALA C 667 -47.22 -3.68 3.43
C ALA C 667 -46.70 -2.26 3.52
N PHE C 668 -45.44 -2.10 3.92
CA PHE C 668 -44.86 -0.76 4.00
C PHE C 668 -44.67 -0.16 2.63
N LEU C 669 -44.35 -0.97 1.61
CA LEU C 669 -44.26 -0.43 0.25
C LEU C 669 -45.61 0.10 -0.21
N TYR C 670 -46.69 -0.63 0.09
CA TYR C 670 -48.02 -0.16 -0.27
C TYR C 670 -48.37 1.14 0.47
N LEU C 671 -48.05 1.19 1.76
CA LEU C 671 -48.31 2.41 2.52
C LEU C 671 -47.53 3.58 1.93
N LEU C 672 -46.28 3.34 1.56
CA LEU C 672 -45.45 4.38 0.99
C LEU C 672 -46.01 4.88 -0.35
N VAL C 673 -46.48 3.97 -1.19
CA VAL C 673 -47.05 4.39 -2.47
C VAL C 673 -48.32 5.21 -2.25
N LYS C 674 -49.15 4.78 -1.30
CA LYS C 674 -50.34 5.57 -0.99
C LYS C 674 -49.98 6.97 -0.52
N TRP C 675 -48.98 7.07 0.37
CA TRP C 675 -48.53 8.37 0.85
C TRP C 675 -47.98 9.22 -0.28
N TYR C 676 -47.19 8.61 -1.17
CA TYR C 676 -46.63 9.34 -2.30
C TYR C 676 -47.73 9.91 -3.17
N LYS C 677 -48.76 9.12 -3.44
CA LYS C 677 -49.88 9.64 -4.23
C LYS C 677 -50.58 10.78 -3.51
N LYS C 678 -50.79 10.63 -2.19
CA LYS C 678 -51.52 11.66 -1.46
C LYS C 678 -50.77 12.98 -1.41
N TYR C 679 -49.46 12.93 -1.18
CA TYR C 679 -48.68 14.14 -0.92
C TYR C 679 -48.06 14.73 -2.17
N HIS C 680 -48.25 14.12 -3.33
CA HIS C 680 -47.63 14.62 -4.56
C HIS C 680 -48.67 15.45 -5.30
N ILE C 681 -48.72 16.74 -4.97
CA ILE C 681 -49.49 17.72 -5.71
C ILE C 681 -48.85 17.81 -7.11
N PRO C 682 -49.38 18.63 -8.04
CA PRO C 682 -48.69 18.79 -9.33
C PRO C 682 -47.17 18.86 -9.23
N ILE C 683 -46.68 19.49 -8.18
CA ILE C 683 -45.25 19.50 -7.85
C ILE C 683 -45.10 19.25 -6.36
N MET C 684 -44.27 18.27 -6.00
CA MET C 684 -43.96 18.00 -4.60
C MET C 684 -42.67 18.74 -4.24
N LYS C 685 -42.73 19.49 -3.14
CA LYS C 685 -41.59 20.26 -2.67
C LYS C 685 -41.42 20.03 -1.19
N LEU C 686 -40.18 19.78 -0.76
CA LEU C 686 -39.88 19.63 0.66
C LEU C 686 -39.71 21.01 1.28
N TYR C 687 -40.52 21.33 2.27
CA TYR C 687 -40.42 22.67 2.80
C TYR C 687 -39.66 22.68 4.11
N PRO C 688 -38.91 23.75 4.40
CA PRO C 688 -38.16 23.83 5.65
C PRO C 688 -38.99 24.40 6.79
N THR C 689 -38.57 24.05 8.01
CA THR C 689 -39.23 24.50 9.24
C THR C 689 -38.18 25.09 10.18
N PRO C 690 -37.77 26.34 9.94
CA PRO C 690 -36.74 26.95 10.80
C PRO C 690 -37.20 27.19 12.23
N GLU C 691 -38.51 27.18 12.49
CA GLU C 691 -39.00 27.46 13.84
C GLU C 691 -38.64 26.36 14.82
N GLU C 692 -38.58 25.10 14.36
CA GLU C 692 -38.34 23.99 15.27
C GLU C 692 -36.96 24.06 15.90
N ILE C 693 -35.96 24.43 15.11
CA ILE C 693 -34.57 24.48 15.61
C ILE C 693 -34.43 25.68 16.55
N PRO C 694 -33.97 25.48 17.79
CA PRO C 694 -33.81 26.61 18.70
C PRO C 694 -32.59 27.45 18.43
N ASP C 695 -31.59 26.91 17.74
CA ASP C 695 -30.38 27.69 17.44
C ASP C 695 -30.69 28.84 16.51
N PHE C 696 -31.73 28.72 15.69
CA PHE C 696 -32.10 29.77 14.74
C PHE C 696 -32.92 30.88 15.38
N ALA C 697 -33.25 30.76 16.68
CA ALA C 697 -34.14 31.73 17.32
C ALA C 697 -33.57 33.14 17.25
N PHE C 698 -32.27 33.28 17.44
CA PHE C 698 -31.64 34.59 17.37
C PHE C 698 -31.84 35.22 16.01
N TYR C 699 -31.58 34.46 14.94
CA TYR C 699 -31.77 34.98 13.59
C TYR C 699 -33.24 35.08 13.21
N LEU C 700 -34.07 34.14 13.67
CA LEU C 700 -35.50 34.21 13.38
C LEU C 700 -36.17 35.39 14.06
N LYS C 701 -35.56 35.92 15.12
CA LYS C 701 -36.08 37.09 15.83
C LYS C 701 -35.43 38.39 15.40
N ILE C 702 -34.17 38.36 14.98
CA ILE C 702 -33.49 39.59 14.56
C ILE C 702 -34.09 40.12 13.28
N GLY C 703 -34.53 39.24 12.39
CA GLY C 703 -35.13 39.70 11.14
C GLY C 703 -36.46 40.40 11.31
N THR C 704 -37.14 40.19 12.44
CA THR C 704 -38.42 40.83 12.70
C THR C 704 -38.35 41.91 13.77
N LEU C 705 -37.32 41.92 14.61
CA LEU C 705 -37.17 42.93 15.65
C LEU C 705 -36.33 44.11 15.21
N LEU C 706 -35.82 44.11 13.98
CA LEU C 706 -35.03 45.22 13.48
C LEU C 706 -35.24 45.33 11.98
N VAL C 707 -34.97 46.51 11.44
CA VAL C 707 -35.17 46.80 10.02
C VAL C 707 -33.99 47.61 9.51
N SER C 708 -33.55 47.30 8.29
CA SER C 708 -32.48 48.06 7.66
C SER C 708 -32.96 49.48 7.35
N SER C 709 -32.01 50.42 7.40
CA SER C 709 -32.34 51.81 7.09
C SER C 709 -32.86 51.94 5.66
N SER C 710 -33.97 52.64 5.50
CA SER C 710 -34.65 52.77 4.21
C SER C 710 -34.68 54.22 3.78
N VAL C 711 -34.69 54.42 2.45
CA VAL C 711 -34.71 55.77 1.91
C VAL C 711 -36.03 56.46 2.23
N LYS C 712 -37.13 55.71 2.25
CA LYS C 712 -38.42 56.30 2.61
C LYS C 712 -38.43 56.76 4.06
N HIS C 713 -37.63 56.13 4.92
CA HIS C 713 -37.53 56.51 6.31
C HIS C 713 -36.50 57.61 6.56
N ILE C 714 -35.86 58.11 5.51
CA ILE C 714 -34.88 59.18 5.69
C ILE C 714 -35.52 60.43 6.28
N PRO C 715 -36.70 60.89 5.83
CA PRO C 715 -37.30 62.13 6.34
C PRO C 715 -37.96 61.96 7.71
N LEU C 716 -37.28 61.27 8.61
CA LEU C 716 -37.77 61.17 9.99
C LEU C 716 -36.65 61.27 11.01
N MET C 717 -35.44 61.71 10.62
CA MET C 717 -34.30 61.67 11.53
C MET C 717 -34.54 62.52 12.78
N THR C 718 -35.41 63.53 12.68
CA THR C 718 -35.72 64.34 13.85
C THR C 718 -36.29 63.48 14.97
N ASP C 719 -37.19 62.56 14.62
CA ASP C 719 -37.71 61.62 15.62
C ASP C 719 -36.59 60.78 16.21
N LEU C 720 -35.61 60.42 15.39
CA LEU C 720 -34.46 59.67 15.89
C LEU C 720 -33.70 60.47 16.94
N SER C 721 -33.78 61.80 16.88
CA SER C 721 -33.17 62.63 17.92
C SER C 721 -33.77 62.29 19.28
N LYS C 722 -35.07 62.04 19.33
CA LYS C 722 -35.69 61.56 20.57
C LYS C 722 -35.41 60.08 20.80
N LYS C 723 -35.18 59.32 19.73
CA LYS C 723 -34.95 57.89 19.89
C LYS C 723 -33.57 57.59 20.46
N GLY C 724 -32.55 58.31 20.01
CA GLY C 724 -31.20 58.08 20.47
C GLY C 724 -30.24 57.77 19.33
N TYR C 725 -30.78 57.72 18.11
CA TYR C 725 -29.96 57.46 16.94
C TYR C 725 -29.33 58.77 16.45
N ILE C 726 -28.47 58.65 15.43
CA ILE C 726 -27.78 59.80 14.85
C ILE C 726 -27.90 59.73 13.34
N LEU C 727 -27.65 60.86 12.69
CA LEU C 727 -27.71 60.99 11.24
C LEU C 727 -26.30 61.19 10.70
N TYR C 728 -25.88 60.30 9.80
CA TYR C 728 -24.55 60.39 9.21
C TYR C 728 -24.63 59.94 7.76
N ASP C 729 -24.21 60.81 6.84
CA ASP C 729 -24.21 60.51 5.41
C ASP C 729 -25.60 60.05 4.95
N ASN C 730 -26.63 60.76 5.40
CA ASN C 730 -28.02 60.43 5.08
C ASN C 730 -28.37 59.00 5.49
N VAL C 731 -27.82 58.57 6.63
CA VAL C 731 -28.06 57.23 7.16
C VAL C 731 -28.40 57.36 8.64
N VAL C 732 -29.46 56.69 9.07
CA VAL C 732 -29.88 56.68 10.46
C VAL C 732 -29.06 55.61 11.16
N THR C 733 -27.93 56.00 11.74
CA THR C 733 -27.01 55.06 12.37
C THR C 733 -26.79 55.46 13.83
N LEU C 734 -26.59 54.46 14.67
CA LEU C 734 -26.39 54.64 16.10
C LEU C 734 -25.04 54.07 16.51
N PRO C 735 -24.50 54.50 17.65
CA PRO C 735 -23.19 53.99 18.09
C PRO C 735 -23.24 52.49 18.34
N LEU C 736 -22.09 51.85 18.15
CA LEU C 736 -22.02 50.39 18.33
C LEU C 736 -22.37 50.00 19.76
N THR C 737 -21.86 50.73 20.74
CA THR C 737 -22.21 50.46 22.13
C THR C 737 -23.69 50.70 22.38
N THR C 738 -24.23 51.79 21.83
CA THR C 738 -25.65 52.08 21.97
C THR C 738 -26.49 51.00 21.29
N PHE C 739 -26.08 50.57 20.10
CA PHE C 739 -26.81 49.51 19.40
C PHE C 739 -26.79 48.22 20.20
N GLN C 740 -25.64 47.86 20.77
CA GLN C 740 -25.56 46.65 21.58
C GLN C 740 -26.43 46.77 22.83
N GLN C 741 -26.43 47.94 23.46
CA GLN C 741 -27.25 48.14 24.65
C GLN C 741 -28.74 48.02 24.32
N LYS C 742 -29.16 48.58 23.19
CA LYS C 742 -30.54 48.44 22.76
C LYS C 742 -30.88 46.99 22.45
N ILE C 743 -29.98 46.27 21.79
CA ILE C 743 -30.25 44.90 21.39
C ILE C 743 -30.33 43.97 22.61
N SER C 744 -29.49 44.22 23.61
CA SER C 744 -29.41 43.33 24.77
C SER C 744 -30.72 43.27 25.54
N LYS C 745 -31.60 44.27 25.40
CA LYS C 745 -32.85 44.26 26.12
C LYS C 745 -33.86 43.27 25.54
N TYR C 746 -33.67 42.85 24.29
CA TYR C 746 -34.63 41.98 23.63
C TYR C 746 -34.20 40.51 23.60
N PHE C 747 -32.92 40.22 23.79
CA PHE C 747 -32.41 38.87 23.72
C PHE C 747 -31.56 38.57 24.95
N ASN C 748 -31.43 37.27 25.25
CA ASN C 748 -30.63 36.82 26.39
C ASN C 748 -29.16 36.90 26.00
N SER C 749 -28.45 37.88 26.57
CA SER C 749 -27.06 38.11 26.21
C SER C 749 -26.13 36.99 26.68
N ARG C 750 -26.45 36.34 27.80
CA ARG C 750 -25.54 35.37 28.38
C ARG C 750 -25.26 34.21 27.43
N LEU C 751 -26.29 33.74 26.73
CA LEU C 751 -26.14 32.64 25.79
C LEU C 751 -26.04 33.08 24.34
N PHE C 752 -26.56 34.25 23.99
CA PHE C 752 -26.55 34.75 22.63
C PHE C 752 -25.51 35.84 22.41
N GLY C 753 -24.50 35.92 23.28
CA GLY C 753 -23.45 36.89 23.07
C GLY C 753 -22.66 36.66 21.80
N HIS C 754 -22.38 35.40 21.48
CA HIS C 754 -21.68 35.08 20.24
C HIS C 754 -22.50 35.51 19.02
N ASP C 755 -23.81 35.25 19.05
CA ASP C 755 -24.67 35.66 17.93
C ASP C 755 -24.72 37.18 17.82
N ILE C 756 -24.81 37.88 18.95
CA ILE C 756 -24.85 39.33 18.93
C ILE C 756 -23.55 39.90 18.36
N GLU C 757 -22.41 39.35 18.80
CA GLU C 757 -21.12 39.82 18.30
C GLU C 757 -20.98 39.55 16.80
N SER C 758 -21.41 38.37 16.35
CA SER C 758 -21.33 38.05 14.93
C SER C 758 -22.21 38.99 14.11
N PHE C 759 -23.43 39.27 14.58
CA PHE C 759 -24.31 40.19 13.87
C PHE C 759 -23.72 41.59 13.83
N ILE C 760 -23.14 42.04 14.93
CA ILE C 760 -22.53 43.37 14.97
C ILE C 760 -21.37 43.45 14.01
N ASN C 761 -20.52 42.42 14.00
CA ASN C 761 -19.38 42.40 13.09
C ASN C 761 -19.82 42.39 11.63
N ARG C 762 -20.87 41.62 11.32
CA ARG C 762 -21.36 41.57 9.95
C ARG C 762 -22.00 42.89 9.53
N HIS C 763 -22.65 43.59 10.45
CA HIS C 763 -23.33 44.84 10.15
C HIS C 763 -22.56 46.08 10.60
N LYS C 764 -21.30 45.92 11.01
CA LYS C 764 -20.52 47.07 11.46
C LYS C 764 -20.20 47.99 10.29
N LYS C 765 -20.55 49.26 10.43
CA LYS C 765 -20.29 50.26 9.40
C LYS C 765 -19.43 51.37 10.01
N PHE C 766 -18.27 51.60 9.41
CA PHE C 766 -17.34 52.61 9.89
C PHE C 766 -17.12 53.75 8.91
N ALA C 767 -17.26 53.52 7.61
CA ALA C 767 -17.08 54.53 6.57
C ALA C 767 -15.67 55.15 6.65
N ASN C 768 -14.68 54.29 6.43
CA ASN C 768 -13.26 54.68 6.39
C ASN C 768 -12.79 55.28 7.71
N VAL C 769 -13.34 56.44 8.09
CA VAL C 769 -12.95 57.11 9.32
C VAL C 769 -13.43 56.30 10.51
N SER C 770 -12.95 56.66 11.71
CA SER C 770 -13.38 55.98 12.93
C SER C 770 -14.78 56.42 13.31
N ASP C 771 -15.77 55.94 12.56
CA ASP C 771 -17.17 56.28 12.74
C ASP C 771 -18.02 55.02 12.81
N GLU C 772 -17.57 54.07 13.62
CA GLU C 772 -18.24 52.78 13.71
C GLU C 772 -19.68 52.95 14.18
N TYR C 773 -20.61 52.31 13.46
CA TYR C 773 -22.03 52.43 13.74
C TYR C 773 -22.75 51.28 13.05
N LEU C 774 -24.07 51.28 13.15
CA LEU C 774 -24.92 50.27 12.53
C LEU C 774 -26.07 50.94 11.81
N GLN C 775 -26.37 50.49 10.59
CA GLN C 775 -27.44 51.08 9.79
C GLN C 775 -28.74 50.28 9.94
N TYR C 776 -29.18 50.14 11.19
CA TYR C 776 -30.39 49.40 11.50
C TYR C 776 -31.20 50.18 12.53
N ILE C 777 -32.52 49.99 12.50
CA ILE C 777 -33.44 50.66 13.38
C ILE C 777 -34.37 49.63 14.00
N PHE C 778 -34.62 49.76 15.30
CA PHE C 778 -35.50 48.82 15.99
C PHE C 778 -36.90 48.85 15.39
N ILE C 779 -37.52 47.67 15.29
CA ILE C 779 -38.88 47.59 14.74
C ILE C 779 -39.86 48.31 15.64
N GLU C 780 -39.63 48.27 16.95
CA GLU C 780 -40.49 49.00 17.88
C GLU C 780 -40.40 50.50 17.65
N ASP C 781 -39.19 51.01 17.39
CA ASP C 781 -39.03 52.43 17.13
C ASP C 781 -39.75 52.85 15.87
N ILE C 782 -39.70 52.02 14.83
CA ILE C 782 -40.41 52.32 13.59
C ILE C 782 -41.92 52.27 13.81
N SER C 783 -42.39 51.27 14.57
CA SER C 783 -43.82 51.19 14.87
C SER C 783 -44.27 52.34 15.76
N SER C 784 -43.43 52.73 16.72
CA SER C 784 -43.78 53.84 17.60
C SER C 784 -43.68 55.16 16.85
N PRO C 785 -44.74 55.97 16.82
CA PRO C 785 -44.71 57.26 16.13
C PRO C 785 -43.96 58.34 16.93
N TRP D 236 21.51 -48.68 -36.91
CA TRP D 236 21.63 -47.46 -36.12
C TRP D 236 21.13 -46.25 -36.91
N GLU D 237 19.94 -45.77 -36.54
CA GLU D 237 19.39 -44.57 -37.16
C GLU D 237 20.12 -43.34 -36.64
N PRO D 238 20.73 -42.53 -37.50
CA PRO D 238 21.55 -41.41 -36.99
C PRO D 238 20.73 -40.27 -36.40
N GLY D 239 19.42 -40.22 -36.67
CA GLY D 239 18.61 -39.12 -36.20
C GLY D 239 18.43 -39.09 -34.69
N PHE D 240 18.63 -40.23 -34.02
CA PHE D 240 18.49 -40.29 -32.58
C PHE D 240 19.50 -39.37 -31.89
N ILE D 241 20.79 -39.68 -32.05
CA ILE D 241 21.85 -38.85 -31.49
C ILE D 241 23.16 -39.30 -32.13
N SER D 242 24.17 -38.44 -32.07
CA SER D 242 25.49 -38.82 -32.53
C SER D 242 26.03 -39.95 -31.67
N PHE D 243 26.66 -40.94 -32.33
CA PHE D 243 27.13 -42.13 -31.62
C PHE D 243 28.15 -41.78 -30.55
N GLU D 244 28.95 -40.75 -30.78
CA GLU D 244 29.91 -40.32 -29.77
C GLU D 244 29.21 -39.87 -28.50
N ASP D 245 28.14 -39.08 -28.65
CA ASP D 245 27.39 -38.61 -27.49
C ASP D 245 26.77 -39.78 -26.73
N ALA D 246 26.19 -40.74 -27.45
CA ALA D 246 25.58 -41.89 -26.79
C ALA D 246 26.62 -42.73 -26.06
N ILE D 247 27.78 -42.94 -26.68
CA ILE D 247 28.82 -43.73 -26.04
C ILE D 247 29.35 -43.02 -24.79
N LYS D 248 29.54 -41.70 -24.88
CA LYS D 248 29.97 -40.94 -23.71
C LYS D 248 28.92 -41.00 -22.61
N ARG D 249 27.64 -40.92 -22.97
CA ARG D 249 26.57 -41.02 -21.97
C ARG D 249 26.58 -42.39 -21.30
N VAL D 250 26.78 -43.46 -22.08
CA VAL D 250 26.83 -44.79 -21.52
C VAL D 250 28.03 -44.94 -20.58
N SER D 251 29.18 -44.42 -21.00
CA SER D 251 30.37 -44.49 -20.15
C SER D 251 30.17 -43.73 -18.85
N LYS D 252 29.53 -42.55 -18.91
CA LYS D 252 29.24 -41.79 -17.71
C LYS D 252 28.26 -42.54 -16.81
N ILE D 253 27.27 -43.20 -17.40
CA ILE D 253 26.28 -43.94 -16.61
C ILE D 253 26.93 -45.14 -15.93
N PHE D 254 27.88 -45.80 -16.59
CA PHE D 254 28.47 -47.01 -16.04
C PHE D 254 29.27 -46.76 -14.76
N ILE D 255 29.64 -45.50 -14.48
CA ILE D 255 30.39 -45.12 -13.28
C ILE D 255 31.73 -45.82 -13.26
N ASN D 256 31.72 -47.15 -13.09
CA ASN D 256 32.96 -47.91 -13.11
C ASN D 256 33.55 -47.93 -14.51
N SER D 257 34.87 -47.90 -14.58
CA SER D 257 35.56 -47.84 -15.86
C SER D 257 35.31 -49.11 -16.66
N ILE D 258 35.14 -48.94 -17.98
CA ILE D 258 34.93 -50.06 -18.89
C ILE D 258 36.24 -50.32 -19.62
N ILE D 259 36.79 -51.52 -19.42
CA ILE D 259 38.08 -51.86 -20.02
C ILE D 259 37.96 -51.92 -21.54
N ASN D 260 36.90 -52.53 -22.05
CA ASN D 260 36.76 -52.72 -23.50
C ASN D 260 36.23 -51.45 -24.15
N PHE D 261 36.90 -50.32 -23.91
CA PHE D 261 36.54 -49.07 -24.55
C PHE D 261 37.28 -48.92 -25.87
N ASN D 262 36.73 -48.07 -26.74
CA ASN D 262 37.27 -47.82 -28.07
C ASN D 262 37.28 -49.09 -28.92
N ASP D 263 36.63 -50.14 -28.43
CA ASP D 263 36.48 -51.38 -29.17
C ASP D 263 35.11 -51.54 -29.81
N LEU D 264 34.10 -50.91 -29.25
CA LEU D 264 32.76 -50.90 -29.82
C LEU D 264 32.57 -49.62 -30.61
N ASP D 265 32.45 -49.75 -31.92
CA ASP D 265 32.29 -48.62 -32.82
C ASP D 265 30.81 -48.42 -33.14
N GLU D 266 30.54 -47.49 -34.06
CA GLU D 266 29.16 -47.29 -34.49
C GLU D 266 28.60 -48.50 -35.20
N ASN D 267 29.46 -49.28 -35.86
CA ASN D 267 29.05 -50.49 -36.56
C ASN D 267 29.22 -51.75 -35.73
N ASN D 268 29.88 -51.66 -34.57
CA ASN D 268 30.12 -52.82 -33.73
C ASN D 268 29.90 -52.47 -32.26
N PHE D 269 28.83 -51.73 -31.97
CA PHE D 269 28.55 -51.35 -30.59
C PHE D 269 28.00 -52.54 -29.79
N THR D 270 27.11 -53.33 -30.39
CA THR D 270 26.47 -54.44 -29.71
C THR D 270 27.18 -55.76 -29.93
N THR D 271 28.26 -55.77 -30.73
CA THR D 271 28.95 -57.01 -31.05
C THR D 271 29.95 -57.42 -29.99
N VAL D 272 30.77 -56.48 -29.53
CA VAL D 272 31.81 -56.76 -28.55
C VAL D 272 31.24 -56.50 -27.16
N PRO D 273 31.10 -57.52 -26.31
CA PRO D 273 30.68 -57.27 -24.93
C PRO D 273 31.67 -56.39 -24.21
N LEU D 274 31.15 -55.49 -23.37
CA LEU D 274 31.97 -54.51 -22.67
C LEU D 274 32.49 -55.10 -21.37
N VAL D 275 33.80 -55.04 -21.17
CA VAL D 275 34.44 -55.54 -19.96
C VAL D 275 34.72 -54.35 -19.05
N ILE D 276 34.37 -54.49 -17.77
CA ILE D 276 34.48 -53.41 -16.81
C ILE D 276 35.56 -53.76 -15.79
N ASP D 277 35.85 -52.80 -14.92
CA ASP D 277 36.81 -52.99 -13.85
C ASP D 277 36.10 -53.41 -12.57
N TYR D 278 36.86 -54.06 -11.68
CA TYR D 278 36.35 -54.56 -10.42
C TYR D 278 36.79 -53.72 -9.23
N VAL D 279 37.20 -52.46 -9.47
CA VAL D 279 37.63 -51.59 -8.39
C VAL D 279 36.48 -51.36 -7.41
N THR D 280 35.29 -51.10 -7.95
CA THR D 280 34.09 -50.91 -7.16
C THR D 280 33.07 -51.99 -7.50
N PRO D 281 32.17 -52.32 -6.58
CA PRO D 281 31.10 -53.27 -6.91
C PRO D 281 30.19 -52.70 -7.99
N CYS D 282 29.38 -53.59 -8.57
CA CYS D 282 28.50 -53.21 -9.67
C CYS D 282 27.57 -52.08 -9.26
N ALA D 283 27.48 -51.06 -10.11
CA ALA D 283 26.61 -49.92 -9.83
C ALA D 283 25.13 -50.28 -9.91
N LEU D 284 24.80 -51.46 -10.42
CA LEU D 284 23.41 -51.89 -10.56
C LEU D 284 23.00 -52.94 -9.54
N CYS D 285 23.94 -53.76 -9.06
CA CYS D 285 23.60 -54.82 -8.13
C CYS D 285 24.57 -54.96 -6.96
N LYS D 286 25.57 -54.07 -6.85
CA LYS D 286 26.50 -54.03 -5.71
C LYS D 286 27.31 -55.31 -5.55
N LYS D 287 27.51 -56.05 -6.63
CA LYS D 287 28.33 -57.26 -6.57
C LYS D 287 29.77 -56.95 -6.95
N ARG D 288 30.70 -57.50 -6.16
CA ARG D 288 32.11 -57.23 -6.40
C ARG D 288 32.55 -57.74 -7.77
N SER D 289 32.25 -59.01 -8.06
CA SER D 289 32.65 -59.64 -9.31
C SER D 289 31.47 -60.37 -9.92
N HIS D 290 31.43 -60.39 -11.25
CA HIS D 290 30.35 -61.02 -11.98
C HIS D 290 30.91 -62.10 -12.89
N LYS D 291 30.03 -63.05 -13.25
CA LYS D 291 30.45 -64.19 -14.05
C LYS D 291 30.93 -63.78 -15.44
N HIS D 292 30.23 -62.85 -16.07
CA HIS D 292 30.49 -62.49 -17.45
C HIS D 292 30.48 -60.97 -17.61
N PRO D 293 31.12 -60.44 -18.65
CA PRO D 293 31.09 -58.99 -18.89
C PRO D 293 29.71 -58.54 -19.36
N HIS D 294 29.54 -57.22 -19.38
CA HIS D 294 28.26 -56.63 -19.74
C HIS D 294 28.02 -56.74 -21.24
N GLN D 295 26.89 -56.20 -21.68
CA GLN D 295 26.49 -56.28 -23.08
C GLN D 295 25.45 -55.19 -23.35
N LEU D 296 25.54 -54.60 -24.54
CA LEU D 296 24.64 -53.55 -24.99
C LEU D 296 23.77 -54.07 -26.13
N SER D 297 22.49 -53.71 -26.12
CA SER D 297 21.56 -54.12 -27.16
C SER D 297 20.65 -52.95 -27.51
N LEU D 298 20.07 -53.00 -28.69
CA LEU D 298 19.20 -51.94 -29.18
C LEU D 298 17.77 -52.44 -29.29
N GLU D 299 16.83 -51.66 -28.77
CA GLU D 299 15.41 -52.03 -28.80
C GLU D 299 14.60 -50.74 -28.85
N ASN D 300 13.91 -50.51 -29.97
CA ASN D 300 12.99 -49.39 -30.14
C ASN D 300 13.67 -48.05 -29.84
N GLY D 301 14.90 -47.89 -30.31
CA GLY D 301 15.63 -46.66 -30.08
C GLY D 301 16.13 -46.49 -28.66
N ALA D 302 16.23 -47.58 -27.89
CA ALA D 302 16.74 -47.52 -26.54
C ALA D 302 17.85 -48.55 -26.38
N ILE D 303 18.93 -48.14 -25.71
CA ILE D 303 20.05 -49.02 -25.46
C ILE D 303 19.85 -49.70 -24.12
N ARG D 304 19.76 -51.03 -24.13
CA ARG D 304 19.65 -51.84 -22.93
C ARG D 304 21.02 -52.37 -22.56
N ILE D 305 21.42 -52.16 -21.32
CA ILE D 305 22.69 -52.61 -20.79
C ILE D 305 22.41 -53.71 -19.77
N TYR D 306 23.00 -54.87 -19.98
CA TYR D 306 22.75 -56.01 -19.10
C TYR D 306 23.93 -56.97 -19.17
N LYS D 307 24.12 -57.71 -18.09
CA LYS D 307 25.19 -58.70 -18.02
C LYS D 307 24.74 -60.03 -18.63
N THR D 308 25.70 -60.78 -19.14
CA THR D 308 25.45 -62.12 -19.67
C THR D 308 25.77 -63.16 -18.61
N GLY D 309 25.39 -64.40 -18.91
CA GLY D 309 25.57 -65.49 -17.97
C GLY D 309 24.40 -65.62 -17.03
N ASN D 310 24.54 -65.09 -15.81
CA ASN D 310 23.44 -65.07 -14.85
C ASN D 310 22.58 -63.86 -15.14
N PRO D 311 21.33 -64.04 -15.60
CA PRO D 311 20.51 -62.88 -15.95
C PRO D 311 19.98 -62.14 -14.73
N HIS D 312 19.58 -62.89 -13.70
CA HIS D 312 19.02 -62.28 -12.50
C HIS D 312 20.07 -61.59 -11.65
N SER D 313 21.36 -61.83 -11.89
CA SER D 313 22.39 -61.21 -11.08
C SER D 313 22.41 -59.69 -11.25
N CYS D 314 22.27 -59.21 -12.48
CA CYS D 314 22.33 -57.79 -12.78
C CYS D 314 20.98 -57.33 -13.32
N LYS D 315 20.46 -56.25 -12.74
CA LYS D 315 19.24 -55.64 -13.26
C LYS D 315 19.54 -54.94 -14.59
N VAL D 316 18.55 -54.94 -15.47
CA VAL D 316 18.70 -54.35 -16.79
C VAL D 316 18.58 -52.84 -16.69
N LYS D 317 19.53 -52.12 -17.28
CA LYS D 317 19.48 -50.68 -17.34
C LYS D 317 19.08 -50.23 -18.74
N ILE D 318 18.45 -49.07 -18.84
CA ILE D 318 17.93 -48.55 -20.09
C ILE D 318 18.42 -47.12 -20.27
N VAL D 319 18.87 -46.78 -21.47
CA VAL D 319 19.28 -45.43 -21.82
C VAL D 319 18.60 -45.05 -23.13
N PRO D 320 17.80 -43.97 -23.16
CA PRO D 320 17.11 -43.59 -24.40
C PRO D 320 17.88 -42.57 -25.21
N LEU D 321 17.86 -42.77 -26.53
CA LEU D 321 18.38 -41.81 -27.50
C LEU D 321 17.16 -41.11 -28.12
N ASP D 322 16.65 -40.12 -27.40
CA ASP D 322 15.32 -39.57 -27.72
C ASP D 322 15.35 -38.71 -28.98
N GLY D 323 16.10 -37.62 -28.96
CA GLY D 323 16.12 -36.70 -30.08
C GLY D 323 15.60 -35.33 -29.71
N ASN D 324 14.61 -34.83 -30.44
CA ASN D 324 14.01 -33.52 -30.17
C ASN D 324 15.09 -32.42 -30.26
N LYS D 325 15.54 -32.19 -31.49
CA LYS D 325 16.64 -31.27 -31.80
C LYS D 325 16.72 -30.07 -30.88
N LEU D 326 15.59 -29.44 -30.57
CA LEU D 326 15.62 -28.26 -29.73
C LEU D 326 16.08 -28.60 -28.30
N PHE D 327 15.73 -29.79 -27.81
CA PHE D 327 16.27 -30.20 -26.52
C PHE D 327 17.77 -30.43 -26.60
N ASN D 328 18.25 -31.01 -27.69
CA ASN D 328 19.69 -31.19 -27.84
C ASN D 328 20.41 -29.85 -27.86
N ILE D 329 19.84 -28.87 -28.56
CA ILE D 329 20.44 -27.54 -28.60
C ILE D 329 20.48 -26.91 -27.21
N ALA D 330 19.38 -27.07 -26.46
CA ALA D 330 19.36 -26.55 -25.10
C ALA D 330 20.41 -27.22 -24.23
N GLN D 331 20.56 -28.54 -24.37
CA GLN D 331 21.58 -29.25 -23.59
C GLN D 331 22.98 -28.77 -23.95
N ARG D 332 23.25 -28.59 -25.25
CA ARG D 332 24.57 -28.15 -25.66
C ARG D 332 24.87 -26.74 -25.15
N ILE D 333 23.88 -25.85 -25.18
CA ILE D 333 24.09 -24.50 -24.68
C ILE D 333 24.32 -24.52 -23.17
N LEU D 334 23.65 -25.43 -22.46
CA LEU D 334 23.95 -25.58 -21.04
C LEU D 334 25.34 -26.14 -20.80
N ASP D 335 25.83 -27.01 -21.70
CA ASP D 335 27.14 -27.61 -21.49
C ASP D 335 28.25 -26.58 -21.56
N THR D 336 28.11 -25.56 -22.41
CA THR D 336 29.11 -24.50 -22.46
C THR D 336 29.16 -23.69 -21.17
N ASN D 337 28.13 -23.79 -20.33
CA ASN D 337 28.07 -23.10 -19.04
C ASN D 337 28.11 -21.58 -19.22
N SER D 338 27.10 -21.07 -19.93
CA SER D 338 26.97 -19.64 -20.16
C SER D 338 25.80 -19.01 -19.42
N VAL D 339 24.75 -19.77 -19.10
CA VAL D 339 23.62 -19.27 -18.35
C VAL D 339 23.73 -19.78 -16.93
N LEU D 340 23.55 -18.90 -15.96
CA LEU D 340 23.58 -19.30 -14.55
C LEU D 340 22.38 -18.69 -13.84
N LEU D 341 21.98 -19.32 -12.76
CA LEU D 341 20.86 -18.85 -11.94
C LEU D 341 21.42 -18.27 -10.65
N THR D 342 21.25 -16.97 -10.46
CA THR D 342 21.72 -16.31 -9.26
C THR D 342 20.80 -16.66 -8.08
N GLU D 343 21.33 -16.43 -6.87
CA GLU D 343 20.56 -16.76 -5.67
C GLU D 343 19.28 -15.93 -5.57
N ARG D 344 19.29 -14.72 -6.13
CA ARG D 344 18.09 -13.89 -6.11
C ARG D 344 17.00 -14.40 -7.04
N GLY D 345 17.29 -15.37 -7.89
CA GLY D 345 16.30 -15.89 -8.82
C GLY D 345 16.33 -15.26 -10.20
N ASP D 346 17.37 -14.52 -10.54
CA ASP D 346 17.49 -13.90 -11.85
C ASP D 346 18.66 -14.52 -12.60
N HIS D 347 18.44 -14.84 -13.87
CA HIS D 347 19.46 -15.48 -14.68
C HIS D 347 20.50 -14.48 -15.15
N ILE D 348 21.76 -14.92 -15.20
CA ILE D 348 22.85 -14.12 -15.72
C ILE D 348 23.49 -14.87 -16.88
N VAL D 349 23.87 -14.14 -17.92
CA VAL D 349 24.36 -14.75 -19.15
C VAL D 349 25.67 -14.11 -19.56
N TRP D 350 26.50 -14.88 -20.24
CA TRP D 350 27.86 -14.49 -20.61
C TRP D 350 27.84 -14.08 -22.08
N ILE D 351 27.70 -12.77 -22.32
CA ILE D 351 27.63 -12.22 -23.67
C ILE D 351 28.76 -11.21 -23.82
N ASN D 352 29.50 -11.33 -24.93
CA ASN D 352 30.52 -10.34 -25.29
C ASN D 352 31.52 -10.13 -24.16
N ASN D 353 31.97 -11.23 -23.56
CA ASN D 353 32.92 -11.20 -22.46
C ASN D 353 32.39 -10.38 -21.28
N SER D 354 31.10 -10.52 -20.99
CA SER D 354 30.51 -9.82 -19.85
C SER D 354 29.40 -10.67 -19.26
N TRP D 355 29.29 -10.64 -17.93
CA TRP D 355 28.22 -11.36 -17.23
C TRP D 355 27.05 -10.40 -17.06
N LYS D 356 26.21 -10.30 -18.08
CA LYS D 356 25.08 -9.40 -18.02
C LYS D 356 23.90 -10.08 -17.35
N PHE D 357 22.99 -9.26 -16.83
CA PHE D 357 21.71 -9.77 -16.37
C PHE D 357 20.72 -8.62 -16.34
N ASN D 358 19.50 -8.90 -16.80
CA ASN D 358 18.45 -7.89 -16.87
C ASN D 358 17.10 -8.60 -16.83
N SER D 359 16.11 -7.90 -16.29
CA SER D 359 14.78 -8.46 -16.12
C SER D 359 13.79 -8.01 -17.18
N GLU D 360 13.82 -6.74 -17.58
CA GLU D 360 12.87 -6.23 -18.56
C GLU D 360 13.28 -6.52 -19.99
N GLU D 361 14.52 -6.90 -20.23
CA GLU D 361 15.01 -7.23 -21.56
C GLU D 361 15.75 -8.55 -21.48
N PRO D 362 15.02 -9.66 -21.31
CA PRO D 362 15.67 -10.95 -21.05
C PRO D 362 16.65 -11.31 -22.16
N LEU D 363 17.78 -11.88 -21.75
CA LEU D 363 18.93 -12.02 -22.62
C LEU D 363 19.14 -13.42 -23.14
N ILE D 364 18.30 -14.39 -22.76
CA ILE D 364 18.59 -15.77 -23.10
C ILE D 364 18.48 -16.00 -24.60
N THR D 365 17.50 -15.35 -25.25
CA THR D 365 17.42 -15.45 -26.70
C THR D 365 18.60 -14.78 -27.37
N LYS D 366 19.10 -13.68 -26.79
CA LYS D 366 20.32 -13.07 -27.31
C LYS D 366 21.49 -14.03 -27.23
N LEU D 367 21.61 -14.75 -26.12
CA LEU D 367 22.70 -15.69 -25.99
C LEU D 367 22.55 -16.85 -26.96
N ILE D 368 21.33 -17.34 -27.18
CA ILE D 368 21.15 -18.43 -28.13
C ILE D 368 21.50 -17.98 -29.55
N LEU D 369 21.03 -16.80 -29.94
CA LEU D 369 21.38 -16.28 -31.26
C LEU D 369 22.89 -16.12 -31.38
N SER D 370 23.56 -15.66 -30.33
CA SER D 370 25.01 -15.47 -30.40
C SER D 370 25.74 -16.80 -30.52
N ILE D 371 25.42 -17.75 -29.62
CA ILE D 371 26.10 -19.05 -29.59
C ILE D 371 25.70 -19.94 -30.76
N ARG D 372 24.81 -19.47 -31.64
CA ARG D 372 24.55 -20.20 -32.88
C ARG D 372 25.80 -20.76 -33.53
N HIS D 373 26.93 -20.06 -33.44
CA HIS D 373 28.06 -20.37 -34.31
C HIS D 373 28.81 -21.62 -33.86
N GLN D 374 28.93 -21.83 -32.54
CA GLN D 374 29.67 -22.99 -32.05
C GLN D 374 28.97 -24.31 -32.39
N LEU D 375 27.64 -24.30 -32.48
CA LEU D 375 26.90 -25.54 -32.67
C LEU D 375 27.15 -26.10 -34.07
N PRO D 376 26.92 -27.40 -34.26
CA PRO D 376 27.09 -28.01 -35.59
C PRO D 376 26.23 -27.33 -36.64
N LYS D 377 26.55 -27.64 -37.90
CA LYS D 377 25.86 -27.00 -39.02
C LYS D 377 24.40 -27.41 -39.12
N GLU D 378 24.02 -28.57 -38.57
CA GLU D 378 22.64 -29.00 -38.60
C GLU D 378 21.78 -28.32 -37.55
N TYR D 379 22.39 -27.68 -36.56
CA TYR D 379 21.65 -26.97 -35.52
C TYR D 379 21.61 -25.46 -35.73
N SER D 380 22.49 -24.93 -36.58
CA SER D 380 22.52 -23.49 -36.81
C SER D 380 21.23 -22.99 -37.44
N SER D 381 20.67 -23.75 -38.39
CA SER D 381 19.52 -23.29 -39.14
C SER D 381 18.24 -23.26 -38.31
N GLU D 382 18.23 -23.86 -37.13
CA GLU D 382 17.04 -23.85 -36.29
C GLU D 382 16.95 -22.64 -35.39
N LEU D 383 18.03 -21.87 -35.25
CA LEU D 383 18.07 -20.75 -34.33
C LEU D 383 17.83 -19.42 -35.02
N LEU D 384 17.46 -19.43 -36.30
CA LEU D 384 17.10 -18.22 -37.00
C LEU D 384 15.63 -17.87 -36.90
N CYS D 385 14.83 -18.71 -36.24
CA CYS D 385 13.41 -18.45 -36.05
C CYS D 385 13.15 -18.10 -34.60
N PRO D 386 12.53 -16.97 -34.29
CA PRO D 386 12.26 -16.63 -32.88
C PRO D 386 11.40 -17.66 -32.17
N ARG D 387 10.47 -18.30 -32.88
CA ARG D 387 9.58 -19.27 -32.26
C ARG D 387 10.33 -20.51 -31.79
N LYS D 388 11.54 -20.75 -32.28
CA LYS D 388 12.35 -21.85 -31.80
C LYS D 388 13.35 -21.43 -30.74
N ARG D 389 13.86 -20.20 -30.80
CA ARG D 389 14.65 -19.69 -29.70
C ARG D 389 13.82 -19.58 -28.43
N LYS D 390 12.52 -19.31 -28.55
CA LYS D 390 11.66 -19.33 -27.37
C LYS D 390 11.59 -20.73 -26.76
N THR D 391 11.46 -21.76 -27.61
CA THR D 391 11.43 -23.12 -27.11
C THR D 391 12.75 -23.47 -26.42
N VAL D 392 13.87 -23.10 -27.03
CA VAL D 392 15.15 -23.43 -26.44
C VAL D 392 15.34 -22.71 -25.11
N GLU D 393 14.89 -21.46 -25.01
CA GLU D 393 15.04 -20.81 -23.71
C GLU D 393 14.09 -21.41 -22.68
N ALA D 394 12.93 -21.92 -23.11
CA ALA D 394 12.06 -22.61 -22.16
C ALA D 394 12.74 -23.85 -21.60
N ASN D 395 13.38 -24.63 -22.47
CA ASN D 395 14.13 -25.79 -22.00
C ASN D 395 15.27 -25.37 -21.06
N ILE D 396 16.02 -24.35 -21.44
CA ILE D 396 17.15 -23.92 -20.61
C ILE D 396 16.67 -23.44 -19.26
N ARG D 397 15.59 -22.67 -19.23
CA ARG D 397 15.07 -22.16 -17.98
C ARG D 397 14.48 -23.26 -17.12
N ASP D 398 14.01 -24.35 -17.73
CA ASP D 398 13.55 -25.48 -16.94
C ASP D 398 14.67 -26.41 -16.49
N MET D 399 15.85 -26.34 -17.09
CA MET D 399 16.95 -27.20 -16.68
C MET D 399 17.86 -26.58 -15.64
N LEU D 400 17.58 -25.36 -15.19
CA LEU D 400 18.42 -24.68 -14.21
C LEU D 400 17.79 -24.86 -12.83
N VAL D 401 18.32 -25.80 -12.06
CA VAL D 401 17.75 -26.18 -10.77
C VAL D 401 18.50 -25.54 -9.61
N ASP D 402 19.82 -25.66 -9.59
CA ASP D 402 20.62 -25.19 -8.47
C ASP D 402 21.14 -23.78 -8.72
N SER D 403 21.28 -23.02 -7.65
CA SER D 403 21.76 -21.65 -7.69
C SER D 403 23.27 -21.60 -7.48
N VAL D 404 23.85 -20.44 -7.76
CA VAL D 404 25.27 -20.19 -7.54
C VAL D 404 25.42 -18.90 -6.74
N GLU D 405 26.66 -18.58 -6.40
CA GLU D 405 26.99 -17.35 -5.69
C GLU D 405 27.63 -16.36 -6.66
N THR D 406 27.12 -15.15 -6.68
CA THR D 406 27.56 -14.12 -7.61
C THR D 406 28.45 -13.12 -6.89
N ASP D 407 29.57 -12.76 -7.54
CA ASP D 407 30.50 -11.75 -7.04
C ASP D 407 31.05 -12.15 -5.67
N THR D 408 31.84 -13.22 -5.67
CA THR D 408 32.45 -13.72 -4.45
C THR D 408 33.86 -13.19 -4.22
N TYR D 409 34.65 -13.05 -5.28
CA TYR D 409 36.05 -12.70 -5.13
C TYR D 409 36.20 -11.20 -4.89
N PRO D 410 36.82 -10.78 -3.80
CA PRO D 410 36.92 -9.34 -3.49
C PRO D 410 38.20 -8.65 -3.98
N ASP D 411 39.00 -9.28 -4.83
CA ASP D 411 40.24 -8.68 -5.29
C ASP D 411 40.27 -8.50 -6.80
N LYS D 412 39.11 -8.38 -7.43
CA LYS D 412 39.00 -8.28 -8.87
C LYS D 412 38.18 -7.05 -9.26
N LEU D 413 38.51 -6.48 -10.41
CA LEU D 413 37.79 -5.32 -10.93
C LEU D 413 37.28 -5.63 -12.33
N PRO D 414 35.98 -5.67 -12.57
CA PRO D 414 35.49 -6.12 -13.88
C PRO D 414 35.32 -4.98 -14.88
N PHE D 415 35.88 -5.15 -16.08
CA PHE D 415 35.68 -4.25 -17.20
C PHE D 415 34.98 -5.01 -18.31
N LYS D 416 34.43 -4.25 -19.28
CA LYS D 416 33.57 -4.85 -20.29
C LYS D 416 34.26 -5.98 -21.05
N ASN D 417 35.58 -5.88 -21.24
CA ASN D 417 36.30 -6.89 -22.00
C ASN D 417 37.08 -7.86 -21.13
N GLY D 418 36.93 -7.81 -19.81
CA GLY D 418 37.68 -8.73 -18.97
C GLY D 418 37.66 -8.32 -17.51
N VAL D 419 38.73 -8.67 -16.81
CA VAL D 419 38.82 -8.36 -15.39
C VAL D 419 40.29 -8.08 -15.06
N LEU D 420 40.51 -7.09 -14.21
CA LEU D 420 41.82 -6.74 -13.72
C LEU D 420 42.03 -7.34 -12.33
N ASP D 421 43.15 -8.02 -12.14
CA ASP D 421 43.49 -8.61 -10.85
C ASP D 421 44.37 -7.62 -10.11
N LEU D 422 43.79 -6.95 -9.11
CA LEU D 422 44.52 -5.87 -8.43
C LEU D 422 45.75 -6.40 -7.70
N VAL D 423 45.63 -7.56 -7.06
CA VAL D 423 46.76 -8.11 -6.32
C VAL D 423 47.89 -8.50 -7.27
N ASP D 424 47.54 -9.02 -8.45
CA ASP D 424 48.54 -9.48 -9.40
C ASP D 424 48.92 -8.42 -10.42
N GLY D 425 48.00 -7.52 -10.76
CA GLY D 425 48.24 -6.56 -11.82
C GLY D 425 48.05 -7.11 -13.21
N MET D 426 47.67 -8.37 -13.34
CA MET D 426 47.48 -9.01 -14.64
C MET D 426 46.05 -8.83 -15.12
N PHE D 427 45.90 -8.59 -16.41
CA PHE D 427 44.59 -8.39 -17.03
C PHE D 427 44.17 -9.65 -17.76
N TYR D 428 42.99 -10.16 -17.41
CA TYR D 428 42.41 -11.32 -18.08
C TYR D 428 41.48 -10.86 -19.21
N SER D 429 41.06 -11.83 -20.02
CA SER D 429 40.12 -11.55 -21.10
C SER D 429 39.47 -12.86 -21.53
N GLY D 430 38.20 -12.77 -21.93
CA GLY D 430 37.53 -13.95 -22.45
C GLY D 430 37.26 -14.98 -21.37
N ASP D 431 37.46 -16.25 -21.74
CA ASP D 431 37.12 -17.36 -20.85
C ASP D 431 37.90 -17.32 -19.55
N ASP D 432 39.05 -16.64 -19.51
CA ASP D 432 39.78 -16.50 -18.26
C ASP D 432 38.95 -15.74 -17.23
N ALA D 433 38.26 -14.68 -17.65
CA ALA D 433 37.42 -13.90 -16.76
C ALA D 433 36.13 -14.62 -16.41
N LYS D 434 35.81 -15.72 -17.08
CA LYS D 434 34.54 -16.39 -16.84
C LYS D 434 34.44 -16.92 -15.43
N LYS D 435 35.52 -17.51 -14.91
CA LYS D 435 35.45 -18.21 -13.64
C LYS D 435 35.10 -17.27 -12.49
N TYR D 436 35.41 -15.99 -12.61
CA TYR D 436 34.98 -15.00 -11.62
C TYR D 436 33.63 -14.48 -12.04
N THR D 437 32.57 -14.98 -11.40
CA THR D 437 31.21 -14.55 -11.71
C THR D 437 30.98 -13.17 -11.12
N CYS D 438 31.62 -12.17 -11.75
CA CYS D 438 31.42 -10.78 -11.41
C CYS D 438 30.31 -10.23 -12.28
N THR D 439 29.12 -10.09 -11.70
CA THR D 439 27.93 -9.77 -12.47
C THR D 439 27.79 -8.28 -12.76
N VAL D 440 28.69 -7.45 -12.26
CA VAL D 440 28.70 -6.03 -12.58
C VAL D 440 29.93 -5.74 -13.42
N SER D 441 30.03 -4.50 -13.90
CA SER D 441 31.19 -4.08 -14.68
C SER D 441 31.24 -2.56 -14.67
N THR D 442 32.41 -2.03 -15.06
CA THR D 442 32.54 -0.58 -15.15
C THR D 442 31.80 -0.03 -16.36
N GLY D 443 31.39 -0.87 -17.29
CA GLY D 443 30.66 -0.43 -18.46
C GLY D 443 31.52 -0.04 -19.64
N PHE D 444 32.83 0.08 -19.47
CA PHE D 444 33.72 0.41 -20.56
C PHE D 444 34.82 -0.64 -20.66
N LYS D 445 35.64 -0.50 -21.68
CA LYS D 445 36.71 -1.45 -21.98
C LYS D 445 38.03 -0.97 -21.42
N PHE D 446 38.98 -1.91 -21.32
CA PHE D 446 40.30 -1.65 -20.77
C PHE D 446 41.32 -1.58 -21.91
N ASP D 447 42.13 -0.53 -21.90
CA ASP D 447 43.16 -0.33 -22.91
C ASP D 447 44.51 -0.20 -22.23
N ASP D 448 45.39 -1.18 -22.45
CA ASP D 448 46.66 -1.23 -21.72
C ASP D 448 47.59 -0.10 -22.15
N THR D 449 47.41 0.43 -23.36
CA THR D 449 48.31 1.49 -23.83
C THR D 449 48.18 2.75 -22.97
N LYS D 450 47.00 3.02 -22.41
CA LYS D 450 46.81 4.18 -21.56
C LYS D 450 47.05 3.88 -20.09
N PHE D 451 46.97 2.62 -19.68
CA PHE D 451 47.20 2.23 -18.28
C PHE D 451 48.70 2.19 -18.03
N VAL D 452 49.28 3.39 -17.96
CA VAL D 452 50.73 3.54 -17.82
C VAL D 452 51.02 4.52 -16.69
N GLU D 453 52.26 4.48 -16.23
CA GLU D 453 52.70 5.36 -15.14
C GLU D 453 53.19 6.71 -15.65
N ASP D 454 53.84 6.76 -16.81
CA ASP D 454 54.45 7.98 -17.35
C ASP D 454 53.68 8.37 -18.61
N SER D 455 52.62 9.14 -18.42
CA SER D 455 51.81 9.67 -19.51
C SER D 455 51.53 11.14 -19.23
N PRO D 456 51.40 11.96 -20.28
CA PRO D 456 51.21 13.40 -20.04
C PRO D 456 50.00 13.72 -19.17
N GLU D 457 48.94 12.92 -19.26
CA GLU D 457 47.80 13.13 -18.37
C GLU D 457 48.13 12.79 -16.93
N MET D 458 49.12 11.92 -16.70
CA MET D 458 49.41 11.47 -15.35
C MET D 458 49.95 12.60 -14.49
N GLU D 459 50.89 13.39 -15.02
CA GLU D 459 51.43 14.49 -14.25
C GLU D 459 50.37 15.54 -13.96
N GLU D 460 49.51 15.82 -14.94
CA GLU D 460 48.44 16.79 -14.74
C GLU D 460 47.45 16.30 -13.67
N LEU D 461 47.10 15.01 -13.70
CA LEU D 461 46.19 14.47 -12.71
C LEU D 461 46.81 14.50 -11.32
N MET D 462 48.10 14.16 -11.21
CA MET D 462 48.76 14.21 -9.91
C MET D 462 48.84 15.65 -9.40
N ASN D 463 49.09 16.61 -10.28
CA ASN D 463 49.11 18.01 -9.88
C ASN D 463 47.75 18.45 -9.39
N ILE D 464 46.68 18.07 -10.09
CA ILE D 464 45.33 18.42 -9.64
C ILE D 464 45.04 17.81 -8.28
N ILE D 465 45.39 16.53 -8.09
CA ILE D 465 45.11 15.86 -6.82
C ILE D 465 45.88 16.54 -5.69
N ASN D 466 47.16 16.82 -5.91
CA ASN D 466 47.96 17.49 -4.88
C ASN D 466 47.49 18.91 -4.62
N ASP D 467 46.86 19.54 -5.62
CA ASP D 467 46.28 20.86 -5.38
C ASP D 467 45.04 20.76 -4.52
N ILE D 468 44.25 19.70 -4.71
CA ILE D 468 43.08 19.49 -3.87
C ILE D 468 43.50 19.18 -2.43
N GLN D 469 44.50 18.32 -2.27
CA GLN D 469 45.05 17.99 -0.96
C GLN D 469 46.56 18.08 -1.00
N PRO D 470 47.16 19.18 -0.52
CA PRO D 470 48.61 19.32 -0.57
C PRO D 470 49.31 18.27 0.27
N LEU D 471 50.49 17.85 -0.20
CA LEU D 471 51.28 16.84 0.49
C LEU D 471 52.14 17.47 1.58
N THR D 472 51.52 18.25 2.45
CA THR D 472 52.23 18.92 3.54
C THR D 472 52.14 18.10 4.82
N ASP D 473 53.03 18.42 5.76
CA ASP D 473 53.06 17.69 7.03
C ASP D 473 51.76 17.86 7.80
N GLU D 474 51.21 19.09 7.81
CA GLU D 474 49.95 19.33 8.49
C GLU D 474 48.81 18.55 7.82
N ASN D 475 48.86 18.41 6.50
CA ASN D 475 47.83 17.69 5.77
C ASN D 475 48.17 16.22 5.57
N LYS D 476 49.27 15.73 6.15
CA LYS D 476 49.73 14.37 5.89
C LYS D 476 48.70 13.33 6.32
N LYS D 477 48.20 13.44 7.55
CA LYS D 477 47.25 12.46 8.06
C LYS D 477 45.95 12.50 7.27
N ASN D 478 45.46 13.71 6.97
CA ASN D 478 44.23 13.85 6.21
C ASN D 478 44.37 13.28 4.81
N ARG D 479 45.53 13.49 4.19
CA ARG D 479 45.77 12.95 2.84
C ARG D 479 45.86 11.44 2.88
N GLU D 480 46.47 10.88 3.92
CA GLU D 480 46.52 9.43 4.06
C GLU D 480 45.12 8.86 4.19
N LEU D 481 44.28 9.50 5.01
CA LEU D 481 42.89 9.05 5.14
C LEU D 481 42.13 9.21 3.83
N TYR D 482 42.43 10.29 3.09
CA TYR D 482 41.84 10.51 1.77
C TYR D 482 42.16 9.37 0.82
N GLU D 483 43.44 8.98 0.78
CA GLU D 483 43.87 7.88 -0.07
C GLU D 483 43.22 6.57 0.36
N LYS D 484 43.15 6.32 1.66
CA LYS D 484 42.50 5.12 2.16
C LYS D 484 41.05 5.05 1.70
N THR D 485 40.32 6.15 1.90
CA THR D 485 38.90 6.16 1.55
C THR D 485 38.71 5.99 0.05
N LEU D 486 39.55 6.63 -0.76
CA LEU D 486 39.39 6.50 -2.21
C LEU D 486 39.77 5.11 -2.70
N SER D 487 40.87 4.56 -2.20
CA SER D 487 41.32 3.24 -2.60
C SER D 487 40.39 2.14 -2.11
N SER D 488 39.60 2.39 -1.07
CA SER D 488 38.60 1.44 -0.64
C SER D 488 37.41 1.35 -1.60
N CYS D 489 37.35 2.23 -2.60
CA CYS D 489 36.29 2.16 -3.60
C CYS D 489 36.49 1.03 -4.60
N LEU D 490 37.66 0.37 -4.59
CA LEU D 490 37.89 -0.79 -5.43
C LEU D 490 37.76 -2.11 -4.69
N CYS D 491 38.07 -2.13 -3.40
CA CYS D 491 37.92 -3.34 -2.62
C CYS D 491 36.46 -3.76 -2.58
N GLY D 492 36.15 -4.86 -3.28
CA GLY D 492 34.79 -5.33 -3.36
C GLY D 492 34.37 -6.20 -2.20
N ALA D 493 34.25 -5.60 -1.02
CA ALA D 493 33.81 -6.30 0.18
C ALA D 493 32.90 -5.38 0.96
N THR D 494 32.66 -5.73 2.22
CA THR D 494 31.82 -4.93 3.11
C THR D 494 32.71 -4.12 4.04
N LYS D 495 32.51 -2.80 4.05
CA LYS D 495 33.24 -1.90 4.93
C LYS D 495 32.31 -1.42 6.03
N GLY D 496 32.87 -1.21 7.22
CA GLY D 496 32.06 -0.81 8.36
C GLY D 496 32.16 0.66 8.71
N CYS D 497 32.16 1.53 7.71
CA CYS D 497 32.20 2.96 7.95
C CYS D 497 31.70 3.71 6.72
N LEU D 498 31.12 4.89 6.94
CA LEU D 498 30.63 5.74 5.87
C LEU D 498 31.43 7.04 5.87
N THR D 499 31.90 7.44 4.69
CA THR D 499 32.75 8.62 4.58
C THR D 499 31.93 9.89 4.45
N PHE D 500 32.45 10.97 5.04
CA PHE D 500 31.79 12.28 5.02
C PHE D 500 32.76 13.31 4.49
N PHE D 501 32.52 13.77 3.27
CA PHE D 501 33.33 14.84 2.67
C PHE D 501 32.76 16.17 3.16
N PHE D 502 33.45 16.79 4.12
CA PHE D 502 32.99 18.02 4.74
C PHE D 502 33.97 19.15 4.45
N GLY D 503 33.45 20.30 4.07
CA GLY D 503 34.28 21.46 3.78
C GLY D 503 33.44 22.59 3.26
N GLU D 504 34.08 23.76 3.18
CA GLU D 504 33.40 24.95 2.68
C GLU D 504 33.23 24.84 1.16
N THR D 505 32.63 25.88 0.58
CA THR D 505 32.37 25.86 -0.86
C THR D 505 33.67 25.99 -1.65
N ALA D 506 33.62 25.53 -2.90
CA ALA D 506 34.77 25.54 -3.80
C ALA D 506 35.97 24.82 -3.19
N THR D 507 35.69 23.73 -2.48
CA THR D 507 36.73 22.94 -1.84
C THR D 507 37.22 21.78 -2.69
N GLY D 508 36.61 21.54 -3.86
CA GLY D 508 37.04 20.47 -4.73
C GLY D 508 36.36 19.13 -4.49
N LYS D 509 35.25 19.10 -3.74
CA LYS D 509 34.59 17.83 -3.45
C LYS D 509 33.99 17.22 -4.71
N SER D 510 33.29 18.03 -5.51
CA SER D 510 32.64 17.49 -6.70
C SER D 510 33.65 17.07 -7.76
N THR D 511 34.82 17.72 -7.80
CA THR D 511 35.87 17.25 -8.69
C THR D 511 36.32 15.84 -8.29
N THR D 512 36.50 15.60 -6.99
CA THR D 512 36.83 14.27 -6.53
C THR D 512 35.74 13.27 -6.88
N LYS D 513 34.48 13.67 -6.67
CA LYS D 513 33.37 12.77 -6.99
C LYS D 513 33.34 12.43 -8.47
N ARG D 514 33.53 13.43 -9.33
CA ARG D 514 33.45 13.18 -10.77
C ARG D 514 34.65 12.39 -11.27
N LEU D 515 35.83 12.62 -10.69
CA LEU D 515 36.98 11.79 -11.03
C LEU D 515 36.75 10.35 -10.60
N LEU D 516 36.19 10.15 -9.41
CA LEU D 516 35.88 8.79 -8.97
C LEU D 516 34.86 8.13 -9.87
N LYS D 517 33.85 8.89 -10.31
CA LYS D 517 32.87 8.32 -11.23
C LYS D 517 33.52 7.94 -12.56
N SER D 518 34.29 8.86 -13.14
CA SER D 518 34.93 8.59 -14.43
C SER D 518 35.90 7.42 -14.34
N ALA D 519 36.52 7.21 -13.18
CA ALA D 519 37.44 6.08 -13.04
C ALA D 519 36.69 4.77 -12.82
N ILE D 520 35.83 4.72 -11.81
CA ILE D 520 35.17 3.48 -11.44
C ILE D 520 34.15 3.03 -12.48
N GLY D 521 33.67 3.92 -13.35
CA GLY D 521 32.77 3.48 -14.39
C GLY D 521 31.37 3.25 -13.88
N ASP D 522 30.81 2.08 -14.19
CA ASP D 522 29.44 1.76 -13.80
C ASP D 522 29.36 1.11 -12.43
N LEU D 523 30.47 0.93 -11.73
CA LEU D 523 30.42 0.52 -10.32
C LEU D 523 30.08 1.69 -9.42
N PHE D 524 29.93 2.88 -9.98
CA PHE D 524 29.56 4.09 -9.28
C PHE D 524 28.06 4.31 -9.37
N VAL D 525 27.49 4.91 -8.32
CA VAL D 525 26.09 5.30 -8.35
C VAL D 525 25.89 6.47 -7.39
N GLU D 526 24.94 7.33 -7.72
CA GLU D 526 24.56 8.45 -6.87
C GLU D 526 23.06 8.36 -6.63
N THR D 527 22.67 8.37 -5.36
CA THR D 527 21.26 8.26 -4.97
C THR D 527 20.92 9.39 -4.01
N GLY D 528 19.63 9.69 -3.93
CA GLY D 528 19.16 10.74 -3.04
C GLY D 528 19.29 10.35 -1.59
N GLN D 529 19.10 11.35 -0.72
CA GLN D 529 19.29 11.17 0.71
C GLN D 529 18.07 10.58 1.41
N THR D 530 17.17 9.94 0.67
CA THR D 530 16.07 9.23 1.33
C THR D 530 16.56 7.98 2.05
N ILE D 531 17.78 7.52 1.76
CA ILE D 531 18.32 6.34 2.43
C ILE D 531 18.55 6.63 3.90
N LEU D 532 19.13 7.80 4.22
CA LEU D 532 19.44 8.13 5.60
C LEU D 532 18.26 8.71 6.37
N THR D 533 17.28 9.30 5.68
CA THR D 533 16.24 10.08 6.34
C THR D 533 14.88 9.38 6.31
N ASP D 534 14.85 8.06 6.12
CA ASP D 534 13.58 7.36 6.05
C ASP D 534 13.79 5.89 6.42
N VAL D 535 12.67 5.21 6.68
CA VAL D 535 12.71 3.78 6.96
C VAL D 535 13.21 3.03 5.73
N LEU D 536 14.12 2.08 5.95
CA LEU D 536 14.72 1.35 4.85
C LEU D 536 13.68 0.51 4.10
N ASP D 537 12.90 -0.28 4.83
CA ASP D 537 11.93 -1.16 4.19
C ASP D 537 10.87 -0.36 3.44
N LYS D 538 10.06 0.41 4.17
CA LYS D 538 8.96 1.21 3.61
C LYS D 538 8.19 0.45 2.53
N GLY D 539 7.93 1.11 1.41
CA GLY D 539 7.40 0.46 0.24
C GLY D 539 8.51 0.11 -0.73
N PRO D 540 8.19 0.05 -2.02
CA PRO D 540 9.26 -0.14 -3.01
C PRO D 540 10.24 1.02 -2.99
N ASN D 541 11.52 0.70 -2.85
CA ASN D 541 12.58 1.71 -2.77
C ASN D 541 13.65 1.37 -3.79
N PRO D 542 13.44 1.73 -5.06
CA PRO D 542 14.47 1.49 -6.07
C PRO D 542 15.77 2.23 -5.82
N PHE D 543 15.73 3.28 -5.00
CA PHE D 543 16.97 4.00 -4.67
C PHE D 543 17.96 3.09 -3.97
N ILE D 544 17.48 2.26 -3.03
CA ILE D 544 18.36 1.29 -2.39
C ILE D 544 18.55 0.05 -3.24
N ALA D 545 17.67 -0.19 -4.22
CA ALA D 545 17.81 -1.37 -5.07
C ALA D 545 18.92 -1.18 -6.10
N ASN D 546 19.09 0.06 -6.59
CA ASN D 546 20.16 0.32 -7.56
C ASN D 546 21.54 0.27 -6.91
N MET D 547 21.62 0.32 -5.59
CA MET D 547 22.87 0.17 -4.87
C MET D 547 23.29 -1.29 -4.73
N HIS D 548 22.57 -2.21 -5.36
CA HIS D 548 22.88 -3.63 -5.26
C HIS D 548 24.25 -3.92 -5.82
N LEU D 549 25.15 -4.42 -4.97
CA LEU D 549 26.46 -4.91 -5.41
C LEU D 549 27.29 -3.81 -6.05
N LYS D 550 27.15 -2.58 -5.56
CA LYS D 550 27.94 -1.46 -6.04
C LYS D 550 29.15 -1.26 -5.13
N ARG D 551 29.97 -0.26 -5.46
CA ARG D 551 31.19 0.02 -4.71
C ARG D 551 31.27 1.44 -4.19
N SER D 552 30.84 2.42 -4.98
CA SER D 552 30.96 3.83 -4.61
C SER D 552 29.60 4.49 -4.76
N VAL D 553 28.93 4.75 -3.64
CA VAL D 553 27.64 5.43 -3.62
C VAL D 553 27.87 6.84 -3.09
N PHE D 554 27.71 7.84 -3.95
CA PHE D 554 27.81 9.23 -3.53
C PHE D 554 26.41 9.81 -3.31
N CYS D 555 26.21 10.38 -2.14
CA CYS D 555 25.01 11.13 -1.82
C CYS D 555 25.44 12.54 -1.44
N SER D 556 24.83 13.54 -2.08
CA SER D 556 25.25 14.92 -1.91
C SER D 556 24.05 15.79 -1.52
N GLU D 557 24.34 17.05 -1.24
CA GLU D 557 23.33 18.06 -0.88
C GLU D 557 22.55 17.64 0.36
N LEU D 558 23.28 17.52 1.47
CA LEU D 558 22.64 17.21 2.75
C LEU D 558 22.25 18.49 3.47
N PRO D 559 21.02 18.58 3.99
CA PRO D 559 20.57 19.84 4.59
C PRO D 559 21.37 20.20 5.84
N ASP D 560 21.45 21.50 6.09
CA ASP D 560 22.11 22.00 7.30
C ASP D 560 21.17 21.79 8.49
N PHE D 561 21.64 21.03 9.48
CA PHE D 561 20.85 20.74 10.67
C PHE D 561 21.05 21.73 11.79
N ALA D 562 21.93 22.73 11.61
CA ALA D 562 22.09 23.77 12.61
C ALA D 562 20.80 24.57 12.77
N CYS D 563 20.15 24.91 11.67
CA CYS D 563 18.85 25.56 11.70
C CYS D 563 17.75 24.52 11.75
N SER D 564 16.86 24.64 12.73
CA SER D 564 15.79 23.67 12.89
C SER D 564 14.82 23.74 11.71
N GLY D 565 14.25 22.60 11.36
CA GLY D 565 13.30 22.52 10.27
C GLY D 565 13.66 21.52 9.20
N SER D 566 14.43 20.50 9.55
CA SER D 566 14.80 19.45 8.62
C SER D 566 14.93 18.12 9.36
N LYS D 567 14.44 17.06 8.74
CA LYS D 567 14.50 15.73 9.34
C LYS D 567 15.94 15.26 9.44
N LYS D 568 16.28 14.67 10.57
CA LYS D 568 17.66 14.25 10.84
C LYS D 568 17.91 12.83 10.36
N ILE D 569 19.19 12.51 10.19
CA ILE D 569 19.59 11.18 9.74
C ILE D 569 19.47 10.20 10.90
N ARG D 570 18.72 9.13 10.69
CA ARG D 570 18.45 8.16 11.75
C ARG D 570 19.61 7.16 11.86
N SER D 571 19.95 6.81 13.10
CA SER D 571 21.01 5.84 13.35
C SER D 571 20.63 4.44 12.87
N ASP D 572 19.34 4.16 12.73
CA ASP D 572 18.91 2.86 12.23
C ASP D 572 19.43 2.62 10.82
N ASN D 573 19.30 3.61 9.94
CA ASN D 573 19.79 3.47 8.57
C ASN D 573 21.30 3.33 8.55
N ILE D 574 22.01 4.08 9.39
CA ILE D 574 23.46 3.98 9.45
C ILE D 574 23.89 2.58 9.87
N LYS D 575 23.22 2.02 10.88
CA LYS D 575 23.53 0.65 11.29
C LYS D 575 23.21 -0.34 10.17
N LYS D 576 22.08 -0.14 9.48
CA LYS D 576 21.67 -1.09 8.45
C LYS D 576 22.63 -1.08 7.27
N LEU D 577 23.18 0.09 6.92
CA LEU D 577 24.04 0.17 5.74
C LEU D 577 25.33 -0.62 5.93
N THR D 578 25.77 -0.81 7.18
CA THR D 578 26.99 -1.58 7.45
C THR D 578 26.75 -3.08 7.44
N GLU D 579 25.51 -3.53 7.30
CA GLU D 579 25.23 -4.96 7.20
C GLU D 579 25.66 -5.50 5.83
N PRO D 580 26.03 -6.78 5.76
CA PRO D 580 26.41 -7.35 4.46
C PRO D 580 25.32 -7.28 3.41
N CYS D 581 24.06 -7.45 3.80
CA CYS D 581 22.94 -7.39 2.88
C CYS D 581 21.93 -6.36 3.37
N VAL D 582 21.25 -5.73 2.42
CA VAL D 582 20.28 -4.69 2.71
C VAL D 582 18.96 -5.06 2.05
N ILE D 583 17.87 -4.57 2.64
CA ILE D 583 16.52 -4.89 2.21
C ILE D 583 15.98 -3.75 1.35
N GLY D 584 15.11 -4.08 0.41
CA GLY D 584 14.59 -3.11 -0.53
C GLY D 584 14.52 -3.68 -1.93
N ARG D 585 13.45 -3.39 -2.66
CA ARG D 585 13.23 -3.99 -3.95
C ARG D 585 12.87 -2.94 -4.99
N PRO D 586 13.17 -3.20 -6.25
CA PRO D 586 12.70 -2.33 -7.34
C PRO D 586 11.22 -2.56 -7.57
N CYS D 587 10.67 -1.84 -8.54
CA CYS D 587 9.27 -1.95 -8.87
C CYS D 587 9.07 -3.00 -9.96
N PHE D 588 8.00 -3.78 -9.81
CA PHE D 588 7.71 -4.93 -10.67
C PHE D 588 8.84 -5.96 -10.61
N SER D 589 9.38 -6.18 -9.41
CA SER D 589 10.43 -7.17 -9.20
C SER D 589 10.20 -7.84 -7.85
N ASN D 590 10.54 -9.13 -7.78
CA ASN D 590 10.41 -9.91 -6.56
C ASN D 590 11.73 -10.09 -5.83
N LYS D 591 12.80 -9.44 -6.26
CA LYS D 591 14.10 -9.54 -5.62
C LYS D 591 14.21 -8.46 -4.54
N ILE D 592 14.33 -8.89 -3.29
CA ILE D 592 14.18 -7.98 -2.15
C ILE D 592 15.47 -7.76 -1.36
N ASN D 593 16.51 -8.55 -1.62
CA ASN D 593 17.78 -8.41 -0.91
C ASN D 593 18.89 -8.00 -1.87
N ASN D 594 19.77 -7.12 -1.40
CA ASN D 594 20.87 -6.61 -2.22
C ASN D 594 22.13 -6.56 -1.41
N ARG D 595 23.22 -7.13 -1.93
CA ARG D 595 24.47 -7.18 -1.19
C ARG D 595 25.07 -5.79 -1.04
N ASN D 596 25.64 -5.51 0.14
CA ASN D 596 26.21 -4.20 0.43
C ASN D 596 27.73 -4.27 0.34
N HIS D 597 28.23 -4.11 -0.88
CA HIS D 597 29.66 -4.02 -1.14
C HIS D 597 30.14 -2.57 -1.19
N ALA D 598 29.25 -1.62 -1.05
CA ALA D 598 29.50 -0.24 -1.46
C ALA D 598 30.17 0.57 -0.37
N THR D 599 30.93 1.58 -0.80
CA THR D 599 31.42 2.63 0.08
C THR D 599 30.51 3.84 -0.08
N ILE D 600 29.82 4.20 0.99
CA ILE D 600 28.87 5.31 0.96
C ILE D 600 29.60 6.57 1.40
N ILE D 601 29.66 7.55 0.50
CA ILE D 601 30.28 8.84 0.77
C ILE D 601 29.22 9.93 0.63
N ILE D 602 29.03 10.69 1.70
CA ILE D 602 28.09 11.79 1.74
C ILE D 602 28.88 13.08 1.73
N ASP D 603 28.60 13.93 0.76
CA ASP D 603 29.29 15.22 0.60
C ASP D 603 28.40 16.30 1.19
N THR D 604 28.84 16.91 2.30
CA THR D 604 28.03 17.88 2.99
C THR D 604 28.89 19.07 3.38
N ASN D 605 28.32 20.27 3.29
CA ASN D 605 28.97 21.50 3.71
C ASN D 605 28.73 21.84 5.18
N TYR D 606 27.90 21.07 5.88
CA TYR D 606 27.57 21.32 7.27
C TYR D 606 27.66 20.02 8.06
N LYS D 607 27.90 20.14 9.36
CA LYS D 607 28.02 18.98 10.21
C LYS D 607 26.68 18.25 10.30
N PRO D 608 26.68 16.92 10.30
CA PRO D 608 25.43 16.17 10.37
C PRO D 608 24.90 16.08 11.79
N VAL D 609 23.66 15.62 11.90
CA VAL D 609 22.98 15.42 13.17
C VAL D 609 22.36 14.04 13.19
N PHE D 610 22.19 13.47 14.39
CA PHE D 610 21.63 12.14 14.54
C PHE D 610 20.63 12.13 15.69
N ASP D 611 19.73 11.15 15.65
CA ASP D 611 18.71 11.03 16.69
C ASP D 611 19.32 10.58 18.01
N ARG D 612 19.92 9.40 18.03
CA ARG D 612 20.51 8.82 19.23
C ARG D 612 22.02 8.85 19.13
N ILE D 613 22.67 9.34 20.18
CA ILE D 613 24.13 9.43 20.24
C ILE D 613 24.62 8.31 21.16
N ASP D 614 25.37 7.37 20.59
CA ASP D 614 25.86 6.21 21.33
C ASP D 614 27.26 5.87 20.81
N ASN D 615 27.76 4.71 21.22
CA ASN D 615 29.07 4.25 20.76
C ASN D 615 28.98 3.40 19.50
N ALA D 616 27.91 2.61 19.35
CA ALA D 616 27.74 1.82 18.13
C ALA D 616 27.64 2.71 16.90
N LEU D 617 26.91 3.82 17.02
CA LEU D 617 26.91 4.81 15.95
C LEU D 617 28.25 5.55 15.88
N MET D 618 28.88 5.79 17.02
CA MET D 618 30.12 6.56 17.03
C MET D 618 31.22 5.88 16.23
N ARG D 619 31.35 4.57 16.37
CA ARG D 619 32.40 3.84 15.64
C ARG D 619 31.95 3.41 14.26
N ARG D 620 31.35 4.35 13.50
CA ARG D 620 30.97 4.07 12.13
C ARG D 620 31.19 5.22 11.17
N ILE D 621 31.79 6.34 11.58
CA ILE D 621 31.89 7.54 10.76
C ILE D 621 33.34 7.97 10.66
N ALA D 622 33.80 8.24 9.44
CA ALA D 622 35.12 8.80 9.17
C ALA D 622 34.93 9.99 8.24
N VAL D 623 35.06 11.20 8.77
CA VAL D 623 34.77 12.42 8.03
C VAL D 623 36.07 13.01 7.52
N VAL D 624 36.14 13.24 6.22
CA VAL D 624 37.31 13.81 5.56
C VAL D 624 37.09 15.31 5.40
N ARG D 625 38.07 16.11 5.80
CA ARG D 625 37.96 17.56 5.77
C ARG D 625 38.71 18.12 4.56
N PHE D 626 38.06 19.04 3.85
CA PHE D 626 38.66 19.74 2.71
C PHE D 626 39.01 21.16 3.14
N ARG D 627 40.27 21.55 2.94
CA ARG D 627 40.78 22.82 3.44
C ARG D 627 41.57 23.55 2.35
N THR D 628 41.01 23.61 1.15
CA THR D 628 41.62 24.33 0.05
C THR D 628 40.52 24.97 -0.79
N HIS D 629 40.76 26.20 -1.25
CA HIS D 629 39.78 26.97 -1.98
C HIS D 629 40.33 27.37 -3.34
N PHE D 630 39.47 27.28 -4.35
CA PHE D 630 39.81 27.67 -5.73
C PHE D 630 38.92 28.84 -6.11
N SER D 631 39.51 30.01 -6.28
CA SER D 631 38.76 31.24 -6.43
C SER D 631 39.14 31.97 -7.71
N GLN D 632 38.18 32.74 -8.22
CA GLN D 632 38.43 33.60 -9.37
C GLN D 632 39.27 34.80 -8.95
N PRO D 633 39.91 35.47 -9.91
CA PRO D 633 40.78 36.60 -9.55
C PRO D 633 40.06 37.75 -8.86
N SER D 634 38.74 37.85 -9.01
CA SER D 634 38.01 38.95 -8.39
C SER D 634 38.14 38.93 -6.87
N GLY D 635 38.02 37.75 -6.26
CA GLY D 635 38.11 37.61 -4.83
C GLY D 635 39.36 36.92 -4.32
N ARG D 636 40.46 36.93 -5.07
CA ARG D 636 41.66 36.22 -4.67
C ARG D 636 42.20 36.75 -3.34
N GLU D 637 42.33 38.07 -3.23
CA GLU D 637 42.78 38.66 -1.96
C GLU D 637 41.71 38.53 -0.88
N ALA D 638 40.45 38.74 -1.25
CA ALA D 638 39.36 38.70 -0.28
C ALA D 638 39.19 37.32 0.35
N ALA D 639 39.69 36.27 -0.30
CA ALA D 639 39.61 34.93 0.25
C ALA D 639 40.82 34.58 1.11
N GLU D 640 41.72 35.52 1.34
CA GLU D 640 42.92 35.29 2.14
C GLU D 640 42.72 35.63 3.61
N ASN D 641 41.51 36.04 4.01
CA ASN D 641 41.26 36.48 5.38
C ASN D 641 40.22 35.59 6.08
N ASN D 642 39.98 34.39 5.57
CA ASN D 642 39.03 33.45 6.15
C ASN D 642 39.78 32.25 6.69
N ASP D 643 39.51 31.89 7.95
CA ASP D 643 40.19 30.77 8.58
C ASP D 643 39.74 29.42 8.03
N ALA D 644 38.63 29.37 7.29
CA ALA D 644 38.15 28.12 6.73
C ALA D 644 39.03 27.59 5.60
N TYR D 645 39.99 28.38 5.12
CA TYR D 645 40.89 27.97 4.05
C TYR D 645 42.32 28.18 4.48
N ASP D 646 43.18 27.19 4.19
CA ASP D 646 44.60 27.30 4.44
C ASP D 646 45.40 27.62 3.17
N LYS D 647 44.73 27.73 2.03
CA LYS D 647 45.40 28.02 0.76
C LYS D 647 44.34 28.42 -0.25
N VAL D 648 44.74 29.27 -1.19
CA VAL D 648 43.87 29.72 -2.27
C VAL D 648 44.59 29.53 -3.60
N LYS D 649 43.92 28.92 -4.56
CA LYS D 649 44.46 28.72 -5.90
C LYS D 649 43.48 29.33 -6.91
N LEU D 650 43.87 29.30 -8.18
CA LEU D 650 43.10 29.92 -9.25
C LEU D 650 42.20 28.89 -9.92
N LEU D 651 40.93 29.25 -10.07
CA LEU D 651 39.97 28.36 -10.72
C LEU D 651 40.35 28.15 -12.19
N ASP D 652 40.06 26.95 -12.68
CA ASP D 652 40.30 26.59 -14.07
C ASP D 652 38.98 26.12 -14.68
N GLU D 653 38.44 26.92 -15.61
CA GLU D 653 37.16 26.59 -16.22
C GLU D 653 37.22 25.36 -17.11
N GLY D 654 38.41 24.98 -17.57
CA GLY D 654 38.53 23.81 -18.43
C GLY D 654 38.64 22.49 -17.71
N LEU D 655 38.85 22.51 -16.40
CA LEU D 655 38.99 21.25 -15.65
C LEU D 655 37.71 20.44 -15.71
N ASP D 656 36.55 21.09 -15.55
CA ASP D 656 35.28 20.38 -15.60
C ASP D 656 35.06 19.78 -16.99
N GLY D 657 35.37 20.53 -18.04
CA GLY D 657 35.20 20.01 -19.39
C GLY D 657 36.13 18.84 -19.69
N LYS D 658 37.38 18.93 -19.23
CA LYS D 658 38.31 17.82 -19.42
C LYS D 658 37.87 16.58 -18.67
N ILE D 659 37.39 16.76 -17.43
CA ILE D 659 36.94 15.62 -16.63
C ILE D 659 35.70 14.99 -17.25
N GLN D 660 34.80 15.81 -17.79
CA GLN D 660 33.57 15.28 -18.37
C GLN D 660 33.84 14.42 -19.58
N ASN D 661 34.91 14.72 -20.33
CA ASN D 661 35.26 13.96 -21.52
C ASN D 661 36.22 12.81 -21.24
N ASN D 662 36.27 12.34 -19.98
CA ASN D 662 37.06 11.17 -19.60
C ASN D 662 38.53 11.33 -19.97
N ARG D 663 39.08 12.52 -19.72
CA ARG D 663 40.50 12.74 -20.00
C ARG D 663 41.39 12.10 -18.94
N TYR D 664 40.95 12.11 -17.68
CA TYR D 664 41.74 11.59 -16.58
C TYR D 664 41.18 10.28 -16.03
N ARG D 665 40.49 9.51 -16.87
CA ARG D 665 39.92 8.24 -16.42
C ARG D 665 41.01 7.23 -16.12
N PHE D 666 41.81 6.90 -17.13
CA PHE D 666 42.81 5.84 -16.96
C PHE D 666 43.93 6.26 -16.03
N ALA D 667 44.32 7.54 -16.05
CA ALA D 667 45.35 8.01 -15.14
C ALA D 667 44.91 7.85 -13.69
N PHE D 668 43.67 8.29 -13.39
CA PHE D 668 43.17 8.13 -12.03
C PHE D 668 42.97 6.67 -11.66
N LEU D 669 42.59 5.84 -12.62
CA LEU D 669 42.47 4.40 -12.35
C LEU D 669 43.82 3.81 -11.97
N TYR D 670 44.88 4.19 -12.68
CA TYR D 670 46.21 3.71 -12.35
C TYR D 670 46.66 4.21 -10.99
N LEU D 671 46.37 5.48 -10.69
CA LEU D 671 46.71 6.01 -9.37
C LEU D 671 45.98 5.25 -8.28
N LEU D 672 44.70 4.94 -8.50
CA LEU D 672 43.94 4.19 -7.51
C LEU D 672 44.47 2.79 -7.32
N VAL D 673 44.88 2.14 -8.41
CA VAL D 673 45.48 0.81 -8.30
C VAL D 673 46.77 0.88 -7.48
N LYS D 674 47.58 1.91 -7.74
CA LYS D 674 48.80 2.09 -6.96
C LYS D 674 48.51 2.29 -5.48
N TRP D 675 47.50 3.13 -5.18
CA TRP D 675 47.13 3.36 -3.79
C TRP D 675 46.62 2.08 -3.13
N TYR D 676 45.80 1.31 -3.84
CA TYR D 676 45.30 0.05 -3.29
C TYR D 676 46.44 -0.91 -3.01
N LYS D 677 47.39 -1.01 -3.94
CA LYS D 677 48.54 -1.88 -3.72
C LYS D 677 49.35 -1.43 -2.52
N LYS D 678 49.54 -0.11 -2.37
CA LYS D 678 50.28 0.42 -1.24
C LYS D 678 49.59 0.07 0.08
N TYR D 679 48.29 0.35 0.17
CA TYR D 679 47.57 0.18 1.43
C TYR D 679 47.14 -1.25 1.68
N HIS D 680 47.27 -2.15 0.70
CA HIS D 680 46.83 -3.53 0.90
C HIS D 680 47.85 -4.25 1.78
N ILE D 681 47.67 -4.08 3.08
CA ILE D 681 48.38 -4.87 4.09
C ILE D 681 47.73 -6.25 4.08
N PRO D 682 48.19 -7.21 4.90
CA PRO D 682 47.45 -8.48 4.98
C PRO D 682 45.96 -8.31 5.18
N ILE D 683 45.54 -7.31 5.97
CA ILE D 683 44.13 -6.98 6.14
C ILE D 683 44.00 -5.47 6.06
N MET D 684 43.05 -4.98 5.27
CA MET D 684 42.74 -3.57 5.19
C MET D 684 41.42 -3.31 5.92
N LYS D 685 41.43 -2.34 6.82
CA LYS D 685 40.26 -2.00 7.61
C LYS D 685 40.04 -0.49 7.59
N LEU D 686 38.78 -0.09 7.67
CA LEU D 686 38.40 1.31 7.73
C LEU D 686 38.17 1.71 9.18
N TYR D 687 38.90 2.72 9.64
CA TYR D 687 38.84 3.14 11.03
C TYR D 687 38.04 4.42 11.15
N PRO D 688 36.95 4.42 11.92
CA PRO D 688 36.18 5.66 12.11
C PRO D 688 36.98 6.69 12.89
N THR D 689 36.74 7.97 12.58
CA THR D 689 37.37 9.08 13.28
C THR D 689 36.36 9.74 14.20
N PRO D 690 36.48 9.58 15.52
CA PRO D 690 35.47 10.15 16.42
C PRO D 690 35.76 11.58 16.85
N GLU D 691 37.02 12.01 16.75
CA GLU D 691 37.44 13.32 17.23
C GLU D 691 37.29 14.42 16.17
N GLU D 692 36.37 14.25 15.21
CA GLU D 692 36.22 15.23 14.15
C GLU D 692 34.76 15.64 13.98
N ILE D 693 33.83 14.73 14.26
CA ILE D 693 32.41 15.04 14.18
C ILE D 693 32.02 15.85 15.42
N PRO D 694 31.54 17.08 15.26
CA PRO D 694 31.22 17.92 16.42
C PRO D 694 29.90 17.60 17.08
N ASP D 695 29.00 16.90 16.41
CA ASP D 695 27.68 16.63 16.96
C ASP D 695 27.75 15.78 18.22
N PHE D 696 28.23 14.54 18.10
CA PHE D 696 28.34 13.66 19.26
C PHE D 696 29.79 13.65 19.77
N ALA D 697 30.15 14.75 20.44
CA ALA D 697 31.45 14.88 21.06
C ALA D 697 31.40 14.89 22.57
N PHE D 698 30.31 15.38 23.16
CA PHE D 698 30.19 15.39 24.62
C PHE D 698 30.13 13.97 25.18
N TYR D 699 29.41 13.07 24.51
CA TYR D 699 29.32 11.70 24.97
C TYR D 699 30.68 11.02 24.93
N LEU D 700 31.45 11.25 23.86
CA LEU D 700 32.77 10.64 23.75
C LEU D 700 33.74 11.21 24.79
N LYS D 701 33.66 12.50 25.07
CA LYS D 701 34.58 13.15 25.99
C LYS D 701 34.14 13.03 27.45
N ILE D 702 32.93 12.54 27.71
CA ILE D 702 32.48 12.41 29.10
C ILE D 702 33.35 11.41 29.85
N GLY D 703 33.66 10.28 29.23
CA GLY D 703 34.50 9.28 29.86
C GLY D 703 35.96 9.67 29.95
N THR D 704 36.39 10.65 29.16
CA THR D 704 37.78 11.08 29.22
C THR D 704 38.13 11.68 30.57
N LEU D 705 37.22 12.46 31.14
CA LEU D 705 37.43 13.11 32.44
C LEU D 705 36.62 12.42 33.54
N LEU D 706 36.32 11.14 33.37
CA LEU D 706 35.57 10.37 34.34
C LEU D 706 36.31 9.08 34.67
N VAL D 707 36.09 8.59 35.89
CA VAL D 707 36.73 7.38 36.37
C VAL D 707 35.68 6.43 36.92
N SER D 708 36.01 5.15 36.90
CA SER D 708 35.11 4.13 37.44
C SER D 708 35.09 4.19 38.96
N SER D 709 34.01 3.68 39.54
CA SER D 709 33.85 3.68 41.00
C SER D 709 34.96 2.87 41.64
N SER D 710 35.61 3.46 42.65
CA SER D 710 36.72 2.81 43.34
C SER D 710 36.16 1.90 44.44
N VAL D 711 35.65 0.75 44.00
CA VAL D 711 35.09 -0.21 44.94
C VAL D 711 36.16 -0.75 45.86
N LYS D 712 37.33 -1.09 45.32
CA LYS D 712 38.43 -1.67 46.08
C LYS D 712 39.30 -0.64 46.77
N HIS D 713 38.79 0.58 46.98
CA HIS D 713 39.51 1.66 47.64
C HIS D 713 39.02 1.86 49.07
N ILE D 714 38.73 0.75 49.77
CA ILE D 714 38.24 0.86 51.15
C ILE D 714 39.22 1.58 52.04
N PRO D 715 40.53 1.28 52.00
CA PRO D 715 41.47 2.06 52.81
C PRO D 715 41.50 3.54 52.46
N LEU D 716 41.34 3.89 51.19
CA LEU D 716 41.34 5.27 50.75
C LEU D 716 39.97 5.92 50.76
N MET D 717 38.90 5.13 50.89
CA MET D 717 37.55 5.70 50.94
C MET D 717 37.38 6.59 52.17
N THR D 718 37.92 6.16 53.31
CA THR D 718 37.83 6.97 54.52
C THR D 718 38.57 8.29 54.34
N ASP D 719 39.75 8.25 53.72
CA ASP D 719 40.50 9.48 53.50
C ASP D 719 39.76 10.41 52.55
N LEU D 720 39.17 9.86 51.48
CA LEU D 720 38.42 10.67 50.54
C LEU D 720 37.12 11.21 51.15
N SER D 721 36.57 10.53 52.16
CA SER D 721 35.33 10.98 52.77
C SER D 721 35.47 12.35 53.42
N LYS D 722 36.62 12.60 54.06
CA LYS D 722 36.82 13.86 54.76
C LYS D 722 36.84 15.06 53.81
N LYS D 723 36.98 14.82 52.51
CA LYS D 723 37.01 15.89 51.52
C LYS D 723 35.62 16.25 51.00
N GLY D 724 34.57 15.61 51.51
CA GLY D 724 33.21 15.94 51.09
C GLY D 724 32.39 14.74 50.63
N TYR D 725 32.81 13.54 51.00
CA TYR D 725 32.11 12.32 50.65
C TYR D 725 31.48 11.69 51.89
N ILE D 726 30.46 10.86 51.67
CA ILE D 726 29.74 10.24 52.76
C ILE D 726 30.33 8.90 53.20
N LEU D 727 31.08 8.23 52.32
CA LEU D 727 31.70 6.93 52.62
C LEU D 727 30.67 5.88 53.03
N TYR D 728 29.48 5.93 52.43
CA TYR D 728 28.43 4.98 52.75
C TYR D 728 28.62 3.69 51.97
N ASP D 729 28.19 2.59 52.58
CA ASP D 729 28.28 1.25 51.98
C ASP D 729 29.72 0.89 51.63
N ASN D 730 30.65 1.30 52.49
CA ASN D 730 32.08 1.00 52.31
C ASN D 730 32.58 1.49 50.95
N VAL D 731 32.11 2.66 50.53
CA VAL D 731 32.52 3.26 49.27
C VAL D 731 32.28 4.75 49.35
N VAL D 732 33.14 5.53 48.68
CA VAL D 732 33.02 6.98 48.71
C VAL D 732 31.89 7.40 47.79
N THR D 733 30.97 8.20 48.32
CA THR D 733 29.84 8.72 47.55
C THR D 733 29.73 10.22 47.79
N LEU D 734 29.65 10.98 46.69
CA LEU D 734 29.52 12.43 46.76
C LEU D 734 28.07 12.85 46.54
N PRO D 735 27.68 14.01 47.05
CA PRO D 735 26.30 14.47 46.88
C PRO D 735 25.96 14.75 45.43
N LEU D 736 24.68 14.56 45.09
CA LEU D 736 24.23 14.81 43.73
C LEU D 736 24.44 16.27 43.33
N THR D 737 24.12 17.19 44.24
CA THR D 737 24.43 18.60 43.97
C THR D 737 25.93 18.83 43.86
N THR D 738 26.71 18.18 44.74
CA THR D 738 28.16 18.29 44.66
C THR D 738 28.69 17.71 43.35
N PHE D 739 28.13 16.57 42.92
CA PHE D 739 28.55 15.98 41.65
C PHE D 739 28.20 16.88 40.48
N GLN D 740 27.02 17.50 40.51
CA GLN D 740 26.64 18.43 39.45
C GLN D 740 27.57 19.63 39.42
N GLN D 741 27.92 20.16 40.60
CA GLN D 741 28.86 21.28 40.66
C GLN D 741 30.23 20.89 40.10
N LYS D 742 30.71 19.69 40.45
CA LYS D 742 32.00 19.23 39.94
C LYS D 742 31.96 19.06 38.43
N ILE D 743 30.85 18.53 37.90
CA ILE D 743 30.72 18.36 36.45
C ILE D 743 30.69 19.71 35.76
N SER D 744 29.96 20.67 36.32
CA SER D 744 29.91 22.01 35.73
C SER D 744 31.26 22.70 35.81
N LYS D 745 32.06 22.38 36.82
CA LYS D 745 33.40 22.96 36.91
C LYS D 745 34.37 22.30 35.93
N TYR D 746 34.21 21.00 35.68
CA TYR D 746 35.13 20.27 34.83
C TYR D 746 35.08 20.78 33.39
N PHE D 747 33.88 21.03 32.87
CA PHE D 747 33.70 21.50 31.51
C PHE D 747 32.72 22.66 31.50
N ASN D 748 32.81 23.47 30.44
CA ASN D 748 31.95 24.65 30.33
C ASN D 748 30.49 24.25 30.40
N SER D 749 29.79 24.78 31.40
CA SER D 749 28.39 24.44 31.61
C SER D 749 27.47 25.08 30.57
N ARG D 750 27.97 26.05 29.80
CA ARG D 750 27.13 26.67 28.78
C ARG D 750 26.74 25.69 27.69
N LEU D 751 27.70 24.89 27.21
CA LEU D 751 27.46 23.91 26.16
C LEU D 751 27.21 22.51 26.68
N PHE D 752 27.19 22.32 28.01
CA PHE D 752 26.98 21.02 28.62
C PHE D 752 25.77 21.12 29.56
N GLY D 753 24.63 20.60 29.12
CA GLY D 753 23.42 20.69 29.91
C GLY D 753 22.89 19.35 30.40
N HIS D 754 21.85 18.85 29.73
CA HIS D 754 21.18 17.62 30.17
C HIS D 754 22.00 16.36 29.91
N ASP D 755 23.07 16.45 29.12
CA ASP D 755 23.88 15.27 28.84
C ASP D 755 24.52 14.72 30.11
N ILE D 756 25.05 15.61 30.96
CA ILE D 756 25.68 15.19 32.20
C ILE D 756 24.67 14.52 33.12
N GLU D 757 23.47 15.11 33.24
CA GLU D 757 22.44 14.52 34.08
C GLU D 757 22.00 13.16 33.57
N SER D 758 21.82 13.03 32.25
CA SER D 758 21.44 11.75 31.67
C SER D 758 22.52 10.70 31.91
N PHE D 759 23.79 11.06 31.72
CA PHE D 759 24.87 10.12 31.94
C PHE D 759 24.96 9.71 33.40
N ILE D 760 24.75 10.65 34.32
CA ILE D 760 24.77 10.33 35.75
C ILE D 760 23.63 9.38 36.08
N ASN D 761 22.42 9.69 35.61
CA ASN D 761 21.29 8.81 35.88
C ASN D 761 21.51 7.42 35.27
N ARG D 762 22.22 7.34 34.15
CA ARG D 762 22.48 6.04 33.55
C ARG D 762 23.53 5.26 34.33
N HIS D 763 24.59 5.91 34.77
CA HIS D 763 25.76 5.22 35.33
C HIS D 763 26.21 5.86 36.64
N LYS D 764 25.25 6.12 37.54
CA LYS D 764 25.60 6.55 38.88
C LYS D 764 24.45 6.20 39.83
N LYS D 765 24.78 6.08 41.11
CA LYS D 765 23.82 5.71 42.14
C LYS D 765 24.03 6.61 43.35
N PHE D 766 23.00 6.69 44.18
CA PHE D 766 23.00 7.54 45.38
C PHE D 766 23.08 6.71 46.65
N ALA D 767 23.83 5.61 46.61
CA ALA D 767 24.06 4.71 47.74
C ALA D 767 22.78 4.06 48.25
N ASN D 768 21.68 4.19 47.52
CA ASN D 768 20.40 3.61 47.91
C ASN D 768 19.54 3.50 46.65
N VAL D 769 18.24 3.27 46.84
CA VAL D 769 17.33 3.24 45.70
C VAL D 769 17.33 4.57 44.98
N SER D 770 17.23 5.66 45.74
CA SER D 770 17.36 7.02 45.20
C SER D 770 17.55 8.02 46.33
N ASP D 771 18.61 8.82 46.24
CA ASP D 771 18.89 9.83 47.25
C ASP D 771 19.52 11.03 46.55
N GLU D 772 20.08 11.95 47.35
CA GLU D 772 20.74 13.15 46.83
C GLU D 772 22.24 12.97 46.67
N TYR D 773 22.70 11.76 46.39
CA TYR D 773 24.12 11.49 46.20
C TYR D 773 24.37 10.98 44.78
N LEU D 774 25.64 10.74 44.48
CA LEU D 774 26.04 10.23 43.17
C LEU D 774 27.26 9.33 43.34
N GLN D 775 27.25 8.20 42.64
CA GLN D 775 28.34 7.23 42.69
C GLN D 775 29.38 7.46 41.60
N TYR D 776 29.22 8.51 40.79
CA TYR D 776 30.18 8.80 39.73
C TYR D 776 31.50 9.24 40.34
N ILE D 777 32.56 8.47 40.07
CA ILE D 777 33.87 8.71 40.66
C ILE D 777 34.62 9.70 39.77
N PHE D 778 35.01 10.84 40.35
CA PHE D 778 35.76 11.84 39.61
C PHE D 778 37.19 11.37 39.39
N ILE D 779 37.70 11.62 38.17
CA ILE D 779 39.06 11.20 37.84
C ILE D 779 40.07 11.93 38.72
N GLU D 780 39.89 13.23 38.91
CA GLU D 780 40.82 14.02 39.71
C GLU D 780 40.69 13.77 41.20
N ASP D 781 39.65 13.06 41.65
CA ASP D 781 39.40 12.83 43.06
C ASP D 781 39.52 11.36 43.45
N ILE D 782 38.87 10.46 42.71
CA ILE D 782 38.91 9.04 43.06
C ILE D 782 40.32 8.48 42.90
N SER D 783 41.07 8.97 41.90
CA SER D 783 42.43 8.49 41.70
C SER D 783 43.31 8.82 42.91
N SER D 784 43.17 10.03 43.45
CA SER D 784 43.92 10.42 44.63
C SER D 784 43.37 9.72 45.86
N PRO D 785 44.19 8.99 46.63
CA PRO D 785 43.71 8.30 47.83
C PRO D 785 43.52 9.25 49.01
N ILE E 5 -3.70 -58.83 17.11
CA ILE E 5 -3.64 -60.02 16.28
C ILE E 5 -2.32 -60.74 16.48
N ARG E 6 -1.23 -59.98 16.39
CA ARG E 6 0.13 -60.49 16.55
C ARG E 6 0.45 -61.58 15.53
N GLY E 7 -0.22 -61.53 14.37
CA GLY E 7 -0.02 -62.51 13.33
C GLY E 7 -0.85 -63.76 13.52
N ASN E 8 -0.88 -64.58 12.48
CA ASN E 8 -1.60 -65.84 12.49
C ASN E 8 -0.69 -66.93 11.91
N ASP E 9 -0.65 -68.08 12.58
CA ASP E 9 0.14 -69.22 12.14
C ASP E 9 -0.73 -70.39 11.69
N VAL E 10 -2.03 -70.16 11.47
CA VAL E 10 -2.96 -71.19 11.03
C VAL E 10 -3.42 -70.85 9.63
N ILE E 11 -3.33 -71.82 8.72
CA ILE E 11 -3.73 -71.64 7.33
C ILE E 11 -4.93 -72.54 7.08
N PHE E 12 -6.07 -71.92 6.76
CA PHE E 12 -7.28 -72.65 6.41
C PHE E 12 -7.32 -72.86 4.91
N VAL E 13 -7.61 -74.09 4.49
CA VAL E 13 -7.62 -74.45 3.08
C VAL E 13 -8.93 -75.14 2.75
N LEU E 14 -9.30 -75.09 1.47
CA LEU E 14 -10.46 -75.77 0.95
C LEU E 14 -10.03 -76.72 -0.16
N LYS E 15 -10.58 -77.93 -0.14
CA LYS E 15 -10.20 -78.96 -1.10
C LYS E 15 -10.88 -78.79 -2.46
N THR E 16 -11.85 -77.90 -2.58
CA THR E 16 -12.55 -77.69 -3.84
C THR E 16 -13.17 -76.30 -3.90
N VAL E 32 -12.01 -79.15 3.30
CA VAL E 32 -11.58 -78.06 4.18
C VAL E 32 -10.66 -78.58 5.26
N GLU E 33 -9.71 -77.75 5.68
CA GLU E 33 -8.75 -78.13 6.71
C GLU E 33 -8.15 -76.87 7.29
N ALA E 34 -7.49 -77.03 8.45
CA ALA E 34 -6.77 -75.94 9.11
C ALA E 34 -5.41 -76.49 9.51
N PHE E 35 -4.39 -76.19 8.69
CA PHE E 35 -3.07 -76.77 8.87
C PHE E 35 -2.05 -75.69 9.19
N LYS E 36 -0.96 -76.11 9.85
CA LYS E 36 0.15 -75.23 10.17
C LYS E 36 1.19 -75.28 9.06
N CYS E 37 2.29 -74.55 9.25
CA CYS E 37 3.34 -74.53 8.23
C CYS E 37 3.95 -75.90 8.04
N ASP E 38 4.36 -76.55 9.13
CA ASP E 38 4.91 -77.89 9.04
C ASP E 38 3.86 -78.88 8.54
N GLU E 39 2.63 -78.76 9.02
CA GLU E 39 1.57 -79.65 8.59
C GLU E 39 1.29 -79.50 7.09
N LEU E 40 1.21 -78.25 6.62
CA LEU E 40 0.97 -78.03 5.19
C LEU E 40 2.13 -78.54 4.36
N GLU E 41 3.36 -78.31 4.81
CA GLU E 41 4.52 -78.80 4.07
C GLU E 41 4.51 -80.32 3.98
N ARG E 42 4.23 -81.00 5.10
CA ARG E 42 4.20 -82.46 5.10
C ARG E 42 3.07 -82.99 4.21
N TYR E 43 1.89 -82.36 4.27
CA TYR E 43 0.78 -82.81 3.44
C TYR E 43 1.08 -82.61 1.96
N ILE E 44 1.70 -81.48 1.60
CA ILE E 44 2.04 -81.23 0.20
C ILE E 44 3.09 -82.24 -0.27
N ASP E 45 4.09 -82.52 0.58
CA ASP E 45 5.10 -83.51 0.21
C ASP E 45 4.48 -84.89 0.01
N ASN E 46 3.55 -85.26 0.89
CA ASN E 46 2.89 -86.56 0.76
C ASN E 46 2.04 -86.64 -0.49
N ASN E 47 1.18 -85.64 -0.71
CA ASN E 47 0.27 -85.62 -1.85
C ASN E 47 0.63 -84.47 -2.77
N PRO E 48 1.29 -84.73 -3.90
CA PRO E 48 1.65 -83.64 -4.81
C PRO E 48 0.49 -83.16 -5.65
N GLU E 49 -0.48 -84.03 -5.90
CA GLU E 49 -1.60 -83.72 -6.78
C GLU E 49 -2.82 -83.18 -6.05
N CYS E 50 -2.77 -83.06 -4.72
CA CYS E 50 -3.90 -82.52 -3.99
C CYS E 50 -4.09 -81.04 -4.32
N THR E 51 -5.34 -80.65 -4.56
CA THR E 51 -5.68 -79.28 -4.91
C THR E 51 -6.27 -78.59 -3.68
N LEU E 52 -5.49 -77.69 -3.08
CA LEU E 52 -5.90 -76.96 -1.89
C LEU E 52 -5.86 -75.46 -2.19
N PHE E 53 -6.90 -74.75 -1.74
CA PHE E 53 -6.99 -73.31 -1.92
C PHE E 53 -6.93 -72.65 -0.55
N GLU E 54 -5.95 -71.78 -0.35
CA GLU E 54 -5.78 -71.07 0.91
C GLU E 54 -6.80 -69.94 0.99
N SER E 55 -7.50 -69.87 2.12
CA SER E 55 -8.54 -68.86 2.32
C SER E 55 -8.46 -68.35 3.76
N LEU E 56 -9.48 -67.63 4.17
CA LEU E 56 -9.57 -67.09 5.52
C LEU E 56 -10.54 -67.92 6.35
N ARG E 57 -10.06 -68.43 7.48
CA ARG E 57 -10.92 -69.22 8.35
C ARG E 57 -12.08 -68.39 8.89
N ASP E 58 -11.81 -67.15 9.28
CA ASP E 58 -12.83 -66.24 9.77
C ASP E 58 -12.52 -64.85 9.23
N GLU E 59 -13.46 -64.27 8.49
CA GLU E 59 -13.24 -62.96 7.89
C GLU E 59 -13.10 -61.88 8.95
N GLU E 60 -13.94 -61.91 9.98
CA GLU E 60 -13.95 -60.82 10.95
C GLU E 60 -12.77 -60.92 11.92
N ALA E 61 -12.38 -62.14 12.30
CA ALA E 61 -11.41 -62.30 13.38
C ALA E 61 -10.03 -61.80 12.97
N TYR E 62 -9.52 -62.26 11.83
CA TYR E 62 -8.13 -62.04 11.41
C TYR E 62 -8.08 -61.40 10.03
N SER E 63 -8.85 -60.32 9.84
CA SER E 63 -8.94 -59.71 8.52
C SER E 63 -7.61 -59.14 8.04
N ILE E 64 -6.62 -58.99 8.93
CA ILE E 64 -5.31 -58.52 8.52
C ILE E 64 -4.61 -59.61 7.71
N VAL E 65 -4.26 -59.29 6.46
CA VAL E 65 -3.59 -60.21 5.55
C VAL E 65 -2.49 -59.47 4.82
N ARG E 66 -1.69 -60.21 4.07
CA ARG E 66 -0.64 -59.62 3.26
C ARG E 66 -1.23 -58.95 2.03
N ILE E 67 -0.37 -58.43 1.16
CA ILE E 67 -0.77 -57.82 -0.10
C ILE E 67 -0.33 -58.75 -1.23
N PHE E 68 -1.28 -59.13 -2.08
CA PHE E 68 -1.04 -60.12 -3.11
C PHE E 68 -1.69 -59.68 -4.42
N MET E 69 -1.12 -60.15 -5.53
CA MET E 69 -1.66 -59.89 -6.85
C MET E 69 -1.42 -61.10 -7.75
N ASP E 70 -2.29 -61.26 -8.73
CA ASP E 70 -2.21 -62.37 -9.68
C ASP E 70 -2.16 -61.80 -11.08
N VAL E 71 -1.19 -62.26 -11.88
CA VAL E 71 -0.93 -61.72 -13.20
C VAL E 71 -0.95 -62.87 -14.21
N ASP E 72 -1.61 -62.65 -15.34
CA ASP E 72 -1.74 -63.65 -16.39
C ASP E 72 -1.68 -62.96 -17.75
N LEU E 73 -0.67 -63.29 -18.55
CA LEU E 73 -0.53 -62.79 -19.91
C LEU E 73 -0.22 -63.97 -20.81
N ASP E 74 -1.09 -64.23 -21.79
CA ASP E 74 -0.98 -65.43 -22.62
C ASP E 74 0.01 -65.20 -23.75
N ALA E 75 1.28 -65.09 -23.37
CA ALA E 75 2.38 -64.95 -24.31
C ALA E 75 3.67 -65.34 -23.63
N CYS E 76 4.69 -65.59 -24.44
CA CYS E 76 6.01 -65.97 -23.95
C CYS E 76 6.99 -64.82 -24.15
N LEU E 77 7.80 -64.55 -23.14
CA LEU E 77 8.78 -63.47 -23.19
C LEU E 77 10.15 -64.01 -22.80
N ASP E 78 11.19 -63.38 -23.34
CA ASP E 78 12.55 -63.80 -23.05
C ASP E 78 12.97 -63.29 -21.67
N GLU E 79 14.25 -63.49 -21.32
CA GLU E 79 14.71 -63.11 -19.99
C GLU E 79 14.81 -61.61 -19.84
N ILE E 80 15.35 -60.92 -20.85
CA ILE E 80 15.58 -59.48 -20.73
C ILE E 80 14.26 -58.73 -20.66
N ASP E 81 13.33 -59.06 -21.55
CA ASP E 81 12.03 -58.39 -21.56
C ASP E 81 11.28 -58.65 -20.26
N TYR E 82 11.30 -59.89 -19.78
CA TYR E 82 10.64 -60.20 -18.52
C TYR E 82 11.27 -59.43 -17.37
N LEU E 83 12.60 -59.32 -17.36
CA LEU E 83 13.27 -58.63 -16.27
C LEU E 83 12.90 -57.14 -16.26
N THR E 84 13.01 -56.47 -17.40
CA THR E 84 12.68 -55.04 -17.41
C THR E 84 11.21 -54.82 -17.11
N ALA E 85 10.33 -55.67 -17.65
CA ALA E 85 8.90 -55.51 -17.40
C ALA E 85 8.57 -55.72 -15.93
N ILE E 86 9.20 -56.68 -15.27
CA ILE E 86 8.90 -56.90 -13.85
C ILE E 86 9.44 -55.77 -13.01
N GLN E 87 10.60 -55.20 -13.38
CA GLN E 87 11.09 -54.03 -12.64
C GLN E 87 10.10 -52.87 -12.73
N ASP E 88 9.64 -52.56 -13.94
CA ASP E 88 8.69 -51.46 -14.10
C ASP E 88 7.36 -51.77 -13.41
N PHE E 89 6.95 -53.04 -13.43
CA PHE E 89 5.73 -53.45 -12.76
C PHE E 89 5.81 -53.21 -11.27
N ILE E 90 6.95 -53.59 -10.65
CA ILE E 90 7.13 -53.33 -9.23
C ILE E 90 7.08 -51.85 -8.94
N ILE E 91 7.77 -51.05 -9.76
CA ILE E 91 7.81 -49.61 -9.52
C ILE E 91 6.40 -49.03 -9.53
N GLU E 92 5.64 -49.34 -10.60
CA GLU E 92 4.30 -48.77 -10.74
C GLU E 92 3.38 -49.21 -9.62
N VAL E 93 3.36 -50.51 -9.32
CA VAL E 93 2.43 -51.03 -8.33
C VAL E 93 2.75 -50.46 -6.95
N SER E 94 4.04 -50.44 -6.59
CA SER E 94 4.42 -49.93 -5.27
C SER E 94 4.06 -48.46 -5.13
N ASN E 95 4.34 -47.66 -6.16
CA ASN E 95 4.00 -46.25 -6.08
C ASN E 95 2.49 -46.04 -5.96
N CYS E 96 1.71 -46.79 -6.75
CA CYS E 96 0.25 -46.60 -6.71
C CYS E 96 -0.32 -46.99 -5.36
N VAL E 97 0.11 -48.14 -4.81
CA VAL E 97 -0.41 -48.58 -3.53
C VAL E 97 0.00 -47.62 -2.42
N ALA E 98 1.24 -47.12 -2.47
CA ALA E 98 1.67 -46.17 -1.45
C ALA E 98 0.88 -44.87 -1.53
N ARG E 99 0.59 -44.40 -2.75
CA ARG E 99 -0.23 -43.20 -2.88
C ARG E 99 -1.63 -43.42 -2.32
N PHE E 100 -2.24 -44.57 -2.62
CA PHE E 100 -3.56 -44.86 -2.09
C PHE E 100 -3.54 -44.93 -0.56
N ALA E 101 -2.50 -45.53 0.01
CA ALA E 101 -2.38 -45.56 1.46
C ALA E 101 -2.23 -44.15 2.03
N PHE E 102 -1.43 -43.31 1.38
CA PHE E 102 -1.20 -41.96 1.88
C PHE E 102 -2.48 -41.13 1.85
N THR E 103 -3.23 -41.21 0.75
CA THR E 103 -4.40 -40.36 0.61
C THR E 103 -5.54 -40.82 1.51
N GLU E 104 -5.80 -42.13 1.56
CA GLU E 104 -6.97 -42.65 2.25
C GLU E 104 -6.66 -43.22 3.63
N CYS E 105 -5.70 -44.15 3.72
CA CYS E 105 -5.46 -44.85 4.98
C CYS E 105 -4.62 -44.05 5.96
N GLY E 106 -4.13 -42.87 5.57
CA GLY E 106 -3.37 -42.05 6.49
C GLY E 106 -1.98 -42.57 6.80
N ALA E 107 -1.41 -43.41 5.94
CA ALA E 107 -0.10 -43.98 6.18
C ALA E 107 0.98 -43.01 5.72
N ILE E 108 2.22 -43.49 5.64
CA ILE E 108 3.35 -42.71 5.15
C ILE E 108 3.83 -43.30 3.84
N HIS E 109 3.97 -42.45 2.83
CA HIS E 109 4.33 -42.90 1.48
C HIS E 109 5.68 -43.60 1.48
N GLU E 110 6.69 -42.96 2.06
CA GLU E 110 8.04 -43.51 2.02
C GLU E 110 8.11 -44.85 2.73
N ASN E 111 7.42 -44.98 3.86
CA ASN E 111 7.43 -46.23 4.60
C ASN E 111 6.82 -47.36 3.77
N VAL E 112 5.68 -47.10 3.13
CA VAL E 112 5.03 -48.13 2.33
C VAL E 112 5.90 -48.52 1.15
N ILE E 113 6.52 -47.53 0.49
CA ILE E 113 7.39 -47.85 -0.64
C ILE E 113 8.55 -48.73 -0.18
N LYS E 114 9.18 -48.36 0.94
CA LYS E 114 10.31 -49.14 1.43
C LYS E 114 9.89 -50.56 1.80
N SER E 115 8.76 -50.69 2.49
CA SER E 115 8.28 -52.01 2.88
C SER E 115 7.96 -52.88 1.66
N MET E 116 7.35 -52.29 0.64
CA MET E 116 6.96 -53.05 -0.54
C MET E 116 8.18 -53.47 -1.35
N ARG E 117 9.10 -52.55 -1.60
CA ARG E 117 10.24 -52.86 -2.44
C ARG E 117 11.34 -53.63 -1.72
N SER E 118 11.31 -53.69 -0.38
CA SER E 118 12.39 -54.36 0.35
C SER E 118 12.43 -55.85 0.04
N ASN E 119 11.30 -56.54 0.17
CA ASN E 119 11.26 -57.98 -0.04
C ASN E 119 9.89 -58.39 -0.56
N PHE E 120 9.88 -59.19 -1.62
CA PHE E 120 8.64 -59.73 -2.17
C PHE E 120 8.90 -61.12 -2.71
N SER E 121 7.86 -61.96 -2.68
CA SER E 121 7.92 -63.32 -3.15
C SER E 121 7.22 -63.42 -4.50
N LEU E 122 7.92 -63.98 -5.48
CA LEU E 122 7.45 -64.03 -6.86
C LEU E 122 7.54 -65.47 -7.35
N THR E 123 6.39 -66.05 -7.70
CA THR E 123 6.34 -67.41 -8.22
C THR E 123 6.52 -67.38 -9.73
N LYS E 124 6.19 -68.49 -10.40
CA LYS E 124 6.27 -68.57 -11.84
C LYS E 124 5.25 -69.61 -12.31
N SER E 125 5.26 -69.88 -13.62
CA SER E 125 4.43 -70.92 -14.21
C SER E 125 5.32 -71.88 -14.99
N THR E 126 5.02 -73.16 -14.89
CA THR E 126 5.81 -74.16 -15.62
C THR E 126 5.52 -74.13 -17.12
N ASN E 127 4.41 -73.52 -17.54
CA ASN E 127 4.08 -73.46 -18.95
C ASN E 127 4.94 -72.42 -19.65
N ARG E 128 5.48 -72.79 -20.80
CA ARG E 128 6.33 -71.90 -21.58
C ARG E 128 5.55 -71.09 -22.61
N ASP E 129 4.27 -71.40 -22.82
CA ASP E 129 3.46 -70.68 -23.80
C ASP E 129 2.71 -69.50 -23.20
N LYS E 130 2.82 -69.27 -21.90
CA LYS E 130 2.16 -68.14 -21.27
C LYS E 130 2.90 -67.78 -19.99
N THR E 131 2.64 -66.57 -19.51
CA THR E 131 3.34 -66.00 -18.36
C THR E 131 2.33 -65.65 -17.28
N SER E 132 2.29 -66.43 -16.20
CA SER E 132 1.40 -66.16 -15.09
C SER E 132 2.15 -66.34 -13.78
N PHE E 133 1.71 -65.61 -12.76
CA PHE E 133 2.28 -65.78 -11.43
C PHE E 133 1.41 -65.12 -10.39
N HIS E 134 1.73 -65.39 -9.14
CA HIS E 134 1.15 -64.71 -7.98
C HIS E 134 2.27 -64.09 -7.18
N ILE E 135 2.20 -62.78 -6.98
CA ILE E 135 3.23 -62.02 -6.29
C ILE E 135 2.69 -61.58 -4.93
N ILE E 136 3.50 -61.73 -3.89
CA ILE E 136 3.10 -61.40 -2.53
C ILE E 136 4.16 -60.50 -1.90
N PHE E 137 3.73 -59.35 -1.41
CA PHE E 137 4.65 -58.43 -0.75
C PHE E 137 4.77 -58.81 0.72
N LEU E 138 5.98 -59.22 1.12
CA LEU E 138 6.16 -59.90 2.40
C LEU E 138 5.85 -58.99 3.58
N ASP E 139 6.45 -57.79 3.59
CA ASP E 139 6.48 -56.97 4.79
C ASP E 139 5.28 -56.05 4.95
N THR E 140 4.43 -55.94 3.93
CA THR E 140 3.28 -55.04 3.99
C THR E 140 2.04 -55.85 4.33
N TYR E 141 1.29 -55.39 5.34
CA TYR E 141 0.11 -56.07 5.81
C TYR E 141 -1.05 -55.09 5.88
N THR E 142 -2.23 -55.52 5.45
CA THR E 142 -3.41 -54.67 5.50
C THR E 142 -4.65 -55.54 5.54
N THR E 143 -5.76 -54.92 5.95
CA THR E 143 -7.02 -55.64 6.07
C THR E 143 -7.62 -55.91 4.70
N MET E 144 -8.45 -56.95 4.63
CA MET E 144 -9.06 -57.34 3.37
C MET E 144 -10.01 -56.27 2.85
N ASP E 145 -10.60 -55.48 3.75
CA ASP E 145 -11.45 -54.38 3.31
C ASP E 145 -10.66 -53.36 2.50
N THR E 146 -9.42 -53.10 2.89
CA THR E 146 -8.57 -52.19 2.13
C THR E 146 -8.30 -52.72 0.73
N LEU E 147 -8.02 -54.03 0.62
CA LEU E 147 -7.79 -54.61 -0.70
C LEU E 147 -9.07 -54.60 -1.53
N ILE E 148 -10.23 -54.72 -0.87
CA ILE E 148 -11.48 -54.58 -1.60
C ILE E 148 -11.63 -53.17 -2.15
N ALA E 149 -11.30 -52.16 -1.32
CA ALA E 149 -11.45 -50.78 -1.77
C ALA E 149 -10.44 -50.42 -2.86
N MET E 150 -9.29 -51.09 -2.89
CA MET E 150 -8.29 -50.82 -3.92
C MET E 150 -8.72 -51.24 -5.31
N LYS E 151 -9.93 -51.78 -5.47
CA LYS E 151 -10.33 -52.39 -6.73
C LYS E 151 -10.34 -51.38 -7.87
N ARG E 152 -11.03 -50.26 -7.69
CA ARG E 152 -11.17 -49.29 -8.77
C ARG E 152 -9.82 -48.67 -9.12
N THR E 153 -9.01 -48.35 -8.11
CA THR E 153 -7.71 -47.76 -8.37
C THR E 153 -6.81 -48.72 -9.14
N LEU E 154 -6.81 -50.01 -8.76
CA LEU E 154 -5.96 -50.96 -9.46
C LEU E 154 -6.48 -51.21 -10.88
N LEU E 155 -7.80 -51.17 -11.07
CA LEU E 155 -8.34 -51.32 -12.42
C LEU E 155 -7.93 -50.13 -13.30
N GLU E 156 -7.97 -48.92 -12.75
CA GLU E 156 -7.53 -47.76 -13.51
C GLU E 156 -6.04 -47.87 -13.84
N LEU E 157 -5.23 -48.32 -12.89
CA LEU E 157 -3.81 -48.52 -13.17
C LEU E 157 -3.61 -49.55 -14.27
N SER E 158 -4.36 -50.65 -14.22
CA SER E 158 -4.23 -51.68 -15.24
C SER E 158 -4.58 -51.13 -16.61
N ARG E 159 -5.66 -50.37 -16.71
CA ARG E 159 -6.12 -49.86 -18.00
C ARG E 159 -5.43 -48.57 -18.41
N SER E 160 -4.50 -48.05 -17.62
CA SER E 160 -3.80 -46.81 -17.94
C SER E 160 -2.29 -47.04 -17.94
N SER E 161 -1.84 -48.08 -18.64
CA SER E 161 -0.42 -48.37 -18.71
C SER E 161 -0.12 -49.11 -20.01
N GLU E 162 1.17 -49.17 -20.33
CA GLU E 162 1.67 -49.86 -21.52
C GLU E 162 2.36 -51.18 -21.21
N ASN E 163 2.85 -51.36 -19.99
CA ASN E 163 3.61 -52.55 -19.65
C ASN E 163 2.69 -53.77 -19.77
N PRO E 164 3.05 -54.77 -20.58
CA PRO E 164 2.17 -55.93 -20.73
C PRO E 164 1.90 -56.65 -19.44
N LEU E 165 2.83 -56.64 -18.49
CA LEU E 165 2.56 -57.27 -17.21
C LEU E 165 1.56 -56.45 -16.41
N THR E 166 1.72 -55.13 -16.38
CA THR E 166 0.79 -54.28 -15.62
C THR E 166 -0.59 -54.30 -16.25
N ARG E 167 -0.66 -54.36 -17.58
CA ARG E 167 -1.95 -54.38 -18.27
C ARG E 167 -2.71 -55.67 -18.00
N SER E 168 -2.01 -56.74 -17.64
CA SER E 168 -2.62 -58.05 -17.46
C SER E 168 -3.09 -58.31 -16.04
N ILE E 169 -2.98 -57.33 -15.15
CA ILE E 169 -3.35 -57.54 -13.75
C ILE E 169 -4.82 -57.95 -13.67
N ASP E 170 -5.09 -59.03 -12.96
CA ASP E 170 -6.46 -59.49 -12.73
C ASP E 170 -6.96 -58.81 -11.47
N THR E 171 -7.86 -57.83 -11.63
CA THR E 171 -8.40 -57.10 -10.49
C THR E 171 -9.33 -57.95 -9.64
N ALA E 172 -9.70 -59.14 -10.09
CA ALA E 172 -10.54 -60.03 -9.31
C ALA E 172 -9.73 -60.58 -8.13
N VAL E 173 -10.33 -61.54 -7.42
CA VAL E 173 -9.72 -62.19 -6.25
C VAL E 173 -9.73 -61.24 -5.06
N TYR E 174 -10.26 -60.04 -5.25
CA TYR E 174 -10.46 -59.10 -4.15
C TYR E 174 -11.92 -59.10 -3.70
N ARG E 175 -12.36 -60.26 -3.20
CA ARG E 175 -13.72 -60.46 -2.77
C ARG E 175 -13.73 -61.12 -1.40
N ARG E 176 -14.91 -61.18 -0.79
CA ARG E 176 -15.06 -61.79 0.52
C ARG E 176 -14.81 -63.29 0.43
N LYS E 177 -14.06 -63.81 1.40
CA LYS E 177 -13.75 -65.25 1.50
C LYS E 177 -13.14 -65.77 0.21
N THR E 178 -12.24 -64.99 -0.38
CA THR E 178 -11.57 -65.41 -1.60
C THR E 178 -10.56 -66.52 -1.31
N THR E 179 -10.08 -67.16 -2.38
CA THR E 179 -9.13 -68.24 -2.28
C THR E 179 -8.03 -68.07 -3.31
N LEU E 180 -6.82 -68.52 -2.94
CA LEU E 180 -5.65 -68.43 -3.81
C LEU E 180 -5.00 -69.79 -3.89
N ARG E 181 -4.59 -70.17 -5.11
CA ARG E 181 -4.00 -71.50 -5.31
C ARG E 181 -2.61 -71.56 -4.71
N VAL E 182 -2.39 -72.55 -3.86
CA VAL E 182 -1.13 -72.69 -3.13
C VAL E 182 -0.03 -73.13 -4.09
N VAL E 183 1.20 -72.70 -3.81
CA VAL E 183 2.33 -73.06 -4.65
C VAL E 183 2.62 -74.55 -4.54
N GLY E 184 2.89 -75.19 -5.67
CA GLY E 184 3.23 -76.59 -5.71
C GLY E 184 2.07 -77.55 -5.84
N THR E 185 0.84 -77.04 -5.85
CA THR E 185 -0.34 -77.89 -5.99
C THR E 185 -1.03 -77.60 -7.31
N ARG E 186 -1.47 -78.66 -7.99
CA ARG E 186 -2.14 -78.51 -9.27
C ARG E 186 -3.46 -77.77 -9.10
N LYS E 187 -3.71 -76.80 -9.98
CA LYS E 187 -4.98 -76.08 -9.95
C LYS E 187 -6.15 -77.00 -10.27
N ASN E 188 -5.97 -77.88 -11.25
CA ASN E 188 -6.98 -78.85 -11.64
C ASN E 188 -6.33 -80.22 -11.79
N PRO E 189 -7.04 -81.29 -11.46
CA PRO E 189 -6.47 -82.64 -11.67
C PRO E 189 -6.09 -82.90 -13.12
N ASN E 190 -6.84 -82.34 -14.07
CA ASN E 190 -6.54 -82.56 -15.48
C ASN E 190 -5.33 -81.75 -15.95
N CYS E 191 -5.10 -80.59 -15.34
CA CYS E 191 -4.00 -79.72 -15.74
C CYS E 191 -2.77 -80.02 -14.90
N ASP E 192 -1.67 -80.36 -15.57
CA ASP E 192 -0.43 -80.72 -14.89
C ASP E 192 0.44 -79.52 -14.58
N THR E 193 0.09 -78.33 -15.05
CA THR E 193 0.91 -77.15 -14.81
C THR E 193 0.76 -76.66 -13.39
N ILE E 194 1.89 -76.42 -12.72
CA ILE E 194 1.92 -75.93 -11.34
C ILE E 194 2.93 -74.80 -11.25
N HIS E 195 2.79 -74.01 -10.20
CA HIS E 195 3.69 -72.88 -9.96
C HIS E 195 4.87 -73.33 -9.13
N VAL E 196 6.08 -73.00 -9.60
CA VAL E 196 7.31 -73.36 -8.94
C VAL E 196 7.86 -72.13 -8.23
N MET E 197 8.28 -72.30 -6.98
CA MET E 197 8.84 -71.21 -6.21
C MET E 197 10.17 -70.75 -6.81
N GLN E 198 10.57 -69.55 -6.45
CA GLN E 198 11.78 -68.94 -6.97
C GLN E 198 12.64 -68.43 -5.83
N PRO E 199 13.95 -68.29 -6.07
CA PRO E 199 14.83 -67.73 -5.03
C PRO E 199 14.44 -66.29 -4.72
N PRO E 200 14.78 -65.79 -3.52
CA PRO E 200 15.51 -66.46 -2.44
C PRO E 200 14.61 -67.06 -1.37
N HIS E 201 13.29 -67.05 -1.55
CA HIS E 201 12.38 -67.50 -0.50
C HIS E 201 12.58 -68.97 -0.16
N ASP E 202 12.28 -69.85 -1.10
CA ASP E 202 12.50 -71.29 -1.00
C ASP E 202 11.79 -71.93 0.20
N ASN E 203 10.84 -71.23 0.82
CA ASN E 203 10.11 -71.75 1.97
C ASN E 203 8.61 -71.63 1.73
N ILE E 204 7.86 -72.61 2.24
CA ILE E 204 6.44 -72.67 1.96
C ILE E 204 5.67 -71.57 2.70
N GLU E 205 6.27 -71.00 3.75
CA GLU E 205 5.61 -69.92 4.47
C GLU E 205 5.82 -68.56 3.82
N ASP E 206 6.67 -68.48 2.79
CA ASP E 206 6.94 -67.23 2.10
C ASP E 206 5.99 -66.99 0.93
N TYR E 207 5.01 -67.87 0.71
CA TYR E 207 4.07 -67.73 -0.39
C TYR E 207 2.63 -67.84 0.09
N LEU E 208 2.37 -67.43 1.33
CA LEU E 208 1.04 -67.49 1.91
C LEU E 208 0.54 -66.07 2.16
N PHE E 209 -0.65 -65.76 1.65
CA PHE E 209 -1.20 -64.42 1.78
C PHE E 209 -1.96 -64.22 3.08
N THR E 210 -2.00 -65.22 3.95
CA THR E 210 -2.60 -65.09 5.26
C THR E 210 -1.57 -65.19 6.38
N TYR E 211 -0.37 -65.69 6.08
CA TYR E 211 0.67 -65.91 7.09
C TYR E 211 1.20 -64.56 7.56
N VAL E 212 0.47 -63.95 8.48
CA VAL E 212 0.89 -62.66 9.04
C VAL E 212 2.04 -62.89 10.01
N ASP E 213 3.15 -62.22 9.77
CA ASP E 213 4.38 -62.36 10.54
C ASP E 213 4.96 -61.00 10.88
N MET E 214 4.13 -60.14 11.46
CA MET E 214 4.54 -58.78 11.81
C MET E 214 5.85 -58.79 12.58
N ASN E 215 6.79 -57.95 12.15
CA ASN E 215 8.11 -57.87 12.76
C ASN E 215 8.61 -56.43 12.65
N ASN E 216 9.92 -56.25 12.83
CA ASN E 216 10.50 -54.92 12.87
C ASN E 216 10.41 -54.22 11.52
N ASN E 217 10.84 -54.89 10.45
CA ASN E 217 10.89 -54.27 9.12
C ASN E 217 9.58 -54.55 8.38
N SER E 218 8.52 -53.91 8.87
CA SER E 218 7.19 -54.13 8.33
C SER E 218 6.36 -52.87 8.53
N TYR E 219 5.26 -52.80 7.78
CA TYR E 219 4.33 -51.68 7.88
C TYR E 219 2.91 -52.20 7.78
N TYR E 220 1.98 -51.48 8.40
CA TYR E 220 0.58 -51.87 8.45
C TYR E 220 -0.28 -50.62 8.30
N PHE E 221 -1.36 -50.75 7.54
CA PHE E 221 -2.30 -49.64 7.37
C PHE E 221 -3.67 -50.19 7.02
N SER E 222 -4.69 -49.36 7.22
CA SER E 222 -6.06 -49.72 6.94
C SER E 222 -6.89 -48.43 6.94
N LEU E 223 -8.11 -48.54 6.43
CA LEU E 223 -9.00 -47.38 6.34
C LEU E 223 -9.36 -46.86 7.72
N TRP E 236 -16.30 -56.32 -28.30
CA TRP E 236 -15.93 -54.93 -28.50
C TRP E 236 -16.98 -53.99 -27.93
N GLU E 237 -16.67 -53.39 -26.78
CA GLU E 237 -17.54 -52.35 -26.27
C GLU E 237 -17.36 -51.08 -27.10
N PRO E 238 -18.44 -50.50 -27.62
CA PRO E 238 -18.30 -49.29 -28.43
C PRO E 238 -17.74 -48.10 -27.66
N GLY E 239 -17.81 -48.11 -26.33
CA GLY E 239 -17.40 -47.00 -25.53
C GLY E 239 -15.92 -46.71 -25.48
N PHE E 240 -15.10 -47.35 -26.33
CA PHE E 240 -13.68 -47.05 -26.33
C PHE E 240 -13.31 -46.02 -27.40
N ILE E 241 -13.44 -46.40 -28.67
CA ILE E 241 -12.96 -45.59 -29.78
C ILE E 241 -13.51 -46.18 -31.07
N SER E 242 -13.59 -45.35 -32.11
CA SER E 242 -14.06 -45.84 -33.40
C SER E 242 -13.14 -46.92 -33.94
N PHE E 243 -13.73 -47.89 -34.63
CA PHE E 243 -12.95 -49.02 -35.16
C PHE E 243 -11.92 -48.55 -36.17
N GLU E 244 -12.28 -47.60 -37.03
CA GLU E 244 -11.38 -47.18 -38.09
C GLU E 244 -10.09 -46.58 -37.53
N ASP E 245 -10.21 -45.78 -36.46
CA ASP E 245 -9.01 -45.21 -35.85
C ASP E 245 -8.12 -46.30 -35.24
N ALA E 246 -8.73 -47.30 -34.62
CA ALA E 246 -7.93 -48.40 -34.06
C ALA E 246 -7.20 -49.15 -35.16
N ILE E 247 -7.87 -49.40 -36.28
CA ILE E 247 -7.23 -50.09 -37.40
C ILE E 247 -6.10 -49.23 -37.96
N LYS E 248 -6.31 -47.92 -38.05
CA LYS E 248 -5.25 -47.03 -38.54
C LYS E 248 -4.05 -47.03 -37.60
N ARG E 249 -4.30 -47.03 -36.29
CA ARG E 249 -3.20 -47.11 -35.32
C ARG E 249 -2.44 -48.42 -35.49
N VAL E 250 -3.16 -49.53 -35.65
CA VAL E 250 -2.49 -50.82 -35.84
C VAL E 250 -1.64 -50.79 -37.11
N SER E 251 -2.19 -50.23 -38.19
CA SER E 251 -1.43 -50.16 -39.44
C SER E 251 -0.18 -49.31 -39.28
N LYS E 252 -0.30 -48.17 -38.59
CA LYS E 252 0.87 -47.32 -38.36
C LYS E 252 1.91 -48.04 -37.52
N ILE E 253 1.47 -48.86 -36.57
CA ILE E 253 2.41 -49.66 -35.79
C ILE E 253 3.13 -50.67 -36.67
N PHE E 254 2.39 -51.34 -37.56
CA PHE E 254 3.02 -52.28 -38.49
C PHE E 254 3.93 -51.60 -39.51
N ILE E 255 3.85 -50.28 -39.64
CA ILE E 255 4.66 -49.51 -40.58
C ILE E 255 4.34 -49.92 -42.01
N ASN E 256 4.66 -51.16 -42.38
CA ASN E 256 4.36 -51.65 -43.71
C ASN E 256 2.86 -51.84 -43.89
N SER E 257 2.43 -51.82 -45.14
CA SER E 257 1.03 -52.01 -45.45
C SER E 257 0.63 -53.48 -45.28
N ILE E 258 -0.66 -53.70 -45.08
CA ILE E 258 -1.21 -55.04 -44.90
C ILE E 258 -1.57 -55.61 -46.26
N ILE E 259 -1.05 -56.80 -46.55
CA ILE E 259 -1.40 -57.47 -47.81
C ILE E 259 -2.89 -57.78 -47.83
N ASN E 260 -3.40 -58.35 -46.74
CA ASN E 260 -4.81 -58.70 -46.64
C ASN E 260 -5.63 -57.54 -46.07
N PHE E 261 -5.44 -56.36 -46.65
CA PHE E 261 -6.16 -55.18 -46.20
C PHE E 261 -7.58 -55.18 -46.77
N ASN E 262 -8.40 -54.27 -46.24
CA ASN E 262 -9.81 -54.13 -46.59
C ASN E 262 -10.62 -55.39 -46.29
N ASP E 263 -10.04 -56.33 -45.55
CA ASP E 263 -10.75 -57.56 -45.18
C ASP E 263 -11.12 -57.60 -43.70
N LEU E 264 -10.34 -56.94 -42.84
CA LEU E 264 -10.68 -56.90 -41.43
C LEU E 264 -11.91 -56.03 -41.19
N ASP E 265 -12.78 -56.49 -40.30
CA ASP E 265 -13.98 -55.75 -39.94
C ASP E 265 -14.31 -56.10 -38.49
N GLU E 266 -15.54 -55.77 -38.08
CA GLU E 266 -15.96 -56.07 -36.71
C GLU E 266 -16.01 -57.56 -36.45
N ASN E 267 -16.46 -58.35 -37.42
CA ASN E 267 -16.62 -59.79 -37.23
C ASN E 267 -15.30 -60.54 -37.25
N ASN E 268 -14.38 -60.16 -38.15
CA ASN E 268 -13.12 -60.87 -38.33
C ASN E 268 -11.99 -60.24 -37.53
N PHE E 269 -12.29 -59.77 -36.32
CA PHE E 269 -11.31 -58.98 -35.56
C PHE E 269 -10.19 -59.86 -35.01
N THR E 270 -10.53 -61.04 -34.51
CA THR E 270 -9.56 -61.95 -33.92
C THR E 270 -9.50 -63.29 -34.65
N THR E 271 -9.85 -63.31 -35.93
CA THR E 271 -9.83 -64.55 -36.70
C THR E 271 -8.85 -64.50 -37.86
N VAL E 272 -8.94 -63.50 -38.72
CA VAL E 272 -8.10 -63.47 -39.92
C VAL E 272 -6.66 -63.12 -39.52
N PRO E 273 -5.67 -63.84 -40.02
CA PRO E 273 -4.28 -63.42 -39.81
C PRO E 273 -3.95 -62.18 -40.61
N LEU E 274 -2.96 -61.44 -40.13
CA LEU E 274 -2.51 -60.20 -40.77
C LEU E 274 -1.26 -60.53 -41.58
N VAL E 275 -1.42 -60.62 -42.89
CA VAL E 275 -0.31 -60.91 -43.79
C VAL E 275 0.34 -59.59 -44.19
N ILE E 276 1.64 -59.49 -43.99
CA ILE E 276 2.38 -58.26 -44.25
C ILE E 276 3.49 -58.55 -45.25
N ASP E 277 3.72 -57.60 -46.16
CA ASP E 277 4.83 -57.71 -47.09
C ASP E 277 6.11 -57.23 -46.42
N TYR E 278 7.15 -58.04 -46.52
CA TYR E 278 8.43 -57.74 -45.86
C TYR E 278 9.27 -56.80 -46.75
N VAL E 279 8.67 -55.67 -47.10
CA VAL E 279 9.41 -54.64 -47.82
C VAL E 279 10.54 -54.11 -46.96
N THR E 280 10.27 -53.86 -45.69
CA THR E 280 11.25 -53.44 -44.69
C THR E 280 11.15 -54.39 -43.50
N PRO E 281 12.21 -54.53 -42.74
CA PRO E 281 12.16 -55.42 -41.56
C PRO E 281 11.10 -54.96 -40.57
N CYS E 282 10.49 -55.94 -39.89
CA CYS E 282 9.42 -55.65 -38.95
C CYS E 282 9.89 -54.70 -37.86
N ALA E 283 9.05 -53.72 -37.54
CA ALA E 283 9.40 -52.77 -36.48
C ALA E 283 9.50 -53.46 -35.13
N LEU E 284 8.59 -54.39 -34.84
CA LEU E 284 8.58 -55.03 -33.53
C LEU E 284 9.73 -56.01 -33.37
N CYS E 285 10.10 -56.73 -34.43
CA CYS E 285 11.07 -57.80 -34.33
C CYS E 285 12.44 -57.46 -34.92
N LYS E 286 12.52 -56.47 -35.82
CA LYS E 286 13.73 -56.04 -36.51
C LYS E 286 14.27 -57.09 -37.48
N LYS E 287 13.62 -58.24 -37.59
CA LYS E 287 14.08 -59.27 -38.51
C LYS E 287 13.48 -59.07 -39.90
N ARG E 288 14.13 -59.67 -40.89
CA ARG E 288 13.69 -59.51 -42.27
C ARG E 288 12.34 -60.19 -42.52
N SER E 289 12.17 -61.39 -42.00
CA SER E 289 10.97 -62.17 -42.27
C SER E 289 10.73 -63.14 -41.13
N HIS E 290 9.59 -63.85 -41.20
CA HIS E 290 9.24 -64.82 -40.19
C HIS E 290 8.45 -65.95 -40.84
N LYS E 291 8.37 -67.07 -40.13
CA LYS E 291 7.68 -68.25 -40.66
C LYS E 291 6.20 -67.99 -40.86
N HIS E 292 5.57 -67.28 -39.93
CA HIS E 292 4.12 -67.11 -39.94
C HIS E 292 3.76 -65.65 -39.73
N PRO E 293 2.55 -65.25 -40.14
CA PRO E 293 2.13 -63.85 -39.96
C PRO E 293 1.79 -63.51 -38.52
N HIS E 294 1.33 -62.29 -38.28
CA HIS E 294 0.95 -61.82 -36.96
C HIS E 294 -0.55 -62.00 -36.74
N GLN E 295 -1.01 -61.64 -35.55
CA GLN E 295 -2.41 -61.70 -35.19
C GLN E 295 -2.67 -60.69 -34.09
N LEU E 296 -3.87 -60.11 -34.13
CA LEU E 296 -4.29 -59.07 -33.19
C LEU E 296 -5.47 -59.59 -32.37
N SER E 297 -5.40 -59.43 -31.05
CA SER E 297 -6.43 -59.89 -30.14
C SER E 297 -6.83 -58.75 -29.21
N LEU E 298 -8.03 -58.87 -28.64
CA LEU E 298 -8.57 -57.85 -27.76
C LEU E 298 -8.55 -58.36 -26.32
N GLU E 299 -8.01 -57.55 -25.41
CA GLU E 299 -8.01 -57.91 -24.00
C GLU E 299 -7.94 -56.63 -23.15
N ASN E 300 -8.79 -56.57 -22.13
CA ASN E 300 -8.76 -55.49 -21.14
C ASN E 300 -8.74 -54.11 -21.79
N GLY E 301 -9.57 -53.93 -22.80
CA GLY E 301 -9.64 -52.65 -23.49
C GLY E 301 -8.34 -52.28 -24.17
N ALA E 302 -7.71 -53.24 -24.84
CA ALA E 302 -6.48 -52.97 -25.57
C ALA E 302 -6.30 -54.06 -26.62
N ILE E 303 -5.41 -53.80 -27.57
CA ILE E 303 -5.14 -54.70 -28.67
C ILE E 303 -3.71 -55.22 -28.52
N ARG E 304 -3.56 -56.54 -28.50
CA ARG E 304 -2.27 -57.19 -28.41
C ARG E 304 -1.93 -57.78 -29.78
N ILE E 305 -0.75 -57.44 -30.29
CA ILE E 305 -0.25 -57.92 -31.57
C ILE E 305 0.89 -58.88 -31.29
N TYR E 306 0.77 -60.10 -31.82
CA TYR E 306 1.72 -61.16 -31.52
C TYR E 306 1.86 -62.08 -32.72
N LYS E 307 3.02 -62.73 -32.82
CA LYS E 307 3.28 -63.67 -33.90
C LYS E 307 2.82 -65.08 -33.51
N THR E 308 2.72 -65.94 -34.52
CA THR E 308 2.27 -67.31 -34.34
C THR E 308 3.40 -68.28 -34.69
N GLY E 309 3.46 -69.38 -33.96
CA GLY E 309 4.52 -70.36 -34.14
C GLY E 309 5.60 -70.23 -33.10
N ASN E 310 6.77 -69.77 -33.51
CA ASN E 310 7.84 -69.48 -32.56
C ASN E 310 7.52 -68.20 -31.80
N PRO E 311 7.40 -68.25 -30.47
CA PRO E 311 6.91 -67.07 -29.74
C PRO E 311 7.96 -65.99 -29.58
N HIS E 312 9.22 -66.39 -29.45
CA HIS E 312 10.31 -65.46 -29.21
C HIS E 312 10.82 -64.80 -30.47
N SER E 313 10.29 -65.17 -31.64
CA SER E 313 10.72 -64.53 -32.89
C SER E 313 10.36 -63.05 -32.91
N CYS E 314 9.16 -62.71 -32.43
CA CYS E 314 8.71 -61.33 -32.33
C CYS E 314 8.19 -61.06 -30.93
N LYS E 315 8.35 -59.81 -30.49
CA LYS E 315 7.87 -59.41 -29.17
C LYS E 315 6.36 -59.17 -29.24
N VAL E 316 5.79 -58.66 -28.16
CA VAL E 316 4.36 -58.35 -28.08
C VAL E 316 4.19 -56.85 -28.19
N LYS E 317 3.24 -56.41 -29.00
CA LYS E 317 2.95 -55.00 -29.15
C LYS E 317 1.59 -54.69 -28.55
N ILE E 318 1.51 -53.64 -27.74
CA ILE E 318 0.29 -53.26 -27.05
C ILE E 318 -0.22 -51.95 -27.61
N VAL E 319 -1.53 -51.89 -27.86
CA VAL E 319 -2.18 -50.70 -28.39
C VAL E 319 -3.33 -50.35 -27.46
N PRO E 320 -3.35 -49.16 -26.86
CA PRO E 320 -4.47 -48.78 -26.00
C PRO E 320 -5.72 -48.50 -26.83
N LEU E 321 -6.83 -48.27 -26.13
CA LEU E 321 -8.09 -47.95 -26.79
C LEU E 321 -8.87 -46.85 -26.09
N ASP E 322 -8.31 -46.21 -25.07
CA ASP E 322 -8.99 -45.12 -24.38
C ASP E 322 -8.00 -44.39 -23.49
N GLY E 323 -8.35 -43.15 -23.16
CA GLY E 323 -7.56 -42.33 -22.24
C GLY E 323 -6.49 -41.52 -22.96
N ASN E 324 -6.11 -40.41 -22.34
CA ASN E 324 -4.98 -39.64 -22.85
C ASN E 324 -3.68 -40.35 -22.57
N LYS E 325 -2.65 -39.91 -23.28
CA LYS E 325 -1.28 -40.25 -22.91
C LYS E 325 -0.70 -39.24 -21.94
N LEU E 326 -1.19 -38.00 -21.97
CA LEU E 326 -0.69 -36.96 -21.09
C LEU E 326 -1.37 -36.98 -19.72
N PHE E 327 -2.46 -37.72 -19.58
CA PHE E 327 -3.11 -37.86 -18.28
C PHE E 327 -2.48 -38.98 -17.47
N ASN E 328 -2.11 -40.07 -18.14
CA ASN E 328 -1.44 -41.16 -17.45
C ASN E 328 -0.09 -40.72 -16.91
N ILE E 329 0.66 -39.92 -17.69
CA ILE E 329 1.92 -39.39 -17.20
C ILE E 329 1.70 -38.55 -15.96
N ALA E 330 0.64 -37.73 -15.96
CA ALA E 330 0.35 -36.90 -14.80
C ALA E 330 0.01 -37.76 -13.60
N GLN E 331 -0.75 -38.83 -13.79
CA GLN E 331 -1.06 -39.72 -12.67
C GLN E 331 0.20 -40.36 -12.12
N ARG E 332 1.10 -40.80 -13.00
CA ARG E 332 2.32 -41.46 -12.53
C ARG E 332 3.26 -40.49 -11.82
N ILE E 333 3.31 -39.23 -12.26
CA ILE E 333 4.11 -38.25 -11.56
C ILE E 333 3.45 -37.87 -10.24
N LEU E 334 2.12 -37.86 -10.21
CA LEU E 334 1.41 -37.44 -9.01
C LEU E 334 1.50 -38.48 -7.91
N ASP E 335 1.38 -39.76 -8.26
CA ASP E 335 1.31 -40.79 -7.23
C ASP E 335 2.68 -41.22 -6.71
N THR E 336 3.73 -40.44 -6.96
CA THR E 336 5.00 -40.61 -6.28
C THR E 336 5.12 -39.71 -5.06
N ASN E 337 4.09 -38.93 -4.77
CA ASN E 337 4.08 -38.00 -3.64
C ASN E 337 5.30 -37.11 -3.67
N SER E 338 5.40 -36.31 -4.73
CA SER E 338 6.51 -35.39 -4.87
C SER E 338 6.10 -33.99 -5.26
N VAL E 339 4.80 -33.71 -5.39
CA VAL E 339 4.36 -32.40 -5.83
C VAL E 339 3.18 -31.90 -5.00
N LEU E 340 3.15 -32.25 -3.71
CA LEU E 340 2.06 -31.86 -2.83
C LEU E 340 1.87 -30.35 -2.80
N LEU E 341 0.74 -29.92 -2.25
CA LEU E 341 0.47 -28.51 -2.03
C LEU E 341 0.30 -28.26 -0.54
N THR E 342 0.64 -27.05 -0.11
CA THR E 342 0.63 -26.70 1.29
C THR E 342 -0.77 -26.27 1.73
N GLU E 343 -0.93 -26.13 3.05
CA GLU E 343 -2.20 -25.73 3.64
C GLU E 343 -2.56 -24.28 3.32
N ARG E 344 -1.63 -23.49 2.77
CA ARG E 344 -1.93 -22.12 2.40
C ARG E 344 -2.16 -21.95 0.90
N GLY E 345 -1.68 -22.86 0.07
CA GLY E 345 -1.93 -22.79 -1.35
C GLY E 345 -0.69 -22.77 -2.22
N ASP E 346 0.43 -23.23 -1.69
CA ASP E 346 1.69 -23.27 -2.43
C ASP E 346 2.07 -24.71 -2.71
N HIS E 347 2.46 -24.98 -3.95
CA HIS E 347 2.81 -26.34 -4.38
C HIS E 347 4.28 -26.58 -4.08
N ILE E 348 4.55 -27.42 -3.08
CA ILE E 348 5.91 -27.76 -2.68
C ILE E 348 6.37 -28.97 -3.49
N VAL E 349 7.48 -28.82 -4.20
CA VAL E 349 8.00 -29.88 -5.05
C VAL E 349 9.28 -30.43 -4.41
N TRP E 350 9.66 -31.62 -4.84
CA TRP E 350 10.78 -32.35 -4.26
C TRP E 350 11.84 -32.52 -5.34
N ILE E 351 12.77 -31.57 -5.41
CA ILE E 351 13.80 -31.56 -6.44
C ILE E 351 15.15 -31.67 -5.75
N ASN E 352 15.97 -32.61 -6.21
CA ASN E 352 17.36 -32.75 -5.77
C ASN E 352 17.46 -32.88 -4.25
N ASN E 353 16.57 -33.68 -3.68
CA ASN E 353 16.61 -34.04 -2.26
C ASN E 353 16.39 -32.83 -1.36
N SER E 354 15.32 -32.07 -1.62
CA SER E 354 14.93 -30.96 -0.78
C SER E 354 13.56 -30.45 -1.23
N TRP E 355 12.69 -30.16 -0.27
CA TRP E 355 11.34 -29.69 -0.57
C TRP E 355 11.37 -28.21 -0.89
N LYS E 356 11.64 -27.88 -2.14
CA LYS E 356 11.63 -26.49 -2.59
C LYS E 356 10.21 -26.04 -2.89
N PHE E 357 10.03 -24.72 -2.99
CA PHE E 357 8.78 -24.14 -3.44
C PHE E 357 9.00 -22.66 -3.70
N ASN E 358 8.33 -22.14 -4.72
CA ASN E 358 8.40 -20.72 -5.03
C ASN E 358 7.04 -20.28 -5.57
N SER E 359 6.62 -19.09 -5.16
CA SER E 359 5.36 -18.52 -5.62
C SER E 359 5.54 -17.54 -6.76
N GLU E 360 6.78 -17.33 -7.22
CA GLU E 360 7.05 -16.41 -8.32
C GLU E 360 7.32 -17.13 -9.64
N GLU E 361 8.14 -18.19 -9.61
CA GLU E 361 8.40 -19.02 -10.78
C GLU E 361 8.11 -20.46 -10.39
N PRO E 362 6.86 -20.89 -10.50
CA PRO E 362 6.48 -22.21 -9.99
C PRO E 362 7.30 -23.33 -10.61
N LEU E 363 7.61 -24.34 -9.79
CA LEU E 363 8.65 -25.30 -10.08
C LEU E 363 8.13 -26.62 -10.63
N ILE E 364 6.84 -26.72 -10.94
CA ILE E 364 6.31 -28.03 -11.30
C ILE E 364 6.91 -28.52 -12.61
N THR E 365 7.18 -27.62 -13.55
CA THR E 365 7.76 -28.06 -14.82
C THR E 365 9.20 -28.56 -14.65
N LYS E 366 9.95 -27.96 -13.72
CA LYS E 366 11.28 -28.48 -13.42
C LYS E 366 11.18 -29.91 -12.89
N LEU E 367 10.22 -30.17 -12.02
CA LEU E 367 10.02 -31.53 -11.52
C LEU E 367 9.61 -32.47 -12.65
N ILE E 368 8.71 -32.02 -13.52
CA ILE E 368 8.26 -32.87 -14.62
C ILE E 368 9.43 -33.24 -15.51
N LEU E 369 10.32 -32.29 -15.76
CA LEU E 369 11.49 -32.61 -16.59
C LEU E 369 12.45 -33.54 -15.85
N SER E 370 12.73 -33.27 -14.58
CA SER E 370 13.77 -34.01 -13.87
C SER E 370 13.33 -35.41 -13.46
N ILE E 371 12.03 -35.70 -13.47
CA ILE E 371 11.53 -37.00 -13.04
C ILE E 371 11.40 -37.99 -14.18
N ARG E 372 11.63 -37.56 -15.41
CA ARG E 372 11.36 -38.41 -16.57
C ARG E 372 12.21 -39.67 -16.57
N HIS E 373 13.28 -39.71 -15.77
CA HIS E 373 14.13 -40.89 -15.75
C HIS E 373 13.49 -42.04 -15.00
N GLN E 374 12.62 -41.76 -14.04
CA GLN E 374 11.92 -42.78 -13.28
C GLN E 374 10.60 -43.19 -13.94
N LEU E 375 10.49 -43.02 -15.25
CA LEU E 375 9.30 -43.33 -16.01
C LEU E 375 9.69 -44.22 -17.18
N PRO E 376 8.75 -45.00 -17.71
CA PRO E 376 9.07 -45.91 -18.82
C PRO E 376 9.59 -45.18 -20.05
N LYS E 377 10.03 -45.98 -21.02
CA LYS E 377 10.65 -45.42 -22.22
C LYS E 377 9.67 -44.57 -23.01
N GLU E 378 8.42 -45.02 -23.14
CA GLU E 378 7.45 -44.30 -23.95
C GLU E 378 6.94 -43.04 -23.26
N TYR E 379 7.08 -42.93 -21.95
CA TYR E 379 6.63 -41.77 -21.19
C TYR E 379 7.72 -40.74 -20.99
N SER E 380 8.93 -40.99 -21.49
CA SER E 380 10.02 -40.05 -21.28
C SER E 380 10.20 -39.12 -22.46
N SER E 381 9.96 -39.60 -23.68
CA SER E 381 10.15 -38.75 -24.85
C SER E 381 9.11 -37.64 -24.88
N GLU E 382 7.98 -37.83 -24.22
CA GLU E 382 6.95 -36.79 -24.20
C GLU E 382 7.37 -35.59 -23.39
N LEU E 383 8.02 -35.81 -22.24
CA LEU E 383 8.41 -34.70 -21.37
C LEU E 383 9.70 -34.05 -21.84
N LEU E 384 9.77 -33.76 -23.13
CA LEU E 384 10.87 -33.00 -23.70
C LEU E 384 10.39 -31.87 -24.59
N CYS E 385 9.09 -31.77 -24.85
CA CYS E 385 8.47 -30.62 -25.52
C CYS E 385 7.87 -29.71 -24.47
N PRO E 386 8.28 -28.45 -24.38
CA PRO E 386 7.79 -27.59 -23.31
C PRO E 386 6.29 -27.37 -23.34
N ARG E 387 5.62 -27.63 -24.46
CA ARG E 387 4.18 -27.49 -24.54
C ARG E 387 3.45 -28.68 -23.95
N LYS E 388 4.14 -29.80 -23.72
CA LYS E 388 3.55 -30.95 -23.06
C LYS E 388 3.80 -30.96 -21.57
N ARG E 389 4.90 -30.37 -21.11
CA ARG E 389 5.13 -30.20 -19.68
C ARG E 389 4.32 -29.06 -19.10
N LYS E 390 3.47 -28.41 -19.89
CA LYS E 390 2.43 -27.54 -19.36
C LYS E 390 1.07 -28.21 -19.35
N THR E 391 0.79 -29.08 -20.31
CA THR E 391 -0.41 -29.90 -20.25
C THR E 391 -0.37 -30.87 -19.07
N VAL E 392 0.72 -31.64 -18.95
CA VAL E 392 0.83 -32.60 -17.84
C VAL E 392 1.05 -31.90 -16.53
N GLU E 393 1.11 -30.57 -16.53
CA GLU E 393 1.20 -29.75 -15.33
C GLU E 393 -0.13 -29.14 -14.94
N ALA E 394 -0.94 -28.72 -15.92
CA ALA E 394 -2.31 -28.36 -15.64
C ALA E 394 -3.09 -29.54 -15.09
N ASN E 395 -2.82 -30.74 -15.62
CA ASN E 395 -3.46 -31.93 -15.04
C ASN E 395 -3.09 -32.12 -13.58
N ILE E 396 -1.81 -31.94 -13.24
CA ILE E 396 -1.39 -32.09 -11.85
C ILE E 396 -2.07 -31.06 -10.97
N ARG E 397 -2.14 -29.82 -11.42
CA ARG E 397 -2.82 -28.80 -10.63
C ARG E 397 -4.31 -29.10 -10.46
N ASP E 398 -4.96 -29.70 -11.44
CA ASP E 398 -6.37 -30.06 -11.27
C ASP E 398 -6.57 -31.30 -10.42
N MET E 399 -5.56 -32.14 -10.24
CA MET E 399 -5.72 -33.32 -9.40
C MET E 399 -5.32 -33.09 -7.95
N LEU E 400 -4.80 -31.91 -7.61
CA LEU E 400 -4.43 -31.60 -6.23
C LEU E 400 -5.56 -30.81 -5.59
N VAL E 401 -6.48 -31.55 -4.96
CA VAL E 401 -7.55 -30.98 -4.16
C VAL E 401 -7.46 -31.58 -2.76
N ASP E 402 -7.55 -30.71 -1.75
CA ASP E 402 -7.22 -30.90 -0.33
C ASP E 402 -5.76 -30.57 -0.12
N SER E 403 -5.35 -30.30 1.11
CA SER E 403 -4.00 -29.83 1.41
C SER E 403 -3.36 -30.73 2.45
N VAL E 404 -2.10 -30.42 2.79
CA VAL E 404 -1.38 -31.10 3.84
C VAL E 404 -0.78 -30.06 4.78
N GLU E 405 -0.06 -30.54 5.78
CA GLU E 405 0.59 -29.68 6.76
C GLU E 405 2.10 -29.84 6.67
N THR E 406 2.82 -28.74 6.81
CA THR E 406 4.26 -28.72 6.60
C THR E 406 4.98 -28.33 7.89
N ASP E 407 6.16 -28.93 8.09
CA ASP E 407 7.01 -28.66 9.25
C ASP E 407 6.24 -28.90 10.55
N THR E 408 5.72 -30.11 10.69
CA THR E 408 4.92 -30.47 11.85
C THR E 408 5.72 -31.12 12.96
N TYR E 409 6.91 -31.64 12.68
CA TYR E 409 7.70 -32.32 13.68
C TYR E 409 8.81 -31.39 14.16
N PRO E 410 8.77 -30.91 15.39
CA PRO E 410 9.71 -29.87 15.85
C PRO E 410 10.99 -30.39 16.47
N ASP E 411 11.25 -31.69 16.46
CA ASP E 411 12.48 -32.25 17.02
C ASP E 411 13.46 -32.66 15.91
N LYS E 412 13.41 -31.98 14.78
CA LYS E 412 14.27 -32.29 13.65
C LYS E 412 14.83 -31.00 13.07
N LEU E 413 16.12 -31.02 12.71
CA LEU E 413 16.78 -29.85 12.16
C LEU E 413 17.02 -30.07 10.67
N PRO E 414 16.42 -29.27 9.79
CA PRO E 414 16.54 -29.52 8.34
C PRO E 414 17.81 -28.92 7.78
N PHE E 415 18.73 -29.77 7.34
CA PHE E 415 19.97 -29.34 6.71
C PHE E 415 19.85 -29.46 5.20
N LYS E 416 20.76 -28.77 4.50
CA LYS E 416 20.63 -28.59 3.06
C LYS E 416 20.54 -29.92 2.31
N ASN E 417 21.12 -30.98 2.87
CA ASN E 417 21.12 -32.29 2.21
C ASN E 417 20.37 -33.35 3.01
N GLY E 418 19.56 -32.96 3.98
CA GLY E 418 18.81 -33.96 4.72
C GLY E 418 18.17 -33.38 5.97
N VAL E 419 17.95 -34.26 6.94
CA VAL E 419 17.37 -33.86 8.22
C VAL E 419 18.17 -34.54 9.32
N LEU E 420 18.63 -33.75 10.28
CA LEU E 420 19.27 -34.30 11.46
C LEU E 420 18.24 -34.49 12.57
N ASP E 421 18.19 -35.70 13.11
CA ASP E 421 17.28 -36.00 14.20
C ASP E 421 17.95 -35.60 15.51
N LEU E 422 17.20 -34.93 16.38
CA LEU E 422 17.79 -34.41 17.61
C LEU E 422 17.72 -35.38 18.77
N VAL E 423 16.58 -36.08 18.93
CA VAL E 423 16.43 -36.98 20.06
C VAL E 423 17.42 -38.14 19.97
N ASP E 424 17.71 -38.60 18.76
CA ASP E 424 18.61 -39.75 18.58
C ASP E 424 19.98 -39.37 18.03
N GLY E 425 20.11 -38.22 17.38
CA GLY E 425 21.38 -37.82 16.83
C GLY E 425 21.72 -38.41 15.48
N MET E 426 20.87 -39.27 14.94
CA MET E 426 21.13 -39.89 13.64
C MET E 426 20.69 -38.96 12.51
N PHE E 427 21.49 -38.93 11.45
CA PHE E 427 21.23 -38.07 10.31
C PHE E 427 20.59 -38.88 9.18
N TYR E 428 19.60 -38.28 8.52
CA TYR E 428 18.93 -38.90 7.39
C TYR E 428 19.17 -38.06 6.14
N SER E 429 19.57 -38.72 5.05
CA SER E 429 19.82 -38.04 3.79
C SER E 429 19.11 -38.76 2.66
N GLY E 430 18.70 -38.00 1.65
CA GLY E 430 18.00 -38.57 0.52
C GLY E 430 16.51 -38.68 0.75
N ASP E 431 15.88 -39.68 0.10
CA ASP E 431 14.43 -39.79 0.14
C ASP E 431 13.89 -39.95 1.55
N ASP E 432 14.72 -40.39 2.50
CA ASP E 432 14.27 -40.49 3.89
C ASP E 432 13.85 -39.12 4.43
N ALA E 433 14.64 -38.09 4.14
CA ALA E 433 14.28 -36.75 4.57
C ALA E 433 12.97 -36.30 3.95
N LYS E 434 12.53 -36.97 2.87
CA LYS E 434 11.24 -36.68 2.27
C LYS E 434 10.09 -36.88 3.24
N LYS E 435 10.25 -37.79 4.20
CA LYS E 435 9.16 -38.11 5.11
C LYS E 435 8.70 -36.88 5.88
N TYR E 436 9.57 -35.90 6.05
CA TYR E 436 9.29 -34.71 6.85
C TYR E 436 9.19 -33.53 5.89
N THR E 437 8.06 -32.84 5.90
CA THR E 437 7.89 -31.70 4.99
C THR E 437 8.62 -30.50 5.57
N CYS E 438 9.95 -30.51 5.39
CA CYS E 438 10.81 -29.45 5.91
C CYS E 438 10.97 -28.38 4.83
N THR E 439 10.19 -27.31 4.95
CA THR E 439 10.20 -26.24 3.96
C THR E 439 11.32 -25.23 4.17
N VAL E 440 12.08 -25.34 5.25
CA VAL E 440 13.22 -24.46 5.51
C VAL E 440 14.46 -25.32 5.65
N SER E 441 15.62 -24.66 5.62
CA SER E 441 16.88 -25.37 5.78
C SER E 441 17.90 -24.42 6.39
N THR E 442 18.94 -25.00 6.99
CA THR E 442 19.99 -24.19 7.60
C THR E 442 20.89 -23.53 6.57
N GLY E 443 20.94 -24.06 5.35
CA GLY E 443 21.66 -23.44 4.26
C GLY E 443 23.00 -24.08 3.94
N PHE E 444 23.56 -24.88 4.84
CA PHE E 444 24.83 -25.53 4.59
C PHE E 444 24.70 -27.03 4.82
N LYS E 445 25.51 -27.80 4.09
CA LYS E 445 25.47 -29.24 4.16
C LYS E 445 25.99 -29.73 5.51
N PHE E 446 25.75 -31.01 5.78
CA PHE E 446 26.12 -31.64 7.04
C PHE E 446 27.27 -32.60 6.78
N ASP E 447 28.36 -32.42 7.54
CA ASP E 447 29.57 -33.21 7.37
C ASP E 447 29.89 -33.95 8.66
N ASP E 448 30.04 -35.27 8.57
CA ASP E 448 30.33 -36.07 9.76
C ASP E 448 31.78 -35.94 10.21
N THR E 449 32.71 -35.68 9.28
CA THR E 449 34.11 -35.56 9.66
C THR E 449 34.33 -34.39 10.61
N LYS E 450 33.73 -33.23 10.32
CA LYS E 450 33.84 -32.10 11.23
C LYS E 450 32.97 -32.29 12.45
N PHE E 451 31.91 -33.09 12.34
CA PHE E 451 30.99 -33.37 13.45
C PHE E 451 31.66 -34.38 14.36
N VAL E 452 32.49 -33.89 15.27
CA VAL E 452 33.30 -34.72 16.14
C VAL E 452 33.04 -34.32 17.59
N GLU E 453 33.72 -35.01 18.51
CA GLU E 453 33.57 -34.77 19.94
C GLU E 453 34.85 -34.30 20.62
N ASP E 454 35.97 -34.96 20.37
CA ASP E 454 37.25 -34.60 20.97
C ASP E 454 38.10 -33.93 19.89
N SER E 455 38.02 -32.60 19.83
CA SER E 455 38.79 -31.82 18.89
C SER E 455 39.33 -30.59 19.59
N PRO E 456 40.49 -30.07 19.16
CA PRO E 456 41.00 -28.83 19.76
C PRO E 456 40.06 -27.66 19.58
N GLU E 457 39.30 -27.62 18.47
CA GLU E 457 38.29 -26.57 18.30
C GLU E 457 37.22 -26.67 19.38
N MET E 458 36.83 -27.89 19.74
CA MET E 458 35.86 -28.05 20.81
C MET E 458 36.39 -27.49 22.13
N GLU E 459 37.66 -27.76 22.43
CA GLU E 459 38.23 -27.25 23.68
C GLU E 459 38.38 -25.73 23.66
N GLU E 460 38.76 -25.17 22.51
CA GLU E 460 38.82 -23.71 22.40
C GLU E 460 37.45 -23.08 22.57
N LEU E 461 36.41 -23.70 21.99
CA LEU E 461 35.06 -23.20 22.19
C LEU E 461 34.63 -23.31 23.64
N MET E 462 34.99 -24.42 24.30
CA MET E 462 34.66 -24.56 25.72
C MET E 462 35.34 -23.48 26.55
N ASN E 463 36.60 -23.18 26.23
CA ASN E 463 37.31 -22.10 26.93
C ASN E 463 36.63 -20.76 26.68
N ILE E 464 36.20 -20.51 25.43
CA ILE E 464 35.52 -19.26 25.12
C ILE E 464 34.23 -19.13 25.90
N ILE E 465 33.46 -20.22 25.98
CA ILE E 465 32.20 -20.20 26.73
C ILE E 465 32.46 -19.98 28.21
N ASN E 466 33.50 -20.63 28.76
CA ASN E 466 33.84 -20.43 30.16
C ASN E 466 34.26 -18.99 30.43
N ASP E 467 35.01 -18.39 29.50
CA ASP E 467 35.34 -16.97 29.63
C ASP E 467 34.09 -16.11 29.63
N ILE E 468 33.14 -16.41 28.73
CA ILE E 468 31.89 -15.68 28.72
C ILE E 468 31.03 -16.04 29.93
N GLN E 469 30.99 -17.32 30.29
CA GLN E 469 30.18 -17.81 31.40
C GLN E 469 31.06 -18.61 32.35
N PRO E 470 31.61 -17.97 33.38
CA PRO E 470 32.32 -18.72 34.41
C PRO E 470 31.39 -19.73 35.09
N LEU E 471 31.95 -20.89 35.42
CA LEU E 471 31.17 -22.00 35.94
C LEU E 471 31.20 -22.07 37.47
N THR E 472 31.35 -20.94 38.16
CA THR E 472 31.38 -20.95 39.61
C THR E 472 30.00 -21.26 40.18
N ASP E 473 30.00 -21.65 41.46
CA ASP E 473 28.74 -21.98 42.12
C ASP E 473 27.82 -20.77 42.24
N GLU E 474 28.41 -19.57 42.35
CA GLU E 474 27.60 -18.36 42.38
C GLU E 474 26.85 -18.16 41.06
N ASN E 475 27.51 -18.43 39.93
CA ASN E 475 26.86 -18.29 38.64
C ASN E 475 25.96 -19.46 38.30
N LYS E 476 26.02 -20.57 39.06
CA LYS E 476 25.42 -21.84 38.67
C LYS E 476 24.04 -21.70 38.03
N LYS E 477 23.11 -21.07 38.74
CA LYS E 477 21.74 -20.95 38.24
C LYS E 477 21.68 -20.12 36.96
N ASN E 478 22.42 -19.00 36.94
CA ASN E 478 22.43 -18.15 35.77
C ASN E 478 23.03 -18.86 34.56
N ARG E 479 24.08 -19.65 34.79
CA ARG E 479 24.69 -20.42 33.73
C ARG E 479 23.74 -21.48 33.19
N GLU E 480 22.99 -22.14 34.08
CA GLU E 480 22.01 -23.12 33.63
C GLU E 480 20.92 -22.45 32.80
N LEU E 481 20.45 -21.28 33.23
CA LEU E 481 19.47 -20.54 32.45
C LEU E 481 20.05 -20.13 31.11
N TYR E 482 21.32 -19.74 31.09
CA TYR E 482 22.00 -19.40 29.83
C TYR E 482 21.99 -20.57 28.87
N GLU E 483 22.41 -21.74 29.35
CA GLU E 483 22.46 -22.93 28.50
C GLU E 483 21.08 -23.31 28.01
N LYS E 484 20.07 -23.24 28.89
CA LYS E 484 18.71 -23.59 28.49
C LYS E 484 18.19 -22.64 27.42
N THR E 485 18.27 -21.34 27.67
CA THR E 485 17.76 -20.36 26.72
C THR E 485 18.56 -20.35 25.43
N LEU E 486 19.81 -20.82 25.45
CA LEU E 486 20.60 -20.92 24.23
C LEU E 486 20.34 -22.19 23.46
N SER E 487 19.91 -23.26 24.12
CA SER E 487 19.64 -24.53 23.46
C SER E 487 18.22 -24.63 22.94
N SER E 488 17.34 -23.69 23.28
CA SER E 488 15.98 -23.72 22.75
C SER E 488 15.92 -23.31 21.29
N CYS E 489 17.04 -22.85 20.72
CA CYS E 489 17.05 -22.48 19.31
C CYS E 489 16.87 -23.69 18.41
N LEU E 490 17.14 -24.89 18.92
CA LEU E 490 16.91 -26.12 18.17
C LEU E 490 15.55 -26.73 18.53
N CYS E 491 14.51 -25.92 18.35
CA CYS E 491 13.14 -26.35 18.64
C CYS E 491 12.20 -25.64 17.70
N GLY E 492 11.39 -26.41 16.97
CA GLY E 492 10.37 -25.86 16.12
C GLY E 492 9.06 -25.54 16.80
N ALA E 493 8.99 -25.70 18.12
CA ALA E 493 7.78 -25.39 18.87
C ALA E 493 7.76 -23.91 19.23
N THR E 494 6.69 -23.49 19.89
CA THR E 494 6.55 -22.11 20.32
C THR E 494 6.88 -21.98 21.80
N LYS E 495 7.53 -20.88 22.15
CA LYS E 495 7.99 -20.65 23.51
C LYS E 495 7.29 -19.43 24.11
N GLY E 496 6.98 -19.52 25.39
CA GLY E 496 6.23 -18.50 26.07
C GLY E 496 7.05 -17.63 27.02
N CYS E 497 8.24 -17.25 26.59
CA CYS E 497 9.09 -16.38 27.41
C CYS E 497 10.06 -15.64 26.50
N LEU E 498 10.59 -14.53 27.02
CA LEU E 498 11.54 -13.69 26.30
C LEU E 498 12.71 -13.39 27.23
N THR E 499 13.77 -14.20 27.12
CA THR E 499 14.93 -14.01 27.97
C THR E 499 15.67 -12.72 27.62
N PHE E 500 16.19 -12.06 28.65
CA PHE E 500 16.93 -10.81 28.50
C PHE E 500 18.39 -11.04 28.82
N PHE E 501 19.28 -10.74 27.86
CA PHE E 501 20.71 -10.73 28.12
C PHE E 501 21.08 -9.37 28.72
N PHE E 502 21.26 -9.34 30.03
CA PHE E 502 21.66 -8.13 30.74
C PHE E 502 23.11 -8.28 31.16
N GLY E 503 23.98 -7.41 30.63
CA GLY E 503 25.38 -7.45 30.97
C GLY E 503 26.10 -6.19 30.56
N GLU E 504 27.10 -5.79 31.35
CA GLU E 504 27.87 -4.59 31.03
C GLU E 504 28.65 -4.81 29.73
N THR E 505 29.07 -3.71 29.12
CA THR E 505 29.84 -3.78 27.89
C THR E 505 31.13 -4.57 28.11
N ALA E 506 31.73 -4.99 27.00
CA ALA E 506 32.93 -5.83 26.95
C ALA E 506 32.69 -7.22 27.53
N THR E 507 31.44 -7.61 27.73
CA THR E 507 31.13 -8.99 28.11
C THR E 507 31.10 -9.92 26.91
N GLY E 508 31.16 -9.39 25.69
CA GLY E 508 31.20 -10.21 24.50
C GLY E 508 29.95 -11.02 24.24
N LYS E 509 28.78 -10.43 24.45
CA LYS E 509 27.55 -11.10 24.03
C LYS E 509 27.48 -11.24 22.52
N SER E 510 28.15 -10.34 21.79
CA SER E 510 28.22 -10.47 20.34
C SER E 510 28.93 -11.75 19.92
N THR E 511 29.90 -12.21 20.72
CA THR E 511 30.54 -13.49 20.43
C THR E 511 29.54 -14.64 20.53
N THR E 512 28.70 -14.64 21.57
CA THR E 512 27.66 -15.64 21.68
C THR E 512 26.68 -15.56 20.51
N LYS E 513 26.32 -14.34 20.11
CA LYS E 513 25.44 -14.18 18.97
C LYS E 513 26.06 -14.75 17.70
N ARG E 514 27.35 -14.48 17.48
CA ARG E 514 28.02 -14.98 16.28
C ARG E 514 28.11 -16.50 16.29
N LEU E 515 28.45 -17.09 17.44
CA LEU E 515 28.52 -18.55 17.53
C LEU E 515 27.16 -19.18 17.28
N LEU E 516 26.10 -18.60 17.84
CA LEU E 516 24.75 -19.13 17.61
C LEU E 516 24.36 -19.01 16.15
N LYS E 517 24.67 -17.88 15.51
CA LYS E 517 24.33 -17.71 14.11
C LYS E 517 25.06 -18.73 13.25
N SER E 518 26.36 -18.91 13.49
CA SER E 518 27.12 -19.89 12.74
C SER E 518 26.61 -21.31 12.96
N ALA E 519 26.14 -21.61 14.17
CA ALA E 519 25.64 -22.95 14.44
C ALA E 519 24.30 -23.21 13.77
N ILE E 520 23.36 -22.26 13.87
CA ILE E 520 21.98 -22.48 13.43
C ILE E 520 21.73 -21.99 12.02
N GLY E 521 22.74 -21.48 11.33
CA GLY E 521 22.52 -21.17 9.93
C GLY E 521 21.62 -19.96 9.74
N ASP E 522 20.99 -19.91 8.56
CA ASP E 522 20.14 -18.79 8.20
C ASP E 522 18.77 -18.82 8.88
N LEU E 523 18.46 -19.89 9.61
CA LEU E 523 17.23 -19.89 10.40
C LEU E 523 17.24 -18.76 11.42
N PHE E 524 18.39 -18.55 12.05
CA PHE E 524 18.55 -17.44 13.00
C PHE E 524 18.43 -16.10 12.27
N VAL E 525 17.77 -15.15 12.92
CA VAL E 525 17.56 -13.83 12.33
C VAL E 525 17.82 -12.76 13.38
N GLU E 526 18.44 -11.67 12.96
CA GLU E 526 18.72 -10.53 13.82
C GLU E 526 17.85 -9.36 13.39
N THR E 527 17.11 -8.80 14.33
CA THR E 527 16.17 -7.71 14.05
C THR E 527 16.46 -6.54 14.97
N GLY E 528 16.09 -5.34 14.50
CA GLY E 528 16.23 -4.14 15.29
C GLY E 528 15.10 -3.99 16.28
N GLN E 529 15.17 -2.90 17.05
CA GLN E 529 14.19 -2.61 18.09
C GLN E 529 12.88 -2.08 17.54
N THR E 530 12.66 -2.18 16.22
CA THR E 530 11.45 -1.62 15.62
C THR E 530 10.20 -2.24 16.20
N ILE E 531 10.27 -3.51 16.65
CA ILE E 531 9.11 -4.16 17.23
C ILE E 531 8.96 -3.88 18.72
N LEU E 532 10.00 -3.34 19.37
CA LEU E 532 9.95 -3.10 20.80
C LEU E 532 9.30 -1.77 21.16
N THR E 533 9.09 -0.89 20.18
CA THR E 533 8.47 0.41 20.43
C THR E 533 7.15 0.58 19.70
N ASP E 534 7.13 0.34 18.38
CA ASP E 534 5.92 0.54 17.60
C ASP E 534 4.94 -0.62 17.84
N VAL E 535 3.78 -0.52 17.19
CA VAL E 535 2.79 -1.57 17.30
C VAL E 535 3.30 -2.83 16.61
N LEU E 536 2.99 -3.98 17.20
CA LEU E 536 3.49 -5.25 16.67
C LEU E 536 2.98 -5.48 15.25
N ASP E 537 1.67 -5.60 15.10
CA ASP E 537 1.11 -5.81 13.76
C ASP E 537 1.13 -4.51 12.96
N LYS E 538 0.35 -3.52 13.38
CA LYS E 538 0.25 -2.21 12.72
C LYS E 538 0.15 -2.35 11.20
N GLY E 539 1.19 -1.88 10.49
CA GLY E 539 1.21 -1.95 9.06
C GLY E 539 2.14 -3.04 8.55
N PRO E 540 2.69 -2.85 7.36
CA PRO E 540 3.58 -3.87 6.79
C PRO E 540 4.93 -3.89 7.48
N ASN E 541 5.17 -4.91 8.31
CA ASN E 541 6.41 -5.03 9.06
C ASN E 541 7.22 -6.20 8.50
N PRO E 542 8.41 -5.96 7.96
CA PRO E 542 9.21 -7.08 7.43
C PRO E 542 9.54 -8.13 8.48
N PHE E 543 9.79 -7.71 9.72
CA PHE E 543 10.11 -8.67 10.77
C PHE E 543 8.89 -9.47 11.19
N ILE E 544 7.69 -8.95 10.97
CA ILE E 544 6.47 -9.72 11.26
C ILE E 544 6.40 -10.94 10.35
N ALA E 545 6.68 -10.76 9.06
CA ALA E 545 6.67 -11.88 8.14
C ALA E 545 7.93 -12.75 8.28
N ASN E 546 9.06 -12.13 8.66
CA ASN E 546 10.30 -12.88 8.81
C ASN E 546 10.27 -13.83 10.00
N MET E 547 9.38 -13.61 10.97
CA MET E 547 9.25 -14.54 12.08
C MET E 547 8.57 -15.84 11.68
N HIS E 548 8.30 -16.04 10.38
CA HIS E 548 7.69 -17.26 9.89
C HIS E 548 8.76 -18.34 9.80
N LEU E 549 8.65 -19.35 10.66
CA LEU E 549 9.46 -20.56 10.68
C LEU E 549 10.92 -20.31 11.08
N LYS E 550 11.33 -19.06 11.28
CA LYS E 550 12.66 -18.80 11.83
C LYS E 550 12.73 -19.30 13.26
N ARG E 551 13.84 -19.96 13.59
CA ARG E 551 13.95 -20.63 14.89
C ARG E 551 14.51 -19.73 15.98
N SER E 552 14.95 -18.52 15.67
CA SER E 552 15.51 -17.65 16.70
C SER E 552 15.57 -16.21 16.19
N VAL E 553 15.19 -15.26 17.03
CA VAL E 553 15.22 -13.84 16.72
C VAL E 553 16.01 -13.12 17.80
N PHE E 554 16.94 -12.28 17.39
CA PHE E 554 17.88 -11.62 18.30
C PHE E 554 17.84 -10.12 18.10
N CYS E 555 17.71 -9.37 19.20
CA CYS E 555 17.76 -7.92 19.18
C CYS E 555 18.93 -7.44 20.03
N SER E 556 19.64 -6.43 19.54
CA SER E 556 20.85 -5.95 20.19
C SER E 556 20.81 -4.44 20.33
N GLU E 557 21.50 -3.95 21.37
CA GLU E 557 21.64 -2.51 21.63
C GLU E 557 20.27 -1.85 21.76
N LEU E 558 19.55 -2.23 22.81
CA LEU E 558 18.20 -1.74 23.01
C LEU E 558 18.20 -0.23 23.28
N PRO E 559 17.16 0.47 22.84
CA PRO E 559 17.10 1.92 23.05
C PRO E 559 16.73 2.26 24.48
N ASP E 560 17.74 2.34 25.36
CA ASP E 560 17.59 2.61 26.78
C ASP E 560 16.55 3.70 27.04
N PHE E 561 15.56 3.37 27.87
CA PHE E 561 14.50 4.30 28.23
C PHE E 561 14.81 5.04 29.53
N ALA E 562 16.00 4.84 30.10
CA ALA E 562 16.34 5.52 31.35
C ALA E 562 16.36 7.03 31.16
N CYS E 563 16.98 7.50 30.08
CA CYS E 563 16.98 8.92 29.78
C CYS E 563 15.62 9.35 29.25
N SER E 564 15.23 10.58 29.58
CA SER E 564 13.92 11.08 29.19
C SER E 564 13.83 11.23 27.67
N GLY E 565 12.68 10.85 27.12
CA GLY E 565 12.44 10.99 25.70
C GLY E 565 12.26 9.67 24.97
N SER E 566 13.08 8.68 25.32
CA SER E 566 13.00 7.38 24.69
C SER E 566 11.72 6.66 25.11
N LYS E 567 11.09 6.00 24.14
CA LYS E 567 9.85 5.29 24.41
C LYS E 567 10.09 4.09 25.32
N LYS E 568 9.14 3.83 26.21
CA LYS E 568 9.21 2.65 27.05
C LYS E 568 8.99 1.39 26.22
N ILE E 569 9.53 0.27 26.70
CA ILE E 569 9.38 -1.00 26.01
C ILE E 569 7.90 -1.31 25.89
N ARG E 570 7.42 -1.44 24.66
CA ARG E 570 6.00 -1.65 24.40
C ARG E 570 5.52 -2.94 25.04
N SER E 571 4.71 -2.82 26.09
CA SER E 571 4.15 -4.02 26.73
C SER E 571 3.20 -4.75 25.80
N ASP E 572 2.50 -4.02 24.93
CA ASP E 572 1.60 -4.66 23.97
C ASP E 572 2.38 -5.56 23.01
N ASN E 573 3.52 -5.09 22.52
CA ASN E 573 4.31 -5.89 21.60
C ASN E 573 4.87 -7.14 22.28
N ILE E 574 5.36 -7.00 23.51
CA ILE E 574 5.89 -8.14 24.23
C ILE E 574 4.79 -9.15 24.52
N LYS E 575 3.60 -8.67 24.90
CA LYS E 575 2.48 -9.57 25.14
C LYS E 575 2.07 -10.29 23.85
N LYS E 576 2.06 -9.58 22.73
CA LYS E 576 1.60 -10.15 21.47
C LYS E 576 2.64 -11.08 20.83
N LEU E 577 3.91 -10.93 21.17
CA LEU E 577 4.95 -11.79 20.61
C LEU E 577 4.98 -13.18 21.23
N THR E 578 4.24 -13.40 22.31
CA THR E 578 4.25 -14.67 23.02
C THR E 578 3.32 -15.72 22.43
N GLU E 579 2.32 -15.29 21.65
CA GLU E 579 1.32 -16.22 21.15
C GLU E 579 1.91 -17.16 20.11
N PRO E 580 1.35 -18.37 19.97
CA PRO E 580 1.86 -19.33 18.98
C PRO E 580 1.57 -18.95 17.54
N CYS E 581 0.93 -17.82 17.28
CA CYS E 581 0.61 -17.38 15.93
C CYS E 581 1.10 -15.96 15.71
N VAL E 582 1.37 -15.62 14.45
CA VAL E 582 1.82 -14.28 14.07
C VAL E 582 0.85 -13.74 13.03
N ILE E 583 0.33 -12.54 13.28
CA ILE E 583 -0.59 -11.87 12.39
C ILE E 583 0.13 -10.67 11.80
N GLY E 584 0.35 -10.70 10.49
CA GLY E 584 1.02 -9.61 9.81
C GLY E 584 1.10 -9.79 8.31
N ARG E 585 0.75 -8.75 7.56
CA ARG E 585 0.77 -8.79 6.11
C ARG E 585 1.71 -7.71 5.58
N PRO E 586 2.70 -8.08 4.76
CA PRO E 586 3.60 -7.06 4.19
C PRO E 586 2.99 -6.37 2.98
N CYS E 587 3.76 -5.50 2.33
CA CYS E 587 3.25 -4.77 1.18
C CYS E 587 3.00 -5.71 0.00
N PHE E 588 1.88 -5.48 -0.69
CA PHE E 588 1.47 -6.29 -1.84
C PHE E 588 1.33 -7.76 -1.46
N SER E 589 0.45 -8.03 -0.50
CA SER E 589 0.25 -9.38 -0.02
C SER E 589 -1.11 -9.47 0.67
N ASN E 590 -1.55 -10.72 0.89
CA ASN E 590 -2.79 -11.00 1.59
C ASN E 590 -2.64 -12.00 2.72
N LYS E 591 -1.64 -12.87 2.71
CA LYS E 591 -1.44 -13.83 3.78
C LYS E 591 -1.03 -13.11 5.07
N ILE E 592 -1.69 -13.46 6.17
CA ILE E 592 -1.44 -12.81 7.46
C ILE E 592 -1.20 -13.82 8.58
N ASN E 593 -1.27 -15.12 8.31
CA ASN E 593 -1.11 -16.13 9.34
C ASN E 593 0.28 -16.76 9.20
N ASN E 594 1.09 -16.67 10.26
CA ASN E 594 2.40 -17.29 10.30
C ASN E 594 2.53 -18.15 11.54
N ARG E 595 3.16 -19.31 11.38
CA ARG E 595 3.48 -20.15 12.52
C ARG E 595 4.67 -19.54 13.27
N ASN E 596 4.55 -19.46 14.59
CA ASN E 596 5.58 -18.86 15.43
C ASN E 596 6.41 -19.95 16.09
N HIS E 597 7.70 -19.99 15.77
CA HIS E 597 8.63 -20.88 16.42
C HIS E 597 9.83 -20.16 17.02
N ALA E 598 10.03 -18.89 16.72
CA ALA E 598 11.25 -18.20 17.11
C ALA E 598 11.31 -18.00 18.61
N THR E 599 12.49 -18.24 19.17
CA THR E 599 12.81 -17.80 20.53
C THR E 599 13.38 -16.39 20.44
N ILE E 600 12.81 -15.47 21.21
CA ILE E 600 13.15 -14.06 21.14
C ILE E 600 14.14 -13.75 22.26
N ILE E 601 15.28 -13.18 21.90
CA ILE E 601 16.32 -12.79 22.85
C ILE E 601 16.64 -11.32 22.64
N ILE E 602 16.77 -10.58 23.74
CA ILE E 602 17.13 -9.17 23.71
C ILE E 602 18.39 -8.99 24.54
N ASP E 603 19.39 -8.33 23.96
CA ASP E 603 20.67 -8.09 24.63
C ASP E 603 20.93 -6.60 24.69
N THR E 604 21.30 -6.12 25.87
CA THR E 604 21.66 -4.73 26.08
C THR E 604 22.27 -4.59 27.48
N ASN E 605 22.86 -3.42 27.72
CA ASN E 605 23.44 -3.09 29.02
C ASN E 605 22.56 -2.17 29.84
N TYR E 606 21.29 -1.99 29.43
CA TYR E 606 20.36 -1.11 30.11
C TYR E 606 19.14 -1.91 30.57
N LYS E 607 18.67 -1.62 31.78
CA LYS E 607 17.49 -2.31 32.30
C LYS E 607 16.26 -1.90 31.51
N PRO E 608 15.43 -2.84 31.06
CA PRO E 608 14.25 -2.49 30.28
C PRO E 608 13.22 -1.74 31.12
N VAL E 609 12.51 -0.83 30.46
CA VAL E 609 11.47 -0.04 31.10
C VAL E 609 10.20 -0.18 30.29
N PHE E 610 9.15 -0.73 30.91
CA PHE E 610 7.86 -0.90 30.28
C PHE E 610 6.83 -0.04 31.01
N ASP E 611 6.11 0.80 30.26
CA ASP E 611 5.12 1.68 30.87
C ASP E 611 3.96 0.89 31.48
N ARG E 612 3.51 -0.16 30.80
CA ARG E 612 2.41 -0.98 31.29
C ARG E 612 2.96 -2.20 32.02
N ILE E 613 2.35 -2.52 33.16
CA ILE E 613 2.75 -3.64 33.99
C ILE E 613 1.51 -4.42 34.41
N ASP E 614 1.59 -5.74 34.31
CA ASP E 614 0.54 -6.62 34.81
C ASP E 614 1.17 -7.94 35.21
N ASN E 615 0.36 -8.79 35.86
CA ASN E 615 0.86 -10.08 36.34
C ASN E 615 1.31 -10.96 35.18
N ALA E 616 0.68 -10.83 34.01
CA ALA E 616 1.12 -11.60 32.85
C ALA E 616 2.54 -11.20 32.45
N LEU E 617 2.84 -9.89 32.45
CA LEU E 617 4.20 -9.46 32.17
C LEU E 617 5.17 -9.96 33.23
N MET E 618 4.78 -9.91 34.50
CA MET E 618 5.63 -10.42 35.57
C MET E 618 5.85 -11.92 35.46
N ARG E 619 4.97 -12.63 34.77
CA ARG E 619 5.10 -14.07 34.57
C ARG E 619 5.61 -14.42 33.18
N ARG E 620 6.13 -13.44 32.43
CA ARG E 620 6.58 -13.69 31.07
C ARG E 620 7.89 -12.98 30.74
N ILE E 621 8.76 -12.82 31.72
CA ILE E 621 10.05 -12.16 31.52
C ILE E 621 11.13 -12.96 32.26
N ALA E 622 12.22 -13.27 31.56
CA ALA E 622 13.37 -13.93 32.15
C ALA E 622 14.61 -13.11 31.87
N VAL E 623 15.56 -13.16 32.81
CA VAL E 623 16.78 -12.35 32.74
C VAL E 623 17.98 -13.27 32.84
N VAL E 624 18.95 -13.09 31.95
CA VAL E 624 20.21 -13.82 31.98
C VAL E 624 21.32 -12.82 32.27
N ARG E 625 22.06 -13.05 33.35
CA ARG E 625 23.06 -12.11 33.84
C ARG E 625 24.44 -12.45 33.31
N PHE E 626 25.20 -11.41 32.96
CA PHE E 626 26.59 -11.55 32.53
C PHE E 626 27.49 -10.91 33.59
N ARG E 627 28.48 -11.67 34.04
CA ARG E 627 29.44 -11.21 35.05
C ARG E 627 30.85 -11.49 34.60
N THR E 628 31.14 -11.26 33.32
CA THR E 628 32.46 -11.49 32.76
C THR E 628 32.92 -10.22 32.05
N HIS E 629 34.15 -9.79 32.36
CA HIS E 629 34.75 -8.63 31.73
C HIS E 629 35.92 -9.10 30.87
N PHE E 630 35.90 -8.76 29.59
CA PHE E 630 36.98 -9.06 28.67
C PHE E 630 37.62 -7.73 28.30
N SER E 631 38.74 -7.41 28.96
CA SER E 631 39.40 -6.13 28.78
C SER E 631 40.88 -6.35 28.53
N GLN E 632 41.46 -5.48 27.70
CA GLN E 632 42.88 -5.56 27.41
C GLN E 632 43.70 -5.19 28.64
N PRO E 633 44.98 -5.58 28.67
CA PRO E 633 45.81 -5.26 29.83
C PRO E 633 45.93 -3.78 30.11
N SER E 634 45.88 -2.94 29.07
CA SER E 634 46.08 -1.50 29.25
C SER E 634 45.10 -0.92 30.26
N GLY E 635 43.83 -1.29 30.15
CA GLY E 635 42.82 -0.93 31.13
C GLY E 635 42.53 -1.99 32.17
N ARG E 636 43.33 -3.06 32.23
CA ARG E 636 43.03 -4.16 33.15
C ARG E 636 43.01 -3.69 34.60
N GLU E 637 43.98 -2.87 34.98
CA GLU E 637 43.96 -2.29 36.33
C GLU E 637 42.70 -1.48 36.54
N ALA E 638 42.29 -0.71 35.54
CA ALA E 638 41.03 0.02 35.64
C ALA E 638 39.86 -0.93 35.82
N ALA E 639 39.94 -2.12 35.22
CA ALA E 639 38.93 -3.14 35.42
C ALA E 639 39.21 -4.01 36.64
N GLU E 640 40.39 -3.88 37.27
CA GLU E 640 40.69 -4.69 38.44
C GLU E 640 39.77 -4.37 39.59
N ASN E 641 39.52 -3.09 39.85
CA ASN E 641 38.62 -2.66 40.91
C ASN E 641 37.23 -2.28 40.41
N ASN E 642 36.96 -2.46 39.13
CA ASN E 642 35.67 -2.08 38.56
C ASN E 642 34.57 -2.96 39.12
N ASP E 643 33.43 -2.34 39.42
CA ASP E 643 32.27 -3.05 39.96
C ASP E 643 31.31 -3.51 38.86
N ALA E 644 31.64 -3.28 37.59
CA ALA E 644 30.75 -3.67 36.51
C ALA E 644 30.60 -5.18 36.40
N TYR E 645 31.67 -5.93 36.63
CA TYR E 645 31.66 -7.38 36.49
C TYR E 645 32.29 -8.02 37.71
N ASP E 646 31.89 -9.27 37.97
CA ASP E 646 32.43 -10.02 39.09
C ASP E 646 33.81 -10.61 38.80
N LYS E 647 34.29 -10.50 37.56
CA LYS E 647 35.63 -10.94 37.23
C LYS E 647 36.10 -10.20 35.98
N VAL E 648 37.41 -10.17 35.78
CA VAL E 648 38.02 -9.49 34.65
C VAL E 648 39.14 -10.36 34.11
N LYS E 649 39.27 -10.39 32.78
CA LYS E 649 40.31 -11.19 32.14
C LYS E 649 40.70 -10.53 30.82
N LEU E 650 41.88 -10.88 30.35
CA LEU E 650 42.41 -10.30 29.11
C LEU E 650 41.56 -10.71 27.92
N LEU E 651 41.35 -9.76 27.02
CA LEU E 651 40.61 -10.02 25.80
C LEU E 651 41.57 -10.42 24.68
N ASP E 652 41.02 -10.59 23.47
CA ASP E 652 41.84 -10.95 22.31
C ASP E 652 41.06 -10.59 21.06
N GLU E 653 41.61 -9.71 20.24
CA GLU E 653 40.97 -9.32 19.00
C GLU E 653 40.99 -10.41 17.94
N GLY E 654 41.73 -11.49 18.16
CA GLY E 654 41.84 -12.59 17.23
C GLY E 654 40.81 -13.68 17.37
N LEU E 655 39.71 -13.43 18.09
CA LEU E 655 38.66 -14.41 18.26
C LEU E 655 37.39 -14.09 17.48
N ASP E 656 37.03 -12.81 17.38
CA ASP E 656 35.79 -12.45 16.68
C ASP E 656 35.83 -12.89 15.23
N GLY E 657 36.96 -12.66 14.55
CA GLY E 657 37.10 -13.13 13.18
C GLY E 657 37.03 -14.65 13.08
N LYS E 658 37.56 -15.34 14.08
CA LYS E 658 37.50 -16.80 14.09
C LYS E 658 36.06 -17.30 14.15
N ILE E 659 35.23 -16.65 14.97
CA ILE E 659 33.81 -17.00 15.00
C ILE E 659 33.15 -16.63 13.69
N GLN E 660 33.53 -15.50 13.10
CA GLN E 660 32.99 -15.11 11.80
C GLN E 660 33.39 -16.12 10.72
N ASN E 661 34.47 -16.86 10.94
CA ASN E 661 34.94 -17.86 9.98
C ASN E 661 34.39 -19.25 10.25
N ASN E 662 33.21 -19.35 10.87
CA ASN E 662 32.55 -20.60 11.21
C ASN E 662 33.53 -21.65 11.71
N ARG E 663 34.38 -21.24 12.65
CA ARG E 663 35.43 -22.13 13.14
C ARG E 663 34.85 -23.26 13.98
N TYR E 664 34.18 -22.92 15.08
CA TYR E 664 33.67 -23.91 16.03
C TYR E 664 32.22 -24.28 15.74
N ARG E 665 31.80 -24.21 14.48
CA ARG E 665 30.39 -24.35 14.15
C ARG E 665 29.84 -25.70 14.59
N PHE E 666 30.50 -26.78 14.19
CA PHE E 666 29.95 -28.10 14.44
C PHE E 666 30.18 -28.57 15.87
N ALA E 667 31.30 -28.19 16.49
CA ALA E 667 31.49 -28.48 17.90
C ALA E 667 30.44 -27.76 18.75
N PHE E 668 30.17 -26.50 18.41
CA PHE E 668 29.14 -25.74 19.12
C PHE E 668 27.76 -26.35 18.87
N LEU E 669 27.54 -26.88 17.66
CA LEU E 669 26.29 -27.57 17.38
C LEU E 669 26.17 -28.83 18.23
N TYR E 670 27.27 -29.57 18.39
CA TYR E 670 27.27 -30.74 19.26
C TYR E 670 26.95 -30.35 20.70
N LEU E 671 27.53 -29.24 21.16
CA LEU E 671 27.22 -28.74 22.50
C LEU E 671 25.75 -28.41 22.63
N LEU E 672 25.19 -27.77 21.60
CA LEU E 672 23.76 -27.44 21.63
C LEU E 672 22.90 -28.70 21.69
N VAL E 673 23.28 -29.73 20.93
CA VAL E 673 22.53 -30.98 20.95
C VAL E 673 22.59 -31.61 22.34
N LYS E 674 23.78 -31.62 22.95
CA LYS E 674 23.90 -32.19 24.29
C LYS E 674 23.07 -31.42 25.30
N TRP E 675 23.10 -30.09 25.22
CA TRP E 675 22.32 -29.28 26.14
C TRP E 675 20.82 -29.52 25.95
N TYR E 676 20.38 -29.61 24.70
CA TYR E 676 18.97 -29.90 24.42
C TYR E 676 18.58 -31.26 24.98
N LYS E 677 19.45 -32.26 24.81
CA LYS E 677 19.17 -33.59 25.34
C LYS E 677 19.05 -33.55 26.86
N LYS E 678 19.96 -32.83 27.53
CA LYS E 678 19.95 -32.81 29.00
C LYS E 678 18.83 -31.92 29.53
N TYR E 679 18.32 -30.99 28.72
CA TYR E 679 17.30 -30.06 29.16
C TYR E 679 15.90 -30.45 28.75
N HIS E 680 15.72 -30.94 27.52
CA HIS E 680 14.39 -31.26 27.03
C HIS E 680 13.87 -32.54 27.66
N ILE E 681 13.17 -32.41 28.78
CA ILE E 681 12.43 -33.51 29.38
C ILE E 681 11.24 -33.78 28.46
N PRO E 682 10.42 -34.81 28.71
CA PRO E 682 9.20 -34.96 27.89
C PRO E 682 8.42 -33.68 27.66
N ILE E 683 8.54 -32.70 28.54
CA ILE E 683 8.02 -31.36 28.31
C ILE E 683 8.96 -30.34 28.93
N MET E 684 9.63 -29.55 28.08
CA MET E 684 10.48 -28.47 28.55
C MET E 684 9.74 -27.15 28.44
N LYS E 685 9.90 -26.30 29.45
CA LYS E 685 9.22 -25.02 29.50
C LYS E 685 10.21 -23.94 29.89
N LEU E 686 10.02 -22.75 29.34
CA LEU E 686 10.86 -21.61 29.68
C LEU E 686 10.26 -20.93 30.91
N TYR E 687 10.96 -21.03 32.03
CA TYR E 687 10.47 -20.49 33.29
C TYR E 687 10.98 -19.07 33.49
N PRO E 688 10.11 -18.07 33.61
CA PRO E 688 10.59 -16.71 33.83
C PRO E 688 11.25 -16.55 35.18
N THR E 689 12.15 -15.56 35.26
CA THR E 689 12.90 -15.24 36.47
C THR E 689 12.66 -13.78 36.81
N PRO E 690 11.54 -13.46 37.48
CA PRO E 690 11.20 -12.07 37.80
C PRO E 690 11.84 -11.57 39.10
N GLU E 691 13.16 -11.70 39.19
CA GLU E 691 13.88 -11.26 40.38
C GLU E 691 15.02 -10.33 40.00
N GLU E 692 15.62 -10.55 38.82
CA GLU E 692 16.76 -9.76 38.39
C GLU E 692 16.38 -8.45 37.73
N ILE E 693 15.10 -8.24 37.44
CA ILE E 693 14.66 -6.99 36.82
C ILE E 693 14.42 -5.96 37.92
N PRO E 694 15.16 -4.84 37.93
CA PRO E 694 14.95 -3.85 38.98
C PRO E 694 13.58 -3.20 38.95
N ASP E 695 13.01 -3.01 37.76
CA ASP E 695 11.71 -2.34 37.65
C ASP E 695 10.62 -3.15 38.32
N PHE E 696 10.60 -4.47 38.08
CA PHE E 696 9.56 -5.32 38.66
C PHE E 696 9.75 -5.52 40.15
N ALA E 697 10.93 -5.18 40.68
CA ALA E 697 11.16 -5.32 42.11
C ALA E 697 10.25 -4.41 42.93
N PHE E 698 9.93 -3.23 42.39
CA PHE E 698 9.00 -2.33 43.07
C PHE E 698 7.63 -2.96 43.19
N TYR E 699 7.13 -3.57 42.11
CA TYR E 699 5.84 -4.24 42.17
C TYR E 699 5.88 -5.44 43.11
N LEU E 700 6.99 -6.20 43.10
CA LEU E 700 7.12 -7.30 44.04
C LEU E 700 7.08 -6.82 45.48
N LYS E 701 7.79 -5.74 45.79
CA LYS E 701 7.80 -5.20 47.15
C LYS E 701 6.42 -4.71 47.55
N ILE E 702 5.73 -4.03 46.63
CA ILE E 702 4.38 -3.54 46.93
C ILE E 702 3.45 -4.71 47.23
N GLY E 703 3.50 -5.75 46.40
CA GLY E 703 2.66 -6.92 46.63
C GLY E 703 3.00 -7.65 47.92
N THR E 704 4.29 -7.75 48.24
CA THR E 704 4.72 -8.44 49.46
C THR E 704 4.44 -7.61 50.71
N LEU E 705 4.24 -6.31 50.58
CA LEU E 705 3.94 -5.45 51.72
C LEU E 705 2.52 -4.90 51.72
N LEU E 706 1.79 -5.01 50.62
CA LEU E 706 0.43 -4.48 50.57
C LEU E 706 -0.36 -5.23 49.50
N VAL E 707 -1.54 -5.71 49.89
CA VAL E 707 -2.46 -6.40 48.99
C VAL E 707 -3.87 -5.90 49.26
N SER E 708 -4.84 -6.47 48.54
CA SER E 708 -6.24 -6.12 48.78
C SER E 708 -6.68 -6.55 50.16
N SER E 709 -7.51 -5.74 50.80
CA SER E 709 -8.00 -6.04 52.14
C SER E 709 -9.04 -7.16 52.12
N HIS E 713 -12.01 -11.40 55.51
CA HIS E 713 -11.28 -10.45 56.35
C HIS E 713 -12.24 -9.57 57.13
N ILE E 714 -13.54 -9.81 56.96
CA ILE E 714 -14.54 -9.02 57.68
C ILE E 714 -14.43 -9.20 59.18
N PRO E 715 -14.28 -10.42 59.72
CA PRO E 715 -14.28 -10.64 61.17
C PRO E 715 -12.95 -10.35 61.86
N LEU E 716 -12.35 -9.19 61.53
CA LEU E 716 -11.11 -8.76 62.16
C LEU E 716 -11.20 -7.27 62.50
N MET E 717 -12.36 -6.84 63.00
CA MET E 717 -12.58 -5.42 63.27
C MET E 717 -11.86 -4.97 64.54
N THR E 718 -11.79 -5.84 65.55
CA THR E 718 -11.18 -5.44 66.82
C THR E 718 -9.69 -5.14 66.65
N ASP E 719 -8.98 -5.98 65.90
CA ASP E 719 -7.55 -5.75 65.69
C ASP E 719 -7.31 -4.47 64.91
N LEU E 720 -8.13 -4.21 63.89
CA LEU E 720 -8.01 -2.97 63.13
C LEU E 720 -8.28 -1.75 64.01
N SER E 721 -9.31 -1.83 64.85
CA SER E 721 -9.61 -0.72 65.75
C SER E 721 -8.48 -0.47 66.74
N LYS E 722 -7.89 -1.56 67.26
CA LYS E 722 -6.75 -1.40 68.16
C LYS E 722 -5.55 -0.78 67.44
N LYS E 723 -5.31 -1.19 66.19
CA LYS E 723 -4.17 -0.67 65.43
C LYS E 723 -4.36 0.78 65.02
N GLY E 724 -5.61 1.27 64.97
CA GLY E 724 -5.91 2.64 64.59
C GLY E 724 -6.78 2.75 63.36
N TYR E 725 -6.71 1.75 62.47
CA TYR E 725 -7.52 1.76 61.27
C TYR E 725 -8.99 1.57 61.61
N ILE E 726 -9.86 2.01 60.70
CA ILE E 726 -11.30 1.95 60.89
C ILE E 726 -11.94 1.27 59.70
N LEU E 727 -13.10 0.66 59.95
CA LEU E 727 -13.88 -0.01 58.92
C LEU E 727 -15.24 0.67 58.81
N TYR E 728 -15.63 1.02 57.59
CA TYR E 728 -16.90 1.69 57.34
C TYR E 728 -17.56 1.08 56.12
N ASP E 729 -18.88 0.90 56.20
CA ASP E 729 -19.67 0.34 55.10
C ASP E 729 -19.12 -1.00 54.64
N ASN E 730 -18.72 -1.84 55.61
CA ASN E 730 -18.14 -3.16 55.35
C ASN E 730 -16.89 -3.08 54.50
N VAL E 731 -16.16 -1.97 54.57
CA VAL E 731 -14.92 -1.77 53.81
C VAL E 731 -13.96 -0.99 54.71
N VAL E 732 -12.91 -1.67 55.18
CA VAL E 732 -11.91 -0.99 56.01
C VAL E 732 -11.20 0.06 55.17
N THR E 733 -11.18 1.29 55.67
CA THR E 733 -10.61 2.40 54.94
C THR E 733 -9.78 3.28 55.87
N LEU E 734 -8.84 3.99 55.29
CA LEU E 734 -7.99 4.96 55.97
C LEU E 734 -7.86 6.20 55.11
N PRO E 735 -7.57 7.35 55.71
CA PRO E 735 -7.44 8.58 54.92
C PRO E 735 -6.25 8.52 53.97
N LEU E 736 -6.39 9.25 52.87
CA LEU E 736 -5.31 9.29 51.88
C LEU E 736 -4.04 9.89 52.47
N THR E 737 -4.18 10.97 53.24
CA THR E 737 -3.03 11.52 53.95
C THR E 737 -2.49 10.52 54.96
N THR E 738 -3.38 9.82 55.67
CA THR E 738 -2.94 8.79 56.60
C THR E 738 -2.20 7.67 55.88
N PHE E 739 -2.71 7.25 54.71
CA PHE E 739 -2.04 6.21 53.95
C PHE E 739 -0.67 6.66 53.48
N GLN E 740 -0.56 7.91 53.01
CA GLN E 740 0.73 8.44 52.58
C GLN E 740 1.72 8.51 53.75
N GLN E 741 1.24 8.94 54.92
CA GLN E 741 2.11 8.98 56.09
C GLN E 741 2.56 7.59 56.50
N LYS E 742 1.65 6.61 56.45
CA LYS E 742 2.01 5.24 56.83
C LYS E 742 3.02 4.65 55.86
N ILE E 743 2.85 4.89 54.56
CA ILE E 743 3.74 4.32 53.56
C ILE E 743 5.00 5.15 53.34
N SER E 744 5.10 6.33 53.96
CA SER E 744 6.26 7.18 53.75
C SER E 744 7.54 6.50 54.24
N LYS E 745 7.49 5.86 55.41
CA LYS E 745 8.67 5.22 55.97
C LYS E 745 8.96 3.84 55.36
N TYR E 746 7.94 3.15 54.85
CA TYR E 746 8.14 1.81 54.35
C TYR E 746 8.92 1.79 53.04
N PHE E 747 8.69 2.76 52.17
CA PHE E 747 9.34 2.80 50.87
C PHE E 747 9.89 4.20 50.61
N ASN E 748 10.92 4.27 49.76
CA ASN E 748 11.54 5.53 49.39
C ASN E 748 10.63 6.25 48.39
N SER E 749 9.97 7.31 48.84
CA SER E 749 9.05 8.04 47.98
C SER E 749 9.77 8.70 46.82
N ARG E 750 10.96 9.27 47.08
CA ARG E 750 11.71 9.94 46.03
C ARG E 750 12.18 8.99 44.93
N LEU E 751 12.23 7.69 45.23
CA LEU E 751 12.72 6.73 44.23
C LEU E 751 11.67 6.45 43.16
N PHE E 752 10.43 6.17 43.57
CA PHE E 752 9.36 5.79 42.66
C PHE E 752 8.08 6.54 43.00
N GLY E 753 8.19 7.86 43.15
CA GLY E 753 7.00 8.67 43.35
C GLY E 753 6.02 8.57 42.20
N HIS E 754 6.53 8.59 40.97
CA HIS E 754 5.66 8.43 39.80
C HIS E 754 4.99 7.06 39.80
N ASP E 755 5.74 6.02 40.15
CA ASP E 755 5.16 4.68 40.22
C ASP E 755 4.07 4.61 41.29
N ILE E 756 4.31 5.22 42.45
CA ILE E 756 3.32 5.20 43.52
C ILE E 756 2.08 5.96 43.09
N GLU E 757 2.25 7.11 42.44
CA GLU E 757 1.09 7.87 41.96
C GLU E 757 0.30 7.10 40.92
N SER E 758 1.00 6.43 40.00
CA SER E 758 0.31 5.63 38.99
C SER E 758 -0.43 4.46 39.62
N PHE E 759 0.18 3.81 40.61
CA PHE E 759 -0.49 2.71 41.31
C PHE E 759 -1.72 3.20 42.05
N ILE E 760 -1.63 4.37 42.69
CA ILE E 760 -2.79 4.94 43.38
C ILE E 760 -3.89 5.25 42.39
N ASN E 761 -3.53 5.82 41.23
CA ASN E 761 -4.53 6.12 40.21
C ASN E 761 -5.20 4.86 39.69
N ARG E 762 -4.41 3.79 39.49
CA ARG E 762 -4.98 2.54 39.01
C ARG E 762 -5.96 1.94 40.02
N HIS E 763 -5.61 1.99 41.30
CA HIS E 763 -6.46 1.47 42.37
C HIS E 763 -7.30 2.55 43.04
N LYS E 764 -7.52 3.67 42.35
CA LYS E 764 -8.31 4.75 42.92
C LYS E 764 -9.77 4.32 43.08
N LYS E 765 -10.41 4.83 44.13
CA LYS E 765 -11.82 4.52 44.38
C LYS E 765 -12.62 5.80 44.55
N PHE E 766 -12.00 6.83 45.13
CA PHE E 766 -12.63 8.14 45.36
C PHE E 766 -13.83 8.05 46.29
N ALA E 767 -14.50 9.18 46.51
CA ALA E 767 -15.68 9.27 47.37
C ALA E 767 -15.38 8.90 48.81
N ASN E 768 -16.42 8.81 49.63
CA ASN E 768 -16.36 8.43 51.04
C ASN E 768 -15.73 9.52 51.89
N VAL E 769 -16.38 9.88 52.99
CA VAL E 769 -15.93 10.91 53.92
C VAL E 769 -15.71 12.22 53.18
N SER E 770 -14.63 12.93 53.54
CA SER E 770 -14.28 14.20 52.92
C SER E 770 -13.01 14.10 52.08
N ASP E 771 -12.66 12.90 51.63
CA ASP E 771 -11.47 12.68 50.82
C ASP E 771 -11.77 11.52 49.87
N GLU E 772 -10.72 10.97 49.26
CA GLU E 772 -10.86 9.80 48.41
C GLU E 772 -10.77 8.53 49.24
N TYR E 773 -11.05 7.40 48.60
CA TYR E 773 -11.07 6.10 49.25
C TYR E 773 -9.89 5.26 48.76
N LEU E 774 -9.10 4.75 49.69
CA LEU E 774 -7.98 3.87 49.40
C LEU E 774 -8.13 2.60 50.22
N GLN E 775 -8.06 1.44 49.55
CA GLN E 775 -8.25 0.15 50.19
C GLN E 775 -7.00 -0.70 49.98
N TYR E 776 -6.40 -1.16 51.08
CA TYR E 776 -5.23 -2.01 51.05
C TYR E 776 -4.98 -2.52 52.47
N ILE E 777 -4.07 -3.47 52.59
CA ILE E 777 -3.68 -4.03 53.89
C ILE E 777 -2.18 -3.91 54.02
N PHE E 778 -1.72 -3.26 55.09
CA PHE E 778 -0.29 -3.09 55.35
C PHE E 778 0.23 -4.42 55.91
N ILE E 779 0.89 -5.21 55.06
CA ILE E 779 1.30 -6.56 55.43
C ILE E 779 2.27 -6.52 56.60
N GLU E 780 3.22 -5.59 56.57
CA GLU E 780 4.14 -5.45 57.69
C GLU E 780 3.40 -5.10 58.98
N ASP E 781 2.42 -4.20 58.89
CA ASP E 781 1.59 -3.89 60.05
C ASP E 781 0.55 -4.97 60.32
N ILE E 782 0.10 -5.68 59.29
CA ILE E 782 -0.86 -6.75 59.50
C ILE E 782 -0.25 -7.88 60.33
N SER E 783 1.00 -8.23 60.03
CA SER E 783 1.66 -9.28 60.80
C SER E 783 1.87 -8.86 62.25
N SER E 784 2.26 -7.61 62.47
CA SER E 784 2.51 -7.12 63.82
C SER E 784 1.19 -6.87 64.54
N PRO E 785 0.95 -7.50 65.70
CA PRO E 785 -0.29 -7.31 66.46
C PRO E 785 -0.19 -6.18 67.48
N GLY F 323 -25.44 -33.36 -29.54
CA GLY F 323 -25.23 -32.02 -30.04
C GLY F 323 -24.31 -31.16 -29.19
N ASN F 324 -23.05 -31.08 -29.60
CA ASN F 324 -22.03 -30.29 -28.92
C ASN F 324 -21.87 -30.79 -27.47
N LYS F 325 -21.28 -32.00 -27.38
CA LYS F 325 -21.12 -32.69 -26.10
C LYS F 325 -20.63 -31.77 -24.99
N LEU F 326 -19.75 -30.82 -25.32
CA LEU F 326 -19.21 -29.95 -24.28
C LEU F 326 -20.27 -29.02 -23.70
N PHE F 327 -21.43 -28.91 -24.33
CA PHE F 327 -22.53 -28.18 -23.72
C PHE F 327 -23.42 -29.08 -22.90
N ASN F 328 -23.61 -30.33 -23.33
CA ASN F 328 -24.38 -31.28 -22.53
C ASN F 328 -23.68 -31.54 -21.21
N ILE F 329 -22.35 -31.66 -21.22
CA ILE F 329 -21.60 -31.85 -19.99
C ILE F 329 -21.78 -30.65 -19.07
N ALA F 330 -21.71 -29.44 -19.64
CA ALA F 330 -21.88 -28.23 -18.82
C ALA F 330 -23.26 -28.17 -18.21
N GLN F 331 -24.29 -28.51 -18.99
CA GLN F 331 -25.65 -28.54 -18.45
C GLN F 331 -25.78 -29.56 -17.34
N ARG F 332 -25.21 -30.75 -17.52
CA ARG F 332 -25.32 -31.78 -16.51
C ARG F 332 -24.61 -31.38 -15.23
N ILE F 333 -23.43 -30.78 -15.33
CA ILE F 333 -22.71 -30.32 -14.15
C ILE F 333 -23.48 -29.20 -13.46
N LEU F 334 -24.10 -28.32 -14.25
CA LEU F 334 -24.85 -27.21 -13.65
C LEU F 334 -26.11 -27.69 -12.95
N ASP F 335 -26.74 -28.76 -13.46
CA ASP F 335 -28.01 -29.20 -12.91
C ASP F 335 -27.90 -29.84 -11.53
N THR F 336 -26.69 -30.16 -11.07
CA THR F 336 -26.51 -30.69 -9.72
C THR F 336 -26.33 -29.58 -8.69
N ASN F 337 -26.37 -28.33 -9.10
CA ASN F 337 -26.24 -27.18 -8.21
C ASN F 337 -24.93 -27.24 -7.42
N SER F 338 -23.84 -27.58 -8.10
CA SER F 338 -22.53 -27.63 -7.46
C SER F 338 -21.81 -26.29 -7.51
N VAL F 339 -22.06 -25.47 -8.52
CA VAL F 339 -21.44 -24.16 -8.67
C VAL F 339 -22.51 -23.11 -8.44
N LEU F 340 -22.20 -22.12 -7.61
CA LEU F 340 -23.12 -21.04 -7.33
C LEU F 340 -22.41 -19.70 -7.43
N LEU F 341 -23.19 -18.67 -7.76
CA LEU F 341 -22.69 -17.31 -7.85
C LEU F 341 -23.14 -16.52 -6.63
N THR F 342 -22.22 -15.79 -6.01
CA THR F 342 -22.50 -15.03 -4.81
C THR F 342 -22.64 -13.56 -5.12
N GLU F 343 -23.18 -12.81 -4.15
CA GLU F 343 -23.34 -11.37 -4.33
C GLU F 343 -22.01 -10.65 -4.43
N ARG F 344 -20.98 -11.18 -3.77
CA ARG F 344 -19.66 -10.56 -3.82
C ARG F 344 -19.01 -10.69 -5.19
N GLY F 345 -19.58 -11.48 -6.09
CA GLY F 345 -19.09 -11.61 -7.45
C GLY F 345 -18.30 -12.87 -7.72
N ASP F 346 -17.99 -13.66 -6.70
CA ASP F 346 -17.20 -14.86 -6.85
C ASP F 346 -18.08 -16.09 -6.92
N HIS F 347 -17.46 -17.21 -7.29
CA HIS F 347 -18.15 -18.48 -7.41
C HIS F 347 -17.78 -19.37 -6.23
N ILE F 348 -18.73 -20.20 -5.82
CA ILE F 348 -18.49 -21.18 -4.75
C ILE F 348 -18.83 -22.56 -5.30
N VAL F 349 -17.93 -23.52 -5.07
CA VAL F 349 -18.09 -24.85 -5.61
C VAL F 349 -18.15 -25.85 -4.46
N TRP F 350 -18.85 -26.95 -4.71
CA TRP F 350 -19.03 -28.00 -3.69
C TRP F 350 -18.05 -29.12 -3.97
N ILE F 351 -16.80 -28.91 -3.57
CA ILE F 351 -15.74 -29.90 -3.72
C ILE F 351 -15.29 -30.31 -2.32
N ASN F 352 -15.28 -31.62 -2.08
CA ASN F 352 -14.80 -32.19 -0.82
C ASN F 352 -15.63 -31.69 0.38
N ASN F 353 -16.94 -31.75 0.22
CA ASN F 353 -17.88 -31.50 1.32
C ASN F 353 -17.61 -30.16 2.01
N SER F 354 -17.42 -29.12 1.20
CA SER F 354 -17.23 -27.77 1.73
C SER F 354 -17.34 -26.77 0.59
N TRP F 355 -18.10 -25.71 0.81
CA TRP F 355 -18.27 -24.67 -0.20
C TRP F 355 -16.95 -23.90 -0.30
N LYS F 356 -16.11 -24.30 -1.24
CA LYS F 356 -14.76 -23.76 -1.36
C LYS F 356 -14.82 -22.43 -2.11
N PHE F 357 -15.31 -21.41 -1.42
CA PHE F 357 -15.31 -20.06 -1.95
C PHE F 357 -13.87 -19.60 -2.16
N ASN F 358 -13.49 -19.42 -3.43
CA ASN F 358 -12.12 -18.98 -3.69
C ASN F 358 -12.07 -18.23 -5.01
N SER F 359 -11.12 -17.32 -5.10
CA SER F 359 -10.92 -16.49 -6.28
C SER F 359 -9.51 -16.52 -6.83
N GLU F 360 -8.52 -17.01 -6.07
CA GLU F 360 -7.15 -17.07 -6.58
C GLU F 360 -7.02 -18.12 -7.67
N GLU F 361 -7.24 -19.39 -7.30
CA GLU F 361 -7.18 -20.49 -8.25
C GLU F 361 -8.58 -21.07 -8.43
N PRO F 362 -9.27 -20.73 -9.51
CA PRO F 362 -10.66 -21.19 -9.65
C PRO F 362 -10.76 -22.70 -9.63
N LEU F 363 -11.80 -23.19 -8.95
CA LEU F 363 -11.97 -24.62 -8.70
C LEU F 363 -12.95 -25.26 -9.66
N ILE F 364 -13.46 -24.52 -10.64
CA ILE F 364 -14.44 -25.10 -11.54
C ILE F 364 -13.83 -26.25 -12.33
N THR F 365 -12.57 -26.13 -12.73
CA THR F 365 -11.90 -27.23 -13.41
C THR F 365 -11.65 -28.40 -12.46
N LYS F 366 -11.31 -28.11 -11.20
CA LYS F 366 -11.18 -29.17 -10.22
C LYS F 366 -12.49 -29.92 -10.04
N LEU F 367 -13.60 -29.19 -9.99
CA LEU F 367 -14.90 -29.84 -9.87
C LEU F 367 -15.23 -30.64 -11.12
N ILE F 368 -14.94 -30.10 -12.30
CA ILE F 368 -15.22 -30.80 -13.55
C ILE F 368 -14.47 -32.12 -13.60
N LEU F 369 -13.20 -32.11 -13.18
CA LEU F 369 -12.44 -33.35 -13.10
C LEU F 369 -13.01 -34.26 -12.03
N SER F 370 -13.49 -33.70 -10.92
CA SER F 370 -13.98 -34.53 -9.82
C SER F 370 -15.29 -35.21 -10.17
N ILE F 371 -16.26 -34.44 -10.67
CA ILE F 371 -17.56 -35.00 -11.07
C ILE F 371 -17.37 -35.46 -12.52
N ARG F 372 -16.73 -36.58 -12.67
CA ARG F 372 -16.36 -37.14 -13.96
C ARG F 372 -16.82 -38.57 -14.12
N HIS F 373 -16.80 -39.36 -13.04
CA HIS F 373 -17.35 -40.70 -13.10
C HIS F 373 -18.87 -40.69 -13.09
N GLN F 374 -19.48 -39.63 -12.57
CA GLN F 374 -20.93 -39.52 -12.59
C GLN F 374 -21.40 -38.99 -13.94
N LEU F 375 -20.90 -39.57 -15.02
CA LEU F 375 -21.28 -39.23 -16.37
C LEU F 375 -21.20 -40.49 -17.21
N PRO F 376 -21.95 -40.58 -18.31
CA PRO F 376 -21.83 -41.75 -19.18
C PRO F 376 -20.42 -41.91 -19.69
N LYS F 377 -20.12 -43.12 -20.15
CA LYS F 377 -18.75 -43.45 -20.52
C LYS F 377 -18.27 -42.59 -21.69
N GLU F 378 -19.13 -42.33 -22.66
CA GLU F 378 -18.72 -41.54 -23.82
C GLU F 378 -18.39 -40.10 -23.42
N TYR F 379 -19.16 -39.52 -22.51
CA TYR F 379 -18.89 -38.14 -22.09
C TYR F 379 -17.65 -38.06 -21.21
N SER F 380 -17.44 -39.06 -20.36
CA SER F 380 -16.44 -39.00 -19.31
C SER F 380 -15.01 -39.09 -19.82
N SER F 381 -14.80 -39.44 -21.08
CA SER F 381 -13.46 -39.56 -21.61
C SER F 381 -12.96 -38.29 -22.27
N GLU F 382 -13.72 -37.21 -22.17
CA GLU F 382 -13.34 -35.94 -22.77
C GLU F 382 -12.97 -34.88 -21.74
N LEU F 383 -13.11 -35.18 -20.46
CA LEU F 383 -12.70 -34.27 -19.40
C LEU F 383 -11.23 -34.44 -19.03
N LEU F 384 -10.48 -35.21 -19.81
CA LEU F 384 -9.07 -35.44 -19.57
C LEU F 384 -8.17 -34.46 -20.33
N CYS F 385 -8.73 -33.58 -21.15
CA CYS F 385 -7.95 -32.59 -21.88
C CYS F 385 -8.17 -31.23 -21.26
N PRO F 386 -7.13 -30.53 -20.79
CA PRO F 386 -7.35 -29.24 -20.14
C PRO F 386 -8.10 -28.24 -21.00
N ARG F 387 -7.87 -28.24 -22.31
CA ARG F 387 -8.54 -27.31 -23.20
C ARG F 387 -10.03 -27.60 -23.32
N LYS F 388 -10.48 -28.77 -22.85
CA LYS F 388 -11.91 -29.07 -22.81
C LYS F 388 -12.53 -28.86 -21.44
N ARG F 389 -11.78 -29.08 -20.37
CA ARG F 389 -12.25 -28.66 -19.06
C ARG F 389 -12.42 -27.14 -19.03
N LYS F 390 -11.54 -26.41 -19.70
CA LYS F 390 -11.70 -24.96 -19.76
C LYS F 390 -12.93 -24.56 -20.58
N THR F 391 -13.23 -25.28 -21.66
CA THR F 391 -14.43 -24.99 -22.42
C THR F 391 -15.69 -25.23 -21.59
N VAL F 392 -15.71 -26.33 -20.86
CA VAL F 392 -16.85 -26.59 -19.98
C VAL F 392 -16.97 -25.50 -18.92
N GLU F 393 -15.84 -25.01 -18.41
CA GLU F 393 -15.90 -23.92 -17.45
C GLU F 393 -16.47 -22.66 -18.07
N ALA F 394 -16.09 -22.35 -19.32
CA ALA F 394 -16.63 -21.16 -19.98
C ALA F 394 -18.13 -21.28 -20.15
N ASN F 395 -18.61 -22.46 -20.54
CA ASN F 395 -20.06 -22.65 -20.66
C ASN F 395 -20.76 -22.47 -19.32
N ILE F 396 -20.18 -23.01 -18.25
CA ILE F 396 -20.81 -22.86 -16.93
C ILE F 396 -20.88 -21.39 -16.53
N ARG F 397 -19.79 -20.65 -16.73
CA ARG F 397 -19.76 -19.24 -16.36
C ARG F 397 -20.79 -18.45 -17.16
N ASP F 398 -20.92 -18.73 -18.46
CA ASP F 398 -21.92 -18.03 -19.26
C ASP F 398 -23.34 -18.47 -18.93
N MET F 399 -23.51 -19.62 -18.30
CA MET F 399 -24.83 -20.14 -18.01
C MET F 399 -25.32 -19.82 -16.60
N LEU F 400 -24.47 -19.32 -15.71
CA LEU F 400 -24.91 -19.07 -14.34
C LEU F 400 -25.93 -17.93 -14.26
N VAL F 401 -25.53 -16.72 -14.66
CA VAL F 401 -26.39 -15.53 -14.79
C VAL F 401 -26.69 -14.88 -13.44
N ASP F 402 -27.51 -15.52 -12.62
CA ASP F 402 -28.09 -14.87 -11.45
C ASP F 402 -27.34 -15.23 -10.17
N SER F 403 -27.64 -14.47 -9.11
CA SER F 403 -26.92 -14.55 -7.85
C SER F 403 -27.79 -15.13 -6.75
N VAL F 404 -27.15 -15.80 -5.79
CA VAL F 404 -27.82 -16.32 -4.61
C VAL F 404 -27.06 -15.85 -3.37
N GLU F 405 -27.76 -15.77 -2.25
CA GLU F 405 -27.17 -15.27 -1.02
C GLU F 405 -26.27 -16.32 -0.37
N THR F 406 -25.32 -15.83 0.44
CA THR F 406 -24.41 -16.68 1.18
C THR F 406 -25.10 -17.20 2.45
N ASP F 407 -24.32 -17.75 3.38
CA ASP F 407 -24.85 -18.36 4.60
C ASP F 407 -25.87 -17.43 5.27
N THR F 408 -27.06 -17.97 5.52
CA THR F 408 -28.15 -17.17 6.05
C THR F 408 -28.75 -17.81 7.30
N TYR F 409 -28.76 -19.14 7.35
CA TYR F 409 -29.34 -19.85 8.48
C TYR F 409 -28.56 -19.55 9.75
N PRO F 410 -29.18 -19.01 10.80
CA PRO F 410 -28.44 -18.71 12.02
C PRO F 410 -28.29 -19.90 12.94
N ASP F 411 -29.25 -20.82 12.91
CA ASP F 411 -29.24 -21.97 13.80
C ASP F 411 -28.60 -23.18 13.10
N LYS F 412 -27.35 -22.99 12.69
CA LYS F 412 -26.56 -24.05 12.07
C LYS F 412 -25.11 -23.88 12.52
N LEU F 413 -24.35 -24.96 12.41
CA LEU F 413 -22.92 -24.93 12.73
C LEU F 413 -22.17 -25.72 11.67
N PRO F 414 -21.43 -25.07 10.80
CA PRO F 414 -20.71 -25.79 9.74
C PRO F 414 -19.33 -26.26 10.15
N PHE F 415 -19.10 -27.57 10.16
CA PHE F 415 -17.77 -28.14 10.31
C PHE F 415 -17.25 -28.56 8.94
N LYS F 416 -15.93 -28.67 8.82
CA LYS F 416 -15.35 -29.08 7.55
C LYS F 416 -15.75 -30.49 7.16
N ASN F 417 -16.56 -31.18 7.97
CA ASN F 417 -17.06 -32.51 7.65
C ASN F 417 -18.58 -32.56 7.60
N GLY F 418 -19.25 -31.41 7.47
CA GLY F 418 -20.69 -31.39 7.33
C GLY F 418 -21.30 -30.21 8.06
N VAL F 419 -22.58 -30.31 8.35
CA VAL F 419 -23.31 -29.27 9.07
C VAL F 419 -24.05 -29.91 10.23
N LEU F 420 -24.06 -29.22 11.37
CA LEU F 420 -24.78 -29.66 12.56
C LEU F 420 -25.93 -28.69 12.81
N ASP F 421 -27.15 -29.22 12.84
CA ASP F 421 -28.33 -28.45 13.19
C ASP F 421 -28.48 -28.45 14.70
N LEU F 422 -28.41 -27.26 15.30
CA LEU F 422 -28.53 -27.10 16.74
C LEU F 422 -29.98 -27.13 17.20
N VAL F 423 -30.95 -26.99 16.29
CA VAL F 423 -32.35 -27.08 16.67
C VAL F 423 -32.66 -28.46 17.21
N ASP F 424 -32.14 -29.51 16.56
CA ASP F 424 -32.28 -30.87 17.03
C ASP F 424 -30.94 -31.52 17.36
N GLY F 425 -29.83 -30.81 17.18
CA GLY F 425 -28.53 -31.39 17.43
C GLY F 425 -28.20 -32.55 16.52
N MET F 426 -28.53 -32.44 15.23
CA MET F 426 -28.33 -33.52 14.27
C MET F 426 -27.25 -33.10 13.28
N PHE F 427 -26.20 -33.91 13.18
CA PHE F 427 -25.06 -33.59 12.32
C PHE F 427 -25.06 -34.52 11.12
N TYR F 428 -24.83 -33.96 9.94
CA TYR F 428 -24.82 -34.75 8.72
C TYR F 428 -24.08 -34.00 7.62
N SER F 429 -23.62 -34.77 6.63
CA SER F 429 -22.82 -34.22 5.54
C SER F 429 -23.35 -34.66 4.18
N GLY F 430 -22.59 -34.40 3.13
CA GLY F 430 -23.02 -34.79 1.79
C GLY F 430 -24.02 -33.82 1.19
N ASP F 431 -24.82 -34.33 0.27
CA ASP F 431 -25.83 -33.50 -0.40
C ASP F 431 -26.83 -32.92 0.60
N ASP F 432 -27.06 -33.62 1.71
CA ASP F 432 -27.98 -33.12 2.73
C ASP F 432 -27.45 -31.84 3.36
N ALA F 433 -26.14 -31.63 3.33
CA ALA F 433 -25.52 -30.41 3.82
C ALA F 433 -25.32 -29.37 2.73
N LYS F 434 -25.65 -29.70 1.48
CA LYS F 434 -25.42 -28.76 0.39
C LYS F 434 -26.38 -27.58 0.45
N LYS F 435 -27.59 -27.80 0.98
CA LYS F 435 -28.60 -26.75 0.95
C LYS F 435 -28.14 -25.51 1.70
N TYR F 436 -27.53 -25.70 2.86
CA TYR F 436 -27.12 -24.59 3.71
C TYR F 436 -25.80 -24.06 3.16
N THR F 437 -25.86 -22.97 2.40
CA THR F 437 -24.67 -22.42 1.75
C THR F 437 -23.77 -21.74 2.79
N CYS F 438 -23.27 -22.57 3.71
CA CYS F 438 -22.44 -22.09 4.81
C CYS F 438 -20.97 -22.18 4.39
N THR F 439 -20.37 -21.03 4.11
CA THR F 439 -18.99 -21.02 3.63
C THR F 439 -18.01 -21.15 4.79
N VAL F 440 -18.01 -20.19 5.71
CA VAL F 440 -17.05 -20.19 6.81
C VAL F 440 -17.35 -21.35 7.74
N SER F 441 -16.31 -22.10 8.09
CA SER F 441 -16.44 -23.31 8.90
C SER F 441 -15.50 -23.20 10.09
N THR F 442 -15.46 -24.28 10.88
CA THR F 442 -14.60 -24.34 12.05
C THR F 442 -13.22 -24.90 11.74
N GLY F 443 -13.00 -25.43 10.54
CA GLY F 443 -11.68 -25.87 10.14
C GLY F 443 -11.28 -27.26 10.54
N PHE F 444 -12.19 -28.06 11.09
CA PHE F 444 -11.87 -29.43 11.48
C PHE F 444 -13.08 -30.30 11.23
N LYS F 445 -13.05 -31.53 11.75
CA LYS F 445 -14.10 -32.51 11.54
C LYS F 445 -14.76 -32.88 12.87
N PHE F 446 -16.04 -33.23 12.80
CA PHE F 446 -16.82 -33.68 13.95
C PHE F 446 -17.33 -35.07 13.65
N ASP F 447 -17.01 -36.02 14.53
CA ASP F 447 -17.43 -37.41 14.35
C ASP F 447 -18.27 -37.92 15.51
N ASP F 448 -18.71 -37.04 16.40
CA ASP F 448 -19.52 -37.42 17.57
C ASP F 448 -18.82 -38.48 18.41
N THR F 449 -17.49 -38.34 18.54
CA THR F 449 -16.72 -39.32 19.30
C THR F 449 -17.14 -39.33 20.77
N LYS F 450 -17.33 -38.14 21.36
CA LYS F 450 -17.71 -38.04 22.76
C LYS F 450 -18.77 -36.97 22.98
N PHE F 451 -19.53 -36.64 21.94
CA PHE F 451 -20.58 -35.61 22.02
C PHE F 451 -21.80 -36.21 22.72
N VAL F 452 -21.63 -36.49 24.01
CA VAL F 452 -22.65 -37.13 24.83
C VAL F 452 -22.47 -36.65 26.27
N GLU F 453 -23.45 -37.00 27.11
CA GLU F 453 -23.45 -36.60 28.52
C GLU F 453 -22.87 -37.66 29.44
N ASP F 454 -22.72 -38.90 28.98
CA ASP F 454 -22.22 -39.96 29.84
C ASP F 454 -20.70 -39.97 29.95
N SER F 455 -20.01 -39.13 29.19
CA SER F 455 -18.55 -39.13 29.23
C SER F 455 -18.05 -38.53 30.54
N PRO F 456 -17.04 -39.12 31.16
CA PRO F 456 -16.42 -38.51 32.35
C PRO F 456 -15.77 -37.17 32.06
N GLU F 457 -15.40 -36.90 30.80
CA GLU F 457 -14.87 -35.59 30.45
C GLU F 457 -15.88 -34.49 30.72
N MET F 458 -17.17 -34.79 30.61
CA MET F 458 -18.20 -33.82 30.95
C MET F 458 -18.10 -33.44 32.43
N GLU F 459 -17.94 -34.42 33.31
CA GLU F 459 -17.77 -34.13 34.72
C GLU F 459 -16.47 -33.38 34.99
N GLU F 460 -15.39 -33.75 34.28
CA GLU F 460 -14.12 -33.06 34.46
C GLU F 460 -14.24 -31.58 34.09
N LEU F 461 -14.90 -31.27 32.98
CA LEU F 461 -15.09 -29.88 32.60
C LEU F 461 -16.07 -29.18 33.54
N MET F 462 -17.12 -29.88 33.98
CA MET F 462 -18.06 -29.27 34.91
C MET F 462 -17.38 -28.92 36.23
N ASN F 463 -16.37 -29.68 36.63
CA ASN F 463 -15.62 -29.34 37.84
C ASN F 463 -14.93 -27.99 37.68
N ILE F 464 -14.29 -27.77 36.55
CA ILE F 464 -13.63 -26.49 36.31
C ILE F 464 -14.66 -25.37 36.22
N ILE F 465 -15.84 -25.67 35.66
CA ILE F 465 -16.91 -24.67 35.60
C ILE F 465 -17.36 -24.29 37.01
N ASN F 466 -17.52 -25.28 37.89
CA ASN F 466 -17.90 -24.99 39.27
C ASN F 466 -16.82 -24.18 39.96
N ASP F 467 -15.54 -24.51 39.71
CA ASP F 467 -14.45 -23.74 40.30
C ASP F 467 -14.49 -22.28 39.86
N ILE F 468 -14.56 -22.06 38.54
CA ILE F 468 -14.60 -20.69 38.04
C ILE F 468 -15.90 -20.00 38.41
N GLN F 469 -17.02 -20.71 38.21
CA GLN F 469 -18.34 -20.18 38.56
C GLN F 469 -19.00 -21.10 39.56
N PRO F 470 -18.94 -20.79 40.86
CA PRO F 470 -19.61 -21.63 41.85
C PRO F 470 -21.13 -21.67 41.62
N LEU F 471 -21.71 -22.83 41.89
CA LEU F 471 -23.16 -23.02 41.80
C LEU F 471 -23.89 -22.53 43.03
N THR F 472 -23.23 -21.72 43.86
CA THR F 472 -23.88 -21.17 45.05
C THR F 472 -25.13 -20.40 44.66
N ASP F 473 -26.18 -20.55 45.47
CA ASP F 473 -27.45 -19.89 45.16
C ASP F 473 -27.28 -18.37 45.07
N GLU F 474 -26.30 -17.81 45.80
CA GLU F 474 -25.99 -16.40 45.63
C GLU F 474 -25.43 -16.12 44.24
N ASN F 475 -24.70 -17.08 43.66
CA ASN F 475 -24.16 -16.95 42.31
C ASN F 475 -25.19 -17.46 41.29
N LYS F 476 -26.33 -16.76 41.23
CA LYS F 476 -27.40 -17.11 40.32
C LYS F 476 -27.41 -16.20 39.09
N LYS F 477 -27.55 -14.89 39.29
CA LYS F 477 -27.58 -13.96 38.17
C LYS F 477 -26.24 -13.94 37.44
N ASN F 478 -25.14 -13.95 38.17
CA ASN F 478 -23.83 -13.93 37.55
C ASN F 478 -23.60 -15.17 36.70
N ARG F 479 -23.96 -16.34 37.23
CA ARG F 479 -23.78 -17.56 36.45
C ARG F 479 -24.75 -17.61 35.27
N GLU F 480 -25.96 -17.06 35.44
CA GLU F 480 -26.90 -17.00 34.33
C GLU F 480 -26.34 -16.15 33.20
N LEU F 481 -25.79 -14.98 33.53
CA LEU F 481 -25.19 -14.13 32.51
C LEU F 481 -23.99 -14.81 31.87
N TYR F 482 -23.18 -15.51 32.67
CA TYR F 482 -22.05 -16.25 32.13
C TYR F 482 -22.52 -17.27 31.09
N GLU F 483 -23.53 -18.06 31.45
CA GLU F 483 -24.02 -19.10 30.55
C GLU F 483 -24.62 -18.49 29.30
N LYS F 484 -25.39 -17.40 29.44
CA LYS F 484 -26.00 -16.78 28.28
C LYS F 484 -24.95 -16.20 27.34
N THR F 485 -23.94 -15.52 27.89
CA THR F 485 -22.90 -14.92 27.05
C THR F 485 -22.07 -15.99 26.36
N LEU F 486 -21.92 -17.16 26.99
CA LEU F 486 -21.24 -18.25 26.30
C LEU F 486 -22.12 -18.87 25.22
N SER F 487 -23.41 -19.05 25.51
CA SER F 487 -24.29 -19.69 24.54
C SER F 487 -24.54 -18.80 23.33
N SER F 488 -24.45 -17.48 23.51
CA SER F 488 -24.63 -16.56 22.40
C SER F 488 -23.54 -16.68 21.35
N CYS F 489 -22.43 -17.34 21.68
CA CYS F 489 -21.35 -17.49 20.71
C CYS F 489 -21.72 -18.42 19.56
N LEU F 490 -22.80 -19.19 19.71
CA LEU F 490 -23.24 -20.08 18.63
C LEU F 490 -24.35 -19.48 17.78
N CYS F 491 -25.22 -18.66 18.37
CA CYS F 491 -26.29 -18.05 17.60
C CYS F 491 -25.71 -17.07 16.59
N GLY F 492 -26.12 -17.22 15.34
CA GLY F 492 -25.55 -16.49 14.21
C GLY F 492 -26.24 -15.20 13.84
N ALA F 493 -27.17 -14.71 14.65
CA ALA F 493 -27.85 -13.45 14.36
C ALA F 493 -27.01 -12.30 14.87
N THR F 494 -27.60 -11.11 14.93
CA THR F 494 -26.90 -9.91 15.42
C THR F 494 -27.28 -9.68 16.88
N LYS F 495 -26.29 -9.64 17.76
CA LYS F 495 -26.49 -9.45 19.18
C LYS F 495 -26.22 -7.99 19.53
N GLY F 496 -27.12 -7.39 20.30
CA GLY F 496 -27.01 -5.97 20.61
C GLY F 496 -26.63 -5.66 22.04
N CYS F 497 -25.72 -6.45 22.62
CA CYS F 497 -25.24 -6.21 23.96
C CYS F 497 -23.78 -6.63 24.06
N LEU F 498 -23.00 -5.85 24.81
CA LEU F 498 -21.59 -6.13 25.04
C LEU F 498 -21.42 -6.57 26.49
N THR F 499 -20.74 -7.71 26.69
CA THR F 499 -20.51 -8.26 28.01
C THR F 499 -19.07 -7.97 28.44
N PHE F 500 -18.92 -7.50 29.67
CA PHE F 500 -17.62 -7.16 30.24
C PHE F 500 -17.24 -8.22 31.28
N PHE F 501 -16.08 -8.84 31.09
CA PHE F 501 -15.57 -9.81 32.04
C PHE F 501 -14.67 -9.08 33.04
N PHE F 502 -15.13 -8.99 34.29
CA PHE F 502 -14.48 -8.17 35.32
C PHE F 502 -14.03 -9.08 36.45
N GLY F 503 -12.71 -9.29 36.56
CA GLY F 503 -12.14 -10.07 37.65
C GLY F 503 -11.08 -9.30 38.39
N GLU F 504 -10.01 -9.99 38.82
CA GLU F 504 -8.88 -9.33 39.47
C GLU F 504 -7.61 -9.42 38.63
N THR F 505 -7.15 -10.64 38.32
CA THR F 505 -6.02 -10.81 37.41
C THR F 505 -6.11 -12.23 36.83
N ALA F 506 -6.65 -12.33 35.61
CA ALA F 506 -6.75 -13.60 34.88
C ALA F 506 -7.31 -14.72 35.76
N THR F 507 -8.30 -14.38 36.58
CA THR F 507 -8.90 -15.33 37.53
C THR F 507 -9.88 -16.22 36.78
N GLY F 508 -9.33 -17.03 35.86
CA GLY F 508 -10.12 -17.91 35.04
C GLY F 508 -10.61 -17.32 33.74
N LYS F 509 -10.41 -16.02 33.51
CA LYS F 509 -10.83 -15.43 32.25
C LYS F 509 -10.07 -16.04 31.09
N SER F 510 -8.76 -16.21 31.24
CA SER F 510 -7.97 -16.85 30.19
C SER F 510 -8.41 -18.31 30.00
N THR F 511 -8.79 -18.98 31.10
CA THR F 511 -9.27 -20.35 30.99
C THR F 511 -10.53 -20.44 30.15
N THR F 512 -11.50 -19.57 30.42
CA THR F 512 -12.74 -19.57 29.64
C THR F 512 -12.46 -19.20 28.18
N LYS F 513 -11.56 -18.22 27.96
CA LYS F 513 -11.22 -17.85 26.60
C LYS F 513 -10.61 -19.03 25.84
N ARG F 514 -9.69 -19.74 26.48
CA ARG F 514 -9.07 -20.90 25.83
C ARG F 514 -10.08 -21.99 25.57
N LEU F 515 -11.00 -22.23 26.51
CA LEU F 515 -12.02 -23.25 26.31
C LEU F 515 -12.93 -22.89 25.13
N LEU F 516 -13.35 -21.64 25.06
CA LEU F 516 -14.20 -21.21 23.95
C LEU F 516 -13.46 -21.32 22.63
N LYS F 517 -12.18 -20.94 22.60
CA LYS F 517 -11.41 -21.05 21.37
C LYS F 517 -11.27 -22.50 20.95
N SER F 518 -11.05 -23.41 21.91
CA SER F 518 -10.94 -24.83 21.58
C SER F 518 -12.25 -25.36 21.04
N ALA F 519 -13.38 -24.94 21.63
CA ALA F 519 -14.68 -25.50 21.27
C ALA F 519 -15.01 -25.24 19.81
N ILE F 520 -15.15 -23.98 19.43
CA ILE F 520 -15.56 -23.65 18.07
C ILE F 520 -14.35 -23.52 17.15
N GLY F 521 -13.41 -22.64 17.50
CA GLY F 521 -12.26 -22.40 16.64
C GLY F 521 -12.63 -21.66 15.37
N ASP F 522 -11.63 -21.15 14.66
CA ASP F 522 -11.84 -20.52 13.36
C ASP F 522 -12.75 -19.31 13.46
N LEU F 523 -14.01 -19.53 13.84
CA LEU F 523 -14.95 -18.43 14.00
C LEU F 523 -14.50 -17.48 15.10
N PHE F 524 -13.79 -17.98 16.10
CA PHE F 524 -13.30 -17.14 17.18
C PHE F 524 -12.27 -16.14 16.68
N VAL F 525 -12.37 -14.91 17.15
CA VAL F 525 -11.41 -13.85 16.86
C VAL F 525 -10.99 -13.22 18.17
N GLU F 526 -9.68 -13.00 18.32
CA GLU F 526 -9.11 -12.41 19.53
C GLU F 526 -8.51 -11.06 19.19
N THR F 527 -8.80 -10.05 20.00
CA THR F 527 -8.33 -8.71 19.75
C THR F 527 -8.09 -8.01 21.09
N GLY F 528 -7.23 -6.98 21.06
CA GLY F 528 -7.01 -6.17 22.23
C GLY F 528 -7.07 -4.68 21.94
N GLN F 529 -8.02 -3.99 22.58
CA GLN F 529 -8.23 -2.56 22.38
C GLN F 529 -8.37 -2.22 20.90
N THR F 530 -7.45 -1.39 20.40
CA THR F 530 -7.38 -1.04 18.99
C THR F 530 -8.69 -0.44 18.48
N ILE F 531 -9.48 -1.24 17.77
CA ILE F 531 -10.71 -0.74 17.16
C ILE F 531 -11.71 -0.29 18.22
N LEU F 532 -11.65 -0.88 19.42
CA LEU F 532 -12.59 -0.53 20.47
C LEU F 532 -12.40 0.89 20.99
N THR F 533 -11.29 1.54 20.67
CA THR F 533 -11.01 2.88 21.14
C THR F 533 -10.76 3.90 20.04
N ASP F 534 -10.12 3.50 18.94
CA ASP F 534 -9.77 4.41 17.87
C ASP F 534 -11.00 4.72 17.03
N VAL F 535 -10.80 5.41 15.91
CA VAL F 535 -11.89 5.73 15.00
C VAL F 535 -12.28 4.47 14.22
N LEU F 536 -13.56 4.15 14.21
CA LEU F 536 -14.06 2.96 13.55
C LEU F 536 -14.43 3.19 12.10
N ASP F 537 -14.30 4.41 11.59
CA ASP F 537 -14.67 4.73 10.22
C ASP F 537 -13.77 5.85 9.73
N LYS F 538 -14.18 6.52 8.64
CA LYS F 538 -13.51 7.67 8.04
C LYS F 538 -12.14 7.33 7.49
N GLY F 539 -11.78 6.05 7.37
CA GLY F 539 -10.47 5.67 6.90
C GLY F 539 -10.46 4.30 6.26
N PRO F 540 -9.28 3.83 5.87
CA PRO F 540 -9.18 2.49 5.27
C PRO F 540 -9.13 1.39 6.30
N ASN F 541 -9.50 1.71 7.55
CA ASN F 541 -9.33 0.88 8.74
C ASN F 541 -9.73 -0.56 8.49
N PRO F 542 -8.75 -1.48 8.43
CA PRO F 542 -9.08 -2.88 8.11
C PRO F 542 -9.51 -3.71 9.31
N PHE F 543 -9.27 -3.24 10.54
CA PHE F 543 -9.59 -4.04 11.71
C PHE F 543 -11.10 -4.30 11.81
N ILE F 544 -11.90 -3.27 11.56
CA ILE F 544 -13.35 -3.41 11.67
C ILE F 544 -13.88 -4.33 10.58
N ALA F 545 -13.30 -4.26 9.37
CA ALA F 545 -13.73 -5.11 8.29
C ALA F 545 -13.18 -6.53 8.41
N ASN F 546 -12.19 -6.74 9.27
CA ASN F 546 -11.63 -8.07 9.44
C ASN F 546 -12.68 -9.03 9.99
N MET F 547 -13.48 -8.57 10.94
CA MET F 547 -14.58 -9.40 11.43
C MET F 547 -15.65 -9.49 10.35
N HIS F 548 -16.05 -10.72 10.03
CA HIS F 548 -17.08 -10.96 9.03
C HIS F 548 -17.58 -12.37 9.21
N LEU F 549 -18.85 -12.51 9.59
CA LEU F 549 -19.48 -13.81 9.82
C LEU F 549 -18.79 -14.59 10.94
N LYS F 550 -17.86 -13.94 11.64
CA LYS F 550 -17.24 -14.58 12.80
C LYS F 550 -18.20 -14.54 13.97
N ARG F 551 -18.39 -15.70 14.60
CA ARG F 551 -19.44 -15.85 15.60
C ARG F 551 -19.01 -15.43 17.00
N SER F 552 -17.76 -15.03 17.19
CA SER F 552 -17.30 -14.61 18.51
C SER F 552 -16.09 -13.72 18.34
N VAL F 553 -16.15 -12.50 18.88
CA VAL F 553 -15.00 -11.61 18.94
C VAL F 553 -14.75 -11.30 20.41
N PHE F 554 -13.51 -11.45 20.85
CA PHE F 554 -13.17 -11.38 22.26
C PHE F 554 -12.05 -10.35 22.41
N CYS F 555 -12.36 -9.22 23.04
CA CYS F 555 -11.41 -8.13 23.22
C CYS F 555 -10.91 -8.16 24.66
N SER F 556 -9.62 -8.42 24.82
CA SER F 556 -9.00 -8.53 26.14
C SER F 556 -8.02 -7.38 26.35
N GLU F 557 -7.63 -7.20 27.62
CA GLU F 557 -6.64 -6.21 28.02
C GLU F 557 -7.10 -4.79 27.65
N LEU F 558 -8.16 -4.35 28.31
CA LEU F 558 -8.59 -2.97 28.16
C LEU F 558 -7.51 -2.04 28.69
N PRO F 559 -7.30 -0.86 28.07
CA PRO F 559 -6.13 -0.04 28.37
C PRO F 559 -6.24 0.82 29.63
N ASP F 560 -6.76 0.22 30.71
CA ASP F 560 -6.66 0.75 32.06
C ASP F 560 -6.85 2.26 32.15
N PHE F 561 -8.07 2.73 31.84
CA PHE F 561 -8.37 4.15 31.67
C PHE F 561 -7.70 5.07 32.69
N ALA F 562 -7.53 4.61 33.93
CA ALA F 562 -6.92 5.43 34.98
C ALA F 562 -5.42 5.17 35.04
N CYS F 563 -4.72 5.62 33.98
CA CYS F 563 -3.27 5.55 33.91
C CYS F 563 -2.66 6.92 33.57
N SER F 564 -3.30 7.99 34.02
CA SER F 564 -2.79 9.36 33.85
C SER F 564 -2.53 9.68 32.38
N GLY F 565 -3.52 9.41 31.54
CA GLY F 565 -3.41 9.73 30.14
C GLY F 565 -3.86 8.62 29.21
N SER F 566 -4.41 7.55 29.79
CA SER F 566 -4.88 6.43 28.98
C SER F 566 -6.05 6.86 28.10
N LYS F 567 -6.14 6.26 26.92
CA LYS F 567 -7.17 6.60 25.96
C LYS F 567 -8.55 6.18 26.47
N LYS F 568 -9.57 6.87 25.96
CA LYS F 568 -10.95 6.62 26.34
C LYS F 568 -11.71 5.99 25.18
N ILE F 569 -12.50 4.97 25.49
CA ILE F 569 -13.25 4.24 24.46
C ILE F 569 -14.46 5.06 24.05
N ARG F 570 -14.59 5.29 22.74
CA ARG F 570 -15.71 6.07 22.23
C ARG F 570 -17.02 5.30 22.36
N SER F 571 -18.08 6.01 22.76
CA SER F 571 -19.40 5.39 22.82
C SER F 571 -19.97 5.11 21.44
N ASP F 572 -19.62 5.95 20.45
CA ASP F 572 -20.08 5.71 19.09
C ASP F 572 -19.49 4.42 18.53
N ASN F 573 -18.25 4.11 18.90
CA ASN F 573 -17.67 2.83 18.48
C ASN F 573 -18.46 1.66 19.06
N ILE F 574 -18.87 1.77 20.32
CA ILE F 574 -19.69 0.72 20.93
C ILE F 574 -21.01 0.58 20.20
N LYS F 575 -21.67 1.71 19.90
CA LYS F 575 -22.95 1.66 19.21
C LYS F 575 -22.80 1.05 17.82
N LYS F 576 -21.71 1.38 17.11
CA LYS F 576 -21.46 0.79 15.81
C LYS F 576 -21.22 -0.71 15.92
N LEU F 577 -20.52 -1.15 16.97
CA LEU F 577 -20.24 -2.57 17.13
C LEU F 577 -21.52 -3.37 17.36
N THR F 578 -22.47 -2.83 18.12
CA THR F 578 -23.71 -3.52 18.44
C THR F 578 -24.76 -3.39 17.34
N GLU F 579 -24.46 -2.68 16.27
CA GLU F 579 -25.40 -2.51 15.18
C GLU F 579 -25.48 -3.80 14.35
N PRO F 580 -26.63 -4.05 13.71
CA PRO F 580 -26.72 -5.21 12.82
C PRO F 580 -25.76 -5.16 11.65
N CYS F 581 -25.42 -3.95 11.18
CA CYS F 581 -24.49 -3.78 10.08
C CYS F 581 -23.30 -2.95 10.54
N VAL F 582 -22.17 -3.13 9.86
CA VAL F 582 -20.92 -2.44 10.19
C VAL F 582 -20.46 -1.68 8.95
N ILE F 583 -20.18 -0.40 9.12
CA ILE F 583 -19.69 0.45 8.05
C ILE F 583 -18.18 0.54 8.21
N GLY F 584 -17.45 -0.21 7.39
CA GLY F 584 -16.01 -0.17 7.42
C GLY F 584 -15.39 -0.40 6.07
N ARG F 585 -14.56 0.54 5.63
CA ARG F 585 -13.97 0.45 4.30
C ARG F 585 -12.73 -0.43 4.35
N PRO F 586 -12.70 -1.55 3.63
CA PRO F 586 -11.49 -2.37 3.59
C PRO F 586 -10.37 -1.64 2.86
N CYS F 587 -9.14 -2.06 3.15
CA CYS F 587 -7.97 -1.41 2.57
C CYS F 587 -8.05 -1.43 1.04
N PHE F 588 -8.15 -0.23 0.46
CA PHE F 588 -8.17 -0.03 -0.99
C PHE F 588 -9.36 -0.74 -1.65
N SER F 589 -10.50 -0.79 -0.97
CA SER F 589 -11.69 -1.46 -1.48
C SER F 589 -12.91 -0.59 -1.25
N ASN F 590 -13.95 -0.85 -2.05
CA ASN F 590 -15.18 -0.06 -2.03
C ASN F 590 -16.35 -0.79 -1.38
N LYS F 591 -16.12 -1.97 -0.80
CA LYS F 591 -17.19 -2.76 -0.20
C LYS F 591 -17.23 -2.45 1.30
N ILE F 592 -17.84 -1.32 1.64
CA ILE F 592 -17.83 -0.85 3.02
C ILE F 592 -18.72 -1.72 3.91
N ASN F 593 -19.91 -2.06 3.43
CA ASN F 593 -20.90 -2.72 4.27
C ASN F 593 -20.45 -4.12 4.67
N ASN F 594 -20.66 -4.46 5.95
CA ASN F 594 -20.38 -5.80 6.45
C ASN F 594 -21.50 -6.22 7.39
N ARG F 595 -21.73 -7.53 7.46
CA ARG F 595 -22.73 -8.08 8.36
C ARG F 595 -22.11 -8.40 9.71
N ASN F 596 -22.94 -8.34 10.75
CA ASN F 596 -22.50 -8.57 12.12
C ASN F 596 -23.16 -9.84 12.63
N HIS F 597 -22.33 -10.79 13.08
CA HIS F 597 -22.80 -12.03 13.68
C HIS F 597 -21.94 -12.40 14.88
N ALA F 598 -21.44 -11.39 15.60
CA ALA F 598 -20.45 -11.60 16.64
C ALA F 598 -20.97 -11.08 17.97
N THR F 599 -20.45 -11.65 19.05
CA THR F 599 -20.71 -11.20 20.41
C THR F 599 -19.51 -10.42 20.92
N ILE F 600 -19.75 -9.20 21.41
CA ILE F 600 -18.68 -8.35 21.91
C ILE F 600 -18.46 -8.67 23.38
N ILE F 601 -17.35 -9.33 23.67
CA ILE F 601 -16.97 -9.70 25.04
C ILE F 601 -15.67 -9.02 25.37
N ILE F 602 -15.63 -8.34 26.52
CA ILE F 602 -14.46 -7.59 26.96
C ILE F 602 -13.95 -8.21 28.26
N ASP F 603 -12.66 -8.52 28.30
CA ASP F 603 -12.00 -9.02 29.50
C ASP F 603 -11.14 -7.89 30.07
N THR F 604 -11.55 -7.36 31.21
CA THR F 604 -10.94 -6.16 31.78
C THR F 604 -10.53 -6.42 33.23
N ASN F 605 -9.35 -5.93 33.59
CA ASN F 605 -8.86 -6.04 34.96
C ASN F 605 -9.25 -4.84 35.82
N TYR F 606 -9.28 -3.64 35.25
CA TYR F 606 -9.62 -2.43 35.99
C TYR F 606 -11.07 -2.02 35.70
N LYS F 607 -11.49 -0.91 36.31
CA LYS F 607 -12.85 -0.46 36.15
C LYS F 607 -13.06 0.17 34.77
N PRO F 608 -14.25 0.04 34.19
CA PRO F 608 -14.51 0.67 32.88
C PRO F 608 -14.94 2.11 33.00
N VAL F 609 -14.20 3.02 32.38
CA VAL F 609 -14.48 4.46 32.41
C VAL F 609 -14.62 4.94 30.98
N PHE F 610 -15.73 5.62 30.69
CA PHE F 610 -16.03 6.11 29.36
C PHE F 610 -15.90 7.62 29.31
N ASP F 611 -15.47 8.14 28.15
CA ASP F 611 -15.35 9.58 27.98
C ASP F 611 -16.72 10.26 28.07
N ARG F 612 -17.74 9.65 27.46
CA ARG F 612 -19.08 10.18 27.49
C ARG F 612 -20.06 9.06 27.79
N ILE F 613 -21.00 9.31 28.70
CA ILE F 613 -22.03 8.35 29.08
C ILE F 613 -23.38 9.01 28.86
N ASP F 614 -24.25 8.33 28.12
CA ASP F 614 -25.59 8.81 27.85
C ASP F 614 -26.58 7.68 28.08
N ASN F 615 -27.87 8.02 28.05
CA ASN F 615 -28.91 7.01 28.25
C ASN F 615 -28.88 5.96 27.15
N ALA F 616 -28.36 6.31 25.97
CA ALA F 616 -28.22 5.33 24.91
C ALA F 616 -27.24 4.23 25.29
N LEU F 617 -26.12 4.61 25.93
CA LEU F 617 -25.14 3.63 26.34
C LEU F 617 -25.62 2.74 27.48
N MET F 618 -26.67 3.16 28.19
CA MET F 618 -27.20 2.34 29.28
C MET F 618 -27.71 1.00 28.79
N ARG F 619 -28.14 0.93 27.52
CA ARG F 619 -28.78 -0.25 26.98
C ARG F 619 -27.82 -1.20 26.30
N ARG F 620 -26.51 -0.90 26.32
CA ARG F 620 -25.54 -1.67 25.54
C ARG F 620 -24.41 -2.24 26.39
N ILE F 621 -24.57 -2.31 27.70
CA ILE F 621 -23.51 -2.78 28.58
C ILE F 621 -24.03 -3.93 29.43
N ALA F 622 -23.30 -5.04 29.45
CA ALA F 622 -23.56 -6.16 30.34
C ALA F 622 -22.29 -6.50 31.10
N VAL F 623 -22.45 -6.81 32.39
CA VAL F 623 -21.32 -7.01 33.28
C VAL F 623 -21.35 -8.43 33.83
N VAL F 624 -20.21 -9.11 33.74
CA VAL F 624 -20.03 -10.45 34.30
C VAL F 624 -18.80 -10.42 35.20
N ARG F 625 -18.94 -10.91 36.43
CA ARG F 625 -17.89 -10.85 37.43
C ARG F 625 -17.36 -12.24 37.73
N PHE F 626 -16.09 -12.30 38.12
CA PHE F 626 -15.46 -13.52 38.58
C PHE F 626 -14.99 -13.31 40.02
N ARG F 627 -15.05 -14.39 40.83
CA ARG F 627 -14.70 -14.29 42.23
C ARG F 627 -13.71 -15.37 42.68
N THR F 628 -13.27 -16.24 41.79
CA THR F 628 -12.31 -17.31 42.14
C THR F 628 -11.02 -17.06 41.40
N HIS F 629 -9.91 -16.95 42.14
CA HIS F 629 -8.60 -16.66 41.57
C HIS F 629 -7.76 -17.93 41.51
N PHE F 630 -7.00 -18.07 40.43
CA PHE F 630 -6.13 -19.23 40.22
C PHE F 630 -4.76 -18.94 40.80
N SER F 631 -4.50 -19.45 42.01
CA SER F 631 -3.22 -19.31 42.68
C SER F 631 -2.62 -20.68 42.94
N GLN F 632 -1.53 -20.71 43.69
CA GLN F 632 -0.79 -21.92 44.00
C GLN F 632 -0.50 -21.99 45.49
N PRO F 633 -0.15 -23.18 45.99
CA PRO F 633 0.17 -23.29 47.42
C PRO F 633 1.37 -22.47 47.85
N SER F 634 2.23 -22.07 46.90
CA SER F 634 3.37 -21.22 47.25
C SER F 634 2.91 -19.87 47.79
N GLY F 635 1.83 -19.33 47.24
CA GLY F 635 1.28 -18.09 47.74
C GLY F 635 -0.18 -18.22 48.11
N ARG F 636 -0.58 -19.40 48.60
CA ARG F 636 -1.97 -19.62 48.97
C ARG F 636 -2.40 -18.70 50.11
N GLU F 637 -1.54 -18.55 51.12
CA GLU F 637 -1.86 -17.67 52.23
C GLU F 637 -1.99 -16.22 51.77
N ALA F 638 -1.10 -15.79 50.89
CA ALA F 638 -1.16 -14.42 50.38
C ALA F 638 -2.44 -14.18 49.59
N ALA F 639 -2.84 -15.16 48.77
CA ALA F 639 -4.07 -15.02 48.00
C ALA F 639 -5.31 -15.07 48.88
N GLU F 640 -5.26 -15.82 49.98
CA GLU F 640 -6.41 -15.92 50.88
C GLU F 640 -6.72 -14.61 51.58
N ASN F 641 -5.76 -13.70 51.70
CA ASN F 641 -5.93 -12.44 52.40
C ASN F 641 -6.22 -11.27 51.46
N ASN F 642 -6.92 -11.53 50.35
CA ASN F 642 -7.27 -10.49 49.39
C ASN F 642 -8.77 -10.51 49.16
N ASP F 643 -9.39 -9.32 49.24
CA ASP F 643 -10.84 -9.21 49.03
C ASP F 643 -11.25 -9.41 47.58
N ALA F 644 -10.30 -9.38 46.65
CA ALA F 644 -10.63 -9.57 45.24
C ALA F 644 -11.14 -10.98 44.98
N TYR F 645 -10.52 -11.99 45.60
CA TYR F 645 -10.84 -13.39 45.35
C TYR F 645 -11.71 -13.92 46.50
N ASP F 646 -12.79 -14.60 46.15
CA ASP F 646 -13.67 -15.21 47.13
C ASP F 646 -13.28 -16.66 47.44
N LYS F 647 -12.59 -17.32 46.53
CA LYS F 647 -12.16 -18.70 46.71
C LYS F 647 -10.90 -18.93 45.89
N VAL F 648 -10.01 -19.78 46.40
CA VAL F 648 -8.72 -20.04 45.78
C VAL F 648 -8.54 -21.53 45.62
N LYS F 649 -7.97 -21.93 44.48
CA LYS F 649 -7.62 -23.33 44.20
C LYS F 649 -6.20 -23.37 43.65
N LEU F 650 -5.53 -24.50 43.87
CA LEU F 650 -4.14 -24.65 43.46
C LEU F 650 -4.02 -24.58 41.95
N LEU F 651 -2.93 -23.96 41.49
CA LEU F 651 -2.68 -23.83 40.06
C LEU F 651 -2.41 -25.19 39.44
N ASP F 652 -2.81 -25.35 38.19
CA ASP F 652 -2.63 -26.58 37.44
C ASP F 652 -1.68 -26.34 36.28
N GLU F 653 -0.82 -27.33 36.01
CA GLU F 653 0.08 -27.26 34.86
C GLU F 653 -0.41 -28.08 33.67
N GLY F 654 -1.23 -29.10 33.92
CA GLY F 654 -1.82 -29.88 32.83
C GLY F 654 -2.95 -29.19 32.10
N LEU F 655 -3.47 -28.10 32.66
CA LEU F 655 -4.48 -27.31 31.96
C LEU F 655 -3.92 -26.76 30.66
N ASP F 656 -2.67 -26.32 30.68
CA ASP F 656 -2.02 -25.84 29.45
C ASP F 656 -1.95 -26.94 28.41
N GLY F 657 -1.59 -28.15 28.82
CA GLY F 657 -1.53 -29.26 27.87
C GLY F 657 -2.89 -29.60 27.31
N LYS F 658 -3.92 -29.62 28.16
CA LYS F 658 -5.27 -29.90 27.68
C LYS F 658 -5.74 -28.85 26.70
N ILE F 659 -5.45 -27.58 26.96
CA ILE F 659 -5.84 -26.52 26.04
C ILE F 659 -5.05 -26.64 24.74
N GLN F 660 -3.78 -27.04 24.83
CA GLN F 660 -2.95 -27.16 23.63
C GLN F 660 -3.43 -28.30 22.73
N ASN F 661 -3.84 -29.41 23.33
CA ASN F 661 -4.25 -30.58 22.57
C ASN F 661 -5.75 -30.64 22.31
N ASN F 662 -6.52 -29.63 22.74
CA ASN F 662 -7.95 -29.56 22.49
C ASN F 662 -8.68 -30.81 22.98
N ARG F 663 -8.32 -31.28 24.17
CA ARG F 663 -8.95 -32.47 24.73
C ARG F 663 -10.42 -32.23 25.02
N TYR F 664 -10.77 -31.05 25.54
CA TYR F 664 -12.12 -30.76 26.00
C TYR F 664 -13.00 -30.14 24.91
N ARG F 665 -12.73 -30.46 23.64
CA ARG F 665 -13.53 -29.91 22.56
C ARG F 665 -14.98 -30.35 22.66
N PHE F 666 -15.21 -31.67 22.56
CA PHE F 666 -16.58 -32.17 22.44
C PHE F 666 -17.38 -31.93 23.71
N ALA F 667 -16.73 -32.04 24.87
CA ALA F 667 -17.45 -31.78 26.12
C ALA F 667 -17.92 -30.35 26.19
N PHE F 668 -17.07 -29.40 25.79
CA PHE F 668 -17.47 -28.00 25.85
C PHE F 668 -18.50 -27.66 24.79
N LEU F 669 -18.42 -28.29 23.61
CA LEU F 669 -19.46 -28.12 22.61
C LEU F 669 -20.79 -28.64 23.12
N TYR F 670 -20.78 -29.79 23.81
CA TYR F 670 -22.02 -30.33 24.36
C TYR F 670 -22.59 -29.43 25.43
N LEU F 671 -21.72 -28.88 26.28
CA LEU F 671 -22.17 -27.95 27.30
C LEU F 671 -22.79 -26.70 26.68
N LEU F 672 -22.15 -26.16 25.64
CA LEU F 672 -22.68 -24.98 24.96
C LEU F 672 -24.02 -25.28 24.29
N VAL F 673 -24.14 -26.45 23.66
CA VAL F 673 -25.41 -26.81 23.03
C VAL F 673 -26.51 -26.96 24.07
N LYS F 674 -26.18 -27.55 25.22
CA LYS F 674 -27.18 -27.69 26.28
C LYS F 674 -27.62 -26.33 26.80
N TRP F 675 -26.67 -25.41 27.00
CA TRP F 675 -27.03 -24.05 27.41
C TRP F 675 -27.88 -23.36 26.35
N TYR F 676 -27.53 -23.55 25.08
CA TYR F 676 -28.30 -22.99 23.97
C TYR F 676 -29.75 -23.48 24.03
N LYS F 677 -29.92 -24.78 24.20
CA LYS F 677 -31.27 -25.33 24.30
C LYS F 677 -32.00 -24.77 25.54
N LYS F 678 -31.27 -24.63 26.64
CA LYS F 678 -31.89 -24.15 27.87
C LYS F 678 -32.40 -22.72 27.74
N TYR F 679 -31.63 -21.85 27.10
CA TYR F 679 -31.99 -20.44 27.07
C TYR F 679 -32.81 -20.05 25.85
N HIS F 680 -32.69 -20.78 24.73
CA HIS F 680 -33.37 -20.41 23.49
C HIS F 680 -34.84 -20.80 23.61
N ILE F 681 -35.59 -20.00 24.36
CA ILE F 681 -36.98 -20.30 24.65
C ILE F 681 -37.84 -19.10 24.25
N PRO F 682 -38.09 -18.89 22.95
CA PRO F 682 -37.50 -19.55 21.80
C PRO F 682 -36.32 -18.75 21.25
N ILE F 683 -35.81 -17.79 22.01
CA ILE F 683 -34.77 -16.88 21.56
C ILE F 683 -33.69 -16.80 22.64
N MET F 684 -32.53 -16.27 22.23
CA MET F 684 -31.40 -16.11 23.13
C MET F 684 -31.01 -14.64 23.26
N LYS F 685 -32.00 -13.79 23.47
CA LYS F 685 -31.75 -12.36 23.58
C LYS F 685 -30.85 -12.04 24.77
N LEU F 686 -30.00 -11.04 24.59
CA LEU F 686 -29.12 -10.53 25.64
C LEU F 686 -29.73 -9.28 26.25
N TYR F 687 -29.66 -9.19 27.58
CA TYR F 687 -30.23 -8.07 28.29
C TYR F 687 -29.14 -7.30 29.03
N PRO F 688 -29.03 -5.99 28.84
CA PRO F 688 -28.01 -5.22 29.55
C PRO F 688 -28.31 -5.14 31.04
N THR F 689 -27.23 -5.12 31.84
CA THR F 689 -27.32 -5.04 33.29
C THR F 689 -26.37 -3.95 33.78
N PRO F 690 -26.81 -2.70 33.75
CA PRO F 690 -25.91 -1.58 34.10
C PRO F 690 -25.71 -1.37 35.60
N GLU F 691 -26.36 -2.17 36.45
CA GLU F 691 -26.24 -1.95 37.88
C GLU F 691 -24.86 -2.30 38.40
N GLU F 692 -24.17 -3.26 37.78
CA GLU F 692 -22.86 -3.66 38.28
C GLU F 692 -21.79 -2.65 37.95
N ILE F 693 -22.01 -1.79 36.95
CA ILE F 693 -21.03 -0.77 36.58
C ILE F 693 -21.08 0.33 37.64
N PRO F 694 -19.96 0.64 38.30
CA PRO F 694 -19.98 1.65 39.36
C PRO F 694 -20.28 3.05 38.86
N ASP F 695 -19.61 3.48 37.79
CA ASP F 695 -19.79 4.84 37.30
C ASP F 695 -21.19 5.07 36.74
N PHE F 696 -21.78 4.06 36.11
CA PHE F 696 -23.11 4.20 35.53
C PHE F 696 -24.18 4.42 36.58
N ALA F 697 -23.90 4.11 37.85
CA ALA F 697 -24.92 4.20 38.89
C ALA F 697 -25.38 5.64 39.08
N PHE F 698 -24.43 6.57 39.20
CA PHE F 698 -24.79 7.96 39.49
C PHE F 698 -25.49 8.62 38.31
N TYR F 699 -25.09 8.30 37.07
CA TYR F 699 -25.67 8.95 35.90
C TYR F 699 -27.16 8.66 35.78
N LEU F 700 -27.63 7.56 36.36
CA LEU F 700 -29.06 7.28 36.41
C LEU F 700 -29.69 7.62 37.74
N LYS F 701 -28.93 7.56 38.84
CA LYS F 701 -29.45 7.93 40.14
C LYS F 701 -29.79 9.42 40.20
N ILE F 702 -29.02 10.25 39.49
CA ILE F 702 -29.31 11.69 39.47
C ILE F 702 -30.69 11.94 38.89
N GLY F 703 -31.03 11.26 37.79
CA GLY F 703 -32.38 11.34 37.26
C GLY F 703 -33.40 10.70 38.19
N THR F 704 -33.02 9.61 38.84
CA THR F 704 -33.93 8.92 39.75
C THR F 704 -34.26 9.78 40.96
N LEU F 705 -33.26 10.47 41.52
CA LEU F 705 -33.46 11.28 42.71
C LEU F 705 -34.34 12.51 42.45
N LEU F 706 -34.54 12.88 41.19
CA LEU F 706 -35.39 14.02 40.86
C LEU F 706 -36.46 13.61 39.87
N VAL F 707 -37.19 14.59 39.33
CA VAL F 707 -38.20 14.34 38.32
C VAL F 707 -38.46 15.64 37.57
N SER F 708 -38.64 15.52 36.26
CA SER F 708 -39.06 16.66 35.46
C SER F 708 -40.46 17.11 35.88
N SER F 709 -40.68 18.42 35.83
CA SER F 709 -41.98 18.97 36.20
C SER F 709 -43.06 18.41 35.29
N SER F 710 -44.15 17.93 35.88
CA SER F 710 -45.25 17.33 35.16
C SER F 710 -46.53 18.12 35.41
N VAL F 711 -47.64 17.61 34.89
CA VAL F 711 -48.93 18.28 35.07
C VAL F 711 -49.32 18.31 36.53
N LYS F 712 -49.13 17.20 37.24
CA LYS F 712 -49.46 17.16 38.67
C LYS F 712 -48.58 18.13 39.45
N HIS F 713 -47.28 18.17 39.15
CA HIS F 713 -46.40 19.11 39.82
C HIS F 713 -46.69 20.55 39.40
N ILE F 714 -47.20 20.73 38.18
CA ILE F 714 -47.62 22.08 37.75
C ILE F 714 -48.72 22.61 38.65
N PRO F 715 -49.72 21.82 39.06
CA PRO F 715 -50.79 22.37 39.90
C PRO F 715 -50.34 22.72 41.32
N LEU F 716 -49.09 22.45 41.67
CA LEU F 716 -48.60 22.81 43.01
C LEU F 716 -48.67 24.32 43.23
N MET F 717 -48.23 25.09 42.24
CA MET F 717 -48.25 26.56 42.28
C MET F 717 -47.45 27.02 43.50
N THR F 718 -48.03 27.81 44.40
CA THR F 718 -47.30 28.32 45.55
C THR F 718 -47.04 27.24 46.61
N ASP F 719 -47.70 26.09 46.53
CA ASP F 719 -47.47 25.03 47.50
C ASP F 719 -46.02 24.54 47.44
N LEU F 720 -45.48 24.38 46.23
CA LEU F 720 -44.08 24.00 46.09
C LEU F 720 -43.16 25.17 46.39
N SER F 721 -43.57 26.40 46.06
CA SER F 721 -42.75 27.57 46.33
C SER F 721 -42.57 27.79 47.82
N LYS F 722 -43.56 27.40 48.63
CA LYS F 722 -43.44 27.51 50.07
C LYS F 722 -42.29 26.67 50.63
N LYS F 723 -41.85 25.65 49.88
CA LYS F 723 -40.73 24.81 50.27
C LYS F 723 -39.40 25.32 49.71
N GLY F 724 -39.28 26.62 49.46
CA GLY F 724 -38.06 27.20 48.94
C GLY F 724 -37.96 27.25 47.43
N TYR F 725 -38.99 26.79 46.71
CA TYR F 725 -38.97 26.77 45.26
C TYR F 725 -39.53 28.09 44.71
N ILE F 726 -39.55 28.20 43.39
CA ILE F 726 -40.08 29.38 42.70
C ILE F 726 -40.96 28.91 41.55
N LEU F 727 -41.84 29.80 41.11
CA LEU F 727 -42.78 29.52 40.02
C LEU F 727 -42.49 30.45 38.85
N TYR F 728 -42.34 29.87 37.67
CA TYR F 728 -42.07 30.64 36.46
C TYR F 728 -42.75 29.93 35.28
N ASP F 729 -43.54 30.69 34.53
CA ASP F 729 -44.26 30.16 33.37
C ASP F 729 -45.10 28.95 33.74
N ASN F 730 -45.76 29.03 34.89
CA ASN F 730 -46.58 27.93 35.43
C ASN F 730 -45.76 26.64 35.56
N VAL F 731 -44.51 26.79 35.97
CA VAL F 731 -43.60 25.65 36.15
C VAL F 731 -42.81 25.86 37.42
N VAL F 732 -42.63 24.79 38.18
CA VAL F 732 -41.81 24.83 39.39
C VAL F 732 -40.35 24.76 39.01
N THR F 733 -39.56 25.71 39.50
CA THR F 733 -38.14 25.77 39.21
C THR F 733 -37.41 26.35 40.41
N LEU F 734 -36.12 26.06 40.48
CA LEU F 734 -35.28 26.47 41.59
C LEU F 734 -34.01 27.13 41.07
N PRO F 735 -33.36 27.96 41.87
CA PRO F 735 -32.13 28.62 41.43
C PRO F 735 -31.01 27.61 41.21
N LEU F 736 -30.06 27.99 40.35
CA LEU F 736 -28.96 27.10 40.00
C LEU F 736 -28.12 26.74 41.22
N THR F 737 -27.85 27.72 42.09
CA THR F 737 -27.07 27.46 43.29
C THR F 737 -27.80 26.48 44.21
N THR F 738 -29.12 26.64 44.35
CA THR F 738 -29.89 25.72 45.19
C THR F 738 -29.83 24.31 44.65
N PHE F 739 -29.98 24.15 43.33
CA PHE F 739 -29.90 22.82 42.73
C PHE F 739 -28.52 22.22 42.91
N GLN F 740 -27.47 23.04 42.76
CA GLN F 740 -26.11 22.54 42.96
C GLN F 740 -25.90 22.08 44.40
N GLN F 741 -26.39 22.86 45.36
CA GLN F 741 -26.26 22.47 46.76
C GLN F 741 -27.04 21.19 47.07
N LYS F 742 -28.24 21.05 46.50
CA LYS F 742 -29.03 19.85 46.72
C LYS F 742 -28.35 18.63 46.12
N ILE F 743 -27.80 18.77 44.90
CA ILE F 743 -27.14 17.65 44.25
C ILE F 743 -25.87 17.25 45.00
N SER F 744 -25.08 18.24 45.42
CA SER F 744 -23.84 17.95 46.13
C SER F 744 -24.11 17.27 47.47
N LYS F 745 -25.27 17.52 48.07
CA LYS F 745 -25.60 16.92 49.36
C LYS F 745 -25.89 15.43 49.26
N TYR F 746 -26.01 14.88 48.05
CA TYR F 746 -26.30 13.46 47.90
C TYR F 746 -25.47 12.80 46.81
N PHE F 747 -24.41 13.44 46.33
CA PHE F 747 -23.59 12.88 45.26
C PHE F 747 -22.13 13.24 45.50
N ASN F 748 -21.25 12.50 44.83
CA ASN F 748 -19.81 12.76 44.88
C ASN F 748 -19.51 13.97 44.01
N SER F 749 -19.56 15.16 44.61
CA SER F 749 -19.34 16.38 43.85
C SER F 749 -17.92 16.46 43.29
N ARG F 750 -16.93 16.08 44.10
CA ARG F 750 -15.55 16.14 43.63
C ARG F 750 -15.29 15.16 42.50
N LEU F 751 -15.81 13.93 42.63
CA LEU F 751 -15.52 12.91 41.63
C LEU F 751 -16.29 13.15 40.34
N PHE F 752 -17.56 13.54 40.44
CA PHE F 752 -18.43 13.69 39.29
C PHE F 752 -18.84 15.15 39.07
N GLY F 753 -17.91 16.07 39.32
CA GLY F 753 -18.21 17.48 39.10
C GLY F 753 -18.45 17.80 37.64
N HIS F 754 -17.57 17.32 36.77
CA HIS F 754 -17.75 17.56 35.33
C HIS F 754 -19.00 16.86 34.82
N ASP F 755 -19.25 15.63 35.29
CA ASP F 755 -20.46 14.92 34.88
C ASP F 755 -21.71 15.65 35.34
N ILE F 756 -21.70 16.16 36.58
CA ILE F 756 -22.85 16.91 37.09
C ILE F 756 -23.06 18.18 36.29
N GLU F 757 -21.98 18.88 35.96
CA GLU F 757 -22.09 20.10 35.17
C GLU F 757 -22.65 19.80 33.78
N SER F 758 -22.18 18.73 33.15
CA SER F 758 -22.68 18.36 31.83
C SER F 758 -24.15 17.97 31.89
N PHE F 759 -24.54 17.23 32.92
CA PHE F 759 -25.94 16.85 33.08
C PHE F 759 -26.83 18.08 33.28
N ILE F 760 -26.36 19.04 34.08
CA ILE F 760 -27.11 20.27 34.28
C ILE F 760 -27.24 21.04 32.98
N ASN F 761 -26.14 21.15 32.22
CA ASN F 761 -26.17 21.90 30.97
C ASN F 761 -27.10 21.26 29.95
N ARG F 762 -27.09 19.93 29.87
CA ARG F 762 -27.97 19.25 28.92
C ARG F 762 -29.44 19.46 29.27
N HIS F 763 -29.76 19.44 30.56
CA HIS F 763 -31.13 19.66 31.05
C HIS F 763 -31.40 21.11 31.41
N LYS F 764 -30.47 22.01 31.12
CA LYS F 764 -30.63 23.42 31.49
C LYS F 764 -31.77 24.05 30.71
N LYS F 765 -32.53 24.91 31.40
CA LYS F 765 -33.58 25.71 30.79
C LYS F 765 -33.28 27.18 31.05
N PHE F 766 -33.17 27.96 29.98
CA PHE F 766 -32.82 29.37 30.07
C PHE F 766 -34.04 30.22 29.75
N ALA F 767 -34.46 31.04 30.72
CA ALA F 767 -35.55 31.97 30.52
C ALA F 767 -35.09 33.39 30.24
N ASN F 768 -33.86 33.72 30.62
CA ASN F 768 -33.28 35.04 30.36
C ASN F 768 -31.77 34.92 30.49
N VAL F 769 -31.08 36.03 30.23
CA VAL F 769 -29.63 36.05 30.35
C VAL F 769 -29.21 35.81 31.80
N SER F 770 -29.86 36.50 32.73
CA SER F 770 -29.53 36.36 34.14
C SER F 770 -30.28 35.22 34.82
N ASP F 771 -31.47 34.88 34.34
CA ASP F 771 -32.25 33.81 34.95
C ASP F 771 -31.85 32.46 34.36
N GLU F 772 -31.54 31.50 35.23
CA GLU F 772 -31.20 30.14 34.82
C GLU F 772 -31.94 29.20 35.78
N TYR F 773 -33.15 28.82 35.40
CA TYR F 773 -34.01 27.98 36.22
C TYR F 773 -34.35 26.71 35.44
N LEU F 774 -34.13 25.56 36.08
CA LEU F 774 -34.36 24.26 35.47
C LEU F 774 -35.73 23.74 35.86
N GLN F 775 -36.37 23.01 34.94
CA GLN F 775 -37.70 22.47 35.16
C GLN F 775 -37.62 21.06 35.77
N TYR F 776 -36.89 20.97 36.88
CA TYR F 776 -36.72 19.72 37.61
C TYR F 776 -36.98 19.97 39.09
N ILE F 777 -37.61 18.99 39.74
CA ILE F 777 -37.94 19.07 41.15
C ILE F 777 -37.47 17.78 41.83
N PHE F 778 -36.86 17.93 43.01
CA PHE F 778 -36.36 16.77 43.73
C PHE F 778 -37.52 15.88 44.16
N ILE F 779 -37.32 14.56 44.06
CA ILE F 779 -38.35 13.62 44.44
C ILE F 779 -38.62 13.67 45.93
N GLU F 780 -37.63 14.07 46.73
CA GLU F 780 -37.83 14.16 48.17
C GLU F 780 -38.88 15.20 48.52
N ASP F 781 -38.84 16.36 47.85
CA ASP F 781 -39.85 17.38 48.10
C ASP F 781 -41.23 16.91 47.69
N ILE F 782 -41.33 16.19 46.57
CA ILE F 782 -42.63 15.68 46.12
C ILE F 782 -43.18 14.66 47.12
N SER F 783 -42.32 13.76 47.61
CA SER F 783 -42.77 12.76 48.57
C SER F 783 -43.20 13.40 49.88
N SER F 784 -42.45 14.40 50.35
CA SER F 784 -42.79 15.06 51.60
C SER F 784 -44.02 15.94 51.42
N PRO F 785 -45.05 15.79 52.25
CA PRO F 785 -46.27 16.61 52.16
C PRO F 785 -46.33 17.69 53.23
PB ADP H . -29.16 30.65 -4.89
O1B ADP H . -28.33 31.83 -5.28
O2B ADP H . -29.65 30.54 -3.49
O3B ADP H . -28.38 29.31 -5.28
PA ADP H . -31.51 29.44 -6.16
O1A ADP H . -32.52 29.44 -5.06
O2A ADP H . -30.80 28.17 -6.45
O3A ADP H . -30.40 30.58 -5.89
O5' ADP H . -32.18 30.00 -7.50
C5' ADP H . -33.02 29.11 -8.25
C4' ADP H . -34.42 29.08 -7.67
O4' ADP H . -34.94 30.43 -7.53
C3' ADP H . -35.47 28.34 -8.51
O3' ADP H . -35.48 26.94 -8.28
C2' ADP H . -36.75 29.04 -8.04
O2' ADP H . -37.04 28.61 -6.73
C1' ADP H . -36.25 30.48 -8.02
N9 ADP H . -36.22 31.12 -9.33
C8 ADP H . -35.15 31.23 -10.19
N7 ADP H . -35.45 31.88 -11.29
C5 ADP H . -36.78 32.22 -11.14
C6 ADP H . -37.68 32.92 -11.97
N6 ADP H . -37.35 33.43 -13.15
N1 ADP H . -38.95 33.09 -11.52
C2 ADP H . -39.26 32.58 -10.32
N3 ADP H . -38.51 31.91 -9.46
C4 ADP H . -37.26 31.76 -9.94
PB ADP I . 3.52 39.78 -16.58
O1B ADP I . 3.11 40.57 -15.39
O2B ADP I . 3.23 38.33 -16.63
O3B ADP I . 5.09 40.00 -16.80
PA ADP I . 3.00 39.94 -19.42
O1A ADP I . 4.42 39.69 -19.79
O2A ADP I . 2.02 38.82 -19.54
O3A ADP I . 2.96 40.47 -17.91
O5' ADP I . 2.46 41.19 -20.26
C5' ADP I . 1.21 41.81 -19.90
C4' ADP I . 0.64 42.53 -21.10
O4' ADP I . 1.70 43.26 -21.77
C3' ADP I . 0.00 41.65 -22.19
O3' ADP I . -1.14 42.28 -22.71
C2' ADP I . 1.09 41.62 -23.28
O2' ADP I . 0.59 41.32 -24.55
C1' ADP I . 1.59 43.06 -23.16
N9 ADP I . 2.87 43.31 -23.79
C8 ADP I . 4.00 42.55 -23.70
N7 ADP I . 5.01 43.04 -24.39
C5 ADP I . 4.49 44.19 -24.97
C6 ADP I . 5.04 45.16 -25.83
N6 ADP I . 6.31 45.13 -26.26
N1 ADP I . 4.25 46.18 -26.23
C2 ADP I . 2.98 46.21 -25.78
N3 ADP I . 2.35 45.36 -24.99
C4 ADP I . 3.17 44.36 -24.61
PB ADP J . 32.35 22.53 -4.07
O1B ADP J . 32.09 23.77 -3.29
O2B ADP J . 31.26 21.52 -4.25
O3B ADP J . 33.63 21.79 -3.44
PA ADP J . 33.18 22.05 -6.82
O1A ADP J . 34.27 21.06 -6.53
O2A ADP J . 31.87 21.55 -7.30
O3A ADP J . 32.92 22.93 -5.51
O5' ADP J . 33.73 23.15 -7.86
C5' ADP J . 35.07 23.63 -7.74
C4' ADP J . 35.39 24.46 -8.97
O4' ADP J . 36.80 24.82 -8.92
C3' ADP J . 35.24 23.73 -10.30
O3' ADP J . 35.19 24.66 -11.37
C2' ADP J . 36.57 22.96 -10.34
O2' ADP J . 36.90 22.42 -11.59
C1' ADP J . 37.51 24.08 -9.89
N9 ADP J . 38.78 23.65 -9.31
C8 ADP J . 39.06 23.44 -7.99
N7 ADP J . 40.31 23.07 -7.79
C5 ADP J . 40.86 23.03 -9.06
C6 ADP J . 42.15 22.70 -9.52
N6 ADP J . 43.15 22.33 -8.74
N1 ADP J . 42.37 22.76 -10.86
C2 ADP J . 41.36 23.13 -11.66
N3 ADP J . 40.10 23.46 -11.34
C4 ADP J . 39.92 23.38 -10.00
ZN ZN K . 26.17 -56.36 -11.27
ZN ZN L . 8.26 -58.55 -35.75
PB ADP M . -33.08 2.89 19.60
O1B ADP M . -33.45 4.30 19.95
O2B ADP M . -31.75 2.62 18.97
O3B ADP M . -33.25 1.95 20.88
PA ADP M . -35.82 2.40 18.64
O1A ADP M . -36.22 3.69 19.29
O2A ADP M . -36.34 2.13 17.27
O3A ADP M . -34.22 2.33 18.62
O5' ADP M . -36.22 1.18 19.60
C5' ADP M . -37.63 1.03 19.89
C4' ADP M . -37.87 -0.30 20.57
O4' ADP M . -39.25 -0.31 21.04
C3' ADP M . -37.78 -1.53 19.66
O3' ADP M . -37.62 -2.71 20.44
C2' ADP M . -39.17 -1.52 19.03
O2' ADP M . -39.53 -2.72 18.39
C1' ADP M . -40.01 -1.20 20.26
N9 ADP M . -41.31 -0.60 19.99
C8 ADP M . -41.63 0.73 19.95
N7 ADP M . -42.91 0.94 19.69
C5 ADP M . -43.44 -0.33 19.54
C6 ADP M . -44.75 -0.78 19.25
N6 ADP M . -45.78 0.02 19.04
N1 ADP M . -44.94 -2.12 19.18
C2 ADP M . -43.88 -2.93 19.39
N3 ADP M . -42.62 -2.62 19.66
C4 ADP M . -42.47 -1.29 19.72
#